data_8DAR
#
_entry.id   8DAR
#
_cell.length_a   1.00
_cell.length_b   1.00
_cell.length_c   1.00
_cell.angle_alpha   90.00
_cell.angle_beta   90.00
_cell.angle_gamma   90.00
#
_symmetry.space_group_name_H-M   'P 1'
#
loop_
_entity.id
_entity.type
_entity.pdbx_description
1 polymer 'Cell division control protein 48'
2 polymer 'Nuclear protein localization protein 4'
3 polymer 'Ubiquitin fusion degradation protein 1'
4 non-polymer "ADENOSINE-5'-TRIPHOSPHATE"
5 non-polymer "ADENOSINE-5'-DIPHOSPHATE"
6 non-polymer 'ZINC ION'
#
loop_
_entity_poly.entity_id
_entity_poly.type
_entity_poly.pdbx_seq_one_letter_code
_entity_poly.pdbx_strand_id
1 'polypeptide(L)'
;GSHMGEEHKPLLDASGVDPREEDKTATAILRRKKKDNMLLVDDAINDDNSVIAINSNTMDKLELFRGDTVLVKGKKRKDT
VLIVLIDDELEDGACRINRVVRNNLRIRLGDLVTIHPCPDIKYATRISVLPIADTIEGITGNLFDVFLKPYFVEAYRPVR
KGDHFVVRGGMRQVEFKVVDVEPEEYAVVAQDTIIHWEGEPINREDEENNMNEVGYDDIGGCRKQMAQIREMVELPLRHP
QLFKAIGIKPPRGVLMYGPPGTGKTLMARAVANETGAFFFLINGPEVMSKMAGESESNLRKAFEEAEKNAPAIIFIDEID
SIAPKRDKTNGEVERRVVSQLLTLMDGMKARSNVVVIAATNRPNSIDPALRRFGRFDREVDIGIPDATGRLEVLRIHTKN
MKLADDVDLEALAAETHGYVGADIASLCSEAAMQQIREKMDLIDLDEDEIDAEVLDSLGVTMDNFRFALGNSNPSALRET
VVESVNVTWDDVGGLDEIKEELKETVEYPVLHPDQYTKFGLSPSKGVLFYGPPGTGKTLLAKAVATEVSANFISVKGPEL
LSMWYGESESNIRDIFDKARAAAPTVVFLDELDSIAKARGGSLGDAGGASDRVVNQLLTEMDGMNAKKNVFVIGATNRPD
QIDPAILRPGRLDQLIYVPLPDENARLSILNAQLRKTPLEPGLELTAIAKATQGFSGADLLYIVQRAAKYAIKDSIEAHR
QHEAEKEVKVEGEDVEMTDEGAKAEQEPEVDPVPYITKEHFAEAMKTAKRSVSDAELRRYEAYSQQMKASRGQFSNFNFN
DAPLGTTATDNANSNNSAPSGAGAAFGSNAEEDDDLYS
;
A,B,C,D,E,F
2 'polypeptide(L)'
;GSHMLIRFRSKNGTHRVSCQENDLFGTVIEKLVGNLDPNADVDTFTVCEKPGQGIHAVSELADRTVMDLGLKHGDMLILN
YSDKPANEKDGVNVEIGSVGIDSKGIRQHRYGPLRIKELAVDEELEKEDGLIPRQKSKLCKHGDRGMCEYCSPLPPWDKE
YHEKNKIKHISFHSYLKKLNENANKKENGSSYISPLSEPDFRINKRCHNGHEPWPRGICSKCQPSAITLQQQEFRMVDHV
EFQKSEIINEFIQAWRYTGMQRFGYMYGSYSKYDNTPLGIKAVVEAIYEPPQHDEQDGLTMDVEQVKNEMLQIDRQAQEM
GLSRIGLIFTDLSDAGAGDGSVFCKRHKDSFFLSSLEVIMAARHQTRHPNVSKYSEQGFFSSKFVTCVISGNLEGEIDIS
SYQVSTEAEALVTADMISGSTFPSMAYINDTTDERYVPEIFYMKSNEYGITVKENAKPAFPVDYLLVTLTHGFPNTDTET
NSKFVSSTGFPWSNRQAMGQSQDYQELKKYLFNVASSGDFNLLHEKISNFHLLLYINSLQILSPDEWKLLIESAVKNEWE
ESLLKLVSSAGWQTLVMILQESG
;
G
3 'polypeptide(L)'
;GSMFSGFSSFGGGNGFVNMPQTFEEFFRCYPIAMMNDRIRKDDANFGGKIFLPPSALSKLSMLNIRYPMLFKLTANETGR
VTHGGVLEFIAEEGRVYLPQWMMETLGIQPGSLLQISSTDVPLGQFVKLEPQSVDFLDISDPKAVLENVLRNFSTLTVDD
VIEISYNGKTFKIKILEVKPESSSKSICVIETDLVTDFAPPVGYVEPDYKALKAQQDKEKKNSFGKGQVLDPSVLGQGSM
STRIDYAGIANSSRNKLSKFVGQGQNISGKAPKAEPKQDIKDMKITFDGEPAKLDLPEGQLFFGFPMVLPKEDEESAAGS
KSSEQNFQGQGISLRKSNKRKTKSDHDSSKSKAPKSPEVIEID
;
H
#
# COMPACT_ATOMS: atom_id res chain seq x y z
N GLY A 74 31.68 -34.71 -38.96
CA GLY A 74 32.36 -33.43 -38.79
C GLY A 74 32.30 -32.92 -37.36
N LYS A 75 31.69 -31.75 -37.19
CA LYS A 75 31.54 -31.14 -35.88
C LYS A 75 30.10 -30.70 -35.70
N LYS A 76 29.69 -30.59 -34.43
CA LYS A 76 28.30 -30.33 -34.09
C LYS A 76 27.41 -31.36 -34.77
N ARG A 77 26.59 -30.93 -35.74
CA ARG A 77 25.71 -31.84 -36.46
C ARG A 77 25.71 -31.51 -37.95
N LYS A 78 26.90 -31.27 -38.50
CA LYS A 78 27.03 -30.94 -39.91
C LYS A 78 27.14 -32.21 -40.74
N ARG A 99 39.47 -26.47 -48.78
CA ARG A 99 39.15 -25.76 -47.54
C ARG A 99 37.65 -25.55 -47.39
N VAL A 100 36.94 -25.54 -48.52
CA VAL A 100 35.49 -25.36 -48.48
C VAL A 100 34.83 -26.52 -47.75
N VAL A 101 35.25 -27.75 -48.05
CA VAL A 101 34.67 -28.92 -47.39
C VAL A 101 34.99 -28.90 -45.91
N ARG A 102 36.23 -28.55 -45.54
CA ARG A 102 36.59 -28.49 -44.13
C ARG A 102 35.78 -27.44 -43.40
N ASN A 103 35.56 -26.28 -44.03
CA ASN A 103 34.72 -25.25 -43.42
C ASN A 103 33.29 -25.74 -43.25
N ASN A 104 32.76 -26.42 -44.26
CA ASN A 104 31.39 -26.93 -44.17
C ASN A 104 31.25 -27.94 -43.05
N LEU A 105 32.22 -28.84 -42.90
CA LEU A 105 32.16 -29.86 -41.86
C LEU A 105 32.67 -29.36 -40.51
N ARG A 106 33.15 -28.13 -40.44
CA ARG A 106 33.63 -27.57 -39.17
C ARG A 106 34.77 -28.42 -38.61
N MET A 211 23.65 -17.50 -33.01
CA MET A 211 23.58 -18.33 -31.81
C MET A 211 23.30 -19.78 -32.16
N ASN A 212 23.21 -20.10 -33.44
CA ASN A 212 23.07 -21.46 -33.92
C ASN A 212 24.38 -22.04 -34.40
N GLU A 213 25.50 -21.39 -34.11
CA GLU A 213 26.82 -21.85 -34.53
C GLU A 213 27.76 -21.99 -33.33
N VAL A 214 27.19 -22.23 -32.15
CA VAL A 214 27.96 -22.36 -30.92
C VAL A 214 27.94 -23.82 -30.49
N GLY A 215 29.12 -24.39 -30.24
CA GLY A 215 29.23 -25.76 -29.78
C GLY A 215 30.00 -25.84 -28.49
N TYR A 216 30.54 -27.02 -28.18
CA TYR A 216 31.33 -27.18 -26.97
C TYR A 216 32.68 -26.45 -27.04
N ASP A 217 33.08 -25.97 -28.22
CA ASP A 217 34.35 -25.28 -28.37
C ASP A 217 34.28 -23.82 -27.94
N ASP A 218 33.09 -23.27 -27.75
CA ASP A 218 32.93 -21.88 -27.33
C ASP A 218 32.77 -21.76 -25.83
N ILE A 219 32.89 -22.84 -25.08
CA ILE A 219 32.77 -22.85 -23.63
C ILE A 219 34.13 -23.22 -23.05
N GLY A 220 34.59 -22.44 -22.08
CA GLY A 220 35.82 -22.76 -21.38
C GLY A 220 35.70 -22.54 -19.89
N GLY A 221 36.31 -23.42 -19.10
CA GLY A 221 36.36 -23.27 -17.66
C GLY A 221 35.25 -23.94 -16.89
N CYS A 222 34.27 -24.51 -17.57
CA CYS A 222 33.15 -25.22 -16.93
C CYS A 222 33.02 -26.57 -17.61
N ARG A 223 33.64 -27.59 -17.02
CA ARG A 223 33.53 -28.95 -17.52
C ARG A 223 32.74 -29.87 -16.62
N LYS A 224 32.81 -29.68 -15.30
CA LYS A 224 31.96 -30.45 -14.40
C LYS A 224 30.49 -30.13 -14.63
N GLN A 225 30.15 -28.84 -14.70
CA GLN A 225 28.77 -28.45 -14.96
C GLN A 225 28.34 -28.91 -16.35
N MET A 226 29.23 -28.81 -17.34
CA MET A 226 28.88 -29.26 -18.68
C MET A 226 28.59 -30.76 -18.68
N ALA A 227 29.40 -31.55 -17.97
CA ALA A 227 29.14 -32.98 -17.88
C ALA A 227 27.81 -33.25 -17.21
N GLN A 228 27.51 -32.52 -16.13
CA GLN A 228 26.23 -32.72 -15.46
C GLN A 228 25.06 -32.41 -16.39
N ILE A 229 25.14 -31.31 -17.13
CA ILE A 229 24.06 -30.96 -18.04
C ILE A 229 23.93 -32.00 -19.15
N ARG A 230 25.06 -32.44 -19.70
CA ARG A 230 25.03 -33.38 -20.80
C ARG A 230 24.44 -34.71 -20.38
N GLU A 231 24.82 -35.22 -19.21
CA GLU A 231 24.31 -36.53 -18.81
C GLU A 231 22.81 -36.52 -18.58
N MET A 232 22.19 -35.34 -18.49
CA MET A 232 20.74 -35.25 -18.39
C MET A 232 20.06 -34.87 -19.69
N VAL A 233 20.75 -34.21 -20.60
CA VAL A 233 20.15 -33.76 -21.86
C VAL A 233 20.41 -34.74 -22.99
N GLU A 234 21.66 -35.14 -23.20
CA GLU A 234 21.99 -36.02 -24.32
C GLU A 234 21.49 -37.43 -24.08
N LEU A 235 21.72 -37.97 -22.88
CA LEU A 235 21.42 -39.38 -22.64
C LEU A 235 19.95 -39.71 -22.83
N PRO A 236 19.00 -38.99 -22.24
CA PRO A 236 17.58 -39.33 -22.47
C PRO A 236 17.15 -39.17 -23.92
N LEU A 237 17.85 -38.39 -24.72
CA LEU A 237 17.47 -38.13 -26.10
C LEU A 237 18.32 -38.90 -27.09
N ARG A 238 19.64 -38.85 -26.95
CA ARG A 238 20.51 -39.56 -27.89
C ARG A 238 20.30 -41.07 -27.81
N HIS A 239 20.19 -41.61 -26.59
CA HIS A 239 20.06 -43.05 -26.38
C HIS A 239 18.90 -43.31 -25.44
N PRO A 240 17.66 -43.17 -25.92
CA PRO A 240 16.49 -43.38 -25.07
C PRO A 240 16.15 -44.83 -24.77
N GLN A 241 17.01 -45.79 -25.17
CA GLN A 241 16.75 -47.19 -24.89
C GLN A 241 17.48 -47.71 -23.67
N LEU A 242 18.51 -47.01 -23.19
CA LEU A 242 19.17 -47.43 -21.97
C LEU A 242 18.21 -47.42 -20.78
N PHE A 243 17.42 -46.35 -20.66
CA PHE A 243 16.49 -46.23 -19.55
C PHE A 243 15.36 -47.25 -19.67
N LYS A 244 14.93 -47.57 -20.89
CA LYS A 244 13.99 -48.66 -21.06
C LYS A 244 14.62 -49.98 -20.63
N ALA A 245 15.89 -50.19 -20.96
CA ALA A 245 16.55 -51.43 -20.57
C ALA A 245 16.63 -51.57 -19.06
N ILE A 246 16.96 -50.48 -18.36
CA ILE A 246 17.05 -50.51 -16.90
C ILE A 246 15.74 -50.17 -16.22
N GLY A 247 14.69 -49.86 -17.00
CA GLY A 247 13.36 -49.71 -16.46
C GLY A 247 13.13 -48.52 -15.55
N ILE A 248 13.57 -47.34 -15.96
CA ILE A 248 13.30 -46.10 -15.23
C ILE A 248 12.85 -45.03 -16.21
N LYS A 249 12.26 -43.96 -15.66
CA LYS A 249 11.94 -42.78 -16.44
C LYS A 249 12.93 -41.69 -16.08
N PRO A 250 13.73 -41.20 -17.02
CA PRO A 250 14.74 -40.20 -16.67
C PRO A 250 14.08 -38.91 -16.23
N PRO A 251 14.72 -38.16 -15.33
CA PRO A 251 14.14 -36.87 -14.91
C PRO A 251 14.05 -35.90 -16.07
N ARG A 252 13.05 -35.03 -16.02
CA ARG A 252 12.74 -34.12 -17.10
C ARG A 252 13.37 -32.75 -16.93
N GLY A 253 13.06 -32.05 -15.84
CA GLY A 253 13.52 -30.69 -15.66
C GLY A 253 14.96 -30.59 -15.21
N VAL A 254 15.56 -29.43 -15.50
CA VAL A 254 16.91 -29.10 -15.07
C VAL A 254 16.96 -27.61 -14.83
N LEU A 255 17.40 -27.20 -13.63
CA LEU A 255 17.40 -25.80 -13.23
C LEU A 255 18.84 -25.36 -13.03
N MET A 256 19.33 -24.49 -13.92
CA MET A 256 20.66 -23.92 -13.79
C MET A 256 20.57 -22.58 -13.09
N TYR A 257 21.54 -22.30 -12.22
CA TYR A 257 21.61 -20.97 -11.64
C TYR A 257 23.06 -20.60 -11.34
N GLY A 258 23.29 -19.30 -11.27
CA GLY A 258 24.61 -18.76 -11.03
C GLY A 258 24.63 -17.26 -11.27
N PRO A 259 25.77 -16.62 -11.02
CA PRO A 259 25.84 -15.18 -11.22
C PRO A 259 25.57 -14.83 -12.68
N PRO A 260 25.02 -13.65 -12.94
CA PRO A 260 24.82 -13.24 -14.33
C PRO A 260 26.16 -13.10 -15.05
N GLY A 261 26.16 -13.44 -16.34
CA GLY A 261 27.36 -13.38 -17.14
C GLY A 261 28.20 -14.64 -17.12
N THR A 262 27.77 -15.68 -16.42
CA THR A 262 28.56 -16.91 -16.30
C THR A 262 28.37 -17.86 -17.49
N GLY A 263 27.55 -17.50 -18.47
CA GLY A 263 27.42 -18.32 -19.65
C GLY A 263 26.37 -19.40 -19.54
N LYS A 264 25.32 -19.20 -18.75
CA LYS A 264 24.25 -20.19 -18.67
C LYS A 264 23.55 -20.34 -20.01
N THR A 265 23.21 -19.21 -20.63
CA THR A 265 22.56 -19.27 -21.94
C THR A 265 23.48 -19.92 -22.97
N LEU A 266 24.77 -19.61 -22.92
CA LEU A 266 25.70 -20.20 -23.87
C LEU A 266 25.78 -21.71 -23.69
N MET A 267 25.80 -22.18 -22.44
CA MET A 267 25.84 -23.62 -22.19
C MET A 267 24.58 -24.29 -22.72
N ALA A 268 23.41 -23.69 -22.46
CA ALA A 268 22.17 -24.28 -22.94
C ALA A 268 22.17 -24.35 -24.47
N ARG A 269 22.56 -23.26 -25.12
CA ARG A 269 22.60 -23.24 -26.58
C ARG A 269 23.57 -24.27 -27.13
N ALA A 270 24.76 -24.37 -26.52
CA ALA A 270 25.76 -25.31 -27.01
C ALA A 270 25.27 -26.75 -26.87
N VAL A 271 24.67 -27.09 -25.72
CA VAL A 271 24.16 -28.44 -25.55
C VAL A 271 23.05 -28.73 -26.55
N ALA A 272 22.15 -27.77 -26.76
CA ALA A 272 21.07 -27.98 -27.72
C ALA A 272 21.62 -28.20 -29.12
N ASN A 273 22.58 -27.39 -29.54
CA ASN A 273 23.13 -27.54 -30.88
C ASN A 273 23.85 -28.87 -31.03
N GLU A 274 24.67 -29.24 -30.04
CA GLU A 274 25.42 -30.49 -30.15
C GLU A 274 24.49 -31.70 -30.16
N THR A 275 23.45 -31.70 -29.33
CA THR A 275 22.50 -32.81 -29.33
C THR A 275 21.79 -32.93 -30.68
N GLY A 276 21.40 -31.79 -31.26
CA GLY A 276 20.68 -31.79 -32.51
C GLY A 276 19.17 -31.83 -32.39
N ALA A 277 18.64 -31.93 -31.17
CA ALA A 277 17.20 -32.02 -31.00
C ALA A 277 16.53 -30.69 -31.27
N PHE A 278 15.26 -30.75 -31.65
CA PHE A 278 14.46 -29.55 -31.90
C PHE A 278 14.51 -28.64 -30.69
N PHE A 279 15.06 -27.44 -30.87
CA PHE A 279 15.28 -26.49 -29.79
C PHE A 279 14.26 -25.37 -29.88
N PHE A 280 13.60 -25.10 -28.76
CA PHE A 280 12.63 -24.01 -28.65
C PHE A 280 13.03 -23.13 -27.46
N LEU A 281 13.10 -21.83 -27.67
CA LEU A 281 13.53 -20.88 -26.66
C LEU A 281 12.34 -20.06 -26.19
N ILE A 282 12.15 -20.00 -24.88
CA ILE A 282 11.06 -19.23 -24.26
C ILE A 282 11.72 -18.19 -23.38
N ASN A 283 11.94 -17.00 -23.91
CA ASN A 283 12.55 -15.93 -23.14
C ASN A 283 11.53 -15.32 -22.18
N GLY A 284 11.98 -14.98 -20.98
CA GLY A 284 11.10 -14.49 -19.95
C GLY A 284 10.51 -13.13 -20.26
N PRO A 285 11.38 -12.12 -20.41
CA PRO A 285 10.86 -10.77 -20.74
C PRO A 285 10.05 -10.75 -22.02
N GLU A 286 10.44 -11.53 -23.03
CA GLU A 286 9.69 -11.55 -24.29
C GLU A 286 8.31 -12.16 -24.11
N VAL A 287 8.11 -12.97 -23.08
CA VAL A 287 6.80 -13.55 -22.83
C VAL A 287 5.97 -12.67 -21.89
N MET A 288 6.62 -11.91 -21.01
CA MET A 288 5.92 -11.06 -20.06
C MET A 288 5.71 -9.64 -20.58
N SER A 289 5.99 -9.40 -21.85
CA SER A 289 5.81 -8.09 -22.48
C SER A 289 4.75 -8.16 -23.56
N LYS A 290 3.64 -8.85 -23.26
CA LYS A 290 2.59 -9.06 -24.24
C LYS A 290 1.24 -8.86 -23.57
N MET A 291 0.22 -8.64 -24.41
CA MET A 291 -1.12 -8.35 -23.91
C MET A 291 -1.51 -9.33 -22.83
N ALA A 292 -2.42 -8.90 -21.96
CA ALA A 292 -2.98 -9.82 -20.98
C ALA A 292 -3.68 -10.97 -21.71
N GLY A 293 -3.38 -12.19 -21.28
CA GLY A 293 -3.98 -13.36 -21.88
C GLY A 293 -3.26 -13.91 -23.09
N GLU A 294 -2.23 -13.22 -23.58
CA GLU A 294 -1.44 -13.74 -24.69
C GLU A 294 -0.12 -14.36 -24.26
N SER A 295 0.39 -13.99 -23.08
CA SER A 295 1.57 -14.67 -22.55
C SER A 295 1.29 -16.15 -22.34
N GLU A 296 0.14 -16.47 -21.76
CA GLU A 296 -0.25 -17.87 -21.61
C GLU A 296 -0.37 -18.54 -22.97
N SER A 297 -0.89 -17.83 -23.96
CA SER A 297 -1.00 -18.40 -25.30
C SER A 297 0.38 -18.74 -25.86
N ASN A 298 1.35 -17.85 -25.67
CA ASN A 298 2.71 -18.13 -26.17
C ASN A 298 3.32 -19.32 -25.45
N LEU A 299 3.15 -19.40 -24.12
CA LEU A 299 3.69 -20.54 -23.39
C LEU A 299 3.07 -21.84 -23.88
N ARG A 300 1.74 -21.84 -24.04
CA ARG A 300 1.03 -23.03 -24.49
C ARG A 300 1.49 -23.44 -25.88
N LYS A 301 1.61 -22.48 -26.79
CA LYS A 301 2.06 -22.78 -28.15
C LYS A 301 3.46 -23.36 -28.15
N ALA A 302 4.36 -22.77 -27.36
CA ALA A 302 5.73 -23.28 -27.29
C ALA A 302 5.74 -24.72 -26.81
N PHE A 303 5.04 -25.00 -25.72
CA PHE A 303 5.06 -26.34 -25.16
C PHE A 303 4.45 -27.36 -26.12
N GLU A 304 3.32 -27.02 -26.75
CA GLU A 304 2.69 -27.99 -27.64
C GLU A 304 3.52 -28.19 -28.91
N GLU A 305 4.13 -27.13 -29.43
CA GLU A 305 5.00 -27.28 -30.59
C GLU A 305 6.20 -28.16 -30.27
N ALA A 306 6.79 -27.99 -29.08
CA ALA A 306 7.88 -28.86 -28.69
C ALA A 306 7.39 -30.30 -28.52
N GLU A 307 6.19 -30.47 -27.99
CA GLU A 307 5.65 -31.81 -27.79
C GLU A 307 5.47 -32.54 -29.10
N LYS A 308 4.94 -31.86 -30.12
CA LYS A 308 4.64 -32.50 -31.39
C LYS A 308 5.83 -32.55 -32.34
N ASN A 309 7.04 -32.30 -31.84
CA ASN A 309 8.26 -32.40 -32.65
C ASN A 309 9.37 -33.08 -31.85
N ALA A 310 9.01 -34.07 -31.04
CA ALA A 310 9.97 -34.71 -30.18
C ALA A 310 10.99 -35.50 -31.01
N PRO A 311 12.23 -35.66 -30.52
CA PRO A 311 12.75 -35.12 -29.24
C PRO A 311 13.03 -33.62 -29.34
N ALA A 312 12.95 -32.91 -28.22
CA ALA A 312 13.08 -31.46 -28.25
C ALA A 312 13.65 -30.97 -26.93
N ILE A 313 14.18 -29.75 -26.98
CA ILE A 313 14.66 -29.03 -25.80
C ILE A 313 13.83 -27.77 -25.67
N ILE A 314 13.29 -27.53 -24.49
CA ILE A 314 12.59 -26.29 -24.17
C ILE A 314 13.46 -25.54 -23.17
N PHE A 315 13.98 -24.40 -23.58
CA PHE A 315 14.88 -23.60 -22.75
C PHE A 315 14.14 -22.35 -22.32
N ILE A 316 13.95 -22.18 -21.01
CA ILE A 316 13.23 -21.04 -20.47
C ILE A 316 14.25 -20.10 -19.83
N ASP A 317 14.76 -19.15 -20.60
CA ASP A 317 15.78 -18.25 -20.08
C ASP A 317 15.15 -17.22 -19.15
N GLU A 318 15.76 -17.02 -18.00
CA GLU A 318 15.26 -16.10 -16.99
C GLU A 318 13.87 -16.52 -16.52
N ILE A 319 13.81 -17.73 -15.97
CA ILE A 319 12.55 -18.28 -15.48
C ILE A 319 11.96 -17.38 -14.40
N ASP A 320 12.81 -16.72 -13.62
CA ASP A 320 12.32 -15.89 -12.52
C ASP A 320 11.50 -14.70 -12.99
N SER A 321 11.61 -14.34 -14.27
CA SER A 321 10.84 -13.21 -14.77
C SER A 321 9.37 -13.54 -15.00
N ILE A 322 9.06 -14.80 -15.29
CA ILE A 322 7.69 -15.20 -15.61
C ILE A 322 7.07 -15.90 -14.40
N ALA A 323 7.89 -16.52 -13.57
CA ALA A 323 7.44 -17.23 -12.38
C ALA A 323 8.27 -16.80 -11.18
N PRO A 324 8.16 -15.53 -10.78
CA PRO A 324 8.93 -15.05 -9.64
C PRO A 324 8.34 -15.57 -8.33
N LYS A 325 9.11 -15.37 -7.26
CA LYS A 325 8.67 -15.81 -5.95
C LYS A 325 7.35 -15.14 -5.60
N ARG A 326 6.47 -15.89 -4.92
CA ARG A 326 5.11 -15.42 -4.69
C ARG A 326 5.09 -14.06 -4.02
N ASP A 327 6.11 -13.76 -3.21
CA ASP A 327 6.15 -12.46 -2.55
C ASP A 327 6.20 -11.32 -3.56
N LYS A 328 6.97 -11.48 -4.64
CA LYS A 328 7.08 -10.48 -5.68
C LYS A 328 5.98 -10.56 -6.72
N THR A 329 5.13 -11.59 -6.66
CA THR A 329 4.06 -11.76 -7.65
C THR A 329 2.82 -11.00 -7.18
N ASN A 330 2.91 -9.67 -7.29
CA ASN A 330 1.81 -8.78 -6.91
C ASN A 330 1.02 -8.48 -8.18
N GLY A 331 -0.04 -9.25 -8.41
CA GLY A 331 -0.89 -9.07 -9.56
C GLY A 331 -1.63 -10.34 -9.87
N GLU A 332 -2.48 -10.23 -10.90
CA GLU A 332 -3.26 -11.38 -11.37
C GLU A 332 -2.71 -11.99 -12.65
N VAL A 333 -2.17 -11.18 -13.56
CA VAL A 333 -1.56 -11.72 -14.77
C VAL A 333 -0.30 -12.51 -14.44
N GLU A 334 0.54 -11.97 -13.55
CA GLU A 334 1.73 -12.68 -13.11
C GLU A 334 1.42 -13.85 -12.19
N ARG A 335 0.15 -14.14 -11.95
CA ARG A 335 -0.27 -15.38 -11.29
C ARG A 335 -0.90 -16.36 -12.26
N ARG A 336 -1.67 -15.87 -13.24
CA ARG A 336 -2.15 -16.74 -14.30
C ARG A 336 -0.99 -17.32 -15.08
N VAL A 337 0.06 -16.54 -15.32
CA VAL A 337 1.22 -17.05 -16.03
C VAL A 337 1.88 -18.17 -15.25
N VAL A 338 2.02 -18.00 -13.93
CA VAL A 338 2.64 -19.05 -13.11
C VAL A 338 1.79 -20.31 -13.11
N SER A 339 0.47 -20.15 -12.98
CA SER A 339 -0.40 -21.31 -13.01
C SER A 339 -0.32 -22.04 -14.34
N GLN A 340 -0.28 -21.29 -15.44
CA GLN A 340 -0.14 -21.90 -16.76
C GLN A 340 1.16 -22.67 -16.87
N LEU A 341 2.25 -22.08 -16.38
CA LEU A 341 3.54 -22.77 -16.44
C LEU A 341 3.51 -24.05 -15.62
N LEU A 342 2.94 -24.01 -14.42
CA LEU A 342 2.87 -25.21 -13.60
C LEU A 342 2.02 -26.28 -14.28
N THR A 343 0.89 -25.88 -14.87
CA THR A 343 0.05 -26.84 -15.58
C THR A 343 0.81 -27.49 -16.73
N LEU A 344 1.50 -26.67 -17.53
CA LEU A 344 2.22 -27.20 -18.69
C LEU A 344 3.33 -28.14 -18.25
N MET A 345 4.03 -27.82 -17.16
CA MET A 345 5.13 -28.67 -16.72
C MET A 345 4.63 -29.94 -16.05
N ASP A 346 3.47 -29.90 -15.40
CA ASP A 346 2.88 -31.11 -14.85
C ASP A 346 2.29 -31.99 -15.93
N GLY A 347 1.91 -31.41 -17.07
CA GLY A 347 1.31 -32.16 -18.15
C GLY A 347 2.29 -32.94 -19.00
N MET A 348 3.58 -32.86 -18.72
CA MET A 348 4.59 -33.56 -19.50
C MET A 348 5.46 -34.50 -18.69
N LYS A 349 5.23 -34.63 -17.38
CA LYS A 349 6.08 -35.50 -16.57
C LYS A 349 6.03 -36.94 -17.06
N ALA A 350 4.95 -37.33 -17.72
CA ALA A 350 4.83 -38.61 -18.40
C ALA A 350 4.51 -38.30 -19.86
N ARG A 351 5.54 -38.13 -20.67
CA ARG A 351 5.36 -37.62 -22.02
C ARG A 351 6.55 -38.06 -22.88
N SER A 352 6.69 -37.44 -24.04
CA SER A 352 7.70 -37.85 -25.01
C SER A 352 9.07 -37.34 -24.58
N ASN A 353 10.05 -37.41 -25.48
CA ASN A 353 11.44 -37.08 -25.15
C ASN A 353 11.65 -35.58 -25.26
N VAL A 354 11.03 -34.85 -24.32
CA VAL A 354 11.19 -33.41 -24.21
C VAL A 354 11.73 -33.11 -22.83
N VAL A 355 12.81 -32.32 -22.77
CA VAL A 355 13.44 -31.93 -21.51
C VAL A 355 13.42 -30.42 -21.43
N VAL A 356 13.01 -29.90 -20.27
CA VAL A 356 12.91 -28.46 -20.05
C VAL A 356 14.13 -28.02 -19.27
N ILE A 357 14.76 -26.94 -19.71
CA ILE A 357 15.91 -26.35 -19.04
C ILE A 357 15.56 -24.91 -18.68
N ALA A 358 15.77 -24.56 -17.42
CA ALA A 358 15.55 -23.20 -16.93
C ALA A 358 16.89 -22.57 -16.61
N ALA A 359 16.84 -21.28 -16.26
CA ALA A 359 18.06 -20.55 -15.92
C ALA A 359 17.66 -19.31 -15.14
N THR A 360 18.24 -19.14 -13.95
CA THR A 360 17.96 -18.00 -13.10
C THR A 360 19.24 -17.61 -12.37
N ASN A 361 19.15 -16.57 -11.53
CA ASN A 361 20.32 -16.08 -10.83
C ASN A 361 20.49 -16.72 -9.46
N ARG A 362 19.41 -16.90 -8.71
CA ARG A 362 19.47 -17.49 -7.39
C ARG A 362 18.40 -18.57 -7.25
N PRO A 363 18.65 -19.59 -6.44
CA PRO A 363 17.60 -20.58 -6.20
C PRO A 363 16.37 -19.99 -5.53
N ASN A 364 16.54 -18.98 -4.68
CA ASN A 364 15.42 -18.36 -3.97
C ASN A 364 14.90 -17.15 -4.73
N SER A 365 14.62 -17.33 -6.02
CA SER A 365 14.06 -16.25 -6.83
C SER A 365 12.93 -16.74 -7.72
N ILE A 366 12.46 -17.97 -7.54
CA ILE A 366 11.39 -18.54 -8.35
C ILE A 366 10.35 -19.14 -7.41
N ASP A 367 9.17 -19.37 -7.96
CA ASP A 367 8.09 -19.96 -7.17
C ASP A 367 8.56 -21.30 -6.59
N PRO A 368 8.46 -21.51 -5.28
CA PRO A 368 8.91 -22.79 -4.72
C PRO A 368 8.17 -23.99 -5.27
N ALA A 369 6.95 -23.81 -5.79
CA ALA A 369 6.20 -24.92 -6.34
C ALA A 369 6.85 -25.50 -7.60
N LEU A 370 7.76 -24.76 -8.22
CA LEU A 370 8.44 -25.25 -9.42
C LEU A 370 9.55 -26.23 -9.11
N ARG A 371 10.00 -26.30 -7.86
CA ARG A 371 11.13 -27.13 -7.46
C ARG A 371 10.59 -28.30 -6.64
N ARG A 372 10.21 -29.37 -7.32
CA ARG A 372 9.76 -30.58 -6.64
C ARG A 372 9.70 -31.71 -7.67
N PHE A 373 9.32 -32.90 -7.19
CA PHE A 373 9.27 -34.07 -8.05
C PHE A 373 8.35 -33.82 -9.23
N GLY A 374 8.87 -34.06 -10.43
CA GLY A 374 8.12 -33.86 -11.65
C GLY A 374 8.26 -32.47 -12.26
N ARG A 375 8.91 -31.54 -11.58
CA ARG A 375 9.14 -30.20 -12.09
C ARG A 375 10.52 -29.75 -11.64
N PHE A 376 11.49 -29.76 -12.55
CA PHE A 376 12.85 -29.33 -12.24
C PHE A 376 13.42 -30.16 -11.08
N ASP A 377 13.55 -31.46 -11.34
CA ASP A 377 14.06 -32.37 -10.33
C ASP A 377 15.48 -32.01 -9.94
N ARG A 378 16.34 -31.73 -10.91
CA ARG A 378 17.77 -31.58 -10.70
C ARG A 378 18.20 -30.14 -10.89
N GLU A 379 19.21 -29.73 -10.12
CA GLU A 379 19.71 -28.37 -10.10
C GLU A 379 21.21 -28.36 -10.34
N VAL A 380 21.67 -27.37 -11.10
CA VAL A 380 23.07 -27.19 -11.43
C VAL A 380 23.48 -25.77 -11.04
N ASP A 381 24.64 -25.65 -10.40
CA ASP A 381 25.14 -24.38 -9.92
C ASP A 381 26.45 -24.05 -10.63
N ILE A 382 26.57 -22.81 -11.09
CA ILE A 382 27.72 -22.35 -11.84
C ILE A 382 28.36 -21.21 -11.06
N GLY A 383 29.69 -21.27 -10.89
CA GLY A 383 30.42 -20.32 -10.11
C GLY A 383 31.51 -19.63 -10.90
N ILE A 384 32.19 -18.70 -10.23
CA ILE A 384 33.25 -17.94 -10.91
C ILE A 384 34.38 -18.89 -11.30
N PRO A 385 34.95 -18.79 -12.49
CA PRO A 385 35.96 -19.76 -12.90
C PRO A 385 37.28 -19.57 -12.18
N ASP A 386 38.09 -20.61 -12.19
CA ASP A 386 39.41 -20.58 -11.59
C ASP A 386 40.43 -20.09 -12.62
N ALA A 387 41.71 -20.12 -12.27
CA ALA A 387 42.72 -19.56 -13.15
C ALA A 387 42.75 -20.26 -14.51
N THR A 388 42.66 -21.59 -14.51
CA THR A 388 42.65 -22.31 -15.77
C THR A 388 41.40 -21.97 -16.59
N GLY A 389 40.26 -21.86 -15.92
CA GLY A 389 39.05 -21.49 -16.63
C GLY A 389 39.14 -20.10 -17.24
N ARG A 390 39.71 -19.15 -16.51
CA ARG A 390 39.87 -17.81 -17.05
C ARG A 390 40.83 -17.80 -18.23
N LEU A 391 41.90 -18.60 -18.15
CA LEU A 391 42.81 -18.70 -19.29
C LEU A 391 42.10 -19.27 -20.51
N GLU A 392 41.26 -20.29 -20.30
CA GLU A 392 40.50 -20.86 -21.41
C GLU A 392 39.57 -19.83 -22.02
N VAL A 393 38.89 -19.06 -21.18
CA VAL A 393 37.97 -18.03 -21.70
C VAL A 393 38.75 -16.99 -22.49
N LEU A 394 39.91 -16.58 -21.98
CA LEU A 394 40.73 -15.62 -22.70
C LEU A 394 41.15 -16.15 -24.06
N ARG A 395 41.56 -17.42 -24.11
CA ARG A 395 41.94 -18.00 -25.39
C ARG A 395 40.75 -18.06 -26.34
N ILE A 396 39.57 -18.36 -25.81
CA ILE A 396 38.37 -18.41 -26.66
C ILE A 396 38.09 -17.05 -27.26
N HIS A 397 38.13 -15.99 -26.44
CA HIS A 397 37.73 -14.67 -26.92
C HIS A 397 38.82 -14.02 -27.76
N THR A 398 40.09 -14.17 -27.38
CA THR A 398 41.18 -13.57 -28.12
C THR A 398 41.73 -14.56 -29.15
N LYS A 399 40.84 -15.01 -30.04
CA LYS A 399 41.22 -15.89 -31.12
C LYS A 399 41.12 -15.22 -32.49
N ASN A 400 40.34 -14.15 -32.61
CA ASN A 400 40.25 -13.37 -33.84
C ASN A 400 40.91 -12.00 -33.72
N MET A 401 41.19 -11.54 -32.51
CA MET A 401 41.84 -10.25 -32.33
C MET A 401 43.27 -10.31 -32.84
N LYS A 402 43.80 -9.14 -33.20
CA LYS A 402 45.17 -9.02 -33.70
C LYS A 402 46.12 -8.73 -32.52
N LEU A 403 46.34 -9.77 -31.72
CA LEU A 403 47.20 -9.61 -30.55
C LEU A 403 48.63 -9.32 -30.98
N ALA A 404 49.31 -8.51 -30.18
CA ALA A 404 50.73 -8.26 -30.38
C ALA A 404 51.54 -9.43 -29.83
N ASP A 405 52.82 -9.47 -30.23
CA ASP A 405 53.68 -10.58 -29.81
C ASP A 405 53.92 -10.58 -28.32
N ASP A 406 53.82 -9.42 -27.67
CA ASP A 406 54.12 -9.30 -26.24
C ASP A 406 52.86 -9.46 -25.39
N VAL A 407 52.13 -10.55 -25.60
CA VAL A 407 50.93 -10.86 -24.82
C VAL A 407 51.15 -12.18 -24.10
N ASP A 408 50.83 -12.20 -22.81
CA ASP A 408 51.21 -13.29 -21.91
C ASP A 408 49.97 -13.79 -21.17
N LEU A 409 48.96 -14.17 -21.93
CA LEU A 409 47.62 -14.47 -21.41
C LEU A 409 47.66 -15.20 -20.08
N GLU A 410 48.68 -16.02 -19.84
CA GLU A 410 48.84 -16.64 -18.52
C GLU A 410 48.85 -15.58 -17.43
N ALA A 411 49.61 -14.50 -17.66
CA ALA A 411 49.67 -13.42 -16.68
C ALA A 411 48.30 -12.75 -16.52
N LEU A 412 47.58 -12.56 -17.62
CA LEU A 412 46.24 -11.99 -17.52
C LEU A 412 45.35 -12.87 -16.65
N ALA A 413 45.36 -14.17 -16.89
CA ALA A 413 44.52 -15.08 -16.09
C ALA A 413 44.93 -15.03 -14.63
N ALA A 414 46.24 -14.97 -14.35
CA ALA A 414 46.68 -14.89 -12.97
C ALA A 414 46.18 -13.61 -12.30
N GLU A 415 46.27 -12.49 -13.01
CA GLU A 415 45.90 -11.20 -12.40
C GLU A 415 44.40 -11.08 -12.21
N THR A 416 43.62 -11.56 -13.16
CA THR A 416 42.17 -11.34 -13.18
C THR A 416 41.49 -12.40 -12.32
N HIS A 417 41.15 -12.05 -11.09
CA HIS A 417 40.44 -12.93 -10.17
C HIS A 417 39.06 -12.36 -9.88
N GLY A 418 38.06 -13.24 -9.84
CA GLY A 418 36.70 -12.82 -9.66
C GLY A 418 36.00 -12.37 -10.92
N TYR A 419 36.65 -12.50 -12.07
CA TYR A 419 36.06 -12.12 -13.35
C TYR A 419 35.25 -13.27 -13.90
N VAL A 420 34.02 -12.97 -14.32
CA VAL A 420 33.17 -13.92 -15.02
C VAL A 420 33.49 -13.82 -16.51
N GLY A 421 33.05 -14.80 -17.30
CA GLY A 421 33.36 -14.78 -18.71
C GLY A 421 32.96 -13.49 -19.40
N ALA A 422 31.80 -12.93 -19.00
CA ALA A 422 31.37 -11.66 -19.57
C ALA A 422 32.36 -10.55 -19.25
N ASP A 423 32.90 -10.57 -18.03
CA ASP A 423 33.91 -9.56 -17.67
C ASP A 423 35.14 -9.70 -18.54
N ILE A 424 35.54 -10.92 -18.88
CA ILE A 424 36.72 -11.11 -19.72
C ILE A 424 36.43 -10.65 -21.15
N ALA A 425 35.23 -10.90 -21.65
CA ALA A 425 34.85 -10.39 -22.97
C ALA A 425 34.91 -8.87 -22.99
N SER A 426 34.37 -8.23 -21.95
CA SER A 426 34.43 -6.77 -21.86
C SER A 426 35.87 -6.29 -21.76
N LEU A 427 36.71 -7.03 -21.05
CA LEU A 427 38.12 -6.66 -20.94
C LEU A 427 38.78 -6.66 -22.30
N CYS A 428 38.53 -7.69 -23.10
CA CYS A 428 39.11 -7.75 -24.44
C CYS A 428 38.60 -6.60 -25.31
N SER A 429 37.30 -6.32 -25.25
CA SER A 429 36.75 -5.22 -26.03
C SER A 429 37.39 -3.89 -25.63
N GLU A 430 37.57 -3.67 -24.32
CA GLU A 430 38.16 -2.43 -23.85
C GLU A 430 39.62 -2.32 -24.28
N ALA A 431 40.37 -3.42 -24.24
CA ALA A 431 41.74 -3.38 -24.73
C ALA A 431 41.78 -3.01 -26.20
N ALA A 432 40.89 -3.58 -27.01
CA ALA A 432 40.86 -3.24 -28.43
C ALA A 432 40.52 -1.77 -28.63
N MET A 433 39.54 -1.25 -27.86
CA MET A 433 39.18 0.15 -27.99
C MET A 433 40.33 1.05 -27.59
N GLN A 434 41.07 0.68 -26.55
CA GLN A 434 42.25 1.46 -26.16
C GLN A 434 43.30 1.46 -27.27
N GLN A 435 43.49 0.31 -27.91
CA GLN A 435 44.45 0.26 -29.02
C GLN A 435 44.02 1.19 -30.14
N ILE A 436 42.73 1.18 -30.49
CA ILE A 436 42.24 2.07 -31.53
C ILE A 436 42.44 3.53 -31.13
N ARG A 437 42.15 3.84 -29.87
CA ARG A 437 42.32 5.21 -29.39
C ARG A 437 43.77 5.66 -29.51
N GLU A 438 44.71 4.79 -29.16
CA GLU A 438 46.11 5.14 -29.31
C GLU A 438 46.49 5.33 -30.77
N LYS A 439 45.92 4.50 -31.66
CA LYS A 439 46.24 4.62 -33.08
C LYS A 439 45.53 5.77 -33.77
N MET A 440 44.57 6.43 -33.12
CA MET A 440 43.86 7.52 -33.76
C MET A 440 44.80 8.61 -34.27
N ASP A 441 45.82 8.94 -33.46
CA ASP A 441 46.67 10.08 -33.80
C ASP A 441 47.31 9.93 -35.18
N LEU A 442 47.56 8.70 -35.61
CA LEU A 442 48.23 8.44 -36.88
C LEU A 442 47.26 8.30 -38.05
N ILE A 443 45.97 8.50 -37.83
CA ILE A 443 44.97 8.40 -38.89
C ILE A 443 44.09 9.65 -38.87
N ASP A 444 43.52 9.95 -40.02
CA ASP A 444 42.57 11.05 -40.16
C ASP A 444 41.17 10.50 -39.91
N LEU A 445 40.60 10.81 -38.75
CA LEU A 445 39.31 10.27 -38.38
C LEU A 445 38.19 10.73 -39.31
N ASP A 446 38.43 11.77 -40.09
CA ASP A 446 37.44 12.26 -41.04
C ASP A 446 37.50 11.37 -42.29
N GLU A 447 36.86 11.82 -43.37
CA GLU A 447 36.83 11.09 -44.63
C GLU A 447 35.89 9.89 -44.51
N ASP A 448 35.81 9.07 -45.57
CA ASP A 448 34.90 7.94 -45.61
C ASP A 448 35.60 6.60 -45.44
N GLU A 449 36.92 6.59 -45.27
CA GLU A 449 37.65 5.35 -45.09
C GLU A 449 38.98 5.65 -44.43
N ILE A 450 39.56 4.62 -43.83
CA ILE A 450 40.87 4.70 -43.20
C ILE A 450 41.86 3.94 -44.07
N ASP A 451 43.03 4.55 -44.28
CA ASP A 451 44.07 3.91 -45.09
C ASP A 451 44.37 2.51 -44.57
N ALA A 452 44.24 1.52 -45.45
CA ALA A 452 44.48 0.13 -45.04
C ALA A 452 45.88 -0.07 -44.51
N GLU A 453 46.83 0.79 -44.89
CA GLU A 453 48.18 0.66 -44.36
C GLU A 453 48.19 0.76 -42.84
N VAL A 454 47.43 1.71 -42.28
CA VAL A 454 47.33 1.80 -40.83
C VAL A 454 46.51 0.64 -40.27
N LEU A 455 45.42 0.28 -40.94
CA LEU A 455 44.62 -0.85 -40.47
C LEU A 455 45.45 -2.10 -40.31
N ASP A 456 46.49 -2.26 -41.13
CA ASP A 456 47.39 -3.40 -40.96
C ASP A 456 48.30 -3.26 -39.75
N SER A 457 48.35 -2.08 -39.13
CA SER A 457 49.19 -1.85 -37.96
C SER A 457 48.43 -1.98 -36.64
N LEU A 458 47.14 -2.33 -36.69
CA LEU A 458 46.36 -2.47 -35.47
C LEU A 458 46.77 -3.73 -34.73
N GLY A 459 47.37 -3.56 -33.55
CA GLY A 459 47.78 -4.68 -32.73
C GLY A 459 47.64 -4.38 -31.25
N VAL A 460 46.95 -5.26 -30.52
CA VAL A 460 46.72 -5.06 -29.10
C VAL A 460 47.94 -5.52 -28.33
N THR A 461 48.45 -4.66 -27.45
CA THR A 461 49.63 -4.95 -26.65
C THR A 461 49.25 -5.12 -25.18
N MET A 462 50.24 -5.52 -24.39
CA MET A 462 50.00 -5.81 -22.98
C MET A 462 49.57 -4.56 -22.23
N ASP A 463 50.08 -3.39 -22.62
CA ASP A 463 49.70 -2.17 -21.94
C ASP A 463 48.20 -1.92 -22.06
N ASN A 464 47.63 -2.19 -23.24
CA ASN A 464 46.20 -2.01 -23.42
C ASN A 464 45.40 -2.95 -22.52
N PHE A 465 45.86 -4.20 -22.39
CA PHE A 465 45.16 -5.13 -21.51
C PHE A 465 45.26 -4.70 -20.05
N ARG A 466 46.41 -4.19 -19.64
CA ARG A 466 46.52 -3.68 -18.27
C ARG A 466 45.61 -2.48 -18.05
N PHE A 467 45.51 -1.60 -19.04
CA PHE A 467 44.58 -0.48 -18.94
C PHE A 467 43.15 -0.97 -18.82
N ALA A 468 42.77 -1.98 -19.61
CA ALA A 468 41.43 -2.53 -19.53
C ALA A 468 41.17 -3.14 -18.16
N LEU A 469 42.16 -3.85 -17.61
CA LEU A 469 42.03 -4.35 -16.24
C LEU A 469 41.80 -3.21 -15.27
N GLY A 470 42.55 -2.12 -15.42
CA GLY A 470 42.37 -0.99 -14.53
C GLY A 470 40.98 -0.40 -14.59
N ASN A 471 40.41 -0.32 -15.80
CA ASN A 471 39.12 0.32 -16.02
C ASN A 471 37.96 -0.68 -16.05
N SER A 472 38.04 -1.76 -15.28
CA SER A 472 37.02 -2.80 -15.27
C SER A 472 36.28 -2.80 -13.94
N ASN A 473 35.02 -3.25 -13.98
CA ASN A 473 34.15 -3.25 -12.80
C ASN A 473 33.52 -4.62 -12.63
N PRO A 474 34.29 -5.62 -12.22
CA PRO A 474 33.69 -6.91 -11.89
C PRO A 474 32.76 -6.78 -10.69
N SER A 475 31.67 -7.56 -10.72
CA SER A 475 30.68 -7.49 -9.66
C SER A 475 30.16 -8.86 -9.24
N ALA A 476 30.79 -9.96 -9.68
CA ALA A 476 30.31 -11.28 -9.29
C ALA A 476 30.46 -11.50 -7.79
N LEU A 477 31.57 -11.03 -7.21
CA LEU A 477 31.82 -11.26 -5.79
C LEU A 477 30.92 -10.46 -4.88
N ARG A 478 30.13 -9.52 -5.41
CA ARG A 478 29.24 -8.73 -4.58
C ARG A 478 28.11 -9.56 -3.98
N GLU A 479 27.90 -10.78 -4.45
CA GLU A 479 26.93 -11.69 -3.86
C GLU A 479 27.57 -13.06 -3.76
N THR A 480 27.07 -13.87 -2.83
CA THR A 480 27.72 -15.14 -2.54
C THR A 480 27.80 -15.99 -3.80
N VAL A 481 28.96 -16.60 -4.01
CA VAL A 481 29.22 -17.43 -5.18
C VAL A 481 30.05 -18.63 -4.74
N VAL A 482 30.17 -19.60 -5.64
CA VAL A 482 30.93 -20.83 -5.41
C VAL A 482 32.21 -20.75 -6.23
N GLU A 483 33.36 -20.87 -5.58
CA GLU A 483 34.64 -20.78 -6.26
C GLU A 483 35.55 -21.91 -5.83
N SER A 484 36.43 -22.30 -6.73
CA SER A 484 37.45 -23.31 -6.45
C SER A 484 38.69 -22.65 -5.87
N VAL A 485 39.39 -23.40 -5.03
CA VAL A 485 40.59 -22.90 -4.36
C VAL A 485 41.71 -23.91 -4.56
N ASN A 486 42.95 -23.42 -4.50
CA ASN A 486 44.13 -24.23 -4.79
C ASN A 486 45.21 -24.01 -3.73
N VAL A 487 44.82 -24.05 -2.46
CA VAL A 487 45.75 -23.90 -1.34
C VAL A 487 46.08 -25.28 -0.80
N THR A 488 47.37 -25.57 -0.67
CA THR A 488 47.85 -26.85 -0.19
C THR A 488 48.39 -26.69 1.24
N TRP A 489 48.91 -27.79 1.79
CA TRP A 489 49.52 -27.72 3.10
C TRP A 489 50.95 -27.22 3.00
N ASP A 490 51.15 -26.13 2.30
CA ASP A 490 52.45 -25.47 2.24
C ASP A 490 52.36 -23.99 2.53
N ASP A 491 51.29 -23.32 2.07
CA ASP A 491 51.10 -21.92 2.37
C ASP A 491 50.74 -21.69 3.84
N VAL A 492 50.37 -22.73 4.56
CA VAL A 492 50.04 -22.63 5.98
C VAL A 492 51.23 -23.23 6.72
N GLY A 493 52.18 -22.37 7.10
CA GLY A 493 53.37 -22.83 7.78
C GLY A 493 53.11 -23.04 9.27
N GLY A 494 53.64 -24.15 9.78
CA GLY A 494 53.50 -24.46 11.18
C GLY A 494 52.14 -25.09 11.52
N LEU A 495 51.85 -25.11 12.81
CA LEU A 495 50.61 -25.68 13.35
C LEU A 495 50.30 -27.01 12.66
N ASP A 496 51.21 -27.96 12.84
CA ASP A 496 51.04 -29.27 12.22
C ASP A 496 49.99 -30.12 12.94
N GLU A 497 49.85 -29.96 14.25
CA GLU A 497 48.84 -30.72 14.98
C GLU A 497 47.44 -30.36 14.49
N ILE A 498 47.20 -29.08 14.22
CA ILE A 498 45.90 -28.66 13.69
C ILE A 498 45.69 -29.28 12.32
N LYS A 499 46.73 -29.34 11.50
CA LYS A 499 46.61 -29.98 10.20
C LYS A 499 46.24 -31.45 10.33
N GLU A 500 46.88 -32.16 11.26
CA GLU A 500 46.56 -33.57 11.46
C GLU A 500 45.12 -33.74 11.92
N GLU A 501 44.67 -32.90 12.85
CA GLU A 501 43.30 -32.99 13.33
C GLU A 501 42.31 -32.71 12.21
N LEU A 502 42.57 -31.69 11.39
CA LEU A 502 41.70 -31.39 10.27
C LEU A 502 41.66 -32.54 9.27
N LYS A 503 42.82 -33.14 8.98
CA LYS A 503 42.84 -34.29 8.09
C LYS A 503 41.96 -35.40 8.63
N GLU A 504 42.19 -35.80 9.88
CA GLU A 504 41.37 -36.86 10.48
C GLU A 504 39.89 -36.51 10.42
N THR A 505 39.56 -35.24 10.62
CA THR A 505 38.15 -34.86 10.71
C THR A 505 37.47 -34.86 9.35
N VAL A 506 38.13 -34.35 8.31
CA VAL A 506 37.49 -34.05 7.04
C VAL A 506 37.89 -35.04 5.95
N GLU A 507 39.18 -35.31 5.80
CA GLU A 507 39.63 -36.10 4.66
C GLU A 507 39.09 -37.52 4.73
N TYR A 508 39.17 -38.15 5.91
CA TYR A 508 38.75 -39.55 6.03
C TYR A 508 37.29 -39.74 5.70
N PRO A 509 36.35 -38.94 6.20
CA PRO A 509 34.95 -39.10 5.77
C PRO A 509 34.75 -39.04 4.27
N VAL A 510 35.49 -38.18 3.57
CA VAL A 510 35.27 -38.00 2.15
C VAL A 510 36.00 -39.07 1.35
N LEU A 511 37.27 -39.30 1.65
CA LEU A 511 38.08 -40.22 0.85
C LEU A 511 37.79 -41.68 1.16
N HIS A 512 37.44 -42.01 2.40
CA HIS A 512 37.23 -43.39 2.83
C HIS A 512 35.91 -43.52 3.56
N PRO A 513 34.79 -43.31 2.88
CA PRO A 513 33.48 -43.53 3.52
C PRO A 513 33.23 -44.98 3.88
N ASP A 514 33.93 -45.91 3.24
CA ASP A 514 33.70 -47.33 3.52
C ASP A 514 33.98 -47.66 4.97
N GLN A 515 35.07 -47.12 5.52
CA GLN A 515 35.39 -47.39 6.93
C GLN A 515 34.33 -46.83 7.85
N TYR A 516 33.87 -45.60 7.58
CA TYR A 516 32.83 -45.00 8.41
C TYR A 516 31.56 -45.85 8.39
N THR A 517 31.17 -46.33 7.21
CA THR A 517 30.02 -47.21 7.14
C THR A 517 30.28 -48.50 7.90
N LYS A 518 31.49 -49.04 7.79
CA LYS A 518 31.82 -50.30 8.46
C LYS A 518 31.67 -50.18 9.97
N PHE A 519 32.16 -49.09 10.54
CA PHE A 519 32.08 -48.89 11.98
C PHE A 519 30.78 -48.25 12.42
N GLY A 520 29.86 -48.00 11.50
CA GLY A 520 28.56 -47.46 11.86
C GLY A 520 28.66 -46.12 12.56
N LEU A 521 29.48 -45.23 12.02
CA LEU A 521 29.69 -43.91 12.60
C LEU A 521 29.54 -42.87 11.51
N SER A 522 28.73 -41.84 11.78
CA SER A 522 28.59 -40.75 10.83
C SER A 522 29.68 -39.72 11.06
N PRO A 523 30.13 -39.02 10.02
CA PRO A 523 31.21 -38.04 10.19
C PRO A 523 30.71 -36.74 10.81
N SER A 524 31.65 -35.99 11.34
CA SER A 524 31.34 -34.68 11.92
C SER A 524 30.96 -33.69 10.82
N LYS A 525 29.99 -32.84 11.12
CA LYS A 525 29.49 -31.92 10.11
C LYS A 525 30.38 -30.69 9.97
N GLY A 526 30.59 -29.96 11.07
CA GLY A 526 31.27 -28.69 11.02
C GLY A 526 32.36 -28.58 12.07
N VAL A 527 33.12 -27.49 11.97
CA VAL A 527 34.21 -27.17 12.89
C VAL A 527 34.11 -25.68 13.22
N LEU A 528 34.75 -25.30 14.31
CA LEU A 528 34.86 -23.90 14.69
C LEU A 528 36.32 -23.59 14.97
N PHE A 529 36.81 -22.49 14.40
CA PHE A 529 38.16 -22.01 14.64
C PHE A 529 38.09 -20.77 15.52
N TYR A 530 38.88 -20.73 16.58
CA TYR A 530 38.96 -19.56 17.43
C TYR A 530 40.41 -19.25 17.74
N GLY A 531 40.70 -17.97 17.91
CA GLY A 531 42.05 -17.52 18.17
C GLY A 531 42.23 -16.06 17.82
N PRO A 532 43.45 -15.55 18.01
CA PRO A 532 43.70 -14.15 17.71
C PRO A 532 43.47 -13.89 16.23
N PRO A 533 43.04 -12.67 15.89
CA PRO A 533 42.82 -12.36 14.47
C PRO A 533 44.10 -12.37 13.67
N GLY A 534 43.98 -12.70 12.39
CA GLY A 534 45.13 -12.73 11.51
C GLY A 534 46.06 -13.90 11.73
N THR A 535 45.58 -14.96 12.36
CA THR A 535 46.40 -16.14 12.62
C THR A 535 46.31 -17.20 11.53
N GLY A 536 45.57 -16.93 10.46
CA GLY A 536 45.53 -17.85 9.34
C GLY A 536 44.42 -18.87 9.39
N LYS A 537 43.18 -18.41 9.55
CA LYS A 537 42.03 -19.31 9.56
C LYS A 537 41.41 -19.48 8.17
N THR A 538 41.32 -18.40 7.40
CA THR A 538 40.69 -18.48 6.09
C THR A 538 41.48 -19.40 5.16
N LEU A 539 42.80 -19.26 5.13
CA LEU A 539 43.59 -20.12 4.26
C LEU A 539 43.64 -21.55 4.80
N LEU A 540 43.49 -21.74 6.11
CA LEU A 540 43.37 -23.09 6.63
C LEU A 540 42.08 -23.75 6.13
N ALA A 541 40.98 -23.01 6.14
CA ALA A 541 39.74 -23.54 5.58
C ALA A 541 39.88 -23.82 4.08
N LYS A 542 40.56 -22.93 3.37
CA LYS A 542 40.77 -23.15 1.94
C LYS A 542 41.63 -24.39 1.69
N ALA A 543 42.65 -24.62 2.52
CA ALA A 543 43.44 -25.83 2.38
C ALA A 543 42.60 -27.07 2.65
N VAL A 544 41.74 -27.01 3.68
CA VAL A 544 40.84 -28.13 3.93
C VAL A 544 39.98 -28.41 2.71
N ALA A 545 39.43 -27.37 2.11
CA ALA A 545 38.61 -27.55 0.91
C ALA A 545 39.43 -28.15 -0.23
N THR A 546 40.66 -27.67 -0.42
CA THR A 546 41.48 -28.15 -1.52
C THR A 546 41.83 -29.62 -1.36
N GLU A 547 42.11 -30.05 -0.14
CA GLU A 547 42.51 -31.44 0.07
C GLU A 547 41.45 -32.41 -0.41
N VAL A 548 40.18 -32.13 -0.10
CA VAL A 548 39.08 -32.98 -0.57
C VAL A 548 38.63 -32.62 -1.97
N SER A 549 39.26 -31.65 -2.63
CA SER A 549 38.89 -31.23 -3.97
C SER A 549 37.44 -30.75 -4.01
N ALA A 550 37.03 -30.02 -2.98
CA ALA A 550 35.69 -29.48 -2.88
C ALA A 550 35.65 -28.02 -3.28
N ASN A 551 34.45 -27.48 -3.40
CA ASN A 551 34.26 -26.07 -3.70
C ASN A 551 34.45 -25.28 -2.41
N PHE A 552 34.09 -24.00 -2.43
CA PHE A 552 34.30 -23.13 -1.28
C PHE A 552 33.36 -21.95 -1.37
N ILE A 553 32.45 -21.83 -0.42
CA ILE A 553 31.51 -20.71 -0.34
C ILE A 553 31.89 -19.89 0.87
N SER A 554 32.37 -18.67 0.63
CA SER A 554 32.85 -17.80 1.70
C SER A 554 31.78 -16.77 2.02
N VAL A 555 31.31 -16.79 3.27
CA VAL A 555 30.35 -15.81 3.78
C VAL A 555 31.07 -15.01 4.85
N LYS A 556 31.14 -13.70 4.66
CA LYS A 556 31.89 -12.82 5.55
C LYS A 556 30.94 -12.07 6.47
N GLY A 557 31.52 -11.28 7.37
CA GLY A 557 30.76 -10.56 8.36
C GLY A 557 29.78 -9.58 7.76
N PRO A 558 30.23 -8.76 6.81
CA PRO A 558 29.29 -7.83 6.17
C PRO A 558 28.11 -8.52 5.52
N GLU A 559 28.32 -9.67 4.88
CA GLU A 559 27.20 -10.39 4.28
C GLU A 559 26.21 -10.84 5.34
N LEU A 560 26.71 -11.37 6.45
CA LEU A 560 25.82 -11.82 7.52
C LEU A 560 25.04 -10.66 8.11
N LEU A 561 25.70 -9.52 8.32
CA LEU A 561 24.99 -8.35 8.85
C LEU A 561 23.95 -7.86 7.85
N SER A 562 24.29 -7.86 6.57
CA SER A 562 23.32 -7.44 5.55
C SER A 562 22.10 -8.34 5.57
N MET A 563 22.32 -9.65 5.70
CA MET A 563 21.19 -10.57 5.84
C MET A 563 20.40 -10.28 7.11
N TRP A 564 21.11 -9.91 8.18
CA TRP A 564 20.43 -9.57 9.44
C TRP A 564 19.50 -8.38 9.25
N TYR A 565 19.96 -7.35 8.52
CA TYR A 565 19.15 -6.17 8.26
C TYR A 565 18.16 -6.38 7.11
N GLY A 566 18.21 -7.52 6.44
CA GLY A 566 17.28 -7.78 5.36
C GLY A 566 17.40 -6.80 4.21
N GLU A 567 18.63 -6.55 3.77
CA GLU A 567 18.90 -5.66 2.64
C GLU A 567 19.81 -6.34 1.64
N SER A 568 19.57 -7.63 1.39
CA SER A 568 20.36 -8.40 0.44
C SER A 568 19.43 -9.30 -0.36
N GLU A 569 19.93 -9.77 -1.50
CA GLU A 569 19.17 -10.66 -2.38
C GLU A 569 19.36 -12.13 -2.02
N SER A 570 20.14 -12.46 -1.00
CA SER A 570 20.42 -13.84 -0.65
C SER A 570 20.17 -14.04 0.84
N ASN A 571 19.87 -15.29 1.20
CA ASN A 571 19.64 -15.66 2.59
C ASN A 571 20.35 -16.97 2.86
N ILE A 572 20.35 -17.38 4.14
CA ILE A 572 21.07 -18.59 4.53
C ILE A 572 20.57 -19.78 3.74
N ARG A 573 19.25 -19.87 3.55
CA ARG A 573 18.69 -20.98 2.79
C ARG A 573 19.27 -21.01 1.38
N ASP A 574 19.45 -19.84 0.75
CA ASP A 574 20.06 -19.79 -0.56
C ASP A 574 21.50 -20.29 -0.52
N ILE A 575 22.25 -19.89 0.51
CA ILE A 575 23.64 -20.32 0.62
C ILE A 575 23.71 -21.83 0.68
N PHE A 576 22.86 -22.44 1.51
CA PHE A 576 22.92 -23.89 1.66
C PHE A 576 22.33 -24.62 0.47
N ASP A 577 21.39 -24.02 -0.25
CA ASP A 577 20.93 -24.63 -1.50
C ASP A 577 22.06 -24.67 -2.53
N LYS A 578 22.80 -23.57 -2.65
CA LYS A 578 23.96 -23.59 -3.55
C LYS A 578 25.00 -24.60 -3.08
N ALA A 579 25.20 -24.70 -1.77
CA ALA A 579 26.16 -25.67 -1.24
C ALA A 579 25.75 -27.09 -1.60
N ARG A 580 24.47 -27.41 -1.44
CA ARG A 580 23.99 -28.74 -1.82
C ARG A 580 24.18 -28.99 -3.31
N ALA A 581 23.78 -28.02 -4.14
CA ALA A 581 23.88 -28.21 -5.59
C ALA A 581 25.32 -28.37 -6.04
N ALA A 582 26.27 -27.75 -5.34
CA ALA A 582 27.68 -27.79 -5.71
C ALA A 582 28.48 -28.78 -4.88
N ALA A 583 27.83 -29.65 -4.13
CA ALA A 583 28.54 -30.52 -3.20
C ALA A 583 29.50 -31.44 -3.96
N PRO A 584 30.63 -31.82 -3.33
CA PRO A 584 31.06 -31.45 -1.98
C PRO A 584 31.58 -30.01 -1.89
N THR A 585 31.25 -29.32 -0.82
CA THR A 585 31.63 -27.93 -0.64
C THR A 585 32.02 -27.68 0.80
N VAL A 586 32.70 -26.56 1.03
CA VAL A 586 33.02 -26.07 2.36
C VAL A 586 32.41 -24.68 2.49
N VAL A 587 31.50 -24.53 3.44
CA VAL A 587 30.85 -23.25 3.71
C VAL A 587 31.61 -22.60 4.85
N PHE A 588 32.34 -21.53 4.56
CA PHE A 588 33.15 -20.84 5.56
C PHE A 588 32.41 -19.59 6.01
N LEU A 589 32.11 -19.52 7.31
CA LEU A 589 31.38 -18.41 7.91
C LEU A 589 32.38 -17.60 8.74
N ASP A 590 32.83 -16.48 8.19
CA ASP A 590 33.80 -15.64 8.85
C ASP A 590 33.10 -14.58 9.69
N GLU A 591 33.81 -14.08 10.70
CA GLU A 591 33.28 -13.07 11.60
C GLU A 591 31.93 -13.53 12.16
N LEU A 592 31.91 -14.79 12.62
CA LEU A 592 30.64 -15.41 13.02
C LEU A 592 30.06 -14.77 14.26
N ASP A 593 30.90 -14.16 15.11
CA ASP A 593 30.41 -13.60 16.37
C ASP A 593 29.70 -12.26 16.18
N SER A 594 29.81 -11.63 15.02
CA SER A 594 29.11 -10.38 14.78
C SER A 594 27.61 -10.56 14.68
N ILE A 595 27.12 -11.79 14.49
CA ILE A 595 25.70 -12.07 14.41
C ILE A 595 25.30 -13.05 15.51
N ALA A 596 26.27 -13.84 15.97
CA ALA A 596 26.03 -14.83 17.00
C ALA A 596 26.21 -14.26 18.41
N LYS A 597 26.10 -12.95 18.58
CA LYS A 597 26.25 -12.32 19.89
C LYS A 597 25.34 -12.98 20.92
N ASP A 611 18.63 -15.56 17.76
CA ASP A 611 18.09 -14.51 16.89
C ASP A 611 17.60 -15.09 15.58
N ARG A 612 17.14 -14.23 14.69
CA ARG A 612 16.61 -14.70 13.41
C ARG A 612 17.67 -15.41 12.59
N VAL A 613 18.82 -14.77 12.39
CA VAL A 613 19.83 -15.32 11.51
C VAL A 613 20.43 -16.60 12.11
N VAL A 614 20.71 -16.58 13.41
CA VAL A 614 21.26 -17.78 14.05
C VAL A 614 20.23 -18.90 14.02
N ASN A 615 18.96 -18.58 14.20
CA ASN A 615 17.92 -19.60 14.13
C ASN A 615 17.85 -20.22 12.74
N GLN A 616 17.93 -19.39 11.70
CA GLN A 616 17.94 -19.91 10.33
C GLN A 616 19.16 -20.80 10.10
N LEU A 617 20.32 -20.36 10.58
CA LEU A 617 21.53 -21.17 10.41
C LEU A 617 21.40 -22.51 11.10
N LEU A 618 20.87 -22.52 12.32
CA LEU A 618 20.67 -23.76 13.06
C LEU A 618 19.69 -24.67 12.33
N THR A 619 18.60 -24.11 11.81
CA THR A 619 17.62 -24.90 11.08
C THR A 619 18.27 -25.55 9.86
N GLU A 620 19.04 -24.78 9.10
CA GLU A 620 19.68 -25.33 7.91
C GLU A 620 20.70 -26.41 8.27
N MET A 621 21.48 -26.19 9.33
CA MET A 621 22.44 -27.21 9.73
C MET A 621 21.76 -28.48 10.18
N ASP A 622 20.65 -28.36 10.93
CA ASP A 622 19.93 -29.54 11.39
C ASP A 622 19.33 -30.29 10.21
N GLY A 623 18.64 -29.59 9.33
CA GLY A 623 17.98 -30.22 8.20
C GLY A 623 18.92 -30.42 7.03
N MET A 624 20.07 -31.06 7.28
CA MET A 624 21.09 -31.27 6.27
C MET A 624 21.43 -32.75 6.21
N ASN A 625 21.44 -33.31 5.00
CA ASN A 625 21.75 -34.72 4.84
C ASN A 625 23.14 -35.02 5.40
N ALA A 626 23.22 -36.04 6.25
CA ALA A 626 24.50 -36.39 6.85
C ALA A 626 25.48 -36.88 5.80
N LYS A 627 25.01 -37.69 4.85
CA LYS A 627 25.93 -38.30 3.88
C LYS A 627 26.45 -37.29 2.87
N LYS A 628 25.67 -36.25 2.54
CA LYS A 628 26.16 -35.21 1.65
C LYS A 628 27.39 -34.55 2.25
N ASN A 629 28.43 -34.41 1.45
CA ASN A 629 29.71 -33.88 1.92
C ASN A 629 29.67 -32.36 1.89
N VAL A 630 28.95 -31.78 2.85
CA VAL A 630 28.88 -30.35 3.05
C VAL A 630 29.39 -30.07 4.46
N PHE A 631 30.53 -29.39 4.56
CA PHE A 631 31.16 -29.08 5.83
C PHE A 631 31.07 -27.59 6.09
N VAL A 632 30.54 -27.22 7.26
CA VAL A 632 30.41 -25.83 7.66
C VAL A 632 31.52 -25.53 8.66
N ILE A 633 32.39 -24.60 8.30
CA ILE A 633 33.49 -24.17 9.16
C ILE A 633 33.26 -22.72 9.53
N GLY A 634 33.24 -22.42 10.82
CA GLY A 634 33.04 -21.07 11.30
C GLY A 634 34.31 -20.53 11.92
N ALA A 635 34.43 -19.20 11.91
CA ALA A 635 35.58 -18.53 12.52
C ALA A 635 35.08 -17.42 13.42
N THR A 636 35.85 -17.13 14.46
CA THR A 636 35.46 -16.11 15.43
C THR A 636 36.63 -15.82 16.36
N ASN A 637 36.82 -14.54 16.69
CA ASN A 637 37.84 -14.14 17.65
C ASN A 637 37.33 -14.08 19.08
N ARG A 638 36.03 -14.28 19.29
CA ARG A 638 35.41 -14.18 20.61
C ARG A 638 34.56 -15.42 20.84
N PRO A 639 35.20 -16.57 21.12
CA PRO A 639 34.43 -17.81 21.28
C PRO A 639 33.40 -17.75 22.40
N ASP A 640 33.62 -16.91 23.41
CA ASP A 640 32.66 -16.82 24.51
C ASP A 640 31.40 -16.09 24.09
N GLN A 641 31.48 -15.21 23.10
CA GLN A 641 30.33 -14.46 22.63
C GLN A 641 29.52 -15.20 21.58
N ILE A 642 29.92 -16.41 21.21
CA ILE A 642 29.15 -17.21 20.27
C ILE A 642 27.94 -17.80 20.99
N ASP A 643 26.80 -17.82 20.32
CA ASP A 643 25.60 -18.36 20.91
C ASP A 643 25.83 -19.82 21.31
N PRO A 644 25.51 -20.21 22.55
CA PRO A 644 25.79 -21.59 22.95
C PRO A 644 25.08 -22.63 22.11
N ALA A 645 23.94 -22.28 21.49
CA ALA A 645 23.19 -23.25 20.70
C ALA A 645 23.99 -23.74 19.50
N ILE A 646 24.89 -22.90 18.96
CA ILE A 646 25.64 -23.28 17.78
C ILE A 646 26.59 -24.44 18.07
N LEU A 647 27.16 -24.49 19.27
CA LEU A 647 28.22 -25.42 19.59
C LEU A 647 27.72 -26.79 20.03
N ARG A 648 26.41 -27.01 20.06
CA ARG A 648 25.88 -28.27 20.53
C ARG A 648 26.22 -29.40 19.56
N PRO A 649 26.17 -30.65 20.01
CA PRO A 649 26.45 -31.77 19.11
C PRO A 649 25.52 -31.77 17.90
N GLY A 650 26.04 -32.22 16.76
CA GLY A 650 25.34 -32.08 15.50
C GLY A 650 25.52 -30.74 14.85
N ARG A 651 26.34 -29.87 15.41
CA ARG A 651 26.57 -28.53 14.91
C ARG A 651 28.06 -28.24 15.08
N LEU A 652 28.46 -26.98 15.03
CA LEU A 652 29.87 -26.62 15.06
C LEU A 652 30.41 -26.95 16.44
N ASP A 653 30.64 -28.25 16.67
CA ASP A 653 31.02 -28.75 17.97
C ASP A 653 32.53 -28.79 18.18
N GLN A 654 33.27 -29.24 17.18
CA GLN A 654 34.72 -29.35 17.31
C GLN A 654 35.35 -27.97 17.33
N LEU A 655 35.81 -27.53 18.50
CA LEU A 655 36.48 -26.25 18.64
C LEU A 655 37.99 -26.44 18.51
N ILE A 656 38.62 -25.60 17.70
CA ILE A 656 40.05 -25.69 17.43
C ILE A 656 40.68 -24.33 17.65
N TYR A 657 41.76 -24.30 18.42
CA TYR A 657 42.48 -23.07 18.75
C TYR A 657 43.60 -22.86 17.75
N VAL A 658 43.68 -21.64 17.21
CA VAL A 658 44.69 -21.31 16.22
C VAL A 658 45.72 -20.37 16.85
N PRO A 659 46.83 -20.89 17.36
CA PRO A 659 47.77 -20.04 18.10
C PRO A 659 48.60 -19.17 17.17
N LEU A 660 49.38 -18.28 17.78
CA LEU A 660 50.27 -17.42 17.03
C LEU A 660 51.40 -18.25 16.42
N PRO A 661 51.97 -17.79 15.31
CA PRO A 661 53.02 -18.56 14.64
C PRO A 661 54.28 -18.69 15.51
N ASP A 662 54.95 -19.81 15.35
CA ASP A 662 56.22 -20.06 15.99
C ASP A 662 57.37 -19.50 15.14
N GLU A 663 58.59 -19.56 15.70
CA GLU A 663 59.74 -19.01 14.99
C GLU A 663 59.86 -19.60 13.59
N ASN A 664 59.83 -20.93 13.49
CA ASN A 664 59.87 -21.57 12.18
C ASN A 664 58.67 -21.17 11.33
N ALA A 665 57.50 -21.07 11.96
CA ALA A 665 56.32 -20.64 11.23
C ALA A 665 56.48 -19.21 10.72
N ARG A 666 57.04 -18.32 11.55
CA ARG A 666 57.25 -16.95 11.09
C ARG A 666 58.22 -16.92 9.92
N LEU A 667 59.31 -17.69 10.00
CA LEU A 667 60.26 -17.73 8.90
C LEU A 667 59.61 -18.26 7.63
N SER A 668 58.77 -19.30 7.76
CA SER A 668 58.08 -19.84 6.59
C SER A 668 57.13 -18.81 6.00
N ILE A 669 56.41 -18.09 6.84
CA ILE A 669 55.48 -17.06 6.35
C ILE A 669 56.25 -15.98 5.59
N LEU A 670 57.37 -15.53 6.17
CA LEU A 670 58.17 -14.51 5.51
C LEU A 670 58.69 -15.00 4.16
N ASN A 671 59.18 -16.24 4.12
CA ASN A 671 59.66 -16.80 2.85
C ASN A 671 58.53 -16.87 1.83
N ALA A 672 57.34 -17.28 2.26
CA ALA A 672 56.21 -17.39 1.34
C ALA A 672 55.81 -16.03 0.79
N GLN A 673 55.80 -15.01 1.64
CA GLN A 673 55.33 -13.69 1.21
C GLN A 673 56.33 -12.99 0.28
N LEU A 674 57.62 -13.33 0.37
CA LEU A 674 58.63 -12.73 -0.49
C LEU A 674 58.96 -13.59 -1.70
N ARG A 675 58.20 -14.65 -1.94
CA ARG A 675 58.52 -15.55 -3.06
C ARG A 675 58.43 -14.82 -4.40
N LYS A 676 57.60 -13.79 -4.50
CA LYS A 676 57.39 -13.05 -5.74
C LYS A 676 57.79 -11.60 -5.59
N THR A 677 58.94 -11.36 -4.95
CA THR A 677 59.44 -10.01 -4.74
C THR A 677 60.97 -10.04 -4.72
N PRO A 678 61.65 -9.34 -5.63
CA PRO A 678 63.11 -9.44 -5.67
C PRO A 678 63.74 -9.03 -4.34
N LEU A 679 64.79 -9.75 -3.96
CA LEU A 679 65.47 -9.53 -2.69
C LEU A 679 66.95 -9.33 -2.91
N GLU A 680 67.57 -8.58 -2.01
CA GLU A 680 69.01 -8.39 -2.08
C GLU A 680 69.71 -9.74 -1.89
N PRO A 681 70.80 -10.00 -2.61
CA PRO A 681 71.50 -11.27 -2.42
C PRO A 681 71.98 -11.44 -0.99
N GLY A 682 71.87 -12.66 -0.48
CA GLY A 682 72.33 -12.97 0.85
C GLY A 682 71.42 -12.53 1.98
N LEU A 683 70.25 -11.97 1.67
CA LEU A 683 69.35 -11.52 2.71
C LEU A 683 68.90 -12.69 3.57
N GLU A 684 68.99 -12.52 4.89
CA GLU A 684 68.62 -13.56 5.85
C GLU A 684 67.45 -13.07 6.68
N LEU A 685 66.38 -13.85 6.71
CA LEU A 685 65.16 -13.49 7.42
C LEU A 685 65.10 -14.10 8.83
N THR A 686 66.11 -14.84 9.23
CA THR A 686 66.10 -15.44 10.57
C THR A 686 66.10 -14.36 11.65
N ALA A 687 66.83 -13.28 11.43
CA ALA A 687 66.84 -12.18 12.40
C ALA A 687 65.45 -11.58 12.55
N ILE A 688 64.76 -11.36 11.43
CA ILE A 688 63.40 -10.82 11.50
C ILE A 688 62.48 -11.80 12.21
N ALA A 689 62.61 -13.10 11.92
CA ALA A 689 61.78 -14.09 12.57
C ALA A 689 62.01 -14.08 14.08
N LYS A 690 63.27 -14.00 14.51
CA LYS A 690 63.56 -13.95 15.93
C LYS A 690 62.98 -12.70 16.58
N ALA A 691 63.16 -11.55 15.93
CA ALA A 691 62.74 -10.29 16.52
C ALA A 691 61.23 -10.08 16.49
N THR A 692 60.49 -10.91 15.76
CA THR A 692 59.05 -10.75 15.60
C THR A 692 58.27 -11.67 16.52
N GLN A 693 58.76 -11.90 17.74
CA GLN A 693 58.04 -12.74 18.68
C GLN A 693 56.67 -12.14 18.97
N GLY A 694 55.65 -12.98 18.93
CA GLY A 694 54.29 -12.55 19.16
C GLY A 694 53.59 -11.95 17.96
N PHE A 695 54.26 -11.87 16.81
CA PHE A 695 53.65 -11.31 15.62
C PHE A 695 52.81 -12.35 14.89
N SER A 696 51.63 -11.95 14.46
CA SER A 696 50.78 -12.79 13.64
C SER A 696 51.21 -12.67 12.17
N GLY A 697 50.55 -13.45 11.32
CA GLY A 697 50.86 -13.37 9.90
C GLY A 697 50.59 -12.00 9.31
N ALA A 698 49.53 -11.35 9.78
CA ALA A 698 49.20 -10.02 9.26
C ALA A 698 50.30 -9.02 9.56
N ASP A 699 50.90 -9.09 10.75
CA ASP A 699 51.98 -8.17 11.09
C ASP A 699 53.18 -8.36 10.18
N LEU A 700 53.53 -9.62 9.90
CA LEU A 700 54.64 -9.87 8.99
C LEU A 700 54.32 -9.38 7.58
N LEU A 701 53.08 -9.57 7.13
CA LEU A 701 52.68 -9.04 5.84
C LEU A 701 52.81 -7.52 5.81
N TYR A 702 52.42 -6.86 6.89
CA TYR A 702 52.55 -5.41 6.97
C TYR A 702 54.01 -5.00 6.91
N ILE A 703 54.89 -5.72 7.60
CA ILE A 703 56.32 -5.39 7.56
C ILE A 703 56.85 -5.52 6.14
N VAL A 704 56.49 -6.60 5.46
CA VAL A 704 56.97 -6.81 4.10
C VAL A 704 56.46 -5.71 3.18
N GLN A 705 55.18 -5.36 3.31
CA GLN A 705 54.62 -4.32 2.45
C GLN A 705 55.28 -2.98 2.70
N ARG A 706 55.56 -2.66 3.96
CA ARG A 706 56.25 -1.40 4.26
C ARG A 706 57.65 -1.38 3.69
N ALA A 707 58.37 -2.51 3.79
CA ALA A 707 59.70 -2.57 3.20
C ALA A 707 59.64 -2.36 1.70
N ALA A 708 58.67 -3.00 1.03
CA ALA A 708 58.51 -2.80 -0.40
C ALA A 708 58.15 -1.36 -0.73
N LYS A 709 57.35 -0.72 0.14
CA LYS A 709 57.00 0.68 -0.06
C LYS A 709 58.24 1.56 -0.01
N TYR A 710 59.11 1.33 0.97
CA TYR A 710 60.35 2.09 1.03
C TYR A 710 61.22 1.83 -0.20
N ALA A 711 61.27 0.58 -0.66
CA ALA A 711 62.05 0.26 -1.84
C ALA A 711 61.54 1.01 -3.06
N ILE A 712 60.22 1.03 -3.26
CA ILE A 712 59.66 1.72 -4.42
C ILE A 712 59.87 3.22 -4.29
N LYS A 713 59.77 3.77 -3.07
CA LYS A 713 60.04 5.18 -2.88
C LYS A 713 61.47 5.52 -3.31
N ASP A 714 62.44 4.72 -2.84
CA ASP A 714 63.82 4.97 -3.22
C ASP A 714 64.01 4.84 -4.73
N SER A 715 63.41 3.82 -5.33
CA SER A 715 63.55 3.61 -6.76
C SER A 715 63.03 4.79 -7.55
N ILE A 716 61.81 5.24 -7.24
CA ILE A 716 61.20 6.33 -7.99
C ILE A 716 61.98 7.63 -7.76
N GLU A 717 62.43 7.87 -6.53
CA GLU A 717 63.20 9.08 -6.27
C GLU A 717 64.50 9.08 -7.08
N ALA A 718 65.21 7.95 -7.08
CA ALA A 718 66.45 7.88 -7.84
C ALA A 718 66.20 8.05 -9.33
N HIS A 719 65.13 7.43 -9.84
CA HIS A 719 64.81 7.56 -11.26
C HIS A 719 64.49 9.00 -11.63
N ARG A 720 63.71 9.68 -10.79
CA ARG A 720 63.34 11.07 -11.10
C ARG A 720 64.51 12.01 -10.89
N GLN A 721 65.51 11.60 -10.11
CA GLN A 721 66.70 12.43 -9.94
C GLN A 721 67.41 12.65 -11.27
N HIS A 722 67.24 11.73 -12.22
CA HIS A 722 67.87 11.85 -13.52
C HIS A 722 67.31 13.04 -14.29
N PRO A 752 68.77 0.51 -11.17
CA PRO A 752 69.20 1.35 -10.05
C PRO A 752 68.85 0.76 -8.69
N VAL A 753 67.57 0.52 -8.45
CA VAL A 753 67.11 -0.06 -7.18
C VAL A 753 66.16 -1.21 -7.49
N PRO A 754 66.63 -2.33 -8.02
CA PRO A 754 65.77 -3.50 -8.26
C PRO A 754 65.68 -4.47 -7.09
N TYR A 755 66.30 -4.16 -5.95
CA TYR A 755 66.35 -5.06 -4.81
C TYR A 755 65.80 -4.37 -3.57
N ILE A 756 65.40 -5.19 -2.59
CA ILE A 756 64.97 -4.70 -1.30
C ILE A 756 66.06 -5.02 -0.29
N THR A 757 66.96 -4.06 -0.06
CA THR A 757 68.12 -4.29 0.78
C THR A 757 67.69 -4.53 2.23
N LYS A 758 68.67 -4.90 3.05
CA LYS A 758 68.38 -5.19 4.46
C LYS A 758 67.93 -3.94 5.19
N GLU A 759 68.53 -2.78 4.89
CA GLU A 759 68.16 -1.57 5.59
C GLU A 759 66.69 -1.24 5.43
N HIS A 760 66.08 -1.59 4.29
CA HIS A 760 64.65 -1.39 4.12
C HIS A 760 63.87 -2.16 5.17
N PHE A 761 64.18 -3.45 5.35
CA PHE A 761 63.51 -4.25 6.35
C PHE A 761 63.79 -3.72 7.75
N ALA A 762 65.02 -3.26 8.00
CA ALA A 762 65.35 -2.72 9.31
C ALA A 762 64.48 -1.52 9.62
N GLU A 763 64.34 -0.59 8.67
CA GLU A 763 63.50 0.58 8.88
C GLU A 763 62.05 0.17 9.07
N ALA A 764 61.56 -0.76 8.25
CA ALA A 764 60.18 -1.21 8.39
C ALA A 764 59.92 -1.79 9.77
N MET A 765 60.85 -2.59 10.28
CA MET A 765 60.72 -3.11 11.64
C MET A 765 60.75 -1.98 12.65
N LYS A 766 61.64 -1.01 12.46
CA LYS A 766 61.67 0.14 13.36
C LYS A 766 60.31 0.82 13.43
N THR A 767 59.59 0.86 12.31
CA THR A 767 58.26 1.48 12.26
C THR A 767 57.14 0.44 12.28
N ALA A 768 57.31 -0.66 13.01
CA ALA A 768 56.30 -1.70 13.10
C ALA A 768 56.28 -2.28 14.51
N LYS A 769 55.14 -2.83 14.89
CA LYS A 769 54.97 -3.38 16.22
C LYS A 769 53.87 -4.43 16.20
N ARG A 770 53.73 -5.13 17.33
CA ARG A 770 52.72 -6.17 17.46
C ARG A 770 51.31 -5.58 17.35
N SER A 771 50.37 -6.40 16.91
CA SER A 771 48.98 -6.00 16.76
C SER A 771 48.06 -6.68 17.75
N VAL A 772 48.57 -7.60 18.59
CA VAL A 772 47.76 -8.31 19.57
C VAL A 772 48.31 -7.97 20.94
N SER A 773 47.47 -7.41 21.81
CA SER A 773 47.86 -7.10 23.16
C SER A 773 47.91 -8.37 24.00
N ASP A 774 48.88 -8.39 24.93
CA ASP A 774 49.06 -9.57 25.77
C ASP A 774 47.83 -9.89 26.60
N ALA A 775 46.96 -8.90 26.85
CA ALA A 775 45.74 -9.17 27.59
C ALA A 775 44.85 -10.15 26.83
N GLU A 776 44.63 -9.89 25.55
CA GLU A 776 43.84 -10.82 24.74
C GLU A 776 44.53 -12.16 24.60
N LEU A 777 45.87 -12.16 24.52
CA LEU A 777 46.59 -13.41 24.43
C LEU A 777 46.38 -14.27 25.67
N ARG A 778 46.44 -13.65 26.86
CA ARG A 778 46.19 -14.41 28.07
C ARG A 778 44.72 -14.83 28.17
N ARG A 779 43.80 -14.02 27.66
CA ARG A 779 42.41 -14.43 27.61
C ARG A 779 42.25 -15.70 26.78
N TYR A 780 42.85 -15.72 25.59
CA TYR A 780 42.75 -16.90 24.72
C TYR A 780 43.42 -18.11 25.37
N GLU A 781 44.58 -17.89 25.99
CA GLU A 781 45.27 -19.00 26.65
C GLU A 781 44.42 -19.56 27.79
N ALA A 782 43.79 -18.68 28.58
CA ALA A 782 42.94 -19.13 29.66
C ALA A 782 41.75 -19.92 29.13
N TYR A 783 41.13 -19.44 28.05
CA TYR A 783 40.01 -20.15 27.46
C TYR A 783 40.44 -21.54 26.99
N SER A 784 41.59 -21.61 26.31
CA SER A 784 42.08 -22.90 25.82
C SER A 784 42.38 -23.84 26.98
N GLN A 785 43.03 -23.34 28.03
CA GLN A 785 43.34 -24.19 29.18
C GLN A 785 42.08 -24.65 29.88
N GLN A 786 41.08 -23.78 29.99
CA GLN A 786 39.82 -24.17 30.61
C GLN A 786 39.16 -25.29 29.82
N MET A 787 39.13 -25.17 28.49
CA MET A 787 38.48 -26.21 27.69
C MET A 787 39.30 -27.48 27.64
N LYS A 788 40.63 -27.38 27.81
CA LYS A 788 41.47 -28.57 27.84
C LYS A 788 41.32 -29.33 29.16
N ALA A 789 41.30 -28.61 30.28
CA ALA A 789 41.20 -29.26 31.58
C ALA A 789 39.86 -29.98 31.73
N SER A 790 38.77 -29.35 31.30
CA SER A 790 37.47 -30.01 31.33
C SER A 790 37.51 -31.31 30.55
N ARG A 791 38.29 -31.36 29.48
CA ARG A 791 38.44 -32.56 28.67
C ARG A 791 39.39 -33.57 29.30
N GLY A 792 40.15 -33.17 30.32
CA GLY A 792 41.08 -34.07 30.97
C GLY A 792 40.55 -34.57 32.30
N LYS B 24 45.47 13.40 -23.00
CA LYS B 24 46.35 12.80 -23.99
C LYS B 24 45.58 11.89 -24.94
N THR B 25 45.72 10.58 -24.74
CA THR B 25 45.02 9.62 -25.60
C THR B 25 43.52 9.70 -25.39
N ALA B 26 43.08 9.96 -24.15
CA ALA B 26 41.66 9.94 -23.84
C ALA B 26 40.86 10.83 -24.81
N THR B 27 41.30 12.08 -24.97
CA THR B 27 40.65 12.98 -25.92
C THR B 27 41.33 12.94 -27.28
N ALA B 28 41.50 11.74 -27.82
CA ALA B 28 42.12 11.57 -29.13
C ALA B 28 41.13 11.71 -30.27
N ILE B 29 39.83 11.70 -29.98
CA ILE B 29 38.81 11.83 -31.02
C ILE B 29 38.40 13.28 -31.25
N LEU B 30 38.68 14.18 -30.29
CA LEU B 30 38.26 15.56 -30.43
C LEU B 30 39.14 16.35 -31.39
N ARG B 31 40.41 15.99 -31.50
CA ARG B 31 41.31 16.71 -32.40
C ARG B 31 40.87 16.53 -33.85
N ARG B 32 41.11 17.55 -34.66
CA ARG B 32 40.77 17.50 -36.08
C ARG B 32 42.01 17.22 -36.91
N GLY B 74 31.76 22.61 -44.54
CA GLY B 74 31.46 23.72 -43.66
C GLY B 74 31.36 23.32 -42.21
N LYS B 75 30.18 23.52 -41.61
CA LYS B 75 29.94 23.20 -40.22
C LYS B 75 28.62 22.45 -40.10
N LYS B 76 28.55 21.53 -39.14
CA LYS B 76 27.35 20.73 -38.90
C LYS B 76 26.89 20.06 -40.19
N ARG B 77 27.84 19.59 -40.99
CA ARG B 77 27.61 18.96 -42.29
C ARG B 77 27.08 19.95 -43.32
N LYS B 78 27.02 21.24 -43.00
CA LYS B 78 26.48 22.24 -43.91
C LYS B 78 27.58 22.79 -44.81
N ASN B 210 15.73 26.12 -35.14
CA ASN B 210 15.23 24.81 -34.72
C ASN B 210 16.16 24.20 -33.68
N MET B 211 15.81 23.01 -33.21
CA MET B 211 16.67 22.23 -32.33
C MET B 211 17.67 21.38 -33.11
N ASN B 212 17.59 21.40 -34.43
CA ASN B 212 18.51 20.63 -35.26
C ASN B 212 19.84 21.33 -35.47
N GLU B 213 19.95 22.61 -35.12
CA GLU B 213 21.17 23.36 -35.36
C GLU B 213 22.23 23.16 -34.28
N VAL B 214 21.90 22.50 -33.17
CA VAL B 214 22.88 22.31 -32.11
C VAL B 214 24.07 21.53 -32.65
N GLY B 215 25.27 21.93 -32.21
CA GLY B 215 26.49 21.29 -32.63
C GLY B 215 27.52 21.37 -31.53
N TYR B 216 28.71 20.86 -31.83
CA TYR B 216 29.77 20.82 -30.81
C TYR B 216 30.13 22.23 -30.35
N ASP B 217 29.91 23.25 -31.18
CA ASP B 217 30.23 24.62 -30.81
C ASP B 217 29.21 25.21 -29.85
N ASP B 218 28.09 24.54 -29.60
CA ASP B 218 27.08 24.99 -28.66
C ASP B 218 27.22 24.31 -27.30
N ILE B 219 28.37 23.70 -27.04
CA ILE B 219 28.63 23.03 -25.77
C ILE B 219 29.96 23.55 -25.22
N GLY B 220 30.10 23.52 -23.90
CA GLY B 220 31.33 23.98 -23.28
C GLY B 220 31.54 23.42 -21.89
N GLY B 221 32.80 23.10 -21.58
CA GLY B 221 33.15 22.68 -20.25
C GLY B 221 32.96 21.21 -19.94
N CYS B 222 32.79 20.36 -20.95
CA CYS B 222 32.61 18.92 -20.77
C CYS B 222 33.46 18.16 -21.78
N ARG B 223 34.74 18.52 -21.85
CA ARG B 223 35.62 17.96 -22.86
C ARG B 223 35.74 16.45 -22.73
N LYS B 224 35.94 15.95 -21.50
CA LYS B 224 36.19 14.53 -21.31
C LYS B 224 34.92 13.71 -21.61
N GLN B 225 33.78 14.12 -21.07
CA GLN B 225 32.55 13.39 -21.32
C GLN B 225 32.19 13.45 -22.80
N MET B 226 32.39 14.59 -23.44
CA MET B 226 32.12 14.70 -24.86
C MET B 226 33.02 13.77 -25.66
N ALA B 227 34.29 13.68 -25.28
CA ALA B 227 35.20 12.76 -25.95
C ALA B 227 34.72 11.32 -25.81
N GLN B 228 34.30 10.93 -24.60
CA GLN B 228 33.82 9.56 -24.40
C GLN B 228 32.58 9.28 -25.25
N ILE B 229 31.61 10.20 -25.23
CA ILE B 229 30.39 9.97 -25.99
C ILE B 229 30.67 9.87 -27.47
N ARG B 230 31.52 10.77 -27.99
CA ARG B 230 31.85 10.71 -29.41
C ARG B 230 32.59 9.42 -29.75
N GLU B 231 33.54 9.01 -28.91
CA GLU B 231 34.27 7.79 -29.17
C GLU B 231 33.35 6.58 -29.16
N MET B 232 32.27 6.62 -28.39
CA MET B 232 31.35 5.50 -28.34
C MET B 232 30.29 5.54 -29.44
N VAL B 233 29.99 6.71 -29.99
CA VAL B 233 28.92 6.85 -30.98
C VAL B 233 29.47 6.92 -32.40
N GLU B 234 30.38 7.85 -32.67
CA GLU B 234 30.83 8.08 -34.04
C GLU B 234 31.55 6.87 -34.61
N LEU B 235 32.52 6.33 -33.88
CA LEU B 235 33.35 5.27 -34.43
C LEU B 235 32.54 4.06 -34.87
N PRO B 236 31.63 3.51 -34.06
CA PRO B 236 30.85 2.35 -34.54
C PRO B 236 30.05 2.64 -35.79
N LEU B 237 29.65 3.88 -36.02
CA LEU B 237 28.79 4.23 -37.15
C LEU B 237 29.57 4.84 -38.30
N ARG B 238 30.39 5.85 -38.04
CA ARG B 238 31.06 6.57 -39.11
C ARG B 238 32.18 5.73 -39.72
N HIS B 239 32.92 5.00 -38.90
CA HIS B 239 34.05 4.18 -39.35
C HIS B 239 33.90 2.77 -38.79
N PRO B 240 32.95 2.00 -39.32
CA PRO B 240 32.71 0.65 -38.75
C PRO B 240 33.76 -0.38 -39.14
N GLN B 241 34.68 -0.06 -40.04
CA GLN B 241 35.64 -1.06 -40.50
C GLN B 241 36.81 -1.25 -39.53
N LEU B 242 37.03 -0.32 -38.61
CA LEU B 242 38.11 -0.49 -37.64
C LEU B 242 37.90 -1.71 -36.76
N PHE B 243 36.67 -1.87 -36.26
CA PHE B 243 36.38 -2.97 -35.36
C PHE B 243 36.34 -4.30 -36.09
N LYS B 244 35.92 -4.30 -37.36
CA LYS B 244 36.05 -5.51 -38.17
C LYS B 244 37.50 -5.86 -38.40
N ALA B 245 38.35 -4.85 -38.63
CA ALA B 245 39.76 -5.11 -38.84
C ALA B 245 40.41 -5.69 -37.61
N ILE B 246 40.10 -5.13 -36.43
CA ILE B 246 40.69 -5.63 -35.19
C ILE B 246 39.92 -6.79 -34.59
N GLY B 247 38.71 -7.06 -35.07
CA GLY B 247 37.97 -8.24 -34.68
C GLY B 247 37.28 -8.16 -33.33
N ILE B 248 36.45 -7.14 -33.13
CA ILE B 248 35.65 -7.01 -31.92
C ILE B 248 34.29 -6.44 -32.28
N LYS B 249 33.34 -6.60 -31.36
CA LYS B 249 32.03 -6.00 -31.48
C LYS B 249 31.98 -4.80 -30.54
N PRO B 250 31.94 -3.57 -31.04
CA PRO B 250 31.97 -2.41 -30.14
C PRO B 250 30.72 -2.37 -29.27
N PRO B 251 30.84 -1.95 -28.01
CA PRO B 251 29.65 -1.78 -27.18
C PRO B 251 28.77 -0.67 -27.72
N ARG B 252 27.46 -0.79 -27.48
CA ARG B 252 26.47 0.13 -28.00
C ARG B 252 25.80 0.96 -26.90
N GLY B 253 25.20 0.30 -25.92
CA GLY B 253 24.50 1.03 -24.88
C GLY B 253 25.38 2.03 -24.17
N VAL B 254 24.92 3.28 -24.11
CA VAL B 254 25.60 4.34 -23.38
C VAL B 254 24.58 4.95 -22.43
N LEU B 255 24.96 5.11 -21.16
CA LEU B 255 24.06 5.63 -20.14
C LEU B 255 24.70 6.88 -19.54
N MET B 256 24.19 8.04 -19.91
CA MET B 256 24.64 9.30 -19.34
C MET B 256 23.81 9.63 -18.12
N TYR B 257 24.46 10.15 -17.07
CA TYR B 257 23.69 10.63 -15.94
C TYR B 257 24.43 11.75 -15.23
N GLY B 258 23.65 12.65 -14.65
CA GLY B 258 24.16 13.78 -13.91
C GLY B 258 23.03 14.64 -13.40
N PRO B 259 23.34 15.70 -12.68
CA PRO B 259 22.29 16.59 -12.20
C PRO B 259 21.51 17.17 -13.37
N PRO B 260 20.20 17.41 -13.19
CA PRO B 260 19.43 18.02 -14.27
C PRO B 260 19.96 19.40 -14.62
N GLY B 261 19.89 19.73 -15.91
CA GLY B 261 20.42 20.97 -16.41
C GLY B 261 21.85 20.92 -16.87
N THR B 262 22.53 19.77 -16.73
CA THR B 262 23.94 19.65 -17.07
C THR B 262 24.18 19.49 -18.56
N GLY B 263 23.14 19.37 -19.37
CA GLY B 263 23.29 19.31 -20.81
C GLY B 263 23.30 17.92 -21.40
N LYS B 264 22.59 16.97 -20.79
CA LYS B 264 22.55 15.62 -21.34
C LYS B 264 21.82 15.59 -22.68
N THR B 265 20.63 16.19 -22.72
CA THR B 265 19.89 16.26 -23.97
C THR B 265 20.66 17.06 -25.02
N LEU B 266 21.29 18.15 -24.60
CA LEU B 266 22.09 18.94 -25.53
C LEU B 266 23.21 18.11 -26.13
N MET B 267 23.93 17.35 -25.29
CA MET B 267 25.03 16.54 -25.80
C MET B 267 24.52 15.47 -26.75
N ALA B 268 23.43 14.78 -26.38
CA ALA B 268 22.91 13.73 -27.24
C ALA B 268 22.50 14.30 -28.60
N ARG B 269 21.77 15.41 -28.60
CA ARG B 269 21.32 15.99 -29.86
C ARG B 269 22.49 16.51 -30.69
N ALA B 270 23.48 17.12 -30.04
CA ALA B 270 24.64 17.61 -30.77
C ALA B 270 25.39 16.45 -31.43
N VAL B 271 25.59 15.36 -30.70
CA VAL B 271 26.28 14.22 -31.28
C VAL B 271 25.47 13.64 -32.44
N ALA B 272 24.15 13.53 -32.28
CA ALA B 272 23.32 12.99 -33.34
C ALA B 272 23.37 13.86 -34.58
N ASN B 273 23.32 15.18 -34.41
CA ASN B 273 23.32 16.07 -35.58
C ASN B 273 24.70 16.14 -36.23
N GLU B 274 25.76 15.96 -35.46
CA GLU B 274 27.10 15.97 -36.05
C GLU B 274 27.41 14.66 -36.76
N THR B 275 26.91 13.53 -36.26
CA THR B 275 27.13 12.26 -36.94
C THR B 275 26.36 12.20 -38.26
N GLY B 276 25.20 12.82 -38.32
CA GLY B 276 24.37 12.72 -39.51
C GLY B 276 23.83 11.33 -39.76
N ALA B 277 23.34 10.68 -38.72
CA ALA B 277 22.77 9.34 -38.82
C ALA B 277 21.31 9.37 -38.41
N PHE B 278 20.52 8.44 -38.96
CA PHE B 278 19.11 8.34 -38.63
C PHE B 278 18.92 8.43 -37.13
N PHE B 279 18.27 9.49 -36.66
CA PHE B 279 18.17 9.80 -35.24
C PHE B 279 16.73 9.66 -34.81
N PHE B 280 16.46 8.69 -33.93
CA PHE B 280 15.13 8.46 -33.39
C PHE B 280 15.13 8.88 -31.93
N LEU B 281 14.27 9.83 -31.59
CA LEU B 281 14.19 10.40 -30.26
C LEU B 281 12.97 9.86 -29.55
N ILE B 282 13.18 9.23 -28.39
CA ILE B 282 12.10 8.72 -27.56
C ILE B 282 12.14 9.47 -26.24
N ASN B 283 11.00 10.05 -25.86
CA ASN B 283 10.87 10.76 -24.59
C ASN B 283 10.15 9.88 -23.58
N GLY B 284 10.67 9.85 -22.36
CA GLY B 284 10.07 9.07 -21.31
C GLY B 284 8.61 9.41 -21.09
N PRO B 285 8.35 10.65 -20.65
CA PRO B 285 6.94 11.04 -20.42
C PRO B 285 6.07 10.94 -21.65
N GLU B 286 6.62 11.23 -22.83
CA GLU B 286 5.80 11.18 -24.04
C GLU B 286 5.31 9.76 -24.31
N VAL B 287 6.17 8.77 -24.10
CA VAL B 287 5.75 7.38 -24.24
C VAL B 287 4.81 6.99 -23.11
N MET B 288 5.09 7.45 -21.89
CA MET B 288 4.28 7.07 -20.74
C MET B 288 2.92 7.75 -20.70
N SER B 289 2.71 8.78 -21.51
CA SER B 289 1.39 9.44 -21.55
C SER B 289 0.42 8.72 -22.46
N LYS B 290 0.86 7.71 -23.20
CA LYS B 290 -0.01 7.01 -24.12
C LYS B 290 -0.93 6.06 -23.35
N MET B 291 -2.00 5.64 -24.02
CA MET B 291 -3.01 4.78 -23.40
C MET B 291 -2.38 3.43 -23.07
N ALA B 292 -3.14 2.54 -22.43
CA ALA B 292 -2.64 1.22 -22.09
C ALA B 292 -2.52 0.38 -23.35
N GLY B 293 -1.33 -0.17 -23.59
CA GLY B 293 -1.08 -0.99 -24.75
C GLY B 293 -0.45 -0.26 -25.91
N GLU B 294 -0.46 1.07 -25.91
CA GLU B 294 0.18 1.83 -26.97
C GLU B 294 1.60 2.23 -26.64
N SER B 295 1.92 2.39 -25.35
CA SER B 295 3.27 2.75 -24.97
C SER B 295 4.27 1.62 -25.21
N GLU B 296 3.81 0.40 -25.47
CA GLU B 296 4.69 -0.68 -25.86
C GLU B 296 4.81 -0.78 -27.37
N SER B 297 3.70 -0.61 -28.08
CA SER B 297 3.74 -0.62 -29.53
C SER B 297 4.60 0.51 -30.06
N ASN B 298 4.57 1.66 -29.40
CA ASN B 298 5.42 2.76 -29.81
C ASN B 298 6.89 2.37 -29.73
N LEU B 299 7.30 1.74 -28.63
CA LEU B 299 8.68 1.31 -28.50
C LEU B 299 9.03 0.27 -29.57
N ARG B 300 8.14 -0.69 -29.78
CA ARG B 300 8.41 -1.72 -30.79
C ARG B 300 8.65 -1.09 -32.15
N LYS B 301 7.73 -0.22 -32.58
CA LYS B 301 7.88 0.40 -33.89
C LYS B 301 9.10 1.31 -33.93
N ALA B 302 9.43 1.97 -32.84
CA ALA B 302 10.62 2.82 -32.82
C ALA B 302 11.86 1.98 -33.10
N PHE B 303 12.05 0.90 -32.36
CA PHE B 303 13.22 0.08 -32.58
C PHE B 303 13.21 -0.55 -33.97
N GLU B 304 12.04 -0.99 -34.44
CA GLU B 304 11.96 -1.60 -35.76
C GLU B 304 12.39 -0.60 -36.84
N GLU B 305 11.90 0.64 -36.76
CA GLU B 305 12.30 1.65 -37.73
C GLU B 305 13.78 1.95 -37.64
N ALA B 306 14.29 2.11 -36.41
CA ALA B 306 15.72 2.39 -36.28
C ALA B 306 16.56 1.27 -36.88
N GLU B 307 16.08 0.03 -36.81
CA GLU B 307 16.81 -1.08 -37.41
C GLU B 307 16.68 -1.08 -38.93
N LYS B 308 15.51 -0.69 -39.45
CA LYS B 308 15.29 -0.73 -40.89
C LYS B 308 16.23 0.21 -41.62
N ASN B 309 16.40 1.43 -41.11
CA ASN B 309 17.14 2.45 -41.84
C ASN B 309 18.64 2.29 -41.62
N ALA B 310 19.40 3.20 -42.23
CA ALA B 310 20.85 3.19 -42.26
C ALA B 310 21.38 3.33 -40.84
N PRO B 311 22.71 3.36 -40.63
CA PRO B 311 23.24 3.56 -39.27
C PRO B 311 22.43 4.58 -38.49
N ALA B 312 22.00 4.21 -37.29
CA ALA B 312 20.99 4.98 -36.57
C ALA B 312 21.44 5.19 -35.12
N ILE B 313 20.85 6.21 -34.51
CA ILE B 313 21.05 6.52 -33.11
C ILE B 313 19.68 6.66 -32.47
N ILE B 314 19.46 5.95 -31.37
CA ILE B 314 18.22 6.02 -30.62
C ILE B 314 18.52 6.65 -29.28
N PHE B 315 17.93 7.81 -29.02
CA PHE B 315 18.12 8.53 -27.76
C PHE B 315 16.85 8.40 -26.94
N ILE B 316 16.93 7.64 -25.85
CA ILE B 316 15.80 7.45 -24.95
C ILE B 316 15.97 8.45 -23.82
N ASP B 317 15.42 9.64 -24.01
CA ASP B 317 15.57 10.70 -23.02
C ASP B 317 14.69 10.41 -21.81
N GLU B 318 15.27 10.54 -20.62
CA GLU B 318 14.56 10.28 -19.37
C GLU B 318 14.06 8.83 -19.32
N ILE B 319 15.01 7.90 -19.39
CA ILE B 319 14.66 6.49 -19.36
C ILE B 319 14.15 6.07 -18.00
N ASP B 320 14.41 6.84 -16.95
CA ASP B 320 13.88 6.53 -15.63
C ASP B 320 12.36 6.61 -15.58
N SER B 321 11.75 7.27 -16.56
CA SER B 321 10.29 7.35 -16.59
C SER B 321 9.67 6.05 -17.07
N ILE B 322 10.30 5.38 -18.03
CA ILE B 322 9.75 4.17 -18.64
C ILE B 322 10.38 2.91 -18.07
N ALA B 323 11.32 3.02 -17.14
CA ALA B 323 11.93 1.85 -16.55
C ALA B 323 12.49 2.18 -15.17
N PRO B 324 11.67 2.60 -14.22
CA PRO B 324 12.17 2.90 -12.88
C PRO B 324 12.50 1.63 -12.12
N LYS B 325 13.09 1.81 -10.94
CA LYS B 325 13.50 0.67 -10.14
C LYS B 325 12.27 -0.16 -9.79
N ARG B 326 12.47 -1.48 -9.69
CA ARG B 326 11.35 -2.40 -9.57
C ARG B 326 10.40 -1.98 -8.46
N ASP B 327 10.94 -1.57 -7.30
CA ASP B 327 10.08 -1.18 -6.20
C ASP B 327 9.15 -0.04 -6.60
N LYS B 328 9.52 0.76 -7.59
CA LYS B 328 8.70 1.86 -8.07
C LYS B 328 7.82 1.49 -9.25
N THR B 329 8.00 0.31 -9.84
CA THR B 329 7.20 -0.09 -10.99
C THR B 329 5.85 -0.64 -10.54
N ASN B 330 5.00 0.24 -10.00
CA ASN B 330 3.67 -0.16 -9.57
C ASN B 330 2.78 -0.39 -10.78
N GLY B 331 1.98 -1.44 -10.73
CA GLY B 331 1.08 -1.77 -11.82
C GLY B 331 1.69 -2.78 -12.77
N GLU B 332 0.83 -3.35 -13.62
CA GLU B 332 1.27 -4.33 -14.60
C GLU B 332 1.74 -3.70 -15.91
N VAL B 333 1.19 -2.55 -16.29
CA VAL B 333 1.66 -1.87 -17.49
C VAL B 333 3.08 -1.37 -17.29
N GLU B 334 3.41 -0.89 -16.09
CA GLU B 334 4.77 -0.50 -15.79
C GLU B 334 5.75 -1.66 -15.90
N ARG B 335 5.27 -2.89 -15.80
CA ARG B 335 6.13 -4.05 -16.02
C ARG B 335 6.14 -4.50 -17.47
N ARG B 336 5.01 -4.38 -18.18
CA ARG B 336 5.01 -4.68 -19.60
C ARG B 336 5.99 -3.78 -20.34
N VAL B 337 6.00 -2.49 -20.01
CA VAL B 337 6.89 -1.57 -20.71
C VAL B 337 8.34 -1.90 -20.44
N VAL B 338 8.68 -2.21 -19.19
CA VAL B 338 10.05 -2.56 -18.85
C VAL B 338 10.47 -3.82 -19.57
N SER B 339 9.60 -4.84 -19.59
CA SER B 339 9.93 -6.08 -20.27
C SER B 339 10.12 -5.86 -21.77
N GLN B 340 9.26 -5.04 -22.36
CA GLN B 340 9.41 -4.73 -23.78
C GLN B 340 10.73 -4.03 -24.06
N LEU B 341 11.10 -3.08 -23.20
CA LEU B 341 12.39 -2.40 -23.37
C LEU B 341 13.54 -3.39 -23.28
N LEU B 342 13.48 -4.30 -22.30
CA LEU B 342 14.55 -5.28 -22.15
C LEU B 342 14.64 -6.19 -23.38
N THR B 343 13.49 -6.65 -23.88
CA THR B 343 13.51 -7.53 -25.05
C THR B 343 14.06 -6.82 -26.28
N LEU B 344 13.64 -5.57 -26.50
CA LEU B 344 14.15 -4.84 -27.64
C LEU B 344 15.64 -4.59 -27.51
N MET B 345 16.11 -4.30 -26.30
CA MET B 345 17.54 -4.10 -26.09
C MET B 345 18.32 -5.38 -26.36
N ASP B 346 17.81 -6.53 -25.89
CA ASP B 346 18.52 -7.78 -26.08
C ASP B 346 18.55 -8.19 -27.55
N GLY B 347 17.43 -8.04 -28.25
CA GLY B 347 17.37 -8.46 -29.64
C GLY B 347 18.11 -7.57 -30.61
N MET B 348 18.71 -6.49 -30.13
CA MET B 348 19.40 -5.55 -30.99
C MET B 348 20.89 -5.85 -31.13
N LYS B 349 21.48 -6.59 -30.20
CA LYS B 349 22.93 -6.75 -30.17
C LYS B 349 23.47 -7.34 -31.47
N ALA B 350 22.65 -8.13 -32.17
CA ALA B 350 23.12 -8.73 -33.41
C ALA B 350 23.12 -7.73 -34.57
N ARG B 351 22.20 -6.76 -34.56
CA ARG B 351 21.99 -5.92 -35.72
C ARG B 351 23.21 -5.07 -36.05
N SER B 352 23.74 -4.37 -35.04
CA SER B 352 24.91 -3.51 -35.23
C SER B 352 24.56 -2.32 -36.09
N ASN B 353 25.44 -1.32 -36.14
CA ASN B 353 25.16 -0.06 -36.84
C ASN B 353 23.92 0.62 -36.28
N VAL B 354 23.65 0.40 -34.99
CA VAL B 354 22.58 1.09 -34.29
C VAL B 354 22.98 1.24 -32.84
N VAL B 355 23.10 2.48 -32.38
CA VAL B 355 23.58 2.79 -31.03
C VAL B 355 22.43 3.38 -30.24
N VAL B 356 22.30 2.93 -28.99
CA VAL B 356 21.26 3.40 -28.08
C VAL B 356 21.91 4.26 -27.01
N ILE B 357 21.38 5.46 -26.81
CA ILE B 357 21.84 6.38 -25.78
C ILE B 357 20.68 6.67 -24.85
N ALA B 358 20.92 6.63 -23.56
CA ALA B 358 19.91 6.90 -22.56
C ALA B 358 20.44 7.91 -21.56
N ALA B 359 19.54 8.72 -21.00
CA ALA B 359 19.90 9.74 -20.04
C ALA B 359 18.99 9.63 -18.83
N THR B 360 19.56 9.83 -17.64
CA THR B 360 18.81 9.77 -16.40
C THR B 360 19.56 10.58 -15.36
N ASN B 361 18.83 10.94 -14.29
CA ASN B 361 19.42 11.81 -13.27
C ASN B 361 20.38 11.06 -12.36
N ARG B 362 20.06 9.82 -12.00
CA ARG B 362 20.81 9.07 -11.01
C ARG B 362 21.03 7.65 -11.50
N PRO B 363 22.19 7.06 -11.21
CA PRO B 363 22.41 5.67 -11.64
C PRO B 363 21.42 4.69 -11.04
N ASN B 364 20.97 4.92 -9.81
CA ASN B 364 20.08 3.98 -9.14
C ASN B 364 18.63 4.14 -9.57
N SER B 365 18.27 5.25 -10.24
CA SER B 365 16.89 5.47 -10.63
C SER B 365 16.42 4.51 -11.72
N ILE B 366 17.33 3.76 -12.34
CA ILE B 366 17.00 2.88 -13.44
C ILE B 366 16.87 1.46 -12.91
N ASP B 367 16.11 0.64 -13.62
CA ASP B 367 15.96 -0.75 -13.26
C ASP B 367 17.32 -1.44 -13.35
N PRO B 368 17.74 -2.19 -12.32
CA PRO B 368 19.08 -2.79 -12.37
C PRO B 368 19.30 -3.71 -13.56
N ALA B 369 18.24 -4.36 -14.07
CA ALA B 369 18.40 -5.30 -15.17
C ALA B 369 18.85 -4.64 -16.46
N LEU B 370 18.78 -3.31 -16.55
CA LEU B 370 19.17 -2.59 -17.76
C LEU B 370 20.65 -2.27 -17.80
N ARG B 371 21.42 -2.66 -16.79
CA ARG B 371 22.83 -2.29 -16.71
C ARG B 371 23.72 -3.52 -16.73
N ARG B 372 23.47 -4.44 -17.66
CA ARG B 372 24.21 -5.68 -17.78
C ARG B 372 24.85 -5.79 -19.15
N PHE B 373 25.58 -6.87 -19.36
CA PHE B 373 26.24 -7.10 -20.64
C PHE B 373 25.20 -7.15 -21.76
N GLY B 374 25.53 -6.51 -22.88
CA GLY B 374 24.58 -6.40 -23.98
C GLY B 374 23.51 -5.36 -23.77
N ARG B 375 23.66 -4.49 -22.78
CA ARG B 375 22.69 -3.46 -22.43
C ARG B 375 23.49 -2.23 -22.06
N PHE B 376 22.87 -1.29 -21.34
CA PHE B 376 23.53 -0.01 -21.06
C PHE B 376 24.71 -0.28 -20.13
N ASP B 377 25.80 -0.76 -20.74
CA ASP B 377 26.99 -1.17 -19.99
C ASP B 377 27.97 -0.03 -19.79
N ARG B 378 28.22 0.78 -20.81
CA ARG B 378 29.09 1.93 -20.68
C ARG B 378 28.33 3.09 -20.04
N GLU B 379 28.92 3.70 -19.02
CA GLU B 379 28.27 4.74 -18.25
C GLU B 379 29.13 5.99 -18.22
N VAL B 380 28.48 7.14 -18.39
CA VAL B 380 29.14 8.44 -18.40
C VAL B 380 28.48 9.31 -17.34
N ASP B 381 29.31 10.04 -16.59
CA ASP B 381 28.86 10.88 -15.50
C ASP B 381 29.18 12.33 -15.83
N ILE B 382 28.17 13.19 -15.81
CA ILE B 382 28.33 14.62 -16.05
C ILE B 382 28.33 15.32 -14.71
N GLY B 383 29.38 16.10 -14.44
CA GLY B 383 29.49 16.84 -13.21
C GLY B 383 29.38 18.35 -13.44
N ILE B 384 29.28 19.07 -12.34
CA ILE B 384 29.17 20.53 -12.44
C ILE B 384 30.47 21.09 -13.02
N PRO B 385 30.41 22.06 -13.93
CA PRO B 385 31.64 22.53 -14.57
C PRO B 385 32.51 23.33 -13.62
N ASP B 386 33.78 23.48 -14.01
CA ASP B 386 34.74 24.26 -13.26
C ASP B 386 34.71 25.70 -13.78
N ALA B 387 35.67 26.51 -13.34
CA ALA B 387 35.66 27.92 -13.71
C ALA B 387 35.77 28.09 -15.22
N THR B 388 36.68 27.35 -15.86
CA THR B 388 36.82 27.45 -17.30
C THR B 388 35.55 27.00 -18.01
N GLY B 389 34.94 25.91 -17.55
CA GLY B 389 33.70 25.47 -18.14
C GLY B 389 32.59 26.50 -18.02
N ARG B 390 32.47 27.12 -16.84
CA ARG B 390 31.45 28.14 -16.66
C ARG B 390 31.72 29.34 -17.55
N LEU B 391 32.98 29.72 -17.70
CA LEU B 391 33.30 30.82 -18.62
C LEU B 391 32.91 30.46 -20.05
N GLU B 392 33.19 29.24 -20.48
CA GLU B 392 32.82 28.83 -21.83
C GLU B 392 31.31 28.86 -22.01
N VAL B 393 30.56 28.36 -21.03
CA VAL B 393 29.10 28.39 -21.13
C VAL B 393 28.61 29.83 -21.20
N LEU B 394 29.18 30.71 -20.37
CA LEU B 394 28.76 32.10 -20.37
C LEU B 394 29.02 32.76 -21.72
N ARG B 395 30.18 32.47 -22.32
CA ARG B 395 30.47 33.00 -23.65
C ARG B 395 29.50 32.44 -24.69
N ILE B 396 29.14 31.16 -24.56
CA ILE B 396 28.22 30.55 -25.52
C ILE B 396 26.86 31.25 -25.45
N HIS B 397 26.36 31.50 -24.24
CA HIS B 397 25.03 32.05 -24.10
C HIS B 397 24.98 33.54 -24.41
N THR B 398 25.98 34.30 -24.00
CA THR B 398 26.00 35.74 -24.20
C THR B 398 26.72 36.13 -25.49
N LYS B 399 26.31 35.51 -26.61
CA LYS B 399 26.86 35.85 -27.91
C LYS B 399 25.88 36.60 -28.79
N ASN B 400 24.61 36.68 -28.40
CA ASN B 400 23.62 37.47 -29.11
C ASN B 400 23.08 38.63 -28.30
N MET B 401 23.45 38.75 -27.03
CA MET B 401 22.99 39.86 -26.21
C MET B 401 23.71 41.14 -26.57
N LYS B 402 23.07 42.26 -26.24
CA LYS B 402 23.69 43.58 -26.40
C LYS B 402 24.44 43.94 -25.11
N LEU B 403 25.50 43.18 -24.86
CA LEU B 403 26.29 43.40 -23.65
C LEU B 403 26.91 44.78 -23.65
N ALA B 404 26.91 45.42 -22.50
CA ALA B 404 27.65 46.66 -22.33
C ALA B 404 29.15 46.36 -22.31
N ASP B 405 29.95 47.39 -22.60
CA ASP B 405 31.39 47.22 -22.63
C ASP B 405 31.97 46.91 -21.26
N ASP B 406 31.25 47.23 -20.18
CA ASP B 406 31.74 46.99 -18.83
C ASP B 406 31.21 45.66 -18.28
N VAL B 407 31.53 44.59 -19.00
CA VAL B 407 31.16 43.24 -18.59
C VAL B 407 32.43 42.43 -18.39
N ASP B 408 32.44 41.62 -17.34
CA ASP B 408 33.64 40.96 -16.82
C ASP B 408 33.41 39.46 -16.71
N LEU B 409 32.96 38.84 -17.81
CA LEU B 409 32.54 37.44 -17.82
C LEU B 409 33.46 36.55 -17.00
N GLU B 410 34.75 36.90 -16.92
CA GLU B 410 35.64 36.15 -16.04
C GLU B 410 35.22 36.30 -14.58
N ALA B 411 34.82 37.51 -14.19
CA ALA B 411 34.35 37.71 -12.82
C ALA B 411 33.11 36.90 -12.54
N LEU B 412 32.16 36.86 -13.48
CA LEU B 412 30.97 36.06 -13.29
C LEU B 412 31.31 34.57 -13.20
N ALA B 413 32.25 34.12 -14.03
CA ALA B 413 32.67 32.73 -13.96
C ALA B 413 33.25 32.40 -12.59
N ALA B 414 34.07 33.31 -12.05
CA ALA B 414 34.64 33.09 -10.73
C ALA B 414 33.56 33.07 -9.65
N GLU B 415 32.59 33.99 -9.74
CA GLU B 415 31.57 34.08 -8.69
C GLU B 415 30.64 32.88 -8.72
N THR B 416 30.22 32.46 -9.91
CA THR B 416 29.26 31.36 -10.05
C THR B 416 29.97 30.04 -9.74
N HIS B 417 29.71 29.50 -8.56
CA HIS B 417 30.21 28.19 -8.17
C HIS B 417 29.01 27.28 -7.90
N GLY B 418 29.04 26.07 -8.45
CA GLY B 418 27.91 25.18 -8.34
C GLY B 418 26.82 25.45 -9.34
N TYR B 419 27.04 26.35 -10.30
CA TYR B 419 26.05 26.68 -11.32
C TYR B 419 26.18 25.72 -12.49
N VAL B 420 25.07 25.11 -12.87
CA VAL B 420 25.00 24.23 -14.03
C VAL B 420 24.68 25.09 -15.25
N GLY B 421 24.85 24.53 -16.45
CA GLY B 421 24.59 25.31 -17.65
C GLY B 421 23.22 25.94 -17.68
N ALA B 422 22.20 25.21 -17.23
CA ALA B 422 20.86 25.77 -17.16
C ALA B 422 20.81 26.95 -16.20
N ASP B 423 21.54 26.86 -15.08
CA ASP B 423 21.59 27.98 -14.16
C ASP B 423 22.21 29.21 -14.81
N ILE B 424 23.24 29.02 -15.63
CA ILE B 424 23.87 30.15 -16.30
C ILE B 424 22.94 30.75 -17.34
N ALA B 425 22.21 29.91 -18.07
CA ALA B 425 21.21 30.43 -19.01
C ALA B 425 20.15 31.25 -18.29
N SER B 426 19.67 30.75 -17.15
CA SER B 426 18.69 31.50 -16.38
C SER B 426 19.28 32.80 -15.86
N LEU B 427 20.55 32.77 -15.45
CA LEU B 427 21.21 33.98 -15.01
C LEU B 427 21.21 35.03 -16.10
N CYS B 428 21.59 34.65 -17.31
CA CYS B 428 21.62 35.60 -18.41
C CYS B 428 20.23 36.13 -18.72
N SER B 429 19.23 35.25 -18.75
CA SER B 429 17.87 35.70 -19.02
C SER B 429 17.38 36.68 -17.98
N GLU B 430 17.64 36.40 -16.70
CA GLU B 430 17.20 37.28 -15.63
C GLU B 430 17.93 38.62 -15.69
N ALA B 431 19.22 38.61 -16.05
CA ALA B 431 19.95 39.87 -16.20
C ALA B 431 19.34 40.72 -17.30
N ALA B 432 19.00 40.11 -18.44
CA ALA B 432 18.36 40.87 -19.50
C ALA B 432 17.00 41.40 -19.07
N MET B 433 16.24 40.59 -18.35
CA MET B 433 14.95 41.05 -17.83
C MET B 433 15.14 42.25 -16.90
N GLN B 434 16.16 42.20 -16.04
CA GLN B 434 16.44 43.32 -15.16
C GLN B 434 16.80 44.57 -15.96
N GLN B 435 17.57 44.41 -17.02
CA GLN B 435 17.92 45.56 -17.85
C GLN B 435 16.68 46.20 -18.44
N ILE B 436 15.78 45.39 -19.01
CA ILE B 436 14.58 45.97 -19.60
C ILE B 436 13.69 46.59 -18.54
N ARG B 437 13.65 45.98 -17.35
CA ARG B 437 12.88 46.57 -16.26
C ARG B 437 13.43 47.93 -15.87
N GLU B 438 14.76 48.07 -15.83
CA GLU B 438 15.36 49.37 -15.56
C GLU B 438 15.01 50.37 -16.65
N LYS B 439 15.01 49.93 -17.90
CA LYS B 439 14.71 50.84 -19.02
C LYS B 439 13.22 51.09 -19.20
N MET B 440 12.35 50.42 -18.44
CA MET B 440 10.92 50.58 -18.64
C MET B 440 10.44 52.01 -18.42
N ASP B 441 11.21 52.82 -17.69
CA ASP B 441 10.77 54.20 -17.43
C ASP B 441 10.66 54.98 -18.73
N LEU B 442 11.59 54.77 -19.66
CA LEU B 442 11.58 55.48 -20.94
C LEU B 442 10.68 54.82 -21.97
N ILE B 443 10.00 53.73 -21.62
CA ILE B 443 9.14 52.99 -22.54
C ILE B 443 7.69 53.25 -22.16
N ASP B 444 6.86 53.47 -23.17
CA ASP B 444 5.42 53.67 -22.98
C ASP B 444 4.72 52.33 -23.19
N LEU B 445 4.23 51.74 -22.09
CA LEU B 445 3.62 50.43 -22.19
C LEU B 445 2.29 50.47 -22.93
N ASP B 446 1.53 51.55 -22.76
CA ASP B 446 0.21 51.63 -23.38
C ASP B 446 0.31 51.61 -24.91
N GLU B 447 1.26 52.35 -25.47
CA GLU B 447 1.40 52.42 -26.91
C GLU B 447 1.78 51.07 -27.48
N ASP B 448 1.24 50.75 -28.67
CA ASP B 448 1.50 49.47 -29.29
C ASP B 448 2.98 49.31 -29.65
N GLU B 449 3.59 50.36 -30.18
CA GLU B 449 4.97 50.31 -30.63
C GLU B 449 5.88 51.12 -29.69
N ILE B 450 7.11 50.64 -29.54
CA ILE B 450 8.12 51.29 -28.71
C ILE B 450 9.08 52.03 -29.63
N ASP B 451 9.58 53.16 -29.16
CA ASP B 451 10.47 53.98 -29.97
C ASP B 451 11.74 53.19 -30.32
N ALA B 452 12.11 53.24 -31.60
CA ALA B 452 13.26 52.47 -32.06
C ALA B 452 14.55 52.93 -31.38
N GLU B 453 14.68 54.22 -31.13
CA GLU B 453 15.90 54.73 -30.51
C GLU B 453 16.11 54.12 -29.12
N VAL B 454 15.02 54.00 -28.35
CA VAL B 454 15.13 53.38 -27.03
C VAL B 454 15.57 51.93 -27.17
N LEU B 455 14.95 51.20 -28.10
CA LEU B 455 15.34 49.80 -28.30
C LEU B 455 16.80 49.69 -28.73
N ASP B 456 17.33 50.73 -29.36
CA ASP B 456 18.73 50.73 -29.79
C ASP B 456 19.69 51.02 -28.65
N SER B 457 19.20 51.53 -27.52
CA SER B 457 20.06 51.88 -26.39
C SER B 457 20.06 50.81 -25.30
N LEU B 458 19.43 49.67 -25.55
CA LEU B 458 19.45 48.58 -24.56
C LEU B 458 20.85 48.02 -24.42
N GLY B 459 21.27 47.82 -23.18
CA GLY B 459 22.58 47.26 -22.91
C GLY B 459 22.66 46.64 -21.53
N VAL B 460 23.12 45.40 -21.44
CA VAL B 460 23.22 44.72 -20.16
C VAL B 460 24.52 45.12 -19.48
N THR B 461 24.41 45.59 -18.24
CA THR B 461 25.55 46.06 -17.47
C THR B 461 25.89 45.04 -16.39
N MET B 462 27.12 45.13 -15.89
CA MET B 462 27.58 44.18 -14.89
C MET B 462 26.70 44.21 -13.64
N ASP B 463 26.11 45.36 -13.33
CA ASP B 463 25.23 45.44 -12.17
C ASP B 463 24.01 44.54 -12.36
N ASN B 464 23.49 44.47 -13.60
CA ASN B 464 22.38 43.56 -13.86
C ASN B 464 22.77 42.12 -13.61
N PHE B 465 23.99 41.74 -14.01
CA PHE B 465 24.46 40.38 -13.75
C PHE B 465 24.60 40.12 -12.26
N ARG B 466 25.07 41.12 -11.50
CA ARG B 466 25.15 40.95 -10.05
C ARG B 466 23.76 40.76 -9.45
N PHE B 467 22.79 41.53 -9.91
CA PHE B 467 21.42 41.37 -9.44
C PHE B 467 20.89 39.97 -9.76
N ALA B 468 21.15 39.50 -10.98
CA ALA B 468 20.69 38.17 -11.37
C ALA B 468 21.35 37.10 -10.51
N LEU B 469 22.64 37.26 -10.21
CA LEU B 469 23.29 36.34 -9.27
C LEU B 469 22.59 36.36 -7.93
N GLY B 470 22.23 37.55 -7.45
CA GLY B 470 21.49 37.63 -6.21
C GLY B 470 20.19 36.85 -6.25
N ASN B 471 19.47 36.94 -7.36
CA ASN B 471 18.17 36.26 -7.46
C ASN B 471 18.31 34.76 -7.69
N SER B 472 19.32 34.33 -8.44
CA SER B 472 19.40 32.93 -8.86
C SER B 472 19.57 32.01 -7.66
N ASN B 473 18.95 30.83 -7.73
CA ASN B 473 19.06 29.82 -6.69
C ASN B 473 19.41 28.47 -7.33
N PRO B 474 20.70 28.14 -7.43
CA PRO B 474 21.08 26.83 -7.93
C PRO B 474 20.70 25.72 -6.95
N SER B 475 20.50 24.52 -7.49
CA SER B 475 20.14 23.36 -6.69
C SER B 475 20.99 22.14 -6.98
N ALA B 476 22.06 22.28 -7.78
CA ALA B 476 22.87 21.13 -8.14
C ALA B 476 23.55 20.52 -6.92
N LEU B 477 24.04 21.36 -6.02
CA LEU B 477 24.77 20.88 -4.85
C LEU B 477 23.86 20.28 -3.78
N ARG B 478 22.54 20.39 -3.92
CA ARG B 478 21.65 19.77 -2.94
C ARG B 478 21.84 18.26 -2.91
N GLU B 479 22.30 17.67 -4.01
CA GLU B 479 22.57 16.25 -4.11
C GLU B 479 24.07 16.02 -4.31
N THR B 480 24.49 14.77 -4.16
CA THR B 480 25.88 14.44 -4.39
C THR B 480 26.21 14.55 -5.87
N VAL B 481 27.28 15.29 -6.18
CA VAL B 481 27.71 15.51 -7.55
C VAL B 481 29.22 15.39 -7.63
N VAL B 482 29.71 15.19 -8.84
CA VAL B 482 31.14 15.09 -9.12
C VAL B 482 31.63 16.47 -9.52
N GLU B 483 32.63 16.99 -8.81
CA GLU B 483 33.13 18.33 -9.04
C GLU B 483 34.65 18.29 -9.20
N SER B 484 35.17 19.30 -9.88
CA SER B 484 36.59 19.45 -10.10
C SER B 484 37.16 20.54 -9.21
N VAL B 485 38.33 20.29 -8.64
CA VAL B 485 38.95 21.19 -7.68
C VAL B 485 40.35 21.54 -8.17
N ASN B 486 40.83 22.72 -7.78
CA ASN B 486 42.11 23.23 -8.24
C ASN B 486 42.89 23.83 -7.06
N VAL B 487 42.97 23.09 -5.97
CA VAL B 487 43.76 23.50 -4.82
C VAL B 487 45.15 22.88 -4.94
N THR B 488 46.18 23.72 -4.88
CA THR B 488 47.56 23.27 -4.94
C THR B 488 48.11 23.13 -3.52
N TRP B 489 49.39 22.79 -3.41
CA TRP B 489 50.04 22.76 -2.10
C TRP B 489 50.48 24.16 -1.70
N ASP B 490 49.59 25.14 -1.83
CA ASP B 490 49.86 26.49 -1.38
C ASP B 490 48.71 27.13 -0.62
N ASP B 491 47.47 26.71 -0.85
CA ASP B 491 46.37 27.14 0.00
C ASP B 491 46.42 26.48 1.37
N VAL B 492 47.26 25.47 1.54
CA VAL B 492 47.48 24.80 2.81
C VAL B 492 48.84 25.23 3.34
N GLY B 493 48.87 25.77 4.55
CA GLY B 493 50.10 26.20 5.19
C GLY B 493 50.56 25.17 6.20
N GLY B 494 51.87 24.91 6.20
CA GLY B 494 52.40 23.93 7.11
C GLY B 494 51.99 22.52 6.71
N LEU B 495 52.09 21.60 7.67
CA LEU B 495 51.78 20.19 7.45
C LEU B 495 52.69 19.59 6.39
N ASP B 496 53.94 20.07 6.33
CA ASP B 496 54.85 19.62 5.27
C ASP B 496 55.10 18.11 5.36
N GLU B 497 55.29 17.59 6.57
CA GLU B 497 55.47 16.15 6.72
C GLU B 497 54.22 15.40 6.28
N ILE B 498 53.05 15.90 6.65
CA ILE B 498 51.81 15.26 6.23
C ILE B 498 51.63 15.38 4.71
N LYS B 499 52.05 16.51 4.14
CA LYS B 499 52.00 16.64 2.69
C LYS B 499 52.87 15.58 2.01
N GLU B 500 54.08 15.38 2.52
CA GLU B 500 54.97 14.37 1.95
C GLU B 500 54.37 12.98 2.11
N GLU B 501 53.79 12.69 3.27
CA GLU B 501 53.18 11.38 3.48
C GLU B 501 52.04 11.15 2.49
N LEU B 502 51.18 12.16 2.30
CA LEU B 502 50.09 12.03 1.36
C LEU B 502 50.60 11.84 -0.07
N LYS B 503 51.65 12.58 -0.44
CA LYS B 503 52.24 12.40 -1.76
C LYS B 503 52.68 10.96 -1.95
N GLU B 504 53.50 10.46 -1.02
CA GLU B 504 53.96 9.07 -1.13
C GLU B 504 52.79 8.10 -1.18
N THR B 505 51.69 8.41 -0.49
CA THR B 505 50.56 7.49 -0.42
C THR B 505 49.79 7.45 -1.73
N VAL B 506 49.51 8.60 -2.33
CA VAL B 506 48.55 8.70 -3.43
C VAL B 506 49.23 8.93 -4.77
N GLU B 507 50.16 9.87 -4.84
CA GLU B 507 50.71 10.27 -6.13
C GLU B 507 51.41 9.10 -6.83
N TYR B 508 52.28 8.40 -6.10
CA TYR B 508 53.05 7.33 -6.72
C TYR B 508 52.15 6.23 -7.31
N PRO B 509 51.13 5.74 -6.60
CA PRO B 509 50.24 4.76 -7.24
C PRO B 509 49.61 5.25 -8.53
N VAL B 510 49.25 6.53 -8.60
CA VAL B 510 48.56 7.04 -9.78
C VAL B 510 49.54 7.33 -10.90
N LEU B 511 50.60 8.07 -10.59
CA LEU B 511 51.52 8.50 -11.63
C LEU B 511 52.47 7.39 -12.07
N HIS B 512 52.85 6.49 -11.17
CA HIS B 512 53.85 5.46 -11.47
C HIS B 512 53.34 4.08 -11.05
N PRO B 513 52.27 3.60 -11.68
CA PRO B 513 51.80 2.24 -11.38
C PRO B 513 52.79 1.16 -11.79
N ASP B 514 53.69 1.45 -12.73
CA ASP B 514 54.62 0.44 -13.20
C ASP B 514 55.53 -0.05 -12.07
N GLN B 515 55.99 0.87 -11.22
CA GLN B 515 56.84 0.47 -10.10
C GLN B 515 56.10 -0.44 -9.14
N TYR B 516 54.84 -0.11 -8.83
CA TYR B 516 54.05 -0.95 -7.94
C TYR B 516 53.86 -2.34 -8.55
N THR B 517 53.58 -2.41 -9.85
CA THR B 517 53.47 -3.72 -10.50
C THR B 517 54.79 -4.47 -10.42
N LYS B 518 55.90 -3.77 -10.63
CA LYS B 518 57.21 -4.40 -10.57
C LYS B 518 57.46 -5.04 -9.21
N PHE B 519 57.15 -4.31 -8.13
CA PHE B 519 57.33 -4.82 -6.79
C PHE B 519 56.12 -5.62 -6.29
N GLY B 520 55.08 -5.76 -7.10
CA GLY B 520 53.95 -6.59 -6.73
C GLY B 520 53.19 -6.11 -5.52
N LEU B 521 53.31 -4.84 -5.17
CA LEU B 521 52.63 -4.27 -4.01
C LEU B 521 51.49 -3.39 -4.48
N SER B 522 50.30 -3.58 -3.91
CA SER B 522 49.15 -2.79 -4.29
C SER B 522 49.04 -1.54 -3.43
N PRO B 523 48.50 -0.45 -3.98
CA PRO B 523 48.42 0.79 -3.20
C PRO B 523 47.29 0.75 -2.17
N SER B 524 47.42 1.63 -1.17
CA SER B 524 46.41 1.74 -0.14
C SER B 524 45.13 2.33 -0.71
N LYS B 525 43.99 1.88 -0.16
CA LYS B 525 42.69 2.31 -0.66
C LYS B 525 42.24 3.63 -0.04
N GLY B 526 42.36 3.77 1.29
CA GLY B 526 41.81 4.92 1.97
C GLY B 526 42.74 5.45 3.05
N VAL B 527 42.40 6.65 3.51
CA VAL B 527 43.10 7.35 4.59
C VAL B 527 42.04 7.89 5.53
N LEU B 528 42.48 8.21 6.75
CA LEU B 528 41.57 8.76 7.76
C LEU B 528 42.27 9.89 8.49
N PHE B 529 41.80 11.12 8.29
CA PHE B 529 42.32 12.28 9.00
C PHE B 529 41.60 12.42 10.33
N TYR B 530 42.35 12.68 11.40
CA TYR B 530 41.74 13.03 12.68
C TYR B 530 42.51 14.19 13.28
N GLY B 531 41.78 15.02 14.03
CA GLY B 531 42.36 16.17 14.67
C GLY B 531 41.32 17.19 15.08
N PRO B 532 41.74 18.28 15.70
CA PRO B 532 40.78 19.29 16.12
C PRO B 532 40.09 19.90 14.92
N PRO B 533 38.85 20.35 15.08
CA PRO B 533 38.13 20.95 13.94
C PRO B 533 38.80 22.23 13.48
N GLY B 534 38.68 22.48 12.17
CA GLY B 534 39.23 23.68 11.57
C GLY B 534 40.71 23.60 11.22
N THR B 535 41.31 22.41 11.27
CA THR B 535 42.72 22.27 10.96
C THR B 535 43.00 22.17 9.47
N GLY B 536 41.98 22.12 8.63
CA GLY B 536 42.18 22.15 7.19
C GLY B 536 42.23 20.78 6.55
N LYS B 537 41.36 19.87 7.00
CA LYS B 537 41.34 18.53 6.43
C LYS B 537 40.72 18.53 5.03
N THR B 538 39.66 19.31 4.83
CA THR B 538 39.05 19.39 3.50
C THR B 538 40.02 19.97 2.49
N LEU B 539 40.79 20.98 2.89
CA LEU B 539 41.79 21.53 1.99
C LEU B 539 42.84 20.48 1.62
N LEU B 540 43.24 19.65 2.59
CA LEU B 540 44.17 18.57 2.28
C LEU B 540 43.56 17.59 1.28
N ALA B 541 42.29 17.22 1.48
CA ALA B 541 41.65 16.31 0.54
C ALA B 541 41.60 16.90 -0.86
N LYS B 542 41.23 18.18 -0.97
CA LYS B 542 41.17 18.81 -2.28
C LYS B 542 42.55 18.92 -2.91
N ALA B 543 43.58 19.21 -2.12
CA ALA B 543 44.93 19.26 -2.66
C ALA B 543 45.36 17.91 -3.18
N VAL B 544 45.06 16.84 -2.43
CA VAL B 544 45.38 15.50 -2.92
C VAL B 544 44.66 15.20 -4.21
N ALA B 545 43.37 15.56 -4.29
CA ALA B 545 42.62 15.32 -5.51
C ALA B 545 43.21 16.07 -6.69
N THR B 546 43.62 17.32 -6.46
CA THR B 546 44.17 18.13 -7.55
C THR B 546 45.55 17.64 -7.98
N GLU B 547 46.33 17.07 -7.06
CA GLU B 547 47.67 16.64 -7.43
C GLU B 547 47.64 15.56 -8.51
N VAL B 548 46.73 14.60 -8.38
CA VAL B 548 46.63 13.52 -9.35
C VAL B 548 45.59 13.88 -10.41
N SER B 549 45.07 15.10 -10.34
CA SER B 549 44.08 15.59 -11.29
C SER B 549 42.87 14.65 -11.36
N ALA B 550 42.35 14.31 -10.19
CA ALA B 550 41.18 13.44 -10.08
C ALA B 550 39.95 14.26 -9.72
N ASN B 551 38.79 13.69 -10.01
CA ASN B 551 37.53 14.30 -9.61
C ASN B 551 37.37 14.18 -8.10
N PHE B 552 36.44 14.96 -7.56
CA PHE B 552 36.23 15.05 -6.12
C PHE B 552 34.75 14.89 -5.82
N ILE B 553 34.42 13.97 -4.91
CA ILE B 553 33.08 13.81 -4.37
C ILE B 553 33.15 14.06 -2.88
N SER B 554 32.26 14.90 -2.37
CA SER B 554 32.23 15.23 -0.95
C SER B 554 30.87 14.87 -0.38
N VAL B 555 30.87 14.27 0.80
CA VAL B 555 29.66 13.82 1.48
C VAL B 555 29.73 14.36 2.90
N LYS B 556 29.07 15.48 3.16
CA LYS B 556 29.12 16.11 4.47
C LYS B 556 28.32 15.28 5.48
N GLY B 557 28.32 15.74 6.72
CA GLY B 557 27.63 15.08 7.79
C GLY B 557 26.12 15.01 7.59
N PRO B 558 25.51 16.13 7.21
CA PRO B 558 24.07 16.09 6.94
C PRO B 558 23.67 15.05 5.91
N GLU B 559 24.45 14.86 4.84
CA GLU B 559 24.13 13.83 3.87
C GLU B 559 24.19 12.45 4.50
N LEU B 560 25.22 12.19 5.31
CA LEU B 560 25.33 10.89 5.96
C LEU B 560 24.15 10.64 6.89
N LEU B 561 23.76 11.65 7.67
CA LEU B 561 22.60 11.49 8.55
C LEU B 561 21.33 11.27 7.74
N SER B 562 21.16 12.01 6.65
CA SER B 562 19.98 11.85 5.82
C SER B 562 19.89 10.43 5.27
N MET B 563 21.01 9.87 4.85
CA MET B 563 21.03 8.48 4.42
C MET B 563 20.76 7.54 5.58
N TRP B 564 21.24 7.87 6.78
CA TRP B 564 20.98 7.06 7.96
C TRP B 564 19.50 7.05 8.30
N TYR B 565 18.77 8.13 7.99
CA TYR B 565 17.34 8.20 8.22
C TYR B 565 16.53 7.78 7.00
N GLY B 566 17.18 7.40 5.90
CA GLY B 566 16.46 6.93 4.74
C GLY B 566 15.53 7.97 4.15
N GLU B 567 15.96 9.21 4.04
CA GLU B 567 15.18 10.28 3.45
C GLU B 567 16.01 11.06 2.44
N SER B 568 16.79 10.35 1.64
CA SER B 568 17.63 10.95 0.61
C SER B 568 17.45 10.17 -0.69
N GLU B 569 17.63 10.87 -1.81
CA GLU B 569 17.51 10.22 -3.11
C GLU B 569 18.67 9.26 -3.36
N SER B 570 19.88 9.68 -3.04
CA SER B 570 21.07 8.90 -3.35
C SER B 570 21.29 7.83 -2.28
N ASN B 571 22.46 7.18 -2.32
CA ASN B 571 22.84 6.22 -1.31
C ASN B 571 24.32 5.89 -1.51
N ILE B 572 24.88 5.14 -0.56
CA ILE B 572 26.31 4.85 -0.60
C ILE B 572 26.66 4.13 -1.89
N ARG B 573 25.86 3.15 -2.28
CA ARG B 573 26.10 2.44 -3.52
C ARG B 573 26.09 3.40 -4.70
N ASP B 574 25.17 4.35 -4.70
CA ASP B 574 25.12 5.34 -5.77
C ASP B 574 26.36 6.22 -5.76
N ILE B 575 26.83 6.62 -4.58
CA ILE B 575 28.03 7.44 -4.49
C ILE B 575 29.20 6.72 -5.13
N PHE B 576 29.37 5.43 -4.81
CA PHE B 576 30.51 4.70 -5.33
C PHE B 576 30.33 4.34 -6.80
N ASP B 577 29.09 4.18 -7.27
CA ASP B 577 28.88 4.04 -8.71
C ASP B 577 29.31 5.29 -9.46
N LYS B 578 28.96 6.46 -8.94
CA LYS B 578 29.43 7.71 -9.54
C LYS B 578 30.94 7.79 -9.49
N ALA B 579 31.54 7.37 -8.37
CA ALA B 579 32.99 7.41 -8.24
C ALA B 579 33.66 6.51 -9.28
N ARG B 580 33.10 5.32 -9.51
CA ARG B 580 33.64 4.44 -10.54
C ARG B 580 33.48 5.05 -11.92
N ALA B 581 32.30 5.61 -12.22
CA ALA B 581 32.06 6.17 -13.54
C ALA B 581 32.94 7.38 -13.81
N ALA B 582 33.32 8.11 -12.77
CA ALA B 582 34.14 9.31 -12.91
C ALA B 582 35.60 9.06 -12.54
N ALA B 583 36.01 7.82 -12.41
CA ALA B 583 37.36 7.52 -11.94
C ALA B 583 38.39 8.11 -12.91
N PRO B 584 39.54 8.58 -12.40
CA PRO B 584 39.95 8.58 -11.00
C PRO B 584 39.20 9.60 -10.15
N THR B 585 38.90 9.23 -8.90
CA THR B 585 38.06 10.04 -8.04
C THR B 585 38.58 9.96 -6.62
N VAL B 586 38.27 11.00 -5.84
CA VAL B 586 38.57 11.04 -4.40
C VAL B 586 37.26 11.28 -3.68
N VAL B 587 36.87 10.32 -2.84
CA VAL B 587 35.62 10.38 -2.09
C VAL B 587 35.96 10.81 -0.67
N PHE B 588 35.51 12.00 -0.29
CA PHE B 588 35.81 12.58 1.00
C PHE B 588 34.57 12.47 1.88
N LEU B 589 34.65 11.64 2.92
CA LEU B 589 33.56 11.44 3.86
C LEU B 589 33.85 12.28 5.10
N ASP B 590 33.18 13.42 5.22
CA ASP B 590 33.40 14.34 6.32
C ASP B 590 32.41 14.04 7.45
N GLU B 591 32.83 14.35 8.67
CA GLU B 591 32.02 14.10 9.86
C GLU B 591 31.64 12.63 9.96
N LEU B 592 32.62 11.76 9.71
CA LEU B 592 32.35 10.32 9.70
C LEU B 592 31.89 9.81 11.06
N ASP B 593 32.21 10.54 12.14
CA ASP B 593 31.87 10.07 13.48
C ASP B 593 30.38 10.11 13.76
N SER B 594 29.61 10.89 13.01
CA SER B 594 28.19 11.03 13.30
C SER B 594 27.46 9.70 13.16
N ILE B 595 27.77 8.95 12.11
CA ILE B 595 27.11 7.66 11.90
C ILE B 595 27.90 6.51 12.51
N ALA B 596 29.22 6.62 12.56
CA ALA B 596 30.09 5.53 13.02
C ALA B 596 30.25 5.50 14.53
N LYS B 597 29.34 6.11 15.28
CA LYS B 597 29.43 6.13 16.74
C LYS B 597 29.59 4.73 17.31
N ASP B 611 26.32 -0.41 12.36
CA ASP B 611 25.23 0.36 11.78
C ASP B 611 24.90 -0.11 10.37
N ARG B 612 23.67 0.16 9.94
CA ARG B 612 23.27 -0.16 8.57
C ARG B 612 24.13 0.59 7.56
N VAL B 613 24.31 1.89 7.78
CA VAL B 613 25.07 2.70 6.83
C VAL B 613 26.55 2.33 6.86
N VAL B 614 27.10 2.09 8.05
CA VAL B 614 28.49 1.68 8.13
C VAL B 614 28.68 0.33 7.46
N ASN B 615 27.72 -0.57 7.61
CA ASN B 615 27.79 -1.86 6.92
C ASN B 615 27.79 -1.67 5.41
N GLN B 616 26.93 -0.79 4.90
CA GLN B 616 26.93 -0.51 3.47
C GLN B 616 28.26 0.06 3.02
N LEU B 617 28.84 0.96 3.81
CA LEU B 617 30.13 1.53 3.46
C LEU B 617 31.21 0.47 3.41
N LEU B 618 31.21 -0.44 4.40
CA LEU B 618 32.20 -1.51 4.40
C LEU B 618 32.04 -2.42 3.19
N THR B 619 30.79 -2.76 2.86
CA THR B 619 30.55 -3.58 1.68
C THR B 619 31.08 -2.92 0.42
N GLU B 620 30.74 -1.65 0.22
CA GLU B 620 31.17 -0.95 -0.99
C GLU B 620 32.69 -0.83 -1.05
N MET B 621 33.33 -0.55 0.10
CA MET B 621 34.76 -0.35 0.11
C MET B 621 35.50 -1.67 -0.10
N ASP B 622 34.97 -2.78 0.43
CA ASP B 622 35.57 -4.09 0.15
C ASP B 622 35.40 -4.46 -1.32
N GLY B 623 34.25 -4.14 -1.91
CA GLY B 623 34.00 -4.46 -3.29
C GLY B 623 34.67 -3.56 -4.30
N MET B 624 35.47 -2.60 -3.86
CA MET B 624 36.10 -1.68 -4.79
C MET B 624 37.25 -2.37 -5.52
N ASN B 625 37.40 -2.02 -6.80
CA ASN B 625 38.46 -2.61 -7.61
C ASN B 625 39.82 -2.13 -7.13
N ALA B 626 40.74 -3.06 -6.93
CA ALA B 626 42.05 -2.71 -6.38
C ALA B 626 42.81 -1.79 -7.31
N LYS B 627 42.79 -2.08 -8.62
CA LYS B 627 43.60 -1.33 -9.58
C LYS B 627 42.94 -0.04 -10.04
N LYS B 628 41.67 0.19 -9.69
CA LYS B 628 40.97 1.39 -10.08
C LYS B 628 41.27 2.50 -9.08
N ASN B 629 41.62 3.69 -9.60
CA ASN B 629 42.06 4.79 -8.76
C ASN B 629 40.84 5.50 -8.17
N VAL B 630 40.32 4.95 -7.08
CA VAL B 630 39.22 5.55 -6.33
C VAL B 630 39.63 5.53 -4.87
N PHE B 631 40.18 6.64 -4.39
CA PHE B 631 40.62 6.75 -3.01
C PHE B 631 39.50 7.29 -2.13
N VAL B 632 39.50 6.87 -0.88
CA VAL B 632 38.50 7.29 0.10
C VAL B 632 39.23 7.91 1.28
N ILE B 633 38.84 9.13 1.64
CA ILE B 633 39.45 9.88 2.74
C ILE B 633 38.35 10.22 3.72
N GLY B 634 38.47 9.73 4.95
CA GLY B 634 37.52 10.02 5.99
C GLY B 634 38.06 11.05 6.96
N ALA B 635 37.17 11.89 7.48
CA ALA B 635 37.54 12.92 8.44
C ALA B 635 36.68 12.78 9.69
N THR B 636 37.29 12.95 10.84
CA THR B 636 36.59 12.79 12.11
C THR B 636 37.33 13.53 13.20
N ASN B 637 36.59 14.22 14.06
CA ASN B 637 37.16 14.88 15.22
C ASN B 637 37.30 13.97 16.42
N ARG B 638 36.67 12.80 16.41
CA ARG B 638 36.67 11.88 17.55
C ARG B 638 37.08 10.49 17.04
N PRO B 639 38.38 10.25 16.88
CA PRO B 639 38.81 8.97 16.29
C PRO B 639 38.34 7.76 17.07
N ASP B 640 38.24 7.86 18.40
CA ASP B 640 37.80 6.70 19.18
C ASP B 640 36.34 6.37 18.92
N GLN B 641 35.54 7.36 18.52
CA GLN B 641 34.14 7.09 18.19
C GLN B 641 34.00 6.24 16.94
N ILE B 642 34.99 6.26 16.05
CA ILE B 642 34.89 5.52 14.80
C ILE B 642 34.79 4.03 15.10
N ASP B 643 33.94 3.34 14.36
CA ASP B 643 33.79 1.91 14.51
C ASP B 643 35.12 1.22 14.19
N PRO B 644 35.59 0.31 15.04
CA PRO B 644 36.88 -0.36 14.74
C PRO B 644 36.85 -1.16 13.46
N ALA B 645 35.68 -1.53 12.95
CA ALA B 645 35.62 -2.30 11.72
C ALA B 645 36.21 -1.53 10.55
N ILE B 646 35.94 -0.24 10.47
CA ILE B 646 36.38 0.57 9.33
C ILE B 646 37.90 0.66 9.26
N LEU B 647 38.59 0.49 10.38
CA LEU B 647 40.03 0.75 10.45
C LEU B 647 40.88 -0.47 10.15
N ARG B 648 40.27 -1.58 9.74
CA ARG B 648 41.03 -2.78 9.43
C ARG B 648 41.77 -2.61 8.11
N PRO B 649 42.80 -3.41 7.86
CA PRO B 649 43.51 -3.32 6.58
C PRO B 649 42.57 -3.58 5.41
N GLY B 650 42.85 -2.92 4.30
CA GLY B 650 41.95 -2.89 3.17
C GLY B 650 40.85 -1.86 3.28
N ARG B 651 40.87 -1.04 4.33
CA ARG B 651 39.86 -0.01 4.57
C ARG B 651 40.61 1.22 5.07
N LEU B 652 39.91 2.15 5.71
CA LEU B 652 40.55 3.37 6.16
C LEU B 652 41.49 3.06 7.31
N ASP B 653 42.56 2.31 7.02
CA ASP B 653 43.47 1.84 8.05
C ASP B 653 44.63 2.78 8.30
N GLN B 654 44.91 3.70 7.39
CA GLN B 654 46.03 4.63 7.54
C GLN B 654 45.51 5.90 8.18
N LEU B 655 45.81 6.08 9.46
CA LEU B 655 45.36 7.24 10.23
C LEU B 655 46.43 8.32 10.24
N ILE B 656 46.01 9.56 10.04
CA ILE B 656 46.92 10.71 10.00
C ILE B 656 46.36 11.79 10.93
N TYR B 657 47.23 12.33 11.79
CA TYR B 657 46.84 13.37 12.73
C TYR B 657 47.15 14.73 12.13
N VAL B 658 46.15 15.60 12.12
CA VAL B 658 46.29 16.95 11.58
C VAL B 658 46.33 17.93 12.74
N PRO B 659 47.49 18.49 13.08
CA PRO B 659 47.58 19.37 14.25
C PRO B 659 47.20 20.80 13.91
N LEU B 660 47.19 21.64 14.95
CA LEU B 660 46.90 23.05 14.77
C LEU B 660 48.07 23.75 14.07
N PRO B 661 47.81 24.83 13.35
CA PRO B 661 48.89 25.52 12.64
C PRO B 661 49.90 26.15 13.60
N ASP B 662 51.15 26.22 13.14
CA ASP B 662 52.21 26.86 13.89
C ASP B 662 52.34 28.32 13.47
N GLU B 663 53.35 29.01 14.03
CA GLU B 663 53.51 30.44 13.78
C GLU B 663 53.59 30.74 12.29
N ASN B 664 54.49 30.07 11.58
CA ASN B 664 54.62 30.30 10.15
C ASN B 664 53.37 29.83 9.41
N ALA B 665 52.79 28.71 9.83
CA ALA B 665 51.54 28.25 9.22
C ALA B 665 50.43 29.25 9.45
N ARG B 666 50.34 29.82 10.66
CA ARG B 666 49.32 30.83 10.93
C ARG B 666 49.53 32.07 10.07
N LEU B 667 50.78 32.51 9.91
CA LEU B 667 51.06 33.65 9.05
C LEU B 667 50.63 33.36 7.62
N SER B 668 50.95 32.17 7.11
CA SER B 668 50.56 31.82 5.75
C SER B 668 49.04 31.78 5.61
N ILE B 669 48.35 31.21 6.59
CA ILE B 669 46.89 31.13 6.54
C ILE B 669 46.29 32.52 6.52
N LEU B 670 46.79 33.41 7.38
CA LEU B 670 46.25 34.76 7.45
C LEU B 670 46.50 35.51 6.15
N ASN B 671 47.69 35.34 5.56
CA ASN B 671 47.96 35.97 4.27
C ASN B 671 47.02 35.44 3.20
N ALA B 672 46.80 34.12 3.17
CA ALA B 672 45.95 33.53 2.14
C ALA B 672 44.52 34.03 2.27
N GLN B 673 44.00 34.09 3.49
CA GLN B 673 42.61 34.49 3.67
C GLN B 673 42.40 35.97 3.33
N LEU B 674 43.42 36.80 3.56
CA LEU B 674 43.31 38.23 3.39
C LEU B 674 43.79 38.72 2.04
N ARG B 675 44.24 37.81 1.16
CA ARG B 675 44.88 38.24 -0.08
C ARG B 675 43.92 39.02 -0.98
N LYS B 676 42.68 38.57 -1.07
CA LYS B 676 41.70 39.18 -1.97
C LYS B 676 40.88 40.26 -1.31
N THR B 677 41.41 40.91 -0.27
CA THR B 677 40.72 41.97 0.43
C THR B 677 41.65 43.16 0.57
N PRO B 678 41.23 44.37 0.19
CA PRO B 678 42.13 45.53 0.32
C PRO B 678 42.55 45.75 1.77
N LEU B 679 43.80 46.16 1.95
CA LEU B 679 44.35 46.37 3.27
C LEU B 679 45.27 47.60 3.24
N GLU B 680 45.52 48.14 4.42
CA GLU B 680 46.36 49.33 4.53
C GLU B 680 47.75 49.04 3.98
N PRO B 681 48.28 49.85 3.07
CA PRO B 681 49.64 49.64 2.61
C PRO B 681 50.63 49.68 3.78
N GLY B 682 51.64 48.83 3.71
CA GLY B 682 52.57 48.68 4.82
C GLY B 682 51.92 48.08 6.05
N LEU B 683 51.07 47.07 5.87
CA LEU B 683 50.42 46.39 6.97
C LEU B 683 51.20 45.15 7.35
N GLU B 684 51.35 44.93 8.65
CA GLU B 684 52.09 43.80 9.19
C GLU B 684 51.12 42.81 9.81
N LEU B 685 51.29 41.53 9.49
CA LEU B 685 50.51 40.46 10.08
C LEU B 685 51.36 39.55 10.96
N THR B 686 52.66 39.84 11.10
CA THR B 686 53.51 39.00 11.92
C THR B 686 53.07 39.01 13.37
N ALA B 687 52.69 40.18 13.89
CA ALA B 687 52.23 40.26 15.27
C ALA B 687 50.95 39.46 15.46
N ILE B 688 50.01 39.57 14.52
CA ILE B 688 48.76 38.82 14.64
C ILE B 688 49.03 37.33 14.60
N ALA B 689 49.92 36.88 13.70
CA ALA B 689 50.25 35.47 13.63
C ALA B 689 50.89 34.99 14.93
N LYS B 690 51.81 35.79 15.48
CA LYS B 690 52.49 35.39 16.71
C LYS B 690 51.53 35.29 17.88
N ALA B 691 50.63 36.27 18.02
CA ALA B 691 49.78 36.35 19.20
C ALA B 691 48.69 35.30 19.24
N THR B 692 48.46 34.57 18.14
CA THR B 692 47.34 33.65 18.03
C THR B 692 47.76 32.19 18.16
N GLN B 693 48.72 31.89 19.04
CA GLN B 693 49.11 30.50 19.25
C GLN B 693 47.92 29.69 19.75
N GLY B 694 47.76 28.49 19.20
CA GLY B 694 46.64 27.65 19.54
C GLY B 694 45.38 27.91 18.74
N PHE B 695 45.40 28.88 17.83
CA PHE B 695 44.26 29.18 16.97
C PHE B 695 44.28 28.30 15.73
N SER B 696 43.12 27.78 15.36
CA SER B 696 42.96 27.04 14.12
C SER B 696 42.71 28.02 12.98
N GLY B 697 42.61 27.49 11.76
CA GLY B 697 42.34 28.34 10.62
C GLY B 697 41.01 29.05 10.70
N ALA B 698 40.00 28.39 11.28
CA ALA B 698 38.69 29.00 11.40
C ALA B 698 38.74 30.25 12.27
N ASP B 699 39.52 30.21 13.35
CA ASP B 699 39.62 31.37 14.23
C ASP B 699 40.27 32.55 13.52
N LEU B 700 41.32 32.30 12.74
CA LEU B 700 41.95 33.38 11.98
C LEU B 700 40.99 33.94 10.93
N LEU B 701 40.22 33.06 10.28
CA LEU B 701 39.20 33.52 9.35
C LEU B 701 38.20 34.42 10.06
N TYR B 702 37.79 34.04 11.27
CA TYR B 702 36.87 34.85 12.04
C TYR B 702 37.47 36.21 12.36
N ILE B 703 38.75 36.23 12.73
CA ILE B 703 39.41 37.49 13.06
C ILE B 703 39.41 38.42 11.86
N VAL B 704 39.79 37.90 10.70
CA VAL B 704 39.86 38.75 9.51
C VAL B 704 38.47 39.20 9.11
N GLN B 705 37.46 38.33 9.25
CA GLN B 705 36.10 38.74 8.92
C GLN B 705 35.60 39.85 9.83
N ARG B 706 35.91 39.77 11.13
CA ARG B 706 35.52 40.84 12.05
C ARG B 706 36.23 42.14 11.70
N ALA B 707 37.51 42.06 11.35
CA ALA B 707 38.21 43.27 10.93
C ALA B 707 37.53 43.90 9.72
N ALA B 708 37.17 43.07 8.72
CA ALA B 708 36.48 43.58 7.55
C ALA B 708 35.13 44.18 7.92
N LYS B 709 34.43 43.56 8.88
CA LYS B 709 33.14 44.08 9.31
C LYS B 709 33.29 45.47 9.93
N TYR B 710 34.29 45.64 10.79
CA TYR B 710 34.55 46.96 11.35
C TYR B 710 34.87 47.97 10.27
N ALA B 711 35.71 47.57 9.31
CA ALA B 711 36.08 48.51 8.24
C ALA B 711 34.86 48.93 7.43
N ILE B 712 33.99 47.97 7.09
CA ILE B 712 32.82 48.31 6.28
C ILE B 712 31.85 49.17 7.08
N LYS B 713 31.72 48.91 8.38
CA LYS B 713 30.87 49.76 9.21
C LYS B 713 31.39 51.20 9.19
N ASP B 714 32.70 51.37 9.35
CA ASP B 714 33.27 52.71 9.33
C ASP B 714 33.06 53.38 7.98
N SER B 715 33.22 52.61 6.90
CA SER B 715 33.02 53.19 5.56
C SER B 715 31.58 53.64 5.37
N ILE B 716 30.62 52.82 5.80
CA ILE B 716 29.21 53.20 5.66
C ILE B 716 28.91 54.43 6.49
N GLU B 717 29.43 54.49 7.71
CA GLU B 717 29.21 55.67 8.54
C GLU B 717 29.80 56.92 7.88
N ALA B 718 31.00 56.81 7.31
CA ALA B 718 31.61 57.96 6.66
C ALA B 718 30.78 58.41 5.46
N HIS B 719 30.33 57.46 4.64
CA HIS B 719 29.51 57.84 3.47
C HIS B 719 28.20 58.48 3.91
N ARG B 720 27.57 57.94 4.95
CA ARG B 720 26.33 58.53 5.45
C ARG B 720 26.57 59.94 5.97
N GLN B 721 27.72 60.17 6.62
CA GLN B 721 28.02 61.49 7.15
C GLN B 721 28.01 62.55 6.05
N HIS B 722 28.64 62.25 4.92
CA HIS B 722 28.65 63.17 3.78
C HIS B 722 27.22 63.48 3.34
N PRO B 752 37.34 57.56 1.39
CA PRO B 752 37.35 57.80 2.85
C PRO B 752 37.98 56.66 3.62
N VAL B 753 37.45 55.45 3.47
CA VAL B 753 37.99 54.27 4.14
C VAL B 753 38.13 53.13 3.13
N PRO B 754 39.04 53.24 2.15
CA PRO B 754 39.25 52.15 1.20
C PRO B 754 40.26 51.09 1.63
N TYR B 755 40.63 51.06 2.91
CA TYR B 755 41.60 50.07 3.38
C TYR B 755 41.13 49.41 4.67
N ILE B 756 41.99 48.60 5.28
CA ILE B 756 41.70 47.95 6.56
C ILE B 756 42.91 48.23 7.46
N THR B 757 42.85 49.32 8.21
CA THR B 757 43.97 49.74 9.02
C THR B 757 44.18 48.79 10.20
N LYS B 758 45.34 48.92 10.85
CA LYS B 758 45.69 48.00 11.92
C LYS B 758 44.76 48.16 13.12
N GLU B 759 44.16 49.34 13.30
CA GLU B 759 43.23 49.53 14.41
C GLU B 759 42.03 48.60 14.27
N HIS B 760 41.55 48.41 13.05
CA HIS B 760 40.46 47.46 12.82
C HIS B 760 40.88 46.05 13.23
N PHE B 761 42.09 45.65 12.85
CA PHE B 761 42.56 44.31 13.23
C PHE B 761 42.67 44.17 14.73
N ALA B 762 43.18 45.19 15.42
CA ALA B 762 43.28 45.12 16.88
C ALA B 762 41.91 45.01 17.51
N GLU B 763 40.95 45.82 17.04
CA GLU B 763 39.61 45.77 17.59
C GLU B 763 38.98 44.40 17.38
N ALA B 764 39.15 43.83 16.18
CA ALA B 764 38.59 42.50 15.90
C ALA B 764 39.27 41.44 16.77
N MET B 765 40.59 41.53 16.93
CA MET B 765 41.32 40.55 17.74
C MET B 765 40.91 40.62 19.20
N LYS B 766 40.49 41.80 19.67
CA LYS B 766 40.09 41.93 21.06
C LYS B 766 38.97 40.97 21.42
N THR B 767 38.12 40.59 20.45
CA THR B 767 36.95 39.77 20.71
C THR B 767 37.08 38.37 20.11
N ALA B 768 38.30 37.92 19.84
CA ALA B 768 38.55 36.59 19.28
C ALA B 768 39.29 35.74 20.30
N LYS B 769 38.87 34.48 20.44
CA LYS B 769 39.47 33.57 21.39
C LYS B 769 39.58 32.18 20.78
N ARG B 770 40.49 31.39 21.34
CA ARG B 770 40.72 30.03 20.86
C ARG B 770 39.43 29.23 20.88
N SER B 771 39.19 28.46 19.82
CA SER B 771 38.01 27.63 19.69
C SER B 771 38.23 26.20 20.13
N VAL B 772 39.44 25.85 20.58
CA VAL B 772 39.76 24.50 21.02
C VAL B 772 40.13 24.56 22.49
N SER B 773 39.37 23.86 23.32
CA SER B 773 39.66 23.82 24.75
C SER B 773 40.95 23.05 25.00
N ASP B 774 41.64 23.42 26.07
CA ASP B 774 42.90 22.75 26.39
C ASP B 774 42.70 21.28 26.66
N ALA B 775 41.57 20.90 27.26
CA ALA B 775 41.33 19.49 27.54
C ALA B 775 41.28 18.67 26.25
N GLU B 776 40.60 19.19 25.22
CA GLU B 776 40.54 18.47 23.95
C GLU B 776 41.92 18.38 23.30
N LEU B 777 42.71 19.46 23.40
CA LEU B 777 44.06 19.41 22.85
C LEU B 777 44.90 18.34 23.56
N ARG B 778 44.78 18.27 24.89
CA ARG B 778 45.49 17.23 25.63
C ARG B 778 45.02 15.84 25.21
N ARG B 779 43.71 15.68 25.00
CA ARG B 779 43.19 14.37 24.60
C ARG B 779 43.73 13.97 23.23
N TYR B 780 43.75 14.90 22.28
CA TYR B 780 44.30 14.59 20.95
C TYR B 780 45.78 14.27 21.03
N GLU B 781 46.53 15.03 21.85
CA GLU B 781 47.95 14.74 22.01
C GLU B 781 48.15 13.36 22.63
N ALA B 782 47.31 12.99 23.60
CA ALA B 782 47.41 11.67 24.20
C ALA B 782 47.13 10.57 23.19
N TYR B 783 46.12 10.77 22.35
CA TYR B 783 45.84 9.78 21.32
C TYR B 783 47.01 9.65 20.35
N SER B 784 47.61 10.78 19.96
CA SER B 784 48.76 10.74 19.08
C SER B 784 49.93 10.01 19.73
N GLN B 785 50.17 10.26 21.02
CA GLN B 785 51.23 9.57 21.73
C GLN B 785 50.96 8.07 21.80
N GLN B 786 49.70 7.69 22.03
CA GLN B 786 49.35 6.28 22.04
C GLN B 786 49.64 5.64 20.69
N MET B 787 49.24 6.31 19.61
CA MET B 787 49.49 5.77 18.28
C MET B 787 50.98 5.64 18.01
N LYS B 788 51.77 6.65 18.41
CA LYS B 788 53.21 6.57 18.21
C LYS B 788 53.82 5.42 18.99
N ALA B 789 53.41 5.26 20.25
CA ALA B 789 53.96 4.19 21.07
C ALA B 789 53.55 2.81 20.52
N SER B 790 52.30 2.67 20.09
CA SER B 790 51.83 1.39 19.60
C SER B 790 52.49 0.98 18.29
N ARG B 791 53.02 1.94 17.53
CA ARG B 791 53.66 1.67 16.25
C ARG B 791 55.18 1.71 16.33
N GLY B 792 55.75 1.69 17.54
CA GLY B 792 57.19 1.72 17.70
C GLY B 792 57.64 1.07 18.99
N GLY C 74 -12.05 52.19 -24.02
CA GLY C 74 -11.54 52.73 -22.76
C GLY C 74 -10.83 51.68 -21.93
N LYS C 75 -11.05 51.71 -20.61
CA LYS C 75 -10.41 50.78 -19.72
C LYS C 75 -10.89 49.35 -20.00
N LYS C 76 -10.04 48.38 -19.70
CA LYS C 76 -10.28 46.97 -20.01
C LYS C 76 -10.35 46.71 -21.52
N ARG C 77 -9.81 47.64 -22.31
CA ARG C 77 -9.78 47.50 -23.77
C ARG C 77 -11.19 47.27 -24.33
N LYS C 78 -12.13 48.11 -23.90
CA LYS C 78 -13.49 48.05 -24.39
C LYS C 78 -13.63 48.87 -25.67
N ASN C 209 -20.36 37.77 -11.95
CA ASN C 209 -21.04 38.24 -13.15
C ASN C 209 -20.05 38.49 -14.28
N ASN C 210 -20.01 37.59 -15.25
CA ASN C 210 -19.19 37.79 -16.45
C ASN C 210 -17.73 38.01 -16.07
N MET C 211 -17.13 36.95 -15.53
CA MET C 211 -15.78 37.03 -14.99
C MET C 211 -14.79 37.67 -15.96
N ASN C 212 -15.16 37.78 -17.23
CA ASN C 212 -14.37 38.59 -18.17
C ASN C 212 -14.52 40.10 -17.91
N GLU C 213 -15.19 40.50 -16.83
CA GLU C 213 -15.42 41.90 -16.51
C GLU C 213 -14.57 42.36 -15.33
N VAL C 214 -13.49 41.65 -15.02
CA VAL C 214 -12.62 41.97 -13.89
C VAL C 214 -11.33 42.58 -14.41
N GLY C 215 -10.87 43.65 -13.76
CA GLY C 215 -9.64 44.30 -14.15
C GLY C 215 -8.78 44.63 -12.96
N TYR C 216 -7.72 45.41 -13.17
CA TYR C 216 -6.80 45.74 -12.09
C TYR C 216 -7.48 46.50 -10.97
N ASP C 217 -8.61 47.15 -11.24
CA ASP C 217 -9.32 47.90 -10.23
C ASP C 217 -10.15 47.03 -9.31
N ASP C 218 -10.23 45.73 -9.57
CA ASP C 218 -10.92 44.79 -8.69
C ASP C 218 -9.97 43.99 -7.82
N ILE C 219 -8.70 44.34 -7.81
CA ILE C 219 -7.70 43.71 -6.95
C ILE C 219 -7.02 44.80 -6.14
N GLY C 220 -6.93 44.59 -4.83
CA GLY C 220 -6.27 45.53 -3.96
C GLY C 220 -5.40 44.82 -2.95
N GLY C 221 -4.28 45.47 -2.60
CA GLY C 221 -3.42 44.98 -1.56
C GLY C 221 -2.36 43.98 -1.98
N CYS C 222 -2.20 43.73 -3.28
CA CYS C 222 -1.23 42.79 -3.80
C CYS C 222 -0.46 43.40 -4.96
N ARG C 223 0.03 44.62 -4.77
CA ARG C 223 0.66 45.34 -5.87
C ARG C 223 2.02 44.75 -6.24
N LYS C 224 2.76 44.21 -5.27
CA LYS C 224 4.06 43.61 -5.60
C LYS C 224 3.89 42.39 -6.50
N GLN C 225 3.05 41.45 -6.08
CA GLN C 225 2.83 40.25 -6.89
C GLN C 225 2.12 40.60 -8.19
N MET C 226 1.21 41.57 -8.16
CA MET C 226 0.57 42.00 -9.39
C MET C 226 1.60 42.55 -10.37
N ALA C 227 2.54 43.35 -9.88
CA ALA C 227 3.59 43.88 -10.75
C ALA C 227 4.46 42.77 -11.31
N GLN C 228 4.80 41.78 -10.47
CA GLN C 228 5.60 40.66 -10.96
C GLN C 228 4.87 39.92 -12.08
N ILE C 229 3.61 39.58 -11.86
CA ILE C 229 2.85 38.84 -12.86
C ILE C 229 2.70 39.68 -14.13
N ARG C 230 2.47 40.98 -13.98
CA ARG C 230 2.32 41.83 -15.15
C ARG C 230 3.60 41.89 -15.96
N GLU C 231 4.75 42.12 -15.30
CA GLU C 231 5.99 42.17 -16.04
C GLU C 231 6.34 40.82 -16.65
N MET C 232 5.83 39.73 -16.09
CA MET C 232 6.11 38.41 -16.65
C MET C 232 5.13 37.98 -17.73
N VAL C 233 3.96 38.62 -17.84
CA VAL C 233 2.93 38.23 -18.80
C VAL C 233 2.78 39.27 -19.90
N GLU C 234 2.49 40.53 -19.54
CA GLU C 234 2.22 41.55 -20.54
C GLU C 234 3.42 41.80 -21.45
N LEU C 235 4.59 42.01 -20.85
CA LEU C 235 5.74 42.40 -21.67
C LEU C 235 6.06 41.40 -22.76
N PRO C 236 6.15 40.10 -22.49
CA PRO C 236 6.37 39.14 -23.59
C PRO C 236 5.28 39.19 -24.65
N LEU C 237 4.05 39.46 -24.27
CA LEU C 237 2.93 39.42 -25.22
C LEU C 237 2.69 40.76 -25.89
N ARG C 238 2.57 41.83 -25.10
CA ARG C 238 2.27 43.14 -25.68
C ARG C 238 3.41 43.63 -26.56
N HIS C 239 4.65 43.52 -26.08
CA HIS C 239 5.82 44.08 -26.74
C HIS C 239 6.88 43.00 -26.91
N PRO C 240 6.68 42.06 -27.82
CA PRO C 240 7.70 41.03 -28.05
C PRO C 240 9.00 41.57 -28.62
N GLN C 241 9.01 42.78 -29.17
CA GLN C 241 10.21 43.29 -29.83
C GLN C 241 11.33 43.61 -28.86
N LEU C 242 11.02 43.87 -27.58
CA LEU C 242 12.08 44.15 -26.62
C LEU C 242 13.02 42.96 -26.48
N PHE C 243 12.47 41.77 -26.29
CA PHE C 243 13.31 40.59 -26.14
C PHE C 243 13.97 40.20 -27.46
N LYS C 244 13.36 40.57 -28.59
CA LYS C 244 14.04 40.41 -29.86
C LYS C 244 15.28 41.30 -29.94
N ALA C 245 15.16 42.55 -29.47
CA ALA C 245 16.29 43.46 -29.49
C ALA C 245 17.39 42.98 -28.55
N ILE C 246 17.02 42.54 -27.34
CA ILE C 246 18.02 42.06 -26.40
C ILE C 246 18.49 40.64 -26.72
N GLY C 247 17.78 39.93 -27.59
CA GLY C 247 18.19 38.60 -27.99
C GLY C 247 18.10 37.55 -26.89
N ILE C 248 16.96 37.50 -26.20
CA ILE C 248 16.72 36.48 -25.19
C ILE C 248 15.33 35.89 -25.40
N LYS C 249 15.12 34.73 -24.78
CA LYS C 249 13.81 34.10 -24.75
C LYS C 249 13.17 34.35 -23.38
N PRO C 250 12.08 35.09 -23.28
CA PRO C 250 11.50 35.34 -21.97
C PRO C 250 11.02 34.05 -21.34
N PRO C 251 11.06 33.95 -20.02
CA PRO C 251 10.55 32.73 -19.36
C PRO C 251 9.07 32.53 -19.63
N ARG C 252 8.67 31.26 -19.73
CA ARG C 252 7.31 30.90 -20.11
C ARG C 252 6.42 30.61 -18.91
N GLY C 253 6.81 29.65 -18.07
CA GLY C 253 5.97 29.25 -16.98
C GLY C 253 6.00 30.24 -15.83
N VAL C 254 4.89 30.26 -15.08
CA VAL C 254 4.77 31.03 -13.85
C VAL C 254 3.92 30.21 -12.89
N LEU C 255 4.31 30.18 -11.62
CA LEU C 255 3.64 29.36 -10.62
C LEU C 255 3.30 30.23 -9.43
N MET C 256 2.02 30.53 -9.24
CA MET C 256 1.54 31.28 -8.10
C MET C 256 1.15 30.33 -7.00
N TYR C 257 1.42 30.70 -5.74
CA TYR C 257 0.89 29.91 -4.64
C TYR C 257 0.73 30.77 -3.41
N GLY C 258 -0.17 30.31 -2.53
CA GLY C 258 -0.50 31.00 -1.31
C GLY C 258 -1.70 30.34 -0.66
N PRO C 259 -2.14 30.87 0.48
CA PRO C 259 -3.30 30.29 1.14
C PRO C 259 -4.52 30.38 0.25
N PRO C 260 -5.45 29.45 0.36
CA PRO C 260 -6.70 29.55 -0.41
C PRO C 260 -7.49 30.78 -0.01
N GLY C 261 -8.19 31.35 -1.00
CA GLY C 261 -8.96 32.55 -0.78
C GLY C 261 -8.19 33.84 -0.93
N THR C 262 -6.94 33.79 -1.36
CA THR C 262 -6.11 34.98 -1.49
C THR C 262 -6.22 35.64 -2.86
N GLY C 263 -7.08 35.14 -3.74
CA GLY C 263 -7.33 35.80 -5.00
C GLY C 263 -6.37 35.44 -6.12
N LYS C 264 -5.85 34.22 -6.15
CA LYS C 264 -4.97 33.82 -7.25
C LYS C 264 -5.73 33.76 -8.57
N THR C 265 -6.89 33.11 -8.57
CA THR C 265 -7.72 33.07 -9.77
C THR C 265 -8.12 34.47 -10.20
N LEU C 266 -8.43 35.33 -9.23
CA LEU C 266 -8.80 36.71 -9.56
C LEU C 266 -7.65 37.43 -10.25
N MET C 267 -6.44 37.28 -9.73
CA MET C 267 -5.29 37.94 -10.35
C MET C 267 -5.04 37.41 -11.75
N ALA C 268 -5.12 36.10 -11.95
CA ALA C 268 -4.91 35.54 -13.27
C ALA C 268 -5.96 36.06 -14.25
N ARG C 269 -7.23 36.06 -13.84
CA ARG C 269 -8.29 36.57 -14.71
C ARG C 269 -8.08 38.04 -15.04
N ALA C 270 -7.71 38.85 -14.04
CA ALA C 270 -7.54 40.27 -14.29
C ALA C 270 -6.39 40.52 -15.25
N VAL C 271 -5.27 39.82 -15.07
CA VAL C 271 -4.14 40.01 -15.98
C VAL C 271 -4.53 39.58 -17.38
N ALA C 272 -5.22 38.46 -17.51
CA ALA C 272 -5.62 37.99 -18.84
C ALA C 272 -6.53 38.99 -19.53
N ASN C 273 -7.52 39.51 -18.80
CA ASN C 273 -8.45 40.46 -19.40
C ASN C 273 -7.75 41.75 -19.79
N GLU C 274 -6.86 42.25 -18.93
CA GLU C 274 -6.17 43.50 -19.23
C GLU C 274 -5.21 43.35 -20.40
N THR C 275 -4.57 42.18 -20.54
CA THR C 275 -3.65 41.99 -21.65
C THR C 275 -4.37 41.97 -22.99
N GLY C 276 -5.60 41.47 -23.02
CA GLY C 276 -6.31 41.32 -24.27
C GLY C 276 -5.94 40.09 -25.07
N ALA C 277 -5.23 39.14 -24.46
CA ALA C 277 -4.79 37.94 -25.15
C ALA C 277 -5.90 36.89 -25.11
N PHE C 278 -5.59 35.68 -25.57
CA PHE C 278 -6.56 34.59 -25.69
C PHE C 278 -6.49 33.72 -24.44
N PHE C 279 -7.28 34.09 -23.44
CA PHE C 279 -7.28 33.37 -22.17
C PHE C 279 -7.93 32.00 -22.33
N PHE C 280 -7.33 30.99 -21.69
CA PHE C 280 -7.79 29.61 -21.83
C PHE C 280 -7.82 28.87 -20.49
N LEU C 281 -8.50 29.45 -19.49
CA LEU C 281 -8.63 28.83 -18.19
C LEU C 281 -8.83 27.32 -18.29
N ILE C 282 -8.04 26.58 -17.52
CA ILE C 282 -8.18 25.13 -17.36
C ILE C 282 -8.33 24.84 -15.88
N ASN C 283 -9.34 24.06 -15.53
CA ASN C 283 -9.55 23.65 -14.14
C ASN C 283 -8.91 22.30 -13.89
N GLY C 284 -8.56 22.05 -12.63
CA GLY C 284 -8.01 20.78 -12.23
C GLY C 284 -9.11 19.76 -11.98
N PRO C 285 -10.02 20.06 -11.06
CA PRO C 285 -11.14 19.14 -10.83
C PRO C 285 -11.96 18.88 -12.08
N GLU C 286 -12.16 19.90 -12.91
CA GLU C 286 -12.94 19.71 -14.13
C GLU C 286 -12.26 18.73 -15.06
N VAL C 287 -10.93 18.82 -15.19
CA VAL C 287 -10.20 17.92 -16.08
C VAL C 287 -10.17 16.51 -15.49
N MET C 288 -10.02 16.40 -14.17
CA MET C 288 -9.87 15.09 -13.54
C MET C 288 -11.19 14.38 -13.29
N SER C 289 -12.31 14.99 -13.63
CA SER C 289 -13.60 14.32 -13.53
C SER C 289 -13.96 13.56 -14.80
N LYS C 290 -13.18 13.68 -15.86
CA LYS C 290 -13.46 13.02 -17.12
C LYS C 290 -13.08 11.54 -17.03
N MET C 291 -13.62 10.76 -17.97
CA MET C 291 -13.38 9.33 -17.98
C MET C 291 -11.93 9.03 -18.31
N ALA C 292 -11.61 7.75 -18.41
CA ALA C 292 -10.24 7.34 -18.71
C ALA C 292 -9.89 7.71 -20.14
N GLY C 293 -8.73 8.35 -20.31
CA GLY C 293 -8.26 8.75 -21.62
C GLY C 293 -8.87 10.02 -22.15
N GLU C 294 -9.77 10.66 -21.42
CA GLU C 294 -10.41 11.89 -21.85
C GLU C 294 -9.78 13.14 -21.25
N SER C 295 -9.28 13.06 -20.02
CA SER C 295 -8.60 14.21 -19.42
C SER C 295 -7.34 14.57 -20.19
N GLU C 296 -6.56 13.56 -20.60
CA GLU C 296 -5.38 13.83 -21.40
C GLU C 296 -5.76 14.48 -22.72
N SER C 297 -6.84 14.02 -23.34
CA SER C 297 -7.29 14.62 -24.58
C SER C 297 -7.70 16.07 -24.37
N ASN C 298 -8.35 16.36 -23.24
CA ASN C 298 -8.71 17.75 -22.95
C ASN C 298 -7.46 18.61 -22.79
N LEU C 299 -6.45 18.09 -22.09
CA LEU C 299 -5.20 18.84 -21.95
C LEU C 299 -4.57 19.11 -23.31
N ARG C 300 -4.51 18.09 -24.17
CA ARG C 300 -3.90 18.27 -25.47
C ARG C 300 -4.65 19.30 -26.29
N LYS C 301 -5.99 19.20 -26.31
CA LYS C 301 -6.78 20.14 -27.10
C LYS C 301 -6.64 21.55 -26.57
N ALA C 302 -6.61 21.72 -25.25
CA ALA C 302 -6.43 23.05 -24.67
C ALA C 302 -5.11 23.65 -25.11
N PHE C 303 -4.02 22.89 -24.95
CA PHE C 303 -2.71 23.43 -25.31
C PHE C 303 -2.64 23.73 -26.80
N GLU C 304 -3.17 22.84 -27.64
CA GLU C 304 -3.12 23.05 -29.07
C GLU C 304 -3.90 24.29 -29.49
N GLU C 305 -5.10 24.48 -28.93
CA GLU C 305 -5.87 25.67 -29.25
C GLU C 305 -5.18 26.93 -28.77
N ALA C 306 -4.60 26.90 -27.57
CA ALA C 306 -3.88 28.07 -27.08
C ALA C 306 -2.72 28.42 -28.00
N GLU C 307 -1.99 27.40 -28.46
CA GLU C 307 -0.85 27.65 -29.34
C GLU C 307 -1.30 28.10 -30.72
N LYS C 308 -2.50 27.71 -31.15
CA LYS C 308 -2.97 28.03 -32.48
C LYS C 308 -3.40 29.49 -32.59
N ASN C 309 -3.89 30.09 -31.52
CA ASN C 309 -4.42 31.45 -31.52
C ASN C 309 -3.50 32.40 -30.76
N ALA C 310 -2.19 32.24 -30.91
CA ALA C 310 -1.25 33.05 -30.17
C ALA C 310 -1.40 34.52 -30.58
N PRO C 311 -1.12 35.47 -29.67
CA PRO C 311 -0.65 35.27 -28.29
C PRO C 311 -1.76 34.76 -27.37
N ALA C 312 -1.40 33.90 -26.42
CA ALA C 312 -2.38 33.23 -25.57
C ALA C 312 -1.86 33.19 -24.14
N ILE C 313 -2.79 32.93 -23.21
CA ILE C 313 -2.45 32.81 -21.80
C ILE C 313 -3.21 31.63 -21.22
N ILE C 314 -2.51 30.51 -21.04
CA ILE C 314 -3.12 29.31 -20.47
C ILE C 314 -3.00 29.41 -18.95
N PHE C 315 -4.13 29.33 -18.26
CA PHE C 315 -4.18 29.38 -16.81
C PHE C 315 -4.65 28.03 -16.29
N ILE C 316 -3.74 27.29 -15.66
CA ILE C 316 -4.03 25.95 -15.15
C ILE C 316 -4.38 26.13 -13.67
N ASP C 317 -5.67 26.26 -13.40
CA ASP C 317 -6.13 26.52 -12.04
C ASP C 317 -6.13 25.22 -11.24
N GLU C 318 -5.55 25.27 -10.05
CA GLU C 318 -5.47 24.12 -9.16
C GLU C 318 -4.70 22.97 -9.82
N ILE C 319 -3.45 23.26 -10.16
CA ILE C 319 -2.61 22.26 -10.81
C ILE C 319 -2.24 21.13 -9.86
N ASP C 320 -2.36 21.36 -8.55
CA ASP C 320 -2.02 20.33 -7.58
C ASP C 320 -2.94 19.12 -7.66
N SER C 321 -4.07 19.22 -8.35
CA SER C 321 -4.94 18.07 -8.56
C SER C 321 -4.61 17.32 -9.84
N ILE C 322 -3.96 17.97 -10.80
CA ILE C 322 -3.53 17.30 -12.03
C ILE C 322 -2.18 16.62 -11.83
N ALA C 323 -1.25 17.29 -11.15
CA ALA C 323 0.11 16.78 -10.95
C ALA C 323 0.45 16.86 -9.47
N PRO C 324 -0.16 16.01 -8.65
CA PRO C 324 0.18 15.98 -7.23
C PRO C 324 1.52 15.33 -7.00
N LYS C 325 2.02 15.48 -5.77
CA LYS C 325 3.33 14.93 -5.43
C LYS C 325 3.38 13.45 -5.77
N ARG C 326 4.56 12.98 -6.20
CA ARG C 326 4.67 11.64 -6.78
C ARG C 326 4.10 10.59 -5.85
N ASP C 327 4.25 10.77 -4.53
CA ASP C 327 3.71 9.80 -3.59
C ASP C 327 2.20 9.92 -3.41
N LYS C 328 1.58 10.98 -3.94
CA LYS C 328 0.15 11.22 -3.78
C LYS C 328 -0.68 10.65 -4.93
N THR C 329 -0.06 10.14 -5.99
CA THR C 329 -0.80 9.70 -7.18
C THR C 329 -1.07 8.22 -7.05
N ASN C 330 -0.06 7.36 -7.09
CA ASN C 330 -0.18 5.91 -6.92
C ASN C 330 -1.16 5.28 -7.90
N GLY C 331 -1.57 5.98 -8.95
CA GLY C 331 -2.57 5.48 -9.90
C GLY C 331 -2.09 5.62 -11.33
N GLU C 332 -2.54 4.69 -12.18
CA GLU C 332 -2.15 4.72 -13.59
C GLU C 332 -2.59 6.01 -14.27
N VAL C 333 -3.86 6.37 -14.11
CA VAL C 333 -4.37 7.59 -14.74
C VAL C 333 -3.67 8.81 -14.17
N GLU C 334 -3.46 8.85 -12.86
CA GLU C 334 -2.79 9.98 -12.24
C GLU C 334 -1.36 10.14 -12.71
N ARG C 335 -0.76 9.11 -13.30
CA ARG C 335 0.57 9.24 -13.89
C ARG C 335 0.52 9.54 -15.37
N ARG C 336 -0.46 8.99 -16.09
CA ARG C 336 -0.62 9.33 -17.49
C ARG C 336 -0.89 10.82 -17.66
N VAL C 337 -1.74 11.38 -16.80
CA VAL C 337 -2.05 12.80 -16.90
C VAL C 337 -0.81 13.65 -16.64
N VAL C 338 -0.01 13.27 -15.64
CA VAL C 338 1.20 14.02 -15.34
C VAL C 338 2.18 13.95 -16.50
N SER C 339 2.35 12.77 -17.09
CA SER C 339 3.25 12.64 -18.23
C SER C 339 2.76 13.47 -19.41
N GLN C 340 1.45 13.47 -19.65
CA GLN C 340 0.91 14.30 -20.72
C GLN C 340 1.18 15.78 -20.46
N LEU C 341 0.99 16.22 -19.23
CA LEU C 341 1.24 17.63 -18.91
C LEU C 341 2.70 17.99 -19.10
N LEU C 342 3.61 17.12 -18.67
CA LEU C 342 5.04 17.38 -18.85
C LEU C 342 5.38 17.43 -20.34
N THR C 343 4.84 16.51 -21.13
CA THR C 343 5.09 16.53 -22.56
C THR C 343 4.61 17.82 -23.19
N LEU C 344 3.41 18.26 -22.83
CA LEU C 344 2.88 19.50 -23.39
C LEU C 344 3.73 20.69 -22.98
N MET C 345 4.17 20.73 -21.72
CA MET C 345 5.01 21.84 -21.27
C MET C 345 6.32 21.87 -22.04
N ASP C 346 6.96 20.72 -22.23
CA ASP C 346 8.22 20.69 -22.96
C ASP C 346 8.03 21.06 -24.42
N GLY C 347 6.98 20.56 -25.06
CA GLY C 347 6.80 20.79 -26.49
C GLY C 347 6.60 22.26 -26.82
N MET C 348 5.86 22.98 -25.98
CA MET C 348 5.55 24.37 -26.23
C MET C 348 6.62 25.33 -25.70
N LYS C 349 7.74 24.82 -25.20
CA LYS C 349 8.79 25.70 -24.69
C LYS C 349 9.15 26.76 -25.71
N ALA C 350 9.36 26.33 -26.96
CA ALA C 350 9.52 27.22 -28.10
C ALA C 350 8.42 26.94 -29.10
N ARG C 351 8.50 27.58 -30.27
CA ARG C 351 7.58 27.38 -31.38
C ARG C 351 6.23 28.04 -31.13
N SER C 352 6.12 28.95 -30.17
CA SER C 352 4.84 29.56 -29.87
C SER C 352 5.05 30.74 -28.92
N ASN C 353 4.23 31.77 -29.10
CA ASN C 353 4.23 32.94 -28.21
C ASN C 353 3.10 32.80 -27.19
N VAL C 354 3.28 31.81 -26.31
CA VAL C 354 2.26 31.44 -25.33
C VAL C 354 2.87 31.53 -23.94
N VAL C 355 2.02 31.82 -22.95
CA VAL C 355 2.42 31.91 -21.55
C VAL C 355 1.51 31.02 -20.73
N VAL C 356 2.10 30.24 -19.84
CA VAL C 356 1.35 29.33 -18.97
C VAL C 356 1.44 29.84 -17.54
N ILE C 357 0.30 29.86 -16.86
CA ILE C 357 0.22 30.28 -15.46
C ILE C 357 -0.48 29.19 -14.68
N ALA C 358 0.05 28.88 -13.50
CA ALA C 358 -0.52 27.83 -12.65
C ALA C 358 -0.67 28.36 -11.24
N ALA C 359 -1.66 27.81 -10.53
CA ALA C 359 -1.93 28.19 -9.15
C ALA C 359 -2.03 26.95 -8.29
N THR C 360 -1.42 27.00 -7.11
CA THR C 360 -1.43 25.87 -6.19
C THR C 360 -1.31 26.40 -4.76
N ASN C 361 -1.68 25.56 -3.80
CA ASN C 361 -1.66 25.98 -2.41
C ASN C 361 -0.24 26.11 -1.88
N ARG C 362 0.59 25.09 -2.08
CA ARG C 362 1.94 25.06 -1.55
C ARG C 362 2.90 24.56 -2.62
N PRO C 363 4.18 24.95 -2.53
CA PRO C 363 5.16 24.45 -3.51
C PRO C 363 5.34 22.95 -3.48
N ASN C 364 5.20 22.32 -2.31
CA ASN C 364 5.45 20.88 -2.19
C ASN C 364 4.27 20.03 -2.62
N SER C 365 3.16 20.64 -3.04
CA SER C 365 1.98 19.90 -3.47
C SER C 365 2.00 19.58 -4.96
N ILE C 366 3.09 19.88 -5.65
CA ILE C 366 3.20 19.67 -7.09
C ILE C 366 4.35 18.70 -7.35
N ASP C 367 4.24 17.94 -8.43
CA ASP C 367 5.30 17.03 -8.81
C ASP C 367 6.59 17.82 -9.02
N PRO C 368 7.72 17.43 -8.42
CA PRO C 368 8.93 18.24 -8.54
C PRO C 368 9.41 18.40 -9.97
N ALA C 369 9.03 17.51 -10.88
CA ALA C 369 9.50 17.60 -12.26
C ALA C 369 8.98 18.84 -12.97
N LEU C 370 7.97 19.50 -12.42
CA LEU C 370 7.37 20.67 -13.04
C LEU C 370 8.01 21.98 -12.62
N ARG C 371 9.09 21.93 -11.84
CA ARG C 371 9.69 23.13 -11.28
C ARG C 371 11.14 23.29 -11.71
N ARG C 372 11.42 23.10 -12.99
CA ARG C 372 12.79 23.19 -13.48
C ARG C 372 12.80 24.02 -14.76
N PHE C 373 13.98 24.09 -15.39
CA PHE C 373 14.15 24.92 -16.57
C PHE C 373 13.23 24.46 -17.69
N GLY C 374 12.70 25.41 -18.45
CA GLY C 374 11.73 25.11 -19.48
C GLY C 374 10.35 24.80 -18.98
N ARG C 375 10.10 25.02 -17.70
CA ARG C 375 8.83 24.70 -17.05
C ARG C 375 8.57 25.84 -16.06
N PHE C 376 7.73 25.59 -15.05
CA PHE C 376 7.34 26.65 -14.13
C PHE C 376 8.57 27.03 -13.31
N ASP C 377 9.46 27.79 -13.94
CA ASP C 377 10.71 28.21 -13.35
C ASP C 377 10.63 29.55 -12.64
N ARG C 378 9.47 30.20 -12.65
CA ARG C 378 9.25 31.43 -11.90
C ARG C 378 8.18 31.18 -10.85
N GLU C 379 8.46 31.59 -9.62
CA GLU C 379 7.56 31.38 -8.49
C GLU C 379 7.09 32.72 -7.93
N VAL C 380 5.81 32.79 -7.60
CA VAL C 380 5.21 33.96 -6.98
C VAL C 380 4.47 33.49 -5.73
N ASP C 381 4.66 34.19 -4.62
CA ASP C 381 4.09 33.81 -3.34
C ASP C 381 3.10 34.89 -2.91
N ILE C 382 1.86 34.49 -2.65
CA ILE C 382 0.81 35.38 -2.19
C ILE C 382 0.68 35.22 -0.68
N GLY C 383 0.75 36.34 0.04
CA GLY C 383 0.63 36.35 1.48
C GLY C 383 -0.64 37.05 1.92
N ILE C 384 -0.89 36.99 3.23
CA ILE C 384 -2.06 37.66 3.78
C ILE C 384 -1.86 39.17 3.70
N PRO C 385 -2.90 39.95 3.42
CA PRO C 385 -2.71 41.39 3.27
C PRO C 385 -2.50 42.07 4.62
N ASP C 386 -1.97 43.29 4.55
CA ASP C 386 -1.77 44.11 5.73
C ASP C 386 -2.99 45.00 5.94
N ALA C 387 -2.89 45.97 6.84
CA ALA C 387 -4.04 46.81 7.16
C ALA C 387 -4.53 47.57 5.93
N THR C 388 -3.60 48.16 5.18
CA THR C 388 -4.00 48.91 3.98
C THR C 388 -4.59 47.98 2.93
N GLY C 389 -4.02 46.79 2.76
CA GLY C 389 -4.58 45.84 1.82
C GLY C 389 -6.00 45.44 2.20
N ARG C 390 -6.24 45.18 3.48
CA ARG C 390 -7.58 44.82 3.92
C ARG C 390 -8.55 45.98 3.74
N LEU C 391 -8.09 47.21 3.97
CA LEU C 391 -8.94 48.37 3.72
C LEU C 391 -9.32 48.46 2.25
N GLU C 392 -8.35 48.25 1.36
CA GLU C 392 -8.64 48.27 -0.07
C GLU C 392 -9.64 47.18 -0.45
N VAL C 393 -9.47 45.98 0.10
CA VAL C 393 -10.39 44.90 -0.20
C VAL C 393 -11.80 45.25 0.28
N LEU C 394 -11.90 45.79 1.49
CA LEU C 394 -13.21 46.17 2.01
C LEU C 394 -13.86 47.24 1.14
N ARG C 395 -13.07 48.22 0.68
CA ARG C 395 -13.63 49.23 -0.21
C ARG C 395 -14.11 48.62 -1.52
N ILE C 396 -13.35 47.65 -2.04
CA ILE C 396 -13.75 47.00 -3.29
C ILE C 396 -15.08 46.27 -3.10
N HIS C 397 -15.21 45.50 -2.01
CA HIS C 397 -16.40 44.70 -1.84
C HIS C 397 -17.61 45.55 -1.47
N THR C 398 -17.44 46.49 -0.54
CA THR C 398 -18.57 47.28 -0.03
C THR C 398 -18.73 48.57 -0.83
N LYS C 399 -18.88 48.41 -2.15
CA LYS C 399 -19.13 49.54 -3.04
C LYS C 399 -20.54 49.56 -3.59
N ASN C 400 -21.22 48.41 -3.65
CA ASN C 400 -22.62 48.35 -4.05
C ASN C 400 -23.56 48.17 -2.87
N MET C 401 -23.05 47.86 -1.69
CA MET C 401 -23.91 47.66 -0.53
C MET C 401 -24.49 48.99 -0.07
N LYS C 402 -25.62 48.89 0.61
CA LYS C 402 -26.28 50.07 1.20
C LYS C 402 -25.74 50.30 2.61
N LEU C 403 -24.49 50.75 2.66
CA LEU C 403 -23.84 51.03 3.94
C LEU C 403 -24.52 52.19 4.64
N ALA C 404 -24.65 52.08 5.96
CA ALA C 404 -25.16 53.18 6.75
C ALA C 404 -24.07 54.24 6.94
N ASP C 405 -24.48 55.40 7.45
CA ASP C 405 -23.53 56.49 7.64
C ASP C 405 -22.43 56.12 8.62
N ASP C 406 -22.78 55.43 9.70
CA ASP C 406 -21.82 55.08 10.74
C ASP C 406 -21.09 53.80 10.37
N VAL C 407 -20.19 53.93 9.38
CA VAL C 407 -19.31 52.86 8.96
C VAL C 407 -17.88 53.38 9.00
N ASP C 408 -16.97 52.56 9.51
CA ASP C 408 -15.61 52.96 9.83
C ASP C 408 -14.61 51.95 9.26
N LEU C 409 -14.73 51.69 7.96
CA LEU C 409 -13.95 50.66 7.28
C LEU C 409 -12.52 50.57 7.80
N GLU C 410 -11.91 51.71 8.14
CA GLU C 410 -10.57 51.68 8.73
C GLU C 410 -10.57 50.85 10.02
N ALA C 411 -11.59 51.03 10.85
CA ALA C 411 -11.66 50.25 12.10
C ALA C 411 -11.77 48.76 11.80
N LEU C 412 -12.60 48.38 10.82
CA LEU C 412 -12.73 46.97 10.47
C LEU C 412 -11.41 46.42 9.95
N ALA C 413 -10.71 47.18 9.12
CA ALA C 413 -9.42 46.75 8.62
C ALA C 413 -8.44 46.55 9.77
N ALA C 414 -8.46 47.45 10.76
CA ALA C 414 -7.59 47.30 11.91
C ALA C 414 -7.93 46.04 12.71
N GLU C 415 -9.23 45.76 12.87
CA GLU C 415 -9.66 44.65 13.71
C GLU C 415 -9.56 43.29 13.03
N THR C 416 -9.30 43.25 11.73
CA THR C 416 -9.19 42.00 10.98
C THR C 416 -7.72 41.75 10.68
N HIS C 417 -7.13 40.77 11.37
CA HIS C 417 -5.76 40.34 11.14
C HIS C 417 -5.78 38.87 10.75
N GLY C 418 -5.05 38.52 9.69
CA GLY C 418 -5.10 37.18 9.17
C GLY C 418 -6.29 36.92 8.25
N TYR C 419 -7.00 37.96 7.84
CA TYR C 419 -8.16 37.81 6.97
C TYR C 419 -7.71 37.91 5.52
N VAL C 420 -7.90 36.84 4.77
CA VAL C 420 -7.68 36.85 3.33
C VAL C 420 -8.93 37.42 2.67
N GLY C 421 -8.84 37.78 1.40
CA GLY C 421 -9.95 38.46 0.75
C GLY C 421 -11.26 37.69 0.84
N ALA C 422 -11.18 36.36 0.73
CA ALA C 422 -12.39 35.55 0.85
C ALA C 422 -13.05 35.74 2.21
N ASP C 423 -12.23 35.82 3.27
CA ASP C 423 -12.78 36.05 4.59
C ASP C 423 -13.51 37.39 4.65
N ILE C 424 -12.97 38.42 4.00
CA ILE C 424 -13.61 39.73 4.03
C ILE C 424 -14.92 39.71 3.25
N ALA C 425 -14.95 39.01 2.11
CA ALA C 425 -16.21 38.89 1.39
C ALA C 425 -17.26 38.17 2.23
N SER C 426 -16.86 37.10 2.90
CA SER C 426 -17.80 36.40 3.79
C SER C 426 -18.26 37.31 4.92
N LEU C 427 -17.36 38.15 5.43
CA LEU C 427 -17.71 39.08 6.49
C LEU C 427 -18.79 40.05 6.02
N CYS C 428 -18.61 40.60 4.82
CA CYS C 428 -19.61 41.52 4.29
C CYS C 428 -20.95 40.82 4.09
N SER C 429 -20.94 39.61 3.56
CA SER C 429 -22.19 38.88 3.37
C SER C 429 -22.88 38.62 4.71
N GLU C 430 -22.10 38.23 5.72
CA GLU C 430 -22.69 37.95 7.03
C GLU C 430 -23.27 39.20 7.65
N ALA C 431 -22.59 40.34 7.50
CA ALA C 431 -23.13 41.58 8.03
C ALA C 431 -24.45 41.94 7.36
N ALA C 432 -24.52 41.78 6.03
CA ALA C 432 -25.78 42.07 5.35
C ALA C 432 -26.89 41.14 5.83
N MET C 433 -26.57 39.85 6.01
CA MET C 433 -27.56 38.91 6.49
C MET C 433 -28.04 39.29 7.89
N GLN C 434 -27.13 39.74 8.75
CA GLN C 434 -27.52 40.18 10.08
C GLN C 434 -28.45 41.39 10.00
N GLN C 435 -28.18 42.32 9.09
CA GLN C 435 -29.08 43.46 8.91
C GLN C 435 -30.47 42.98 8.48
N ILE C 436 -30.51 42.03 7.56
CA ILE C 436 -31.81 41.49 7.12
C ILE C 436 -32.54 40.86 8.31
N ARG C 437 -31.82 40.10 9.12
CA ARG C 437 -32.44 39.51 10.30
C ARG C 437 -33.00 40.57 11.23
N GLU C 438 -32.24 41.64 11.47
CA GLU C 438 -32.72 42.68 12.36
C GLU C 438 -33.97 43.36 11.82
N LYS C 439 -34.01 43.60 10.51
CA LYS C 439 -35.19 44.22 9.91
C LYS C 439 -36.31 43.23 9.60
N MET C 440 -36.11 41.95 9.88
CA MET C 440 -37.12 40.93 9.55
C MET C 440 -38.42 41.14 10.31
N ASP C 441 -38.41 41.91 11.40
CA ASP C 441 -39.63 42.10 12.18
C ASP C 441 -40.72 42.76 11.35
N LEU C 442 -40.35 43.67 10.45
CA LEU C 442 -41.30 44.39 9.62
C LEU C 442 -41.60 43.67 8.31
N ILE C 443 -40.90 42.57 8.03
CA ILE C 443 -41.08 41.83 6.79
C ILE C 443 -42.17 40.79 6.99
N ASP C 444 -43.15 40.78 6.09
CA ASP C 444 -44.25 39.81 6.15
C ASP C 444 -43.84 38.59 5.32
N LEU C 445 -43.46 37.52 6.01
CA LEU C 445 -43.03 36.31 5.30
C LEU C 445 -44.17 35.70 4.50
N ASP C 446 -45.40 35.79 5.01
CA ASP C 446 -46.53 35.18 4.33
C ASP C 446 -46.72 35.76 2.93
N GLU C 447 -46.65 37.09 2.82
CA GLU C 447 -46.82 37.74 1.53
C GLU C 447 -45.65 37.41 0.62
N ASP C 448 -45.92 37.42 -0.69
CA ASP C 448 -44.88 37.24 -1.70
C ASP C 448 -44.31 38.56 -2.20
N GLU C 449 -44.76 39.68 -1.64
CA GLU C 449 -44.26 41.00 -2.00
C GLU C 449 -43.97 41.80 -0.74
N ILE C 450 -42.98 42.69 -0.84
CA ILE C 450 -42.55 43.52 0.27
C ILE C 450 -42.55 44.98 -0.20
N ASP C 451 -43.14 45.85 0.61
CA ASP C 451 -43.24 47.26 0.24
C ASP C 451 -41.87 47.85 -0.01
N ALA C 452 -41.77 48.67 -1.05
CA ALA C 452 -40.51 49.36 -1.33
C ALA C 452 -40.09 50.27 -0.19
N GLU C 453 -41.04 50.71 0.64
CA GLU C 453 -40.69 51.54 1.79
C GLU C 453 -39.76 50.79 2.74
N VAL C 454 -40.06 49.52 3.02
CA VAL C 454 -39.19 48.73 3.89
C VAL C 454 -37.83 48.53 3.25
N LEU C 455 -37.82 48.20 1.94
CA LEU C 455 -36.54 47.97 1.27
C LEU C 455 -35.67 49.22 1.30
N ASP C 456 -36.28 50.39 1.17
CA ASP C 456 -35.51 51.63 1.22
C ASP C 456 -34.88 51.87 2.59
N SER C 457 -35.41 51.22 3.64
CA SER C 457 -34.88 51.43 4.98
C SER C 457 -33.69 50.53 5.31
N LEU C 458 -33.34 49.60 4.43
CA LEU C 458 -32.22 48.72 4.69
C LEU C 458 -30.91 49.52 4.73
N GLY C 459 -30.05 49.18 5.67
CA GLY C 459 -28.75 49.80 5.79
C GLY C 459 -27.87 49.08 6.78
N VAL C 460 -26.64 48.75 6.39
CA VAL C 460 -25.74 47.99 7.24
C VAL C 460 -25.03 48.95 8.18
N THR C 461 -25.03 48.62 9.47
CA THR C 461 -24.43 49.45 10.50
C THR C 461 -23.22 48.74 11.09
N MET C 462 -22.42 49.51 11.85
CA MET C 462 -21.20 48.95 12.42
C MET C 462 -21.48 47.79 13.36
N ASP C 463 -22.66 47.78 13.99
CA ASP C 463 -23.01 46.66 14.87
C ASP C 463 -23.07 45.35 14.10
N ASN C 464 -23.63 45.39 12.89
CA ASN C 464 -23.70 44.19 12.07
C ASN C 464 -22.30 43.70 11.71
N PHE C 465 -21.39 44.62 11.39
CA PHE C 465 -20.02 44.22 11.08
C PHE C 465 -19.32 43.64 12.29
N ARG C 466 -19.58 44.20 13.48
CA ARG C 466 -19.00 43.62 14.69
C ARG C 466 -19.53 42.20 14.92
N PHE C 467 -20.83 42.00 14.73
CA PHE C 467 -21.39 40.65 14.84
C PHE C 467 -20.74 39.71 13.84
N ALA C 468 -20.56 40.15 12.60
CA ALA C 468 -19.95 39.30 11.59
C ALA C 468 -18.51 38.96 11.97
N LEU C 469 -17.76 39.93 12.49
CA LEU C 469 -16.44 39.64 12.99
C LEU C 469 -16.49 38.58 14.08
N GLY C 470 -17.50 38.67 14.96
CA GLY C 470 -17.65 37.67 16.00
C GLY C 470 -17.87 36.28 15.44
N ASN C 471 -18.64 36.17 14.34
CA ASN C 471 -19.05 34.88 13.80
C ASN C 471 -18.27 34.49 12.55
N SER C 472 -16.96 34.75 12.50
CA SER C 472 -16.13 34.39 11.36
C SER C 472 -15.09 33.36 11.78
N ASN C 473 -14.66 32.56 10.81
CA ASN C 473 -13.71 31.46 11.05
C ASN C 473 -12.55 31.55 10.07
N PRO C 474 -11.69 32.56 10.21
CA PRO C 474 -10.49 32.61 9.37
C PRO C 474 -9.58 31.41 9.62
N SER C 475 -8.94 30.94 8.56
CA SER C 475 -8.07 29.78 8.63
C SER C 475 -6.72 30.00 7.95
N ALA C 476 -6.40 31.24 7.57
CA ALA C 476 -5.15 31.48 6.85
C ALA C 476 -3.95 31.17 7.72
N LEU C 477 -4.01 31.50 9.01
CA LEU C 477 -2.86 31.37 9.90
C LEU C 477 -2.66 29.95 10.42
N ARG C 478 -3.58 29.02 10.12
CA ARG C 478 -3.42 27.65 10.60
C ARG C 478 -2.25 26.94 9.91
N GLU C 479 -1.70 27.51 8.84
CA GLU C 479 -0.52 26.99 8.17
C GLU C 479 0.50 28.12 8.05
N THR C 480 1.74 27.75 7.75
CA THR C 480 2.77 28.76 7.58
C THR C 480 2.42 29.65 6.39
N VAL C 481 2.58 30.96 6.57
CA VAL C 481 2.18 31.94 5.56
C VAL C 481 3.11 33.13 5.66
N VAL C 482 3.44 33.70 4.50
CA VAL C 482 4.21 34.93 4.45
C VAL C 482 3.30 36.10 4.82
N GLU C 483 3.85 37.08 5.52
CA GLU C 483 3.06 38.18 6.03
C GLU C 483 3.94 39.42 6.14
N SER C 484 3.29 40.57 6.24
CA SER C 484 3.96 41.85 6.41
C SER C 484 3.91 42.29 7.87
N VAL C 485 4.94 42.99 8.30
CA VAL C 485 5.06 43.47 9.66
C VAL C 485 5.43 44.94 9.64
N ASN C 486 4.96 45.67 10.65
CA ASN C 486 5.13 47.12 10.70
C ASN C 486 5.56 47.56 12.10
N VAL C 487 6.58 46.89 12.63
CA VAL C 487 7.14 47.23 13.94
C VAL C 487 8.43 48.00 13.72
N THR C 488 8.53 49.17 14.34
CA THR C 488 9.70 50.03 14.21
C THR C 488 10.58 49.89 15.46
N TRP C 489 11.69 50.65 15.48
CA TRP C 489 12.54 50.66 16.66
C TRP C 489 11.98 51.62 17.70
N ASP C 490 10.69 51.49 18.00
CA ASP C 490 10.07 52.26 19.07
C ASP C 490 9.14 51.44 19.94
N ASP C 491 8.57 50.35 19.43
CA ASP C 491 7.81 49.44 20.26
C ASP C 491 8.72 48.57 21.13
N VAL C 492 9.98 48.42 20.74
CA VAL C 492 10.94 47.59 21.47
C VAL C 492 11.68 48.54 22.42
N GLY C 493 11.13 48.72 23.61
CA GLY C 493 11.79 49.56 24.60
C GLY C 493 13.05 48.90 25.13
N GLY C 494 14.11 49.70 25.25
CA GLY C 494 15.37 49.18 25.73
C GLY C 494 16.08 48.36 24.66
N LEU C 495 17.05 47.58 25.12
CA LEU C 495 17.83 46.71 24.24
C LEU C 495 18.55 47.53 23.15
N ASP C 496 19.05 48.70 23.54
CA ASP C 496 19.67 49.60 22.56
C ASP C 496 20.89 48.97 21.91
N GLU C 497 21.77 48.34 22.71
CA GLU C 497 22.95 47.72 22.14
C GLU C 497 22.57 46.56 21.23
N ILE C 498 21.56 45.78 21.61
CA ILE C 498 21.09 44.72 20.74
C ILE C 498 20.50 45.30 19.46
N LYS C 499 19.82 46.43 19.56
CA LYS C 499 19.29 47.09 18.37
C LYS C 499 20.42 47.48 17.43
N GLU C 500 21.48 48.07 17.96
CA GLU C 500 22.61 48.46 17.11
C GLU C 500 23.26 47.23 16.48
N GLU C 501 23.41 46.15 17.26
CA GLU C 501 24.00 44.93 16.73
C GLU C 501 23.15 44.38 15.58
N LEU C 502 21.83 44.33 15.77
CA LEU C 502 20.96 43.84 14.71
C LEU C 502 21.01 44.74 13.49
N LYS C 503 21.07 46.06 13.70
CA LYS C 503 21.18 46.96 12.57
C LYS C 503 22.43 46.65 11.76
N GLU C 504 23.59 46.65 12.41
CA GLU C 504 24.83 46.42 11.68
C GLU C 504 24.95 44.99 11.17
N THR C 505 24.12 44.08 11.65
CA THR C 505 24.15 42.70 11.17
C THR C 505 23.25 42.48 9.95
N VAL C 506 22.10 43.13 9.89
CA VAL C 506 21.08 42.85 8.90
C VAL C 506 20.92 44.00 7.90
N GLU C 507 20.79 45.23 8.39
CA GLU C 507 20.48 46.34 7.50
C GLU C 507 21.61 46.59 6.51
N TYR C 508 22.87 46.52 6.98
CA TYR C 508 23.99 46.83 6.10
C TYR C 508 24.07 45.90 4.90
N PRO C 509 24.01 44.58 5.05
CA PRO C 509 24.02 43.72 3.86
C PRO C 509 22.90 44.04 2.87
N VAL C 510 21.70 44.34 3.37
CA VAL C 510 20.56 44.53 2.48
C VAL C 510 20.65 45.87 1.77
N LEU C 511 20.98 46.94 2.50
CA LEU C 511 20.94 48.28 1.94
C LEU C 511 22.25 48.70 1.26
N HIS C 512 23.38 48.12 1.64
CA HIS C 512 24.69 48.49 1.08
C HIS C 512 25.45 47.24 0.66
N PRO C 513 24.90 46.45 -0.27
CA PRO C 513 25.64 45.27 -0.76
C PRO C 513 26.93 45.63 -1.49
N ASP C 514 27.00 46.84 -2.06
CA ASP C 514 28.20 47.23 -2.79
C ASP C 514 29.42 47.26 -1.87
N GLN C 515 29.23 47.75 -0.64
CA GLN C 515 30.34 47.76 0.31
C GLN C 515 30.81 46.35 0.63
N TYR C 516 29.87 45.43 0.84
CA TYR C 516 30.26 44.05 1.12
C TYR C 516 31.02 43.44 -0.05
N THR C 517 30.56 43.69 -1.27
CA THR C 517 31.30 43.20 -2.43
C THR C 517 32.68 43.83 -2.50
N LYS C 518 32.78 45.12 -2.19
CA LYS C 518 34.07 45.81 -2.22
C LYS C 518 35.06 45.16 -1.26
N PHE C 519 34.61 44.87 -0.04
CA PHE C 519 35.48 44.28 0.97
C PHE C 519 35.54 42.76 0.88
N GLY C 520 34.81 42.15 -0.04
CA GLY C 520 34.85 40.71 -0.18
C GLY C 520 34.43 39.96 1.08
N LEU C 521 33.34 40.39 1.69
CA LEU C 521 32.81 39.79 2.91
C LEU C 521 31.41 39.27 2.64
N SER C 522 31.15 38.03 3.03
CA SER C 522 29.83 37.44 2.84
C SER C 522 28.96 37.74 4.06
N PRO C 523 27.75 38.27 3.87
CA PRO C 523 26.91 38.63 5.04
C PRO C 523 26.51 37.41 5.84
N SER C 524 26.30 37.64 7.13
CA SER C 524 25.88 36.58 8.05
C SER C 524 24.48 36.09 7.69
N LYS C 525 24.24 34.81 7.95
CA LYS C 525 22.95 34.22 7.60
C LYS C 525 21.91 34.46 8.69
N GLY C 526 22.16 33.96 9.90
CA GLY C 526 21.17 34.01 10.96
C GLY C 526 21.79 34.26 12.31
N VAL C 527 20.92 34.50 13.29
CA VAL C 527 21.32 34.72 14.67
C VAL C 527 20.40 33.89 15.56
N LEU C 528 20.82 33.72 16.81
CA LEU C 528 20.06 32.97 17.80
C LEU C 528 19.87 33.84 19.04
N PHE C 529 18.62 34.15 19.35
CA PHE C 529 18.29 34.86 20.57
C PHE C 529 18.14 33.86 21.71
N TYR C 530 18.59 34.24 22.90
CA TYR C 530 18.32 33.44 24.09
C TYR C 530 18.11 34.36 25.28
N GLY C 531 17.32 33.88 26.23
CA GLY C 531 16.99 34.63 27.42
C GLY C 531 15.70 34.17 28.04
N PRO C 532 15.32 34.76 29.16
CA PRO C 532 14.09 34.34 29.82
C PRO C 532 12.89 34.61 28.93
N PRO C 533 11.84 33.81 29.04
CA PRO C 533 10.65 34.03 28.21
C PRO C 533 10.00 35.37 28.49
N GLY C 534 9.40 35.95 27.45
CA GLY C 534 8.74 37.23 27.56
C GLY C 534 9.63 38.43 27.41
N THR C 535 10.92 38.24 27.12
CA THR C 535 11.83 39.37 27.02
C THR C 535 11.64 40.18 25.74
N GLY C 536 10.90 39.66 24.76
CA GLY C 536 10.57 40.44 23.58
C GLY C 536 11.41 40.08 22.36
N LYS C 537 11.65 38.79 22.15
CA LYS C 537 12.43 38.37 20.99
C LYS C 537 11.63 38.46 19.69
N THR C 538 10.35 38.09 19.74
CA THR C 538 9.53 38.18 18.53
C THR C 538 9.40 39.63 18.07
N LEU C 539 9.32 40.56 19.02
CA LEU C 539 9.30 41.98 18.65
C LEU C 539 10.59 42.37 17.95
N LEU C 540 11.73 41.88 18.43
CA LEU C 540 12.99 42.18 17.76
C LEU C 540 13.01 41.62 16.34
N ALA C 541 12.55 40.39 16.16
CA ALA C 541 12.53 39.80 14.83
C ALA C 541 11.63 40.61 13.90
N LYS C 542 10.45 40.99 14.36
CA LYS C 542 9.54 41.77 13.53
C LYS C 542 10.12 43.13 13.20
N ALA C 543 10.79 43.77 14.16
CA ALA C 543 11.41 45.05 13.89
C ALA C 543 12.51 44.92 12.86
N VAL C 544 13.34 43.88 12.97
CA VAL C 544 14.39 43.68 11.98
C VAL C 544 13.78 43.48 10.60
N ALA C 545 12.72 42.68 10.50
CA ALA C 545 12.07 42.47 9.22
C ALA C 545 11.52 43.79 8.67
N THR C 546 10.93 44.61 9.54
CA THR C 546 10.36 45.87 9.10
C THR C 546 11.43 46.82 8.57
N GLU C 547 12.58 46.89 9.23
CA GLU C 547 13.58 47.87 8.86
C GLU C 547 14.06 47.67 7.42
N VAL C 548 14.34 46.43 7.04
CA VAL C 548 14.83 46.15 5.70
C VAL C 548 13.66 45.96 4.75
N SER C 549 12.45 46.25 5.22
CA SER C 549 11.24 46.16 4.39
C SER C 549 11.08 44.76 3.82
N ALA C 550 11.39 43.74 4.63
CA ALA C 550 11.29 42.36 4.22
C ALA C 550 10.01 41.73 4.76
N ASN C 551 9.65 40.60 4.17
CA ASN C 551 8.50 39.85 4.64
C ASN C 551 8.84 39.16 5.96
N PHE C 552 7.93 38.32 6.44
CA PHE C 552 8.13 37.67 7.72
C PHE C 552 7.40 36.33 7.72
N ILE C 553 8.12 35.26 8.02
CA ILE C 553 7.56 33.93 8.20
C ILE C 553 7.84 33.49 9.62
N SER C 554 6.81 33.09 10.34
CA SER C 554 6.93 32.68 11.74
C SER C 554 6.57 31.22 11.87
N VAL C 555 7.44 30.45 12.50
CA VAL C 555 7.24 29.03 12.74
C VAL C 555 7.33 28.82 14.24
N LYS C 556 6.18 28.67 14.89
CA LYS C 556 6.13 28.53 16.34
C LYS C 556 6.41 27.09 16.75
N GLY C 557 6.44 26.85 18.06
CA GLY C 557 6.78 25.55 18.59
C GLY C 557 5.84 24.45 18.13
N PRO C 558 4.53 24.68 18.24
CA PRO C 558 3.58 23.64 17.80
C PRO C 558 3.77 23.20 16.36
N GLU C 559 4.08 24.14 15.46
CA GLU C 559 4.28 23.76 14.06
C GLU C 559 5.51 22.86 13.91
N LEU C 560 6.60 23.21 14.59
CA LEU C 560 7.80 22.37 14.51
C LEU C 560 7.55 21.00 15.11
N LEU C 561 6.84 20.94 16.23
CA LEU C 561 6.51 19.63 16.81
C LEU C 561 5.64 18.82 15.85
N SER C 562 4.67 19.46 15.21
CA SER C 562 3.83 18.75 14.26
C SER C 562 4.66 18.21 13.10
N MET C 563 5.62 18.99 12.61
CA MET C 563 6.51 18.51 11.57
C MET C 563 7.33 17.33 12.08
N TRP C 564 7.75 17.38 13.34
CA TRP C 564 8.49 16.26 13.93
C TRP C 564 7.63 15.00 13.97
N TYR C 565 6.35 15.15 14.30
CA TYR C 565 5.42 14.02 14.28
C TYR C 565 4.91 13.69 12.89
N GLY C 566 5.25 14.50 11.88
CA GLY C 566 4.88 14.20 10.52
C GLY C 566 3.39 14.17 10.28
N GLU C 567 2.67 15.17 10.79
CA GLU C 567 1.23 15.27 10.61
C GLU C 567 0.84 16.69 10.22
N SER C 568 1.65 17.32 9.36
CA SER C 568 1.41 18.67 8.89
C SER C 568 1.49 18.69 7.37
N GLU C 569 0.88 19.72 6.78
CA GLU C 569 0.88 19.89 5.33
C GLU C 569 2.10 20.62 4.81
N SER C 570 3.00 21.06 5.70
CA SER C 570 4.16 21.84 5.31
C SER C 570 5.41 21.27 5.96
N ASN C 571 6.53 21.37 5.24
CA ASN C 571 7.82 20.89 5.71
C ASN C 571 8.79 22.06 5.79
N ILE C 572 10.01 21.77 6.25
CA ILE C 572 11.04 22.80 6.30
C ILE C 572 11.39 23.26 4.90
N ARG C 573 11.51 22.31 3.96
CA ARG C 573 11.82 22.66 2.58
C ARG C 573 10.75 23.59 2.02
N ASP C 574 9.48 23.33 2.34
CA ASP C 574 8.40 24.20 1.89
C ASP C 574 8.55 25.60 2.48
N ILE C 575 8.89 25.69 3.77
CA ILE C 575 9.08 26.99 4.40
C ILE C 575 10.16 27.77 3.68
N PHE C 576 11.28 27.12 3.37
CA PHE C 576 12.37 27.84 2.75
C PHE C 576 12.11 28.13 1.28
N ASP C 577 11.31 27.31 0.60
CA ASP C 577 10.87 27.67 -0.75
C ASP C 577 10.01 28.92 -0.73
N LYS C 578 9.09 29.01 0.23
CA LYS C 578 8.31 30.23 0.37
C LYS C 578 9.20 31.41 0.68
N ALA C 579 10.21 31.20 1.54
CA ALA C 579 11.13 32.29 1.89
C ALA C 579 11.90 32.77 0.66
N ARG C 580 12.35 31.84 -0.18
CA ARG C 580 13.03 32.25 -1.41
C ARG C 580 12.09 33.03 -2.32
N ALA C 581 10.89 32.50 -2.54
CA ALA C 581 9.96 33.16 -3.46
C ALA C 581 9.57 34.54 -2.97
N ALA C 582 9.54 34.75 -1.64
CA ALA C 582 9.11 36.01 -1.06
C ALA C 582 10.29 36.86 -0.58
N ALA C 583 11.48 36.63 -1.12
CA ALA C 583 12.65 37.37 -0.63
C ALA C 583 12.54 38.84 -0.98
N PRO C 584 13.10 39.74 -0.14
CA PRO C 584 13.81 39.45 1.11
C PRO C 584 12.87 39.01 2.21
N THR C 585 13.26 37.98 2.97
CA THR C 585 12.41 37.38 3.97
C THR C 585 13.17 37.25 5.28
N VAL C 586 12.42 37.14 6.37
CA VAL C 586 12.96 36.82 7.68
C VAL C 586 12.19 35.62 8.19
N VAL C 587 12.87 34.49 8.33
CA VAL C 587 12.28 33.30 8.91
C VAL C 587 12.56 33.34 10.41
N PHE C 588 11.58 32.93 11.21
CA PHE C 588 11.67 33.01 12.66
C PHE C 588 11.27 31.67 13.25
N LEU C 589 12.24 30.93 13.79
CA LEU C 589 11.99 29.67 14.48
C LEU C 589 11.89 29.96 15.96
N ASP C 590 10.68 30.00 16.47
CA ASP C 590 10.44 30.26 17.89
C ASP C 590 10.52 28.97 18.69
N GLU C 591 10.94 29.09 19.94
CA GLU C 591 11.16 27.94 20.82
C GLU C 591 11.80 26.79 20.05
N LEU C 592 13.00 27.08 19.53
CA LEU C 592 13.77 26.11 18.76
C LEU C 592 14.30 24.96 19.60
N ASP C 593 14.24 25.07 20.93
CA ASP C 593 14.78 24.02 21.79
C ASP C 593 13.90 22.78 21.86
N SER C 594 12.62 22.89 21.50
CA SER C 594 11.76 21.72 21.54
C SER C 594 12.24 20.65 20.55
N ILE C 595 12.64 21.09 19.36
CA ILE C 595 13.13 20.15 18.35
C ILE C 595 14.65 19.99 18.41
N ALA C 596 15.37 21.03 18.83
CA ALA C 596 16.83 21.01 18.85
C ALA C 596 17.39 20.46 20.16
N LYS C 597 16.60 19.66 20.89
CA LYS C 597 17.06 19.06 22.14
C LYS C 597 18.36 18.31 21.94
N ASP C 611 18.08 14.82 15.39
CA ASP C 611 16.76 14.51 14.84
C ASP C 611 16.72 14.75 13.34
N ARG C 612 15.77 14.08 12.68
CA ARG C 612 15.63 14.27 11.25
C ARG C 612 15.21 15.70 10.92
N VAL C 613 14.38 16.30 11.77
CA VAL C 613 13.95 17.68 11.54
C VAL C 613 15.14 18.63 11.66
N VAL C 614 15.98 18.43 12.66
CA VAL C 614 17.17 19.27 12.81
C VAL C 614 18.10 19.07 11.62
N ASN C 615 18.22 17.83 11.16
CA ASN C 615 19.05 17.55 9.99
C ASN C 615 18.52 18.29 8.76
N GLN C 616 17.20 18.26 8.56
CA GLN C 616 16.61 18.99 7.44
C GLN C 616 16.85 20.48 7.56
N LEU C 617 16.74 21.02 8.77
CA LEU C 617 16.98 22.44 8.97
C LEU C 617 18.42 22.80 8.61
N LEU C 618 19.37 21.97 9.04
CA LEU C 618 20.77 22.21 8.69
C LEU C 618 20.98 22.13 7.18
N THR C 619 20.36 21.15 6.53
CA THR C 619 20.50 21.03 5.09
C THR C 619 19.96 22.27 4.38
N GLU C 620 18.81 22.77 4.81
CA GLU C 620 18.25 23.95 4.18
C GLU C 620 19.11 25.18 4.43
N MET C 621 19.66 25.31 5.64
CA MET C 621 20.52 26.44 5.93
C MET C 621 21.80 26.39 5.11
N ASP C 622 22.32 25.19 4.85
CA ASP C 622 23.50 25.09 3.98
C ASP C 622 23.14 25.39 2.54
N GLY C 623 21.95 24.97 2.10
CA GLY C 623 21.59 25.13 0.70
C GLY C 623 21.37 26.57 0.28
N MET C 624 20.80 27.39 1.16
CA MET C 624 20.32 28.70 0.76
C MET C 624 21.44 29.54 0.14
N ASN C 625 21.09 30.25 -0.93
CA ASN C 625 22.06 31.09 -1.61
C ASN C 625 22.55 32.20 -0.69
N ALA C 626 23.87 32.40 -0.68
CA ALA C 626 24.46 33.40 0.20
C ALA C 626 23.96 34.80 -0.12
N LYS C 627 23.85 35.12 -1.41
CA LYS C 627 23.47 36.47 -1.81
C LYS C 627 21.99 36.74 -1.59
N LYS C 628 21.16 35.70 -1.55
CA LYS C 628 19.75 35.89 -1.24
C LYS C 628 19.59 36.55 0.11
N ASN C 629 18.65 37.49 0.20
CA ASN C 629 18.37 38.20 1.45
C ASN C 629 17.32 37.43 2.25
N VAL C 630 17.74 36.29 2.77
CA VAL C 630 16.92 35.47 3.66
C VAL C 630 17.69 35.28 4.96
N PHE C 631 17.14 35.79 6.05
CA PHE C 631 17.77 35.73 7.36
C PHE C 631 16.94 34.87 8.28
N VAL C 632 17.59 33.95 8.98
CA VAL C 632 16.94 33.01 9.88
C VAL C 632 17.27 33.43 11.31
N ILE C 633 16.24 33.72 12.10
CA ILE C 633 16.38 34.08 13.50
C ILE C 633 15.76 32.97 14.34
N GLY C 634 16.50 32.48 15.32
CA GLY C 634 16.03 31.44 16.22
C GLY C 634 15.88 31.99 17.63
N ALA C 635 14.84 31.54 18.32
CA ALA C 635 14.59 31.93 19.69
C ALA C 635 14.52 30.69 20.57
N THR C 636 15.14 30.76 21.75
CA THR C 636 15.16 29.63 22.66
C THR C 636 15.39 30.13 24.07
N ASN C 637 14.93 29.35 25.04
CA ASN C 637 15.11 29.65 26.45
C ASN C 637 16.22 28.85 27.10
N ARG C 638 16.72 27.81 26.43
CA ARG C 638 17.76 26.93 26.98
C ARG C 638 18.89 26.82 25.96
N PRO C 639 19.78 27.81 25.92
CA PRO C 639 20.84 27.79 24.89
C PRO C 639 21.71 26.54 24.93
N ASP C 640 22.00 26.02 26.13
CA ASP C 640 22.83 24.83 26.22
C ASP C 640 22.13 23.62 25.60
N GLN C 641 20.82 23.51 25.81
CA GLN C 641 20.08 22.37 25.29
C GLN C 641 20.06 22.32 23.77
N ILE C 642 20.33 23.45 23.09
CA ILE C 642 20.31 23.47 21.64
C ILE C 642 21.40 22.57 21.09
N ASP C 643 21.10 21.91 19.97
CA ASP C 643 22.08 21.03 19.34
C ASP C 643 23.30 21.84 18.92
N PRO C 644 24.51 21.39 19.25
CA PRO C 644 25.71 22.15 18.84
C PRO C 644 25.82 22.35 17.34
N ALA C 645 25.32 21.40 16.54
CA ALA C 645 25.46 21.51 15.09
C ALA C 645 24.81 22.78 14.55
N ILE C 646 23.79 23.28 15.24
CA ILE C 646 23.11 24.49 14.77
C ILE C 646 23.97 25.72 14.90
N LEU C 647 25.01 25.69 15.75
CA LEU C 647 25.78 26.88 16.09
C LEU C 647 27.10 26.97 15.35
N ARG C 648 27.35 26.10 14.38
CA ARG C 648 28.60 26.17 13.63
C ARG C 648 28.59 27.39 12.71
N PRO C 649 29.77 27.85 12.30
CA PRO C 649 29.81 28.94 11.31
C PRO C 649 29.12 28.54 10.02
N GLY C 650 28.49 29.52 9.36
CA GLY C 650 27.61 29.25 8.25
C GLY C 650 26.21 28.89 8.66
N ARG C 651 25.86 29.09 9.92
CA ARG C 651 24.57 28.73 10.49
C ARG C 651 24.26 29.78 11.55
N LEU C 652 23.38 29.45 12.49
CA LEU C 652 23.02 30.42 13.51
C LEU C 652 24.20 30.62 14.45
N ASP C 653 25.29 31.18 13.92
CA ASP C 653 26.52 31.31 14.68
C ASP C 653 26.45 32.42 15.72
N GLN C 654 25.88 33.56 15.36
CA GLN C 654 25.78 34.66 16.31
C GLN C 654 24.78 34.30 17.41
N LEU C 655 25.16 34.58 18.66
CA LEU C 655 24.29 34.39 19.81
C LEU C 655 24.08 35.72 20.49
N ILE C 656 22.83 36.06 20.77
CA ILE C 656 22.47 37.33 21.38
C ILE C 656 21.62 37.04 22.61
N TYR C 657 22.00 37.63 23.74
CA TYR C 657 21.27 37.49 24.99
C TYR C 657 20.31 38.67 25.14
N VAL C 658 19.05 38.36 25.41
CA VAL C 658 18.03 39.38 25.59
C VAL C 658 17.63 39.41 27.06
N PRO C 659 18.13 40.34 27.86
CA PRO C 659 17.87 40.34 29.30
C PRO C 659 16.50 40.93 29.62
N LEU C 660 16.16 40.90 30.91
CA LEU C 660 14.92 41.52 31.35
C LEU C 660 15.02 43.04 31.21
N PRO C 661 13.89 43.71 31.01
CA PRO C 661 13.93 45.17 30.82
C PRO C 661 14.32 45.89 32.10
N ASP C 662 14.88 47.09 31.91
CA ASP C 662 15.24 47.95 33.01
C ASP C 662 14.09 48.91 33.33
N GLU C 663 14.30 49.78 34.32
CA GLU C 663 13.23 50.65 34.79
C GLU C 663 12.67 51.50 33.66
N ASN C 664 13.54 52.18 32.92
CA ASN C 664 13.08 52.97 31.79
C ASN C 664 12.42 52.10 30.74
N ALA C 665 12.99 50.93 30.48
CA ALA C 665 12.37 50.00 29.53
C ALA C 665 11.00 49.55 30.03
N ARG C 666 10.88 49.27 31.33
CA ARG C 666 9.58 48.87 31.87
C ARG C 666 8.56 49.98 31.72
N LEU C 667 8.94 51.21 32.01
CA LEU C 667 8.01 52.33 31.85
C LEU C 667 7.62 52.50 30.39
N SER C 668 8.56 52.33 29.47
CA SER C 668 8.24 52.40 28.05
C SER C 668 7.26 51.31 27.66
N ILE C 669 7.46 50.10 28.16
CA ILE C 669 6.53 49.01 27.87
C ILE C 669 5.13 49.36 28.37
N LEU C 670 5.05 49.86 29.61
CA LEU C 670 3.75 50.20 30.17
C LEU C 670 3.06 51.27 29.34
N ASN C 671 3.80 52.31 28.93
CA ASN C 671 3.21 53.37 28.12
C ASN C 671 2.75 52.82 26.78
N ALA C 672 3.53 51.94 26.17
CA ALA C 672 3.15 51.38 24.88
C ALA C 672 1.89 50.53 25.00
N GLN C 673 1.75 49.78 26.09
CA GLN C 673 0.61 48.90 26.24
C GLN C 673 -0.68 49.62 26.63
N LEU C 674 -0.61 50.91 26.94
CA LEU C 674 -1.78 51.68 27.39
C LEU C 674 -2.21 52.74 26.38
N ARG C 675 -1.76 52.64 25.13
CA ARG C 675 -2.16 53.62 24.13
C ARG C 675 -3.54 53.33 23.55
N LYS C 676 -4.15 52.19 23.89
CA LYS C 676 -5.48 51.83 23.41
C LYS C 676 -6.48 51.70 24.56
N THR C 677 -6.17 52.26 25.72
CA THR C 677 -7.02 52.16 26.89
C THR C 677 -7.29 53.55 27.45
N PRO C 678 -8.52 53.83 27.89
CA PRO C 678 -8.81 55.16 28.47
C PRO C 678 -8.29 55.31 29.90
N LEU C 679 -7.01 55.66 30.01
CA LEU C 679 -6.41 55.85 31.32
C LEU C 679 -6.91 57.15 31.96
N GLU C 680 -6.89 57.17 33.29
CA GLU C 680 -7.33 58.36 34.00
C GLU C 680 -6.40 59.53 33.67
N PRO C 681 -6.94 60.72 33.44
CA PRO C 681 -6.07 61.88 33.22
C PRO C 681 -5.16 62.12 34.41
N GLY C 682 -3.92 62.50 34.11
CA GLY C 682 -2.96 62.75 35.16
C GLY C 682 -2.41 61.51 35.84
N LEU C 683 -2.56 60.35 35.23
CA LEU C 683 -2.06 59.12 35.82
C LEU C 683 -0.55 59.01 35.64
N GLU C 684 0.07 58.24 36.54
CA GLU C 684 1.51 58.02 36.53
C GLU C 684 1.79 56.53 36.62
N LEU C 685 2.94 56.13 36.08
CA LEU C 685 3.33 54.73 36.04
C LEU C 685 4.77 54.49 36.51
N THR C 686 5.47 55.54 36.95
CA THR C 686 6.84 55.35 37.43
C THR C 686 6.86 54.44 38.66
N ALA C 687 5.90 54.62 39.56
CA ALA C 687 5.86 53.77 40.76
C ALA C 687 5.64 52.31 40.39
N ILE C 688 4.73 52.05 39.45
CA ILE C 688 4.49 50.67 39.02
C ILE C 688 5.74 50.11 38.37
N ALA C 689 6.39 50.89 37.51
CA ALA C 689 7.61 50.41 36.85
C ALA C 689 8.69 50.08 37.86
N LYS C 690 8.87 50.93 38.87
CA LYS C 690 9.89 50.66 39.88
C LYS C 690 9.54 49.45 40.71
N ALA C 691 8.25 49.28 41.04
CA ALA C 691 7.85 48.18 41.91
C ALA C 691 7.99 46.82 41.22
N THR C 692 8.08 46.78 39.89
CA THR C 692 8.08 45.54 39.14
C THR C 692 9.48 45.11 38.71
N GLN C 693 10.48 45.35 39.55
CA GLN C 693 11.84 44.95 39.22
C GLN C 693 11.89 43.44 38.98
N GLY C 694 12.56 43.04 37.90
CA GLY C 694 12.64 41.65 37.52
C GLY C 694 11.49 41.14 36.70
N PHE C 695 10.50 41.97 36.39
CA PHE C 695 9.37 41.56 35.59
C PHE C 695 9.72 41.64 34.11
N SER C 696 9.19 40.70 33.33
CA SER C 696 9.32 40.73 31.88
C SER C 696 8.12 41.44 31.28
N GLY C 697 8.14 41.60 29.95
CA GLY C 697 7.04 42.30 29.29
C GLY C 697 5.72 41.61 29.49
N ALA C 698 5.73 40.27 29.51
CA ALA C 698 4.48 39.53 29.68
C ALA C 698 3.85 39.82 31.04
N ASP C 699 4.68 39.92 32.09
CA ASP C 699 4.14 40.20 33.41
C ASP C 699 3.50 41.58 33.46
N LEU C 700 4.16 42.57 32.88
CA LEU C 700 3.59 43.92 32.86
C LEU C 700 2.29 43.96 32.06
N LEU C 701 2.26 43.23 30.94
CA LEU C 701 1.02 43.13 30.18
C LEU C 701 -0.08 42.50 31.02
N TYR C 702 0.25 41.49 31.81
CA TYR C 702 -0.73 40.85 32.68
C TYR C 702 -1.23 41.82 33.74
N ILE C 703 -0.34 42.65 34.30
CA ILE C 703 -0.75 43.64 35.28
C ILE C 703 -1.75 44.62 34.65
N VAL C 704 -1.43 45.11 33.45
CA VAL C 704 -2.33 46.02 32.76
C VAL C 704 -3.67 45.34 32.49
N GLN C 705 -3.62 44.08 32.08
CA GLN C 705 -4.85 43.36 31.77
C GLN C 705 -5.72 43.19 33.00
N ARG C 706 -5.12 42.88 34.15
CA ARG C 706 -5.89 42.76 35.38
C ARG C 706 -6.49 44.10 35.79
N ALA C 707 -5.74 45.18 35.65
CA ALA C 707 -6.31 46.50 35.96
C ALA C 707 -7.51 46.80 35.07
N ALA C 708 -7.39 46.51 33.77
CA ALA C 708 -8.51 46.71 32.87
C ALA C 708 -9.69 45.82 33.26
N LYS C 709 -9.41 44.59 33.68
CA LYS C 709 -10.49 43.69 34.07
C LYS C 709 -11.24 44.22 35.29
N TYR C 710 -10.51 44.72 36.28
CA TYR C 710 -11.18 45.33 37.43
C TYR C 710 -12.01 46.52 37.01
N ALA C 711 -11.46 47.38 36.15
CA ALA C 711 -12.20 48.56 35.73
C ALA C 711 -13.49 48.18 35.01
N ILE C 712 -13.42 47.20 34.10
CA ILE C 712 -14.60 46.81 33.36
C ILE C 712 -15.62 46.13 34.27
N LYS C 713 -15.15 45.35 35.25
CA LYS C 713 -16.07 44.77 36.22
C LYS C 713 -16.83 45.86 36.96
N ASP C 714 -16.11 46.88 37.43
CA ASP C 714 -16.77 47.96 38.16
C ASP C 714 -17.73 48.72 37.25
N SER C 715 -17.36 48.92 35.99
CA SER C 715 -18.25 49.60 35.06
C SER C 715 -19.54 48.80 34.85
N ILE C 716 -19.42 47.49 34.67
CA ILE C 716 -20.60 46.64 34.49
C ILE C 716 -21.48 46.68 35.73
N GLU C 717 -20.86 46.61 36.92
CA GLU C 717 -21.63 46.68 38.15
C GLU C 717 -22.37 48.00 38.25
N ALA C 718 -21.70 49.10 37.94
CA ALA C 718 -22.36 50.41 38.00
C ALA C 718 -23.52 50.49 37.01
N HIS C 719 -23.32 50.00 35.79
CA HIS C 719 -24.39 50.03 34.80
C HIS C 719 -25.58 49.19 35.28
N ARG C 720 -25.31 48.02 35.85
CA ARG C 720 -26.40 47.18 36.35
C ARG C 720 -27.13 47.88 37.49
N GLN C 721 -26.41 48.57 38.37
CA GLN C 721 -27.05 49.31 39.44
C GLN C 721 -27.98 50.38 38.88
N HIS C 722 -27.52 51.11 37.88
CA HIS C 722 -28.34 52.15 37.26
C HIS C 722 -29.62 51.56 36.68
N PRO C 752 -20.29 56.91 33.58
CA PRO C 752 -20.18 56.49 34.97
C PRO C 752 -18.76 56.09 35.36
N VAL C 753 -18.18 55.17 34.60
CA VAL C 753 -16.81 54.71 34.82
C VAL C 753 -16.07 54.80 33.50
N PRO C 754 -15.73 56.00 33.03
CA PRO C 754 -15.16 56.12 31.67
C PRO C 754 -13.73 55.63 31.58
N TYR C 755 -12.91 55.86 32.60
CA TYR C 755 -11.48 55.56 32.50
C TYR C 755 -11.01 54.85 33.76
N ILE C 756 -9.92 54.09 33.59
CA ILE C 756 -9.30 53.41 34.72
C ILE C 756 -8.79 54.43 35.73
N THR C 757 -8.61 53.98 36.98
CA THR C 757 -8.10 54.81 38.05
C THR C 757 -6.87 54.17 38.66
N LYS C 758 -6.17 54.94 39.50
CA LYS C 758 -4.94 54.45 40.10
C LYS C 758 -5.21 53.26 41.01
N GLU C 759 -6.32 53.28 41.75
CA GLU C 759 -6.63 52.17 42.64
C GLU C 759 -6.83 50.88 41.88
N HIS C 760 -7.33 50.95 40.64
CA HIS C 760 -7.42 49.74 39.82
C HIS C 760 -6.04 49.12 39.61
N PHE C 761 -5.06 49.95 39.25
CA PHE C 761 -3.71 49.45 39.05
C PHE C 761 -3.13 48.93 40.35
N ALA C 762 -3.41 49.60 41.47
CA ALA C 762 -2.92 49.12 42.76
C ALA C 762 -3.47 47.72 43.06
N GLU C 763 -4.77 47.54 42.85
CA GLU C 763 -5.37 46.23 43.10
C GLU C 763 -4.78 45.18 42.16
N ALA C 764 -4.60 45.53 40.88
CA ALA C 764 -4.04 44.57 39.94
C ALA C 764 -2.62 44.19 40.35
N MET C 765 -1.83 45.15 40.80
CA MET C 765 -0.46 44.89 41.20
C MET C 765 -0.39 44.10 42.51
N LYS C 766 -1.43 44.18 43.33
CA LYS C 766 -1.43 43.40 44.57
C LYS C 766 -1.21 41.92 44.29
N THR C 767 -1.66 41.44 43.13
CA THR C 767 -1.50 40.03 42.76
C THR C 767 -0.34 39.81 41.79
N ALA C 768 0.53 40.80 41.63
CA ALA C 768 1.66 40.68 40.71
C ALA C 768 2.60 39.57 41.15
N LYS C 769 3.17 38.86 40.17
CA LYS C 769 4.09 37.77 40.47
C LYS C 769 5.11 37.67 39.34
N ARG C 770 6.40 37.62 39.71
CA ARG C 770 7.45 37.46 38.73
C ARG C 770 7.37 36.08 38.08
N SER C 771 7.53 36.04 36.77
CA SER C 771 7.47 34.79 36.03
C SER C 771 8.84 34.14 35.84
N VAL C 772 9.89 34.75 36.36
CA VAL C 772 11.25 34.21 36.27
C VAL C 772 11.82 34.11 37.68
N SER C 773 12.12 32.88 38.10
CA SER C 773 12.72 32.69 39.42
C SER C 773 14.16 33.21 39.42
N ASP C 774 14.64 33.53 40.62
CA ASP C 774 15.99 34.07 40.75
C ASP C 774 17.04 33.06 40.29
N ALA C 775 16.81 31.77 40.54
CA ALA C 775 17.79 30.77 40.14
C ALA C 775 17.98 30.74 38.63
N GLU C 776 16.87 30.82 37.87
CA GLU C 776 16.98 30.82 36.42
C GLU C 776 17.71 32.05 35.92
N LEU C 777 17.43 33.21 36.52
CA LEU C 777 18.13 34.42 36.14
C LEU C 777 19.63 34.30 36.42
N ARG C 778 19.98 33.72 37.56
CA ARG C 778 21.40 33.50 37.86
C ARG C 778 22.03 32.56 36.85
N ARG C 779 21.31 31.51 36.45
CA ARG C 779 21.85 30.60 35.44
C ARG C 779 22.09 31.31 34.12
N TYR C 780 21.13 32.14 33.68
CA TYR C 780 21.33 32.87 32.43
C TYR C 780 22.50 33.84 32.54
N GLU C 781 22.62 34.52 33.69
CA GLU C 781 23.75 35.43 33.88
C GLU C 781 25.07 34.68 33.84
N ALA C 782 25.13 33.50 34.46
CA ALA C 782 26.35 32.71 34.44
C ALA C 782 26.70 32.28 33.02
N TYR C 783 25.69 31.86 32.25
CA TYR C 783 25.94 31.48 30.87
C TYR C 783 26.46 32.66 30.06
N SER C 784 25.86 33.83 30.25
CA SER C 784 26.33 35.01 29.52
C SER C 784 27.75 35.38 29.92
N GLN C 785 28.07 35.28 31.22
CA GLN C 785 29.42 35.57 31.67
C GLN C 785 30.42 34.59 31.07
N GLN C 786 30.06 33.31 31.02
CA GLN C 786 30.95 32.33 30.40
C GLN C 786 31.14 32.62 28.92
N MET C 787 30.07 33.00 28.23
CA MET C 787 30.18 33.34 26.82
C MET C 787 31.11 34.55 26.62
N LYS C 788 30.99 35.55 27.48
CA LYS C 788 31.92 36.68 27.41
C LYS C 788 33.35 36.23 27.68
N ALA C 789 33.54 35.34 28.64
CA ALA C 789 34.87 34.78 28.88
C ALA C 789 35.34 33.95 27.70
N SER C 790 34.42 33.19 27.09
CA SER C 790 34.76 32.42 25.89
C SER C 790 35.14 33.31 24.72
N ARG C 791 34.83 34.60 24.79
CA ARG C 791 35.27 35.57 23.79
C ARG C 791 36.25 36.58 24.40
N GLY C 792 37.09 36.12 25.32
CA GLY C 792 38.06 36.98 25.97
C GLY C 792 39.33 37.12 25.16
N GLN C 793 40.32 37.75 25.79
CA GLN C 793 41.60 37.99 25.15
C GLN C 793 42.51 36.77 25.29
N GLY D 74 -54.27 27.18 2.33
CA GLY D 74 -54.42 26.95 3.76
C GLY D 74 -53.08 26.71 4.44
N LYS D 75 -52.67 25.45 4.50
CA LYS D 75 -51.43 25.07 5.13
C LYS D 75 -50.70 24.07 4.25
N LYS D 76 -49.37 24.04 4.36
CA LYS D 76 -48.53 23.17 3.53
C LYS D 76 -48.82 23.41 2.04
N ARG D 77 -48.92 24.69 1.67
CA ARG D 77 -49.18 25.07 0.29
C ARG D 77 -50.45 24.42 -0.24
N LYS D 78 -51.48 24.37 0.61
CA LYS D 78 -52.78 23.83 0.22
C LYS D 78 -53.83 24.93 0.18
N ASN D 103 -60.09 18.69 5.06
CA ASN D 103 -59.18 17.55 4.98
C ASN D 103 -58.24 17.69 3.78
N ASN D 104 -58.80 18.09 2.64
CA ASN D 104 -57.97 18.27 1.45
C ASN D 104 -56.92 19.36 1.66
N LEU D 105 -57.18 20.30 2.57
CA LEU D 105 -56.24 21.36 2.87
C LEU D 105 -55.32 21.03 4.04
N ARG D 106 -55.45 19.85 4.62
CA ARG D 106 -54.60 19.44 5.75
C ARG D 106 -54.67 20.47 6.88
N ILE D 107 -55.87 20.97 7.13
CA ILE D 107 -56.08 21.99 8.16
C ILE D 107 -56.81 21.38 9.35
N GLU D 208 -50.42 7.41 0.50
CA GLU D 208 -49.54 7.76 -0.61
C GLU D 208 -48.76 9.03 -0.26
N ASN D 209 -48.43 9.85 -1.25
CA ASN D 209 -47.63 11.06 -1.05
C ASN D 209 -46.33 10.70 -0.34
N ASN D 210 -45.52 9.91 -1.03
CA ASN D 210 -44.33 9.31 -0.42
C ASN D 210 -43.46 10.36 0.27
N MET D 211 -43.17 10.11 1.55
CA MET D 211 -42.33 11.00 2.35
C MET D 211 -42.69 12.46 2.10
N ASN D 212 -43.96 12.74 1.93
CA ASN D 212 -44.47 14.08 1.70
C ASN D 212 -45.48 14.41 2.80
N GLU D 213 -45.79 15.71 2.91
CA GLU D 213 -46.63 16.29 3.94
C GLU D 213 -45.84 16.49 5.23
N VAL D 214 -44.55 16.12 5.25
CA VAL D 214 -43.71 16.43 6.40
C VAL D 214 -43.50 17.95 6.41
N GLY D 215 -44.11 18.62 7.39
CA GLY D 215 -44.01 20.04 7.54
C GLY D 215 -43.20 20.44 8.77
N TYR D 216 -43.33 21.71 9.14
CA TYR D 216 -42.65 22.20 10.33
C TYR D 216 -43.29 21.68 11.61
N ASP D 217 -44.50 21.14 11.54
CA ASP D 217 -45.18 20.61 12.71
C ASP D 217 -44.82 19.15 12.98
N ASP D 218 -44.03 18.53 12.12
CA ASP D 218 -43.53 17.18 12.33
C ASP D 218 -42.11 17.17 12.88
N ILE D 219 -41.59 18.32 13.27
CA ILE D 219 -40.25 18.43 13.84
C ILE D 219 -40.38 19.14 15.18
N GLY D 220 -39.76 18.56 16.22
CA GLY D 220 -39.81 19.16 17.53
C GLY D 220 -38.46 19.14 18.25
N GLY D 221 -38.10 20.26 18.86
CA GLY D 221 -36.90 20.33 19.66
C GLY D 221 -35.66 20.78 18.95
N CYS D 222 -35.78 21.32 17.73
CA CYS D 222 -34.64 21.82 16.96
C CYS D 222 -34.98 23.19 16.38
N ARG D 223 -35.54 24.06 17.21
CA ARG D 223 -36.02 25.35 16.70
C ARG D 223 -34.87 26.28 16.33
N LYS D 224 -33.74 26.20 17.02
CA LYS D 224 -32.60 27.03 16.65
C LYS D 224 -32.04 26.62 15.29
N GLN D 225 -31.78 25.33 15.11
CA GLN D 225 -31.31 24.84 13.82
C GLN D 225 -32.36 25.05 12.74
N MET D 226 -33.64 24.86 13.09
CA MET D 226 -34.69 25.10 12.12
C MET D 226 -34.70 26.55 11.66
N ALA D 227 -34.53 27.48 12.59
CA ALA D 227 -34.47 28.89 12.21
C ALA D 227 -33.28 29.16 11.31
N GLN D 228 -32.12 28.59 11.63
CA GLN D 228 -30.94 28.80 10.78
C GLN D 228 -31.19 28.28 9.38
N ILE D 229 -31.74 27.07 9.27
CA ILE D 229 -31.97 26.47 7.95
C ILE D 229 -32.99 27.29 7.16
N ARG D 230 -34.06 27.72 7.82
CA ARG D 230 -35.04 28.54 7.12
C ARG D 230 -34.43 29.83 6.62
N GLU D 231 -33.65 30.51 7.46
CA GLU D 231 -33.00 31.74 7.03
C GLU D 231 -32.08 31.49 5.84
N MET D 232 -31.35 30.38 5.86
CA MET D 232 -30.41 30.12 4.78
C MET D 232 -31.12 29.72 3.49
N VAL D 233 -32.30 29.09 3.56
CA VAL D 233 -32.92 28.51 2.39
C VAL D 233 -34.11 29.33 1.88
N GLU D 234 -35.11 29.54 2.73
CA GLU D 234 -36.36 30.15 2.27
C GLU D 234 -36.13 31.57 1.76
N LEU D 235 -35.39 32.37 2.52
CA LEU D 235 -35.26 33.78 2.17
C LEU D 235 -34.64 33.98 0.79
N PRO D 236 -33.51 33.35 0.44
CA PRO D 236 -32.99 33.53 -0.91
C PRO D 236 -33.97 33.11 -2.01
N LEU D 237 -34.78 32.09 -1.76
CA LEU D 237 -35.71 31.59 -2.77
C LEU D 237 -37.04 32.34 -2.77
N ARG D 238 -37.61 32.59 -1.60
CA ARG D 238 -38.92 33.23 -1.52
C ARG D 238 -38.84 34.71 -1.84
N HIS D 239 -37.83 35.41 -1.32
CA HIS D 239 -37.73 36.86 -1.43
C HIS D 239 -36.33 37.24 -1.93
N PRO D 240 -36.05 36.98 -3.20
CA PRO D 240 -34.73 37.37 -3.74
C PRO D 240 -34.53 38.87 -3.82
N GLN D 241 -35.58 39.68 -3.76
CA GLN D 241 -35.42 41.11 -3.93
C GLN D 241 -34.66 41.76 -2.78
N LEU D 242 -34.71 41.16 -1.58
CA LEU D 242 -34.00 41.73 -0.44
C LEU D 242 -32.50 41.77 -0.70
N PHE D 243 -31.93 40.66 -1.16
CA PHE D 243 -30.49 40.59 -1.35
C PHE D 243 -30.05 41.48 -2.51
N LYS D 244 -30.87 41.59 -3.56
CA LYS D 244 -30.56 42.52 -4.64
C LYS D 244 -30.59 43.95 -4.14
N ALA D 245 -31.55 44.28 -3.27
CA ALA D 245 -31.63 45.63 -2.72
C ALA D 245 -30.39 45.94 -1.89
N ILE D 246 -30.03 45.05 -0.97
CA ILE D 246 -28.84 45.28 -0.16
C ILE D 246 -27.58 45.13 -1.01
N GLY D 247 -27.56 44.17 -1.92
CA GLY D 247 -26.44 43.99 -2.81
C GLY D 247 -25.46 42.92 -2.35
N ILE D 248 -25.98 41.75 -1.98
CA ILE D 248 -25.15 40.62 -1.59
C ILE D 248 -25.63 39.38 -2.34
N LYS D 249 -24.79 38.35 -2.33
CA LYS D 249 -25.13 37.07 -2.94
C LYS D 249 -25.52 36.09 -1.86
N PRO D 250 -26.73 35.55 -1.85
CA PRO D 250 -27.10 34.62 -0.78
C PRO D 250 -26.26 33.37 -0.85
N PRO D 251 -26.04 32.71 0.29
CA PRO D 251 -25.20 31.51 0.29
C PRO D 251 -25.84 30.38 -0.50
N ARG D 252 -24.98 29.57 -1.13
CA ARG D 252 -25.43 28.43 -1.93
C ARG D 252 -25.41 27.13 -1.13
N GLY D 253 -24.25 26.75 -0.62
CA GLY D 253 -24.13 25.49 0.10
C GLY D 253 -24.50 25.63 1.57
N VAL D 254 -25.19 24.61 2.09
CA VAL D 254 -25.53 24.55 3.50
C VAL D 254 -25.25 23.14 4.02
N LEU D 255 -24.10 22.95 4.64
CA LEU D 255 -23.80 21.67 5.24
C LEU D 255 -24.58 21.51 6.53
N MET D 256 -24.87 20.26 6.88
CA MET D 256 -25.68 19.97 8.06
C MET D 256 -25.24 18.62 8.60
N TYR D 257 -24.87 18.56 9.87
CA TYR D 257 -24.35 17.31 10.42
C TYR D 257 -24.78 17.13 11.87
N GLY D 258 -24.72 15.87 12.29
CA GLY D 258 -25.08 15.47 13.64
C GLY D 258 -25.09 13.96 13.75
N PRO D 259 -25.38 13.44 14.94
CA PRO D 259 -25.43 11.99 15.11
C PRO D 259 -26.57 11.40 14.31
N PRO D 260 -26.47 10.14 13.90
CA PRO D 260 -27.57 9.52 13.16
C PRO D 260 -28.82 9.43 14.01
N GLY D 261 -29.97 9.56 13.35
CA GLY D 261 -31.25 9.53 14.02
C GLY D 261 -31.73 10.86 14.54
N THR D 262 -30.96 11.93 14.39
CA THR D 262 -31.32 13.22 14.93
C THR D 262 -32.32 13.98 14.06
N GLY D 263 -32.64 13.48 12.87
CA GLY D 263 -33.62 14.11 12.01
C GLY D 263 -33.07 15.04 10.97
N LYS D 264 -31.90 14.75 10.41
CA LYS D 264 -31.37 15.60 9.34
C LYS D 264 -32.18 15.47 8.07
N THR D 265 -32.45 14.23 7.64
CA THR D 265 -33.29 14.03 6.47
C THR D 265 -34.69 14.58 6.68
N LEU D 266 -35.25 14.34 7.86
CA LEU D 266 -36.58 14.88 8.16
C LEU D 266 -36.58 16.40 8.02
N MET D 267 -35.56 17.07 8.57
CA MET D 267 -35.52 18.52 8.53
C MET D 267 -35.36 19.03 7.11
N ALA D 268 -34.47 18.41 6.33
CA ALA D 268 -34.29 18.84 4.95
C ALA D 268 -35.56 18.66 4.14
N ARG D 269 -36.22 17.51 4.28
CA ARG D 269 -37.45 17.27 3.53
C ARG D 269 -38.55 18.21 3.96
N ALA D 270 -38.64 18.51 5.26
CA ALA D 270 -39.64 19.45 5.73
C ALA D 270 -39.41 20.82 5.14
N VAL D 271 -38.16 21.29 5.12
CA VAL D 271 -37.88 22.60 4.54
C VAL D 271 -38.22 22.61 3.06
N ALA D 272 -37.82 21.55 2.34
CA ALA D 272 -38.08 21.51 0.90
C ALA D 272 -39.58 21.53 0.62
N ASN D 273 -40.37 20.77 1.38
CA ASN D 273 -41.80 20.73 1.15
C ASN D 273 -42.47 22.04 1.55
N GLU D 274 -41.98 22.68 2.61
CA GLU D 274 -42.63 23.91 3.08
C GLU D 274 -42.33 25.08 2.16
N THR D 275 -41.11 25.17 1.63
CA THR D 275 -40.78 26.30 0.76
C THR D 275 -41.68 26.36 -0.46
N GLY D 276 -42.26 25.24 -0.87
CA GLY D 276 -43.06 25.22 -2.08
C GLY D 276 -42.25 25.45 -3.33
N ALA D 277 -41.03 24.89 -3.39
CA ALA D 277 -40.13 25.11 -4.51
C ALA D 277 -39.55 23.79 -4.98
N PHE D 278 -39.32 23.70 -6.28
CA PHE D 278 -38.71 22.53 -6.88
C PHE D 278 -37.52 22.06 -6.06
N PHE D 279 -37.32 20.75 -6.00
CA PHE D 279 -36.15 20.20 -5.33
C PHE D 279 -35.82 18.83 -5.92
N PHE D 280 -34.58 18.41 -5.70
CA PHE D 280 -34.03 17.24 -6.36
C PHE D 280 -33.29 16.41 -5.33
N LEU D 281 -33.84 15.24 -4.97
CA LEU D 281 -33.20 14.38 -4.00
C LEU D 281 -32.01 13.66 -4.62
N ILE D 282 -30.88 13.68 -3.94
CA ILE D 282 -29.72 12.85 -4.29
C ILE D 282 -29.35 12.06 -3.05
N ASN D 283 -29.25 10.74 -3.20
CA ASN D 283 -28.87 9.85 -2.11
C ASN D 283 -27.50 9.29 -2.41
N GLY D 284 -26.57 9.44 -1.47
CA GLY D 284 -25.19 9.09 -1.70
C GLY D 284 -25.01 7.63 -2.08
N PRO D 285 -25.55 6.72 -1.26
CA PRO D 285 -25.48 5.30 -1.63
C PRO D 285 -26.12 4.99 -2.97
N GLU D 286 -27.22 5.67 -3.30
CA GLU D 286 -27.88 5.45 -4.57
C GLU D 286 -26.98 5.85 -5.73
N VAL D 287 -26.29 6.99 -5.60
CA VAL D 287 -25.41 7.45 -6.67
C VAL D 287 -24.20 6.54 -6.79
N MET D 288 -23.67 6.06 -5.67
CA MET D 288 -22.45 5.26 -5.70
C MET D 288 -22.68 3.81 -6.08
N SER D 289 -23.94 3.38 -6.23
CA SER D 289 -24.26 2.00 -6.55
C SER D 289 -24.49 1.79 -8.04
N LYS D 290 -23.78 2.54 -8.88
CA LYS D 290 -24.01 2.52 -10.31
C LYS D 290 -22.70 2.32 -11.04
N MET D 291 -22.80 1.80 -12.26
CA MET D 291 -21.64 1.47 -13.08
C MET D 291 -20.70 2.66 -13.20
N ALA D 292 -19.44 2.40 -13.53
CA ALA D 292 -18.48 3.48 -13.67
C ALA D 292 -18.92 4.44 -14.78
N GLY D 293 -18.82 5.73 -14.49
CA GLY D 293 -19.21 6.75 -15.43
C GLY D 293 -20.66 7.17 -15.37
N GLU D 294 -21.47 6.52 -14.53
CA GLU D 294 -22.87 6.87 -14.39
C GLU D 294 -23.17 7.66 -13.12
N SER D 295 -22.34 7.55 -12.09
CA SER D 295 -22.50 8.38 -10.90
C SER D 295 -22.32 9.84 -11.26
N GLU D 296 -21.27 10.15 -12.02
CA GLU D 296 -21.06 11.52 -12.46
C GLU D 296 -22.21 11.98 -13.34
N SER D 297 -22.74 11.09 -14.17
CA SER D 297 -23.88 11.44 -15.00
C SER D 297 -25.08 11.82 -14.14
N ASN D 298 -25.34 11.07 -13.07
CA ASN D 298 -26.46 11.40 -12.20
C ASN D 298 -26.24 12.73 -11.50
N LEU D 299 -25.01 13.00 -11.05
CA LEU D 299 -24.75 14.28 -10.40
C LEU D 299 -24.97 15.44 -11.37
N ARG D 300 -24.42 15.33 -12.58
CA ARG D 300 -24.61 16.38 -13.56
C ARG D 300 -26.08 16.57 -13.89
N LYS D 301 -26.82 15.47 -14.04
CA LYS D 301 -28.24 15.60 -14.34
C LYS D 301 -28.96 16.30 -13.21
N ALA D 302 -28.65 15.95 -11.96
CA ALA D 302 -29.28 16.61 -10.83
C ALA D 302 -29.06 18.11 -10.89
N PHE D 303 -27.79 18.54 -11.00
CA PHE D 303 -27.52 19.96 -10.95
C PHE D 303 -28.14 20.69 -12.15
N GLU D 304 -27.99 20.14 -13.35
CA GLU D 304 -28.52 20.80 -14.54
C GLU D 304 -30.04 20.90 -14.49
N GLU D 305 -30.72 19.83 -14.07
CA GLU D 305 -32.17 19.86 -14.02
C GLU D 305 -32.68 20.79 -12.93
N ALA D 306 -31.98 20.83 -11.79
CA ALA D 306 -32.35 21.80 -10.77
C ALA D 306 -32.18 23.23 -11.28
N GLU D 307 -31.13 23.47 -12.06
CA GLU D 307 -30.93 24.80 -12.63
C GLU D 307 -32.04 25.15 -13.61
N LYS D 308 -32.52 24.16 -14.37
CA LYS D 308 -33.55 24.46 -15.36
C LYS D 308 -34.80 25.04 -14.72
N ASN D 309 -35.22 24.50 -13.58
CA ASN D 309 -36.49 24.84 -12.95
C ASN D 309 -36.31 25.73 -11.73
N ALA D 310 -35.37 26.67 -11.77
CA ALA D 310 -35.13 27.54 -10.63
C ALA D 310 -36.39 28.32 -10.29
N PRO D 311 -36.64 28.58 -8.99
CA PRO D 311 -35.82 28.25 -7.82
C PRO D 311 -35.82 26.77 -7.50
N ALA D 312 -34.76 26.28 -6.86
CA ALA D 312 -34.59 24.86 -6.65
C ALA D 312 -33.81 24.61 -5.36
N ILE D 313 -33.95 23.40 -4.84
CA ILE D 313 -33.19 22.93 -3.70
C ILE D 313 -32.65 21.56 -4.03
N ILE D 314 -31.34 21.40 -3.96
CA ILE D 314 -30.69 20.11 -4.22
C ILE D 314 -30.27 19.55 -2.88
N PHE D 315 -30.86 18.43 -2.47
CA PHE D 315 -30.61 17.83 -1.17
C PHE D 315 -29.72 16.62 -1.38
N ILE D 316 -28.42 16.77 -1.11
CA ILE D 316 -27.44 15.70 -1.29
C ILE D 316 -27.37 14.94 0.02
N ASP D 317 -28.26 13.98 0.20
CA ASP D 317 -28.31 13.21 1.43
C ASP D 317 -27.11 12.28 1.53
N GLU D 318 -26.53 12.19 2.72
CA GLU D 318 -25.39 11.33 2.99
C GLU D 318 -24.24 11.62 2.02
N ILE D 319 -23.81 12.89 2.03
CA ILE D 319 -22.74 13.30 1.14
C ILE D 319 -21.41 12.66 1.50
N ASP D 320 -21.28 12.14 2.72
CA ASP D 320 -20.03 11.54 3.15
C ASP D 320 -19.72 10.23 2.43
N SER D 321 -20.67 9.67 1.69
CA SER D 321 -20.45 8.44 0.96
C SER D 321 -20.05 8.66 -0.49
N ILE D 322 -20.20 9.88 -1.02
CA ILE D 322 -19.79 10.19 -2.37
C ILE D 322 -18.58 11.11 -2.42
N ALA D 323 -18.28 11.85 -1.35
CA ALA D 323 -17.10 12.68 -1.25
C ALA D 323 -16.43 12.43 0.11
N PRO D 324 -15.94 11.23 0.34
CA PRO D 324 -15.38 10.88 1.65
C PRO D 324 -13.98 11.45 1.82
N LYS D 325 -13.43 11.24 3.01
CA LYS D 325 -12.11 11.76 3.33
C LYS D 325 -11.06 11.18 2.39
N ARG D 326 -10.07 12.00 2.06
CA ARG D 326 -9.07 11.63 1.06
C ARG D 326 -8.45 10.27 1.36
N ASP D 327 -8.09 10.03 2.64
CA ASP D 327 -7.41 8.80 2.98
C ASP D 327 -8.24 7.57 2.62
N LYS D 328 -9.57 7.68 2.71
CA LYS D 328 -10.46 6.58 2.37
C LYS D 328 -11.02 6.67 0.96
N THR D 329 -10.53 7.61 0.15
CA THR D 329 -10.89 7.67 -1.27
C THR D 329 -9.98 6.72 -2.05
N ASN D 330 -10.29 5.43 -1.92
CA ASN D 330 -9.50 4.37 -2.54
C ASN D 330 -10.06 4.12 -3.94
N GLY D 331 -9.21 4.27 -4.95
CA GLY D 331 -9.58 4.05 -6.33
C GLY D 331 -9.73 5.35 -7.09
N GLU D 332 -9.89 5.20 -8.41
CA GLU D 332 -10.04 6.34 -9.31
C GLU D 332 -11.50 6.65 -9.58
N VAL D 333 -12.43 5.93 -8.96
CA VAL D 333 -13.85 6.22 -9.08
C VAL D 333 -14.31 7.21 -8.02
N GLU D 334 -13.88 7.01 -6.77
CA GLU D 334 -14.20 7.96 -5.71
C GLU D 334 -13.61 9.33 -6.04
N ARG D 335 -12.35 9.36 -6.48
CA ARG D 335 -11.73 10.63 -6.85
C ARG D 335 -12.46 11.29 -8.00
N ARG D 336 -12.87 10.50 -8.99
CA ARG D 336 -13.58 11.06 -10.14
C ARG D 336 -14.91 11.67 -9.72
N VAL D 337 -15.65 10.98 -8.86
CA VAL D 337 -16.95 11.51 -8.44
C VAL D 337 -16.76 12.74 -7.56
N VAL D 338 -15.74 12.74 -6.70
CA VAL D 338 -15.45 13.93 -5.91
C VAL D 338 -15.13 15.11 -6.81
N SER D 339 -14.31 14.89 -7.84
CA SER D 339 -13.96 15.98 -8.73
C SER D 339 -15.16 16.48 -9.50
N GLN D 340 -16.04 15.57 -9.92
CA GLN D 340 -17.27 16.00 -10.61
C GLN D 340 -18.13 16.86 -9.69
N LEU D 341 -18.27 16.45 -8.43
CA LEU D 341 -19.05 17.22 -7.48
C LEU D 341 -18.43 18.59 -7.25
N LEU D 342 -17.10 18.65 -7.14
CA LEU D 342 -16.43 19.93 -6.97
C LEU D 342 -16.66 20.83 -8.17
N THR D 343 -16.58 20.28 -9.39
CA THR D 343 -16.82 21.07 -10.58
C THR D 343 -18.23 21.65 -10.57
N LEU D 344 -19.23 20.81 -10.30
CA LEU D 344 -20.60 21.27 -10.30
C LEU D 344 -20.83 22.32 -9.22
N MET D 345 -20.26 22.12 -8.03
CA MET D 345 -20.45 23.07 -6.95
C MET D 345 -19.82 24.42 -7.28
N ASP D 346 -18.60 24.40 -7.83
CA ASP D 346 -17.91 25.66 -8.12
C ASP D 346 -18.54 26.41 -9.28
N GLY D 347 -18.87 25.71 -10.37
CA GLY D 347 -19.32 26.40 -11.56
C GLY D 347 -20.80 26.70 -11.63
N MET D 348 -21.53 26.57 -10.51
CA MET D 348 -22.98 26.60 -10.58
C MET D 348 -23.50 27.87 -11.23
N LYS D 349 -23.42 29.00 -10.53
CA LYS D 349 -23.78 30.29 -11.11
C LYS D 349 -23.71 31.39 -10.06
N ALA D 350 -23.92 32.62 -10.47
CA ALA D 350 -24.09 33.75 -9.56
C ALA D 350 -25.52 34.27 -9.54
N ARG D 351 -26.28 34.07 -10.62
CA ARG D 351 -27.62 34.65 -10.70
C ARG D 351 -28.70 33.60 -10.43
N SER D 352 -28.40 32.33 -10.68
CA SER D 352 -29.40 31.28 -10.49
C SER D 352 -29.83 31.21 -9.02
N ASN D 353 -31.11 30.92 -8.81
CA ASN D 353 -31.68 30.84 -7.47
C ASN D 353 -31.74 29.38 -7.03
N VAL D 354 -30.56 28.81 -6.81
CA VAL D 354 -30.40 27.40 -6.48
C VAL D 354 -29.66 27.29 -5.16
N VAL D 355 -30.12 26.39 -4.29
CA VAL D 355 -29.52 26.15 -2.99
C VAL D 355 -29.21 24.67 -2.86
N VAL D 356 -28.09 24.34 -2.23
CA VAL D 356 -27.66 22.96 -2.04
C VAL D 356 -27.60 22.68 -0.55
N ILE D 357 -28.22 21.57 -0.13
CA ILE D 357 -28.22 21.14 1.27
C ILE D 357 -27.60 19.75 1.31
N ALA D 358 -26.62 19.58 2.20
CA ALA D 358 -25.95 18.30 2.35
C ALA D 358 -26.06 17.84 3.81
N ALA D 359 -26.22 16.54 4.00
CA ALA D 359 -26.31 15.93 5.31
C ALA D 359 -25.19 14.91 5.47
N THR D 360 -24.58 14.89 6.65
CA THR D 360 -23.49 13.99 6.95
C THR D 360 -23.45 13.76 8.45
N ASN D 361 -22.55 12.87 8.88
CA ASN D 361 -22.44 12.53 10.30
C ASN D 361 -21.47 13.45 11.04
N ARG D 362 -20.26 13.62 10.51
CA ARG D 362 -19.24 14.41 11.18
C ARG D 362 -18.61 15.39 10.20
N PRO D 363 -18.10 16.52 10.70
CA PRO D 363 -17.39 17.44 9.79
C PRO D 363 -16.15 16.84 9.16
N ASN D 364 -15.49 15.89 9.83
CA ASN D 364 -14.24 15.34 9.34
C ASN D 364 -14.44 14.13 8.43
N SER D 365 -15.68 13.70 8.22
CA SER D 365 -15.94 12.58 7.33
C SER D 365 -16.07 12.99 5.87
N ILE D 366 -15.94 14.27 5.57
CA ILE D 366 -16.09 14.80 4.21
C ILE D 366 -14.74 15.29 3.72
N ASP D 367 -14.57 15.27 2.41
CA ASP D 367 -13.35 15.77 1.80
C ASP D 367 -13.15 17.24 2.20
N PRO D 368 -11.97 17.62 2.68
CA PRO D 368 -11.79 19.01 3.13
C PRO D 368 -12.06 20.05 2.05
N ALA D 369 -11.88 19.68 0.78
CA ALA D 369 -12.05 20.65 -0.30
C ALA D 369 -13.47 21.13 -0.46
N LEU D 370 -14.45 20.47 0.16
CA LEU D 370 -15.85 20.82 0.00
C LEU D 370 -16.32 21.91 0.96
N ARG D 371 -15.43 22.43 1.81
CA ARG D 371 -15.80 23.37 2.87
C ARG D 371 -15.05 24.69 2.70
N ARG D 372 -14.97 25.19 1.48
CA ARG D 372 -14.30 26.44 1.17
C ARG D 372 -15.33 27.48 0.72
N PHE D 373 -14.82 28.66 0.34
CA PHE D 373 -15.68 29.71 -0.16
C PHE D 373 -16.28 29.32 -1.50
N GLY D 374 -17.55 29.67 -1.71
CA GLY D 374 -18.24 29.25 -2.90
C GLY D 374 -18.65 27.80 -2.90
N ARG D 375 -18.76 27.20 -1.71
CA ARG D 375 -19.08 25.79 -1.53
C ARG D 375 -19.85 25.70 -0.22
N PHE D 376 -19.85 24.51 0.40
CA PHE D 376 -20.58 24.32 1.64
C PHE D 376 -19.88 25.12 2.73
N ASP D 377 -20.12 26.43 2.70
CA ASP D 377 -19.48 27.36 3.62
C ASP D 377 -20.24 27.48 4.94
N ARG D 378 -21.56 27.67 4.87
CA ARG D 378 -22.38 27.70 6.08
C ARG D 378 -22.68 26.27 6.50
N GLU D 379 -22.50 25.97 7.78
CA GLU D 379 -22.74 24.63 8.28
C GLU D 379 -23.52 24.67 9.58
N VAL D 380 -24.41 23.70 9.76
CA VAL D 380 -25.31 23.61 10.90
C VAL D 380 -25.03 22.31 11.63
N ASP D 381 -25.08 22.37 12.96
CA ASP D 381 -24.80 21.23 13.82
C ASP D 381 -26.03 20.89 14.63
N ILE D 382 -26.38 19.61 14.68
CA ILE D 382 -27.56 19.13 15.39
C ILE D 382 -27.10 18.23 16.52
N GLY D 383 -27.61 18.49 17.73
CA GLY D 383 -27.26 17.73 18.90
C GLY D 383 -28.48 17.05 19.51
N ILE D 384 -28.22 16.24 20.52
CA ILE D 384 -29.30 15.48 21.17
C ILE D 384 -30.25 16.47 21.85
N PRO D 385 -31.56 16.25 21.78
CA PRO D 385 -32.49 17.21 22.39
C PRO D 385 -32.49 17.13 23.91
N ASP D 386 -32.96 18.21 24.52
CA ASP D 386 -33.11 18.28 25.97
C ASP D 386 -34.48 17.74 26.36
N ALA D 387 -34.87 17.92 27.61
CA ALA D 387 -36.11 17.32 28.10
C ALA D 387 -37.32 17.82 27.33
N THR D 388 -37.38 19.13 27.07
CA THR D 388 -38.51 19.67 26.33
C THR D 388 -38.54 19.14 24.90
N GLY D 389 -37.38 19.02 24.27
CA GLY D 389 -37.34 18.47 22.93
C GLY D 389 -37.84 17.02 22.90
N ARG D 390 -37.41 16.21 23.85
CA ARG D 390 -37.87 14.84 23.91
C ARG D 390 -39.37 14.76 24.18
N LEU D 391 -39.88 15.66 25.02
CA LEU D 391 -41.32 15.71 25.25
C LEU D 391 -42.06 16.05 23.97
N GLU D 392 -41.54 17.00 23.19
CA GLU D 392 -42.19 17.35 21.93
C GLU D 392 -42.17 16.18 20.95
N VAL D 393 -41.04 15.47 20.87
CA VAL D 393 -40.96 14.32 19.98
C VAL D 393 -41.96 13.24 20.41
N LEU D 394 -42.04 12.98 21.71
CA LEU D 394 -43.00 11.99 22.20
C LEU D 394 -44.43 12.41 21.87
N ARG D 395 -44.72 13.70 22.03
CA ARG D 395 -46.05 14.20 21.67
C ARG D 395 -46.33 13.98 20.19
N ILE D 396 -45.33 14.22 19.34
CA ILE D 396 -45.52 14.06 17.90
C ILE D 396 -45.81 12.60 17.57
N HIS D 397 -44.97 11.69 18.06
CA HIS D 397 -45.11 10.28 17.66
C HIS D 397 -46.32 9.63 18.31
N THR D 398 -46.56 9.91 19.58
CA THR D 398 -47.67 9.28 20.31
C THR D 398 -48.96 10.08 20.16
N LYS D 399 -49.35 10.36 18.92
CA LYS D 399 -50.62 11.02 18.61
C LYS D 399 -51.63 10.10 17.97
N ASN D 400 -51.20 9.28 17.01
CA ASN D 400 -52.09 8.27 16.43
C ASN D 400 -52.27 7.08 17.36
N MET D 401 -51.28 6.79 18.18
CA MET D 401 -51.38 5.65 19.09
C MET D 401 -52.55 5.83 20.04
N LYS D 402 -53.23 4.73 20.35
CA LYS D 402 -54.39 4.75 21.25
C LYS D 402 -53.85 4.57 22.68
N LEU D 403 -53.33 5.65 23.22
CA LEU D 403 -52.75 5.61 24.56
C LEU D 403 -53.82 5.47 25.63
N ALA D 404 -53.44 4.83 26.73
CA ALA D 404 -54.30 4.77 27.90
C ALA D 404 -54.17 6.05 28.72
N ASP D 405 -55.14 6.28 29.60
CA ASP D 405 -55.17 7.50 30.38
C ASP D 405 -53.99 7.63 31.34
N ASP D 406 -53.32 6.52 31.67
CA ASP D 406 -52.21 6.55 32.62
C ASP D 406 -50.88 6.63 31.87
N VAL D 407 -50.66 7.79 31.26
CA VAL D 407 -49.43 8.08 30.53
C VAL D 407 -48.88 9.41 31.04
N ASP D 408 -47.57 9.44 31.25
CA ASP D 408 -46.89 10.56 31.91
C ASP D 408 -45.74 11.06 31.04
N LEU D 409 -46.05 11.32 29.77
CA LEU D 409 -45.04 11.65 28.76
C LEU D 409 -43.94 12.55 29.32
N GLU D 410 -44.28 13.41 30.28
CA GLU D 410 -43.23 14.19 30.94
C GLU D 410 -42.26 13.27 31.66
N ALA D 411 -42.77 12.23 32.33
CA ALA D 411 -41.90 11.29 33.01
C ALA D 411 -40.98 10.56 32.03
N LEU D 412 -41.52 10.13 30.89
CA LEU D 412 -40.69 9.48 29.89
C LEU D 412 -39.63 10.43 29.35
N ALA D 413 -40.00 11.69 29.11
CA ALA D 413 -39.02 12.66 28.66
C ALA D 413 -37.91 12.85 29.68
N ALA D 414 -38.28 12.91 30.96
CA ALA D 414 -37.26 13.06 32.01
C ALA D 414 -36.37 11.84 32.09
N GLU D 415 -36.92 10.65 31.93
CA GLU D 415 -36.14 9.43 32.07
C GLU D 415 -35.24 9.17 30.87
N THR D 416 -35.66 9.58 29.68
CA THR D 416 -34.90 9.34 28.45
C THR D 416 -33.86 10.42 28.30
N HIS D 417 -32.61 10.11 28.66
CA HIS D 417 -31.48 11.01 28.47
C HIS D 417 -30.52 10.38 27.47
N GLY D 418 -30.04 11.18 26.53
CA GLY D 418 -29.23 10.65 25.45
C GLY D 418 -30.02 9.98 24.36
N TYR D 419 -31.31 10.25 24.26
CA TYR D 419 -32.18 9.67 23.24
C TYR D 419 -32.36 10.67 22.11
N VAL D 420 -31.99 10.26 20.90
CA VAL D 420 -32.30 11.01 19.69
C VAL D 420 -33.71 10.65 19.25
N GLY D 421 -34.25 11.40 18.28
CA GLY D 421 -35.63 11.16 17.88
C GLY D 421 -35.89 9.74 17.41
N ALA D 422 -34.92 9.16 16.71
CA ALA D 422 -35.07 7.79 16.25
C ALA D 422 -35.24 6.83 17.42
N ASP D 423 -34.50 7.06 18.51
CA ASP D 423 -34.63 6.22 19.69
C ASP D 423 -36.03 6.34 20.28
N ILE D 424 -36.61 7.53 20.28
CA ILE D 424 -37.95 7.70 20.84
C ILE D 424 -38.98 7.03 19.95
N ALA D 425 -38.82 7.11 18.63
CA ALA D 425 -39.73 6.40 17.73
C ALA D 425 -39.66 4.90 17.98
N SER D 426 -38.44 4.36 18.10
CA SER D 426 -38.28 2.95 18.40
C SER D 426 -38.88 2.59 19.75
N LEU D 427 -38.77 3.50 20.72
CA LEU D 427 -39.37 3.27 22.03
C LEU D 427 -40.88 3.13 21.92
N CYS D 428 -41.52 4.02 21.16
CA CYS D 428 -42.96 3.92 20.99
C CYS D 428 -43.34 2.61 20.30
N SER D 429 -42.58 2.23 19.26
CA SER D 429 -42.88 0.97 18.57
C SER D 429 -42.75 -0.22 19.52
N GLU D 430 -41.70 -0.23 20.34
CA GLU D 430 -41.50 -1.34 21.28
C GLU D 430 -42.61 -1.39 22.32
N ALA D 431 -43.07 -0.23 22.81
CA ALA D 431 -44.17 -0.20 23.75
C ALA D 431 -45.45 -0.75 23.12
N ALA D 432 -45.72 -0.37 21.87
CA ALA D 432 -46.89 -0.92 21.19
C ALA D 432 -46.78 -2.44 21.04
N MET D 433 -45.59 -2.93 20.69
CA MET D 433 -45.40 -4.38 20.55
C MET D 433 -45.62 -5.08 21.88
N GLN D 434 -45.14 -4.48 22.97
CA GLN D 434 -45.36 -5.08 24.29
C GLN D 434 -46.84 -5.13 24.63
N GLN D 435 -47.58 -4.07 24.29
CA GLN D 435 -49.03 -4.10 24.51
C GLN D 435 -49.68 -5.23 23.72
N ILE D 436 -49.27 -5.39 22.46
CA ILE D 436 -49.82 -6.47 21.65
C ILE D 436 -49.52 -7.82 22.29
N ARG D 437 -48.29 -8.00 22.78
CA ARG D 437 -47.93 -9.26 23.42
C ARG D 437 -48.77 -9.51 24.66
N GLU D 438 -49.00 -8.47 25.46
CA GLU D 438 -49.83 -8.64 26.65
C GLU D 438 -51.25 -9.03 26.27
N LYS D 439 -51.77 -8.47 25.18
CA LYS D 439 -53.11 -8.79 24.73
C LYS D 439 -53.17 -10.07 23.89
N MET D 440 -52.04 -10.72 23.62
CA MET D 440 -52.06 -11.95 22.84
C MET D 440 -52.88 -13.05 23.50
N ASP D 441 -53.04 -13.01 24.82
CA ASP D 441 -53.79 -14.07 25.50
C ASP D 441 -55.22 -14.16 25.00
N LEU D 442 -55.80 -13.03 24.60
CA LEU D 442 -57.19 -12.98 24.15
C LEU D 442 -57.34 -13.13 22.65
N ILE D 443 -56.24 -13.38 21.92
CA ILE D 443 -56.26 -13.50 20.47
C ILE D 443 -55.81 -14.90 20.09
N ASP D 444 -56.32 -15.38 18.96
CA ASP D 444 -55.96 -16.68 18.42
C ASP D 444 -55.13 -16.47 17.15
N LEU D 445 -53.93 -17.06 17.13
CA LEU D 445 -53.05 -16.91 15.99
C LEU D 445 -53.54 -17.74 14.79
N ASP D 446 -54.15 -18.89 15.05
CA ASP D 446 -54.58 -19.76 13.96
C ASP D 446 -55.63 -19.06 13.09
N GLU D 447 -56.58 -18.37 13.72
CA GLU D 447 -57.64 -17.70 12.97
C GLU D 447 -57.06 -16.50 12.21
N ASP D 448 -57.38 -16.42 10.92
CA ASP D 448 -56.93 -15.27 10.14
C ASP D 448 -57.57 -13.99 10.63
N GLU D 449 -58.85 -14.02 10.95
CA GLU D 449 -59.56 -12.85 11.43
C GLU D 449 -59.29 -12.62 12.90
N ILE D 450 -59.44 -11.37 13.33
CA ILE D 450 -59.26 -10.97 14.72
C ILE D 450 -60.48 -10.17 15.16
N ASP D 451 -60.97 -10.46 16.36
CA ASP D 451 -62.16 -9.80 16.86
C ASP D 451 -61.96 -8.29 16.91
N ALA D 452 -62.96 -7.55 16.43
CA ALA D 452 -62.89 -6.09 16.47
C ALA D 452 -62.90 -5.57 17.88
N GLU D 453 -63.65 -6.22 18.78
CA GLU D 453 -63.69 -5.78 20.17
C GLU D 453 -62.31 -5.86 20.81
N VAL D 454 -61.56 -6.92 20.50
CA VAL D 454 -60.20 -7.03 21.02
C VAL D 454 -59.35 -5.86 20.51
N LEU D 455 -59.45 -5.58 19.20
CA LEU D 455 -58.69 -4.48 18.63
C LEU D 455 -59.03 -3.16 19.31
N ASP D 456 -60.29 -2.96 19.66
CA ASP D 456 -60.73 -1.70 20.25
C ASP D 456 -60.16 -1.48 21.64
N SER D 457 -59.57 -2.50 22.27
CA SER D 457 -59.05 -2.40 23.62
C SER D 457 -57.52 -2.36 23.67
N LEU D 458 -56.86 -2.28 22.51
CA LEU D 458 -55.39 -2.23 22.47
C LEU D 458 -54.94 -0.83 22.89
N GLY D 459 -54.84 -0.64 24.19
CA GLY D 459 -54.42 0.62 24.77
C GLY D 459 -53.07 0.47 25.46
N VAL D 460 -52.14 1.35 25.11
CA VAL D 460 -50.80 1.32 25.68
C VAL D 460 -50.82 1.97 27.06
N THR D 461 -50.04 1.42 27.98
CA THR D 461 -49.98 1.88 29.35
C THR D 461 -48.55 2.21 29.73
N MET D 462 -48.39 2.85 30.88
CA MET D 462 -47.06 3.30 31.32
C MET D 462 -46.12 2.12 31.55
N ASP D 463 -46.65 0.98 31.97
CA ASP D 463 -45.80 -0.19 32.20
C ASP D 463 -45.14 -0.63 30.90
N ASN D 464 -45.88 -0.60 29.80
CA ASN D 464 -45.31 -0.97 28.51
C ASN D 464 -44.17 -0.02 28.14
N PHE D 465 -44.37 1.28 28.37
CA PHE D 465 -43.32 2.24 28.06
C PHE D 465 -42.09 2.02 28.92
N ARG D 466 -42.28 1.69 30.19
CA ARG D 466 -41.13 1.41 31.05
C ARG D 466 -40.39 0.16 30.60
N PHE D 467 -41.13 -0.87 30.17
CA PHE D 467 -40.47 -2.05 29.62
C PHE D 467 -39.66 -1.69 28.38
N ALA D 468 -40.24 -0.87 27.49
CA ALA D 468 -39.52 -0.46 26.29
C ALA D 468 -38.27 0.32 26.65
N LEU D 469 -38.35 1.20 27.66
CA LEU D 469 -37.16 1.87 28.15
C LEU D 469 -36.13 0.86 28.61
N GLY D 470 -36.57 -0.19 29.30
CA GLY D 470 -35.65 -1.21 29.74
C GLY D 470 -34.93 -1.90 28.60
N ASN D 471 -35.64 -2.14 27.49
CA ASN D 471 -35.10 -2.88 26.36
C ASN D 471 -34.64 -1.96 25.22
N SER D 472 -34.10 -0.79 25.55
CA SER D 472 -33.66 0.18 24.55
C SER D 472 -32.13 0.26 24.53
N ASN D 473 -31.59 0.63 23.38
CA ASN D 473 -30.14 0.69 23.16
C ASN D 473 -29.76 2.05 22.57
N PRO D 474 -29.86 3.12 23.35
CA PRO D 474 -29.36 4.41 22.87
C PRO D 474 -27.86 4.34 22.60
N SER D 475 -27.44 5.06 21.55
CA SER D 475 -26.04 5.00 21.13
C SER D 475 -25.46 6.35 20.76
N ALA D 476 -26.21 7.45 20.94
CA ALA D 476 -25.71 8.76 20.55
C ALA D 476 -24.45 9.13 21.35
N LEU D 477 -24.44 8.84 22.65
CA LEU D 477 -23.36 9.29 23.52
C LEU D 477 -22.05 8.58 23.28
N ARG D 478 -22.02 7.50 22.49
CA ARG D 478 -20.77 6.81 22.25
C ARG D 478 -19.74 7.71 21.59
N GLU D 479 -20.19 8.66 20.78
CA GLU D 479 -19.34 9.64 20.13
C GLU D 479 -19.68 11.02 20.65
N THR D 480 -18.70 11.92 20.61
CA THR D 480 -18.92 13.26 21.16
C THR D 480 -20.06 13.94 20.43
N VAL D 481 -20.97 14.54 21.20
CA VAL D 481 -22.13 15.24 20.67
C VAL D 481 -22.33 16.53 21.46
N VAL D 482 -23.06 17.45 20.87
CA VAL D 482 -23.40 18.71 21.51
C VAL D 482 -24.68 18.52 22.32
N GLU D 483 -24.64 18.92 23.58
CA GLU D 483 -25.73 18.73 24.52
C GLU D 483 -26.34 20.08 24.90
N SER D 484 -27.35 20.02 25.76
CA SER D 484 -27.97 21.21 26.32
C SER D 484 -28.18 20.96 27.81
N VAL D 485 -27.44 21.67 28.64
CA VAL D 485 -27.47 21.46 30.08
C VAL D 485 -28.41 22.47 30.71
N ASN D 486 -28.88 22.15 31.92
CA ASN D 486 -29.87 22.97 32.61
C ASN D 486 -29.55 23.13 34.09
N VAL D 487 -28.28 23.12 34.47
CA VAL D 487 -27.88 23.31 35.86
C VAL D 487 -27.87 24.79 36.18
N THR D 488 -28.09 25.11 37.45
CA THR D 488 -28.12 26.49 37.94
C THR D 488 -27.16 26.61 39.11
N TRP D 489 -27.02 27.82 39.65
CA TRP D 489 -26.17 28.02 40.82
C TRP D 489 -26.91 27.66 42.09
N ASP D 490 -27.54 26.50 42.12
CA ASP D 490 -28.20 26.00 43.32
C ASP D 490 -27.86 24.55 43.54
N ASP D 491 -27.58 23.83 42.46
CA ASP D 491 -27.14 22.45 42.54
C ASP D 491 -25.67 22.32 42.93
N VAL D 492 -24.94 23.44 42.94
CA VAL D 492 -23.55 23.44 43.36
C VAL D 492 -23.46 24.17 44.70
N GLY D 493 -23.54 23.41 45.79
CA GLY D 493 -23.47 24.02 47.11
C GLY D 493 -22.06 24.52 47.41
N GLY D 494 -22.00 25.70 48.02
CA GLY D 494 -20.72 26.30 48.36
C GLY D 494 -20.01 26.84 47.14
N LEU D 495 -18.71 27.12 47.32
CA LEU D 495 -17.86 27.63 46.26
C LEU D 495 -18.31 29.01 45.81
N ASP D 496 -18.68 29.87 46.77
CA ASP D 496 -19.20 31.19 46.44
C ASP D 496 -18.15 32.03 45.72
N GLU D 497 -16.94 32.07 46.26
CA GLU D 497 -15.88 32.86 45.61
C GLU D 497 -15.58 32.29 44.22
N ILE D 498 -15.53 30.97 44.10
CA ILE D 498 -15.30 30.36 42.79
C ILE D 498 -16.45 30.68 41.85
N LYS D 499 -17.69 30.64 42.36
CA LYS D 499 -18.84 30.95 41.52
C LYS D 499 -18.77 32.37 40.98
N GLU D 500 -18.46 33.34 41.84
CA GLU D 500 -18.39 34.72 41.37
C GLU D 500 -17.20 34.93 40.44
N GLU D 501 -16.08 34.24 40.69
CA GLU D 501 -14.96 34.33 39.75
C GLU D 501 -15.36 33.81 38.38
N LEU D 502 -16.06 32.68 38.34
CA LEU D 502 -16.51 32.14 37.05
C LEU D 502 -17.50 33.08 36.38
N LYS D 503 -18.40 33.69 37.16
CA LYS D 503 -19.31 34.67 36.58
C LYS D 503 -18.53 35.79 35.91
N GLU D 504 -17.59 36.39 36.63
CA GLU D 504 -16.79 37.47 36.06
C GLU D 504 -16.02 36.99 34.83
N THR D 505 -15.58 35.73 34.82
CA THR D 505 -14.76 35.25 33.72
C THR D 505 -15.57 34.95 32.47
N VAL D 506 -16.81 34.49 32.61
CA VAL D 506 -17.58 33.95 31.50
C VAL D 506 -18.74 34.87 31.11
N GLU D 507 -19.58 35.26 32.07
CA GLU D 507 -20.79 36.00 31.72
C GLU D 507 -20.44 37.33 31.05
N TYR D 508 -19.53 38.09 31.64
CA TYR D 508 -19.26 39.44 31.14
C TYR D 508 -18.83 39.44 29.69
N PRO D 509 -17.88 38.59 29.26
CA PRO D 509 -17.58 38.53 27.82
C PRO D 509 -18.81 38.30 26.96
N VAL D 510 -19.60 37.27 27.26
CA VAL D 510 -20.75 36.95 26.40
C VAL D 510 -21.83 38.01 26.53
N LEU D 511 -22.17 38.41 27.76
CA LEU D 511 -23.31 39.29 27.97
C LEU D 511 -22.99 40.74 27.65
N HIS D 512 -21.75 41.18 27.87
CA HIS D 512 -21.38 42.59 27.71
C HIS D 512 -20.11 42.72 26.86
N PRO D 513 -20.18 42.30 25.60
CA PRO D 513 -19.02 42.49 24.71
C PRO D 513 -18.70 43.95 24.46
N ASP D 514 -19.70 44.83 24.56
CA ASP D 514 -19.45 46.25 24.29
C ASP D 514 -18.46 46.84 25.29
N GLN D 515 -18.58 46.46 26.57
CA GLN D 515 -17.61 46.95 27.56
C GLN D 515 -16.21 46.46 27.25
N TYR D 516 -16.06 45.18 26.89
CA TYR D 516 -14.75 44.65 26.57
C TYR D 516 -14.15 45.37 25.38
N THR D 517 -14.95 45.64 24.35
CA THR D 517 -14.46 46.43 23.23
C THR D 517 -14.06 47.82 23.68
N LYS D 518 -14.86 48.43 24.56
CA LYS D 518 -14.55 49.78 25.04
C LYS D 518 -13.18 49.82 25.70
N PHE D 519 -12.87 48.83 26.54
CA PHE D 519 -11.56 48.77 27.18
C PHE D 519 -10.53 47.98 26.36
N GLY D 520 -10.93 47.48 25.19
CA GLY D 520 -9.97 46.78 24.33
C GLY D 520 -9.32 45.58 24.98
N LEU D 521 -10.09 44.79 25.72
CA LEU D 521 -9.59 43.62 26.43
C LEU D 521 -10.16 42.37 25.79
N SER D 522 -9.30 41.41 25.51
CA SER D 522 -9.73 40.14 24.94
C SER D 522 -10.15 39.19 26.05
N PRO D 523 -11.36 38.61 25.99
CA PRO D 523 -11.80 37.72 27.07
C PRO D 523 -10.98 36.45 27.14
N SER D 524 -10.93 35.87 28.33
CA SER D 524 -10.18 34.65 28.56
C SER D 524 -10.78 33.49 27.79
N LYS D 525 -9.92 32.55 27.38
CA LYS D 525 -10.34 31.43 26.56
C LYS D 525 -10.68 30.17 27.35
N GLY D 526 -10.06 29.95 28.50
CA GLY D 526 -10.33 28.73 29.24
C GLY D 526 -9.85 28.84 30.67
N VAL D 527 -10.13 27.77 31.42
CA VAL D 527 -9.77 27.69 32.83
C VAL D 527 -9.59 26.22 33.19
N LEU D 528 -8.74 25.95 34.18
CA LEU D 528 -8.44 24.59 34.62
C LEU D 528 -8.85 24.44 36.07
N PHE D 529 -9.73 23.47 36.34
CA PHE D 529 -10.11 23.11 37.69
C PHE D 529 -9.20 22.00 38.19
N TYR D 530 -8.64 22.17 39.39
CA TYR D 530 -7.88 21.10 40.03
C TYR D 530 -8.33 20.96 41.48
N GLY D 531 -8.26 19.74 41.97
CA GLY D 531 -8.66 19.44 43.33
C GLY D 531 -8.97 17.97 43.51
N PRO D 532 -9.38 17.60 44.73
CA PRO D 532 -9.69 16.20 44.99
C PRO D 532 -10.85 15.73 44.12
N PRO D 533 -10.88 14.46 43.75
CA PRO D 533 -12.01 13.96 42.95
C PRO D 533 -13.31 14.02 43.72
N GLY D 534 -14.40 14.22 42.99
CA GLY D 534 -15.72 14.24 43.58
C GLY D 534 -16.15 15.56 44.16
N THR D 535 -15.40 16.64 43.93
CA THR D 535 -15.76 17.94 44.49
C THR D 535 -16.75 18.70 43.62
N GLY D 536 -17.15 18.18 42.47
CA GLY D 536 -18.20 18.80 41.68
C GLY D 536 -17.69 19.72 40.59
N LYS D 537 -16.67 19.29 39.86
CA LYS D 537 -16.17 20.09 38.75
C LYS D 537 -17.10 20.04 37.54
N THR D 538 -17.63 18.85 37.22
CA THR D 538 -18.53 18.74 36.08
C THR D 538 -19.82 19.53 36.30
N LEU D 539 -20.40 19.44 37.50
CA LEU D 539 -21.59 20.22 37.80
C LEU D 539 -21.30 21.71 37.63
N LEU D 540 -20.13 22.16 38.10
CA LEU D 540 -19.78 23.56 38.00
C LEU D 540 -19.63 23.99 36.55
N ALA D 541 -19.00 23.17 35.72
CA ALA D 541 -18.86 23.51 34.31
C ALA D 541 -20.22 23.57 33.62
N LYS D 542 -21.11 22.63 33.94
CA LYS D 542 -22.44 22.64 33.34
C LYS D 542 -23.22 23.88 33.77
N ALA D 543 -23.08 24.28 35.05
CA ALA D 543 -23.73 25.50 35.51
C ALA D 543 -23.19 26.72 34.77
N VAL D 544 -21.86 26.78 34.59
CA VAL D 544 -21.27 27.88 33.85
C VAL D 544 -21.83 27.95 32.44
N ALA D 545 -21.93 26.80 31.78
CA ALA D 545 -22.50 26.77 30.43
C ALA D 545 -23.94 27.24 30.44
N THR D 546 -24.73 26.81 31.42
CA THR D 546 -26.13 27.20 31.48
C THR D 546 -26.28 28.70 31.69
N GLU D 547 -25.36 29.32 32.43
CA GLU D 547 -25.48 30.73 32.73
C GLU D 547 -25.58 31.57 31.46
N VAL D 548 -24.65 31.38 30.53
CA VAL D 548 -24.61 32.16 29.31
C VAL D 548 -25.49 31.53 28.25
N SER D 549 -26.27 30.53 28.64
CA SER D 549 -27.18 29.83 27.74
C SER D 549 -26.43 29.32 26.51
N ALA D 550 -25.39 28.54 26.78
CA ALA D 550 -24.55 27.97 25.75
C ALA D 550 -24.70 26.45 25.73
N ASN D 551 -24.35 25.86 24.60
CA ASN D 551 -24.34 24.41 24.49
C ASN D 551 -23.17 23.86 25.31
N PHE D 552 -23.02 22.53 25.30
CA PHE D 552 -22.05 21.88 26.15
C PHE D 552 -21.54 20.63 25.47
N ILE D 553 -20.23 20.57 25.24
CA ILE D 553 -19.57 19.37 24.72
C ILE D 553 -18.64 18.86 25.81
N SER D 554 -18.74 17.57 26.12
CA SER D 554 -17.94 16.96 27.15
C SER D 554 -17.09 15.85 26.54
N VAL D 555 -15.80 15.87 26.84
CA VAL D 555 -14.86 14.86 26.35
C VAL D 555 -14.28 14.14 27.56
N LYS D 556 -14.57 12.84 27.66
CA LYS D 556 -14.12 12.05 28.79
C LYS D 556 -12.65 11.67 28.61
N GLY D 557 -12.04 11.20 29.70
CA GLY D 557 -10.68 10.76 29.67
C GLY D 557 -10.48 9.56 28.75
N PRO D 558 -11.36 8.57 28.87
CA PRO D 558 -11.29 7.44 27.93
C PRO D 558 -11.41 7.86 26.48
N GLU D 559 -12.22 8.87 26.18
CA GLU D 559 -12.32 9.35 24.80
C GLU D 559 -10.98 9.93 24.33
N LEU D 560 -10.33 10.71 25.18
CA LEU D 560 -9.04 11.28 24.81
C LEU D 560 -8.00 10.18 24.62
N LEU D 561 -8.01 9.18 25.49
CA LEU D 561 -7.07 8.06 25.32
C LEU D 561 -7.35 7.32 24.02
N SER D 562 -8.63 7.12 23.69
CA SER D 562 -8.97 6.45 22.44
C SER D 562 -8.47 7.25 21.25
N MET D 563 -8.61 8.58 21.30
CA MET D 563 -8.07 9.42 20.23
C MET D 563 -6.54 9.33 20.18
N TRP D 564 -5.90 9.23 21.34
CA TRP D 564 -4.46 9.05 21.37
C TRP D 564 -4.05 7.76 20.68
N TYR D 565 -4.79 6.67 20.93
CA TYR D 565 -4.54 5.40 20.26
C TYR D 565 -5.08 5.38 18.84
N GLY D 566 -5.83 6.40 18.42
CA GLY D 566 -6.32 6.46 17.07
C GLY D 566 -7.33 5.39 16.70
N GLU D 567 -8.24 5.05 17.61
CA GLU D 567 -9.30 4.08 17.35
C GLU D 567 -10.67 4.70 17.61
N SER D 568 -10.80 5.99 17.28
CA SER D 568 -12.05 6.72 17.47
C SER D 568 -12.40 7.43 16.17
N GLU D 569 -13.70 7.54 15.89
CA GLU D 569 -14.14 8.22 14.68
C GLU D 569 -13.81 9.71 14.72
N SER D 570 -13.97 10.34 15.88
CA SER D 570 -13.79 11.78 16.01
C SER D 570 -12.40 12.10 16.52
N ASN D 571 -11.90 13.27 16.12
CA ASN D 571 -10.60 13.78 16.55
C ASN D 571 -10.78 15.18 17.13
N ILE D 572 -9.67 15.75 17.63
CA ILE D 572 -9.75 17.04 18.31
C ILE D 572 -10.28 18.11 17.37
N ARG D 573 -9.78 18.14 16.14
CA ARG D 573 -10.25 19.11 15.17
C ARG D 573 -11.75 18.99 14.95
N ASP D 574 -12.26 17.76 14.95
CA ASP D 574 -13.70 17.55 14.84
C ASP D 574 -14.43 18.15 16.04
N ILE D 575 -13.89 17.95 17.24
CA ILE D 575 -14.53 18.48 18.44
C ILE D 575 -14.64 19.99 18.33
N PHE D 576 -13.56 20.65 17.93
CA PHE D 576 -13.59 22.10 17.89
C PHE D 576 -14.38 22.63 16.70
N ASP D 577 -14.47 21.89 15.60
CA ASP D 577 -15.37 22.28 14.52
C ASP D 577 -16.82 22.22 14.97
N LYS D 578 -17.18 21.17 15.71
CA LYS D 578 -18.53 21.11 16.28
C LYS D 578 -18.76 22.28 17.23
N ALA D 579 -17.76 22.60 18.06
CA ALA D 579 -17.89 23.72 18.98
C ALA D 579 -18.13 25.03 18.23
N ARG D 580 -17.36 25.27 17.17
CA ARG D 580 -17.56 26.48 16.38
C ARG D 580 -18.96 26.51 15.78
N ALA D 581 -19.39 25.40 15.16
CA ALA D 581 -20.69 25.38 14.50
C ALA D 581 -21.83 25.58 15.48
N ALA D 582 -21.64 25.15 16.73
CA ALA D 582 -22.69 25.24 17.74
C ALA D 582 -22.46 26.39 18.72
N ALA D 583 -21.57 27.33 18.40
CA ALA D 583 -21.20 28.36 19.36
C ALA D 583 -22.40 29.24 19.70
N PRO D 584 -22.44 29.80 20.93
CA PRO D 584 -21.45 29.64 21.99
C PRO D 584 -21.52 28.28 22.67
N THR D 585 -20.37 27.71 23.00
CA THR D 585 -20.30 26.38 23.59
C THR D 585 -19.22 26.35 24.65
N VAL D 586 -19.33 25.37 25.54
CA VAL D 586 -18.34 25.10 26.56
C VAL D 586 -17.80 23.70 26.31
N VAL D 587 -16.51 23.59 26.09
CA VAL D 587 -15.85 22.32 25.84
C VAL D 587 -15.16 21.90 27.13
N PHE D 588 -15.62 20.82 27.74
CA PHE D 588 -15.13 20.37 29.04
C PHE D 588 -14.25 19.16 28.83
N LEU D 589 -12.94 19.34 29.03
CA LEU D 589 -11.96 18.27 28.91
C LEU D 589 -11.73 17.70 30.30
N ASP D 590 -12.29 16.52 30.55
CA ASP D 590 -12.23 15.87 31.85
C ASP D 590 -11.10 14.85 31.88
N GLU D 591 -10.55 14.64 33.07
CA GLU D 591 -9.45 13.69 33.25
C GLU D 591 -8.30 14.01 32.29
N LEU D 592 -8.00 15.31 32.17
CA LEU D 592 -6.99 15.76 31.23
C LEU D 592 -5.60 15.30 31.62
N ASP D 593 -5.41 14.85 32.86
CA ASP D 593 -4.07 14.43 33.30
C ASP D 593 -3.57 13.24 32.50
N SER D 594 -4.45 12.27 32.23
CA SER D 594 -4.02 11.04 31.58
C SER D 594 -3.39 11.29 30.21
N ILE D 595 -3.69 12.42 29.59
CA ILE D 595 -3.10 12.77 28.31
C ILE D 595 -2.07 13.89 28.43
N ALA D 596 -2.19 14.78 29.42
CA ALA D 596 -1.27 15.89 29.61
C ALA D 596 -0.14 15.55 30.57
N LYS D 597 0.22 14.27 30.68
CA LYS D 597 1.30 13.85 31.57
C LYS D 597 2.57 14.65 31.33
N ASP D 611 2.74 15.40 23.99
CA ASP D 611 2.79 14.38 22.94
C ASP D 611 1.89 14.78 21.78
N ARG D 612 1.52 13.81 20.94
CA ARG D 612 0.73 14.11 19.74
C ARG D 612 -0.58 14.80 20.09
N VAL D 613 -1.35 14.21 21.00
CA VAL D 613 -2.68 14.74 21.29
C VAL D 613 -2.58 16.11 21.97
N VAL D 614 -1.63 16.27 22.89
CA VAL D 614 -1.47 17.56 23.55
C VAL D 614 -1.09 18.63 22.53
N ASN D 615 -0.17 18.30 21.62
CA ASN D 615 0.23 19.27 20.60
C ASN D 615 -0.94 19.63 19.70
N GLN D 616 -1.74 18.64 19.31
CA GLN D 616 -2.90 18.91 18.46
C GLN D 616 -3.91 19.80 19.18
N LEU D 617 -4.14 19.54 20.47
CA LEU D 617 -5.04 20.38 21.25
C LEU D 617 -4.50 21.81 21.35
N LEU D 618 -3.19 21.96 21.54
CA LEU D 618 -2.59 23.29 21.58
C LEU D 618 -2.78 24.02 20.26
N THR D 619 -2.59 23.32 19.14
CA THR D 619 -2.81 23.94 17.83
C THR D 619 -4.26 24.40 17.69
N GLU D 620 -5.20 23.54 18.05
CA GLU D 620 -6.61 23.89 17.93
C GLU D 620 -6.95 25.08 18.81
N MET D 621 -6.40 25.14 20.02
CA MET D 621 -6.70 26.24 20.92
C MET D 621 -6.09 27.55 20.42
N ASP D 622 -4.86 27.48 19.88
CA ASP D 622 -4.25 28.68 19.33
C ASP D 622 -5.03 29.21 18.13
N GLY D 623 -5.52 28.30 17.29
CA GLY D 623 -6.23 28.70 16.09
C GLY D 623 -7.65 29.16 16.31
N MET D 624 -8.09 29.28 17.56
CA MET D 624 -9.47 29.65 17.84
C MET D 624 -9.67 31.16 17.69
N ASN D 625 -10.87 31.54 17.30
CA ASN D 625 -11.22 32.94 17.12
C ASN D 625 -11.46 33.58 18.48
N ALA D 626 -10.69 34.62 18.79
CA ALA D 626 -10.82 35.27 20.10
C ALA D 626 -12.20 35.89 20.26
N LYS D 627 -12.69 36.57 19.21
CA LYS D 627 -13.97 37.27 19.31
C LYS D 627 -15.10 36.27 19.53
N LYS D 628 -15.10 35.16 18.80
CA LYS D 628 -16.11 34.13 19.01
C LYS D 628 -15.98 33.56 20.42
N ASN D 629 -17.12 33.28 21.04
CA ASN D 629 -17.17 32.89 22.45
C ASN D 629 -17.30 31.37 22.53
N VAL D 630 -16.17 30.69 22.47
CA VAL D 630 -16.07 29.25 22.72
C VAL D 630 -15.05 29.08 23.82
N PHE D 631 -15.50 28.58 24.97
CA PHE D 631 -14.67 28.46 26.15
C PHE D 631 -14.30 27.00 26.38
N VAL D 632 -13.09 26.79 26.91
CA VAL D 632 -12.55 25.46 27.16
C VAL D 632 -12.26 25.35 28.64
N ILE D 633 -13.02 24.50 29.33
CA ILE D 633 -12.80 24.19 30.74
C ILE D 633 -12.03 22.88 30.82
N GLY D 634 -11.12 22.79 31.77
CA GLY D 634 -10.31 21.59 31.93
C GLY D 634 -10.31 21.13 33.37
N ALA D 635 -10.37 19.81 33.55
CA ALA D 635 -10.40 19.20 34.87
C ALA D 635 -9.25 18.23 35.01
N THR D 636 -8.59 18.27 36.16
CA THR D 636 -7.45 17.39 36.41
C THR D 636 -7.23 17.28 37.91
N ASN D 637 -6.95 16.07 38.38
CA ASN D 637 -6.60 15.83 39.77
C ASN D 637 -5.09 15.82 40.01
N ARG D 638 -4.30 16.01 38.96
CA ARG D 638 -2.84 15.97 39.05
C ARG D 638 -2.27 17.22 38.39
N PRO D 639 -2.47 18.39 39.01
CA PRO D 639 -2.03 19.64 38.36
C PRO D 639 -0.54 19.66 38.05
N ASP D 640 0.30 19.05 38.88
CA ASP D 640 1.73 19.04 38.61
C ASP D 640 2.04 18.25 37.35
N GLN D 641 1.35 17.13 37.13
CA GLN D 641 1.61 16.30 35.96
C GLN D 641 1.09 16.91 34.67
N ILE D 642 0.28 17.96 34.74
CA ILE D 642 -0.20 18.61 33.52
C ILE D 642 0.96 19.23 32.77
N ASP D 643 0.94 19.12 31.45
CA ASP D 643 2.01 19.67 30.64
C ASP D 643 2.09 21.17 30.85
N PRO D 644 3.28 21.73 31.10
CA PRO D 644 3.39 23.19 31.30
C PRO D 644 2.88 23.99 30.11
N ALA D 645 3.06 23.50 28.89
CA ALA D 645 2.67 24.27 27.72
C ALA D 645 1.18 24.59 27.72
N ILE D 646 0.37 23.71 28.32
CA ILE D 646 -1.08 23.92 28.33
C ILE D 646 -1.47 25.13 29.15
N LEU D 647 -0.61 25.57 30.06
CA LEU D 647 -0.94 26.64 31.00
C LEU D 647 -0.40 28.00 30.57
N ARG D 648 0.08 28.12 29.34
CA ARG D 648 0.60 29.39 28.86
C ARG D 648 -0.53 30.39 28.66
N PRO D 649 -0.22 31.68 28.57
CA PRO D 649 -1.25 32.66 28.23
C PRO D 649 -1.87 32.35 26.88
N GLY D 650 -3.16 32.61 26.76
CA GLY D 650 -3.89 32.21 25.57
C GLY D 650 -4.30 30.75 25.59
N ARG D 651 -4.28 30.12 26.75
CA ARG D 651 -4.60 28.72 26.92
C ARG D 651 -5.23 28.58 28.30
N LEU D 652 -5.17 27.38 28.87
CA LEU D 652 -5.78 27.18 30.18
C LEU D 652 -4.94 27.88 31.23
N ASP D 653 -4.89 29.22 31.16
CA ASP D 653 -4.05 29.99 32.07
C ASP D 653 -4.68 30.10 33.45
N GLN D 654 -5.99 30.28 33.51
CA GLN D 654 -6.68 30.37 34.79
C GLN D 654 -6.58 29.03 35.52
N LEU D 655 -6.18 29.08 36.79
CA LEU D 655 -6.14 27.91 37.66
C LEU D 655 -7.11 28.14 38.81
N ILE D 656 -8.01 27.18 39.02
CA ILE D 656 -9.00 27.29 40.10
C ILE D 656 -8.97 26.01 40.92
N TYR D 657 -8.86 26.17 42.24
CA TYR D 657 -8.81 25.05 43.17
C TYR D 657 -10.21 24.79 43.70
N VAL D 658 -10.64 23.53 43.62
CA VAL D 658 -11.97 23.13 44.07
C VAL D 658 -11.82 22.33 45.36
N PRO D 659 -12.00 22.93 46.52
CA PRO D 659 -11.77 22.21 47.78
C PRO D 659 -12.96 21.32 48.15
N LEU D 660 -12.73 20.49 49.16
CA LEU D 660 -13.78 19.63 49.67
C LEU D 660 -14.88 20.48 50.31
N PRO D 661 -16.14 20.02 50.26
CA PRO D 661 -17.23 20.83 50.79
C PRO D 661 -17.11 21.04 52.30
N ASP D 662 -17.63 22.17 52.76
CA ASP D 662 -17.68 22.49 54.18
C ASP D 662 -19.00 22.00 54.78
N GLU D 663 -19.30 22.43 56.00
CA GLU D 663 -20.50 21.95 56.68
C GLU D 663 -21.76 22.32 55.90
N ASN D 664 -21.91 23.59 55.55
CA ASN D 664 -23.09 24.01 54.81
C ASN D 664 -23.14 23.34 53.44
N ALA D 665 -21.98 23.21 52.78
CA ALA D 665 -21.95 22.53 51.50
C ALA D 665 -22.39 21.08 51.63
N ARG D 666 -21.90 20.38 52.65
CA ARG D 666 -22.30 18.99 52.84
C ARG D 666 -23.79 18.88 53.11
N LEU D 667 -24.33 19.78 53.94
CA LEU D 667 -25.76 19.74 54.22
C LEU D 667 -26.57 20.00 52.95
N SER D 668 -26.15 20.97 52.14
CA SER D 668 -26.86 21.27 50.91
C SER D 668 -26.80 20.09 49.94
N ILE D 669 -25.65 19.44 49.84
CA ILE D 669 -25.54 18.26 48.97
C ILE D 669 -26.47 17.16 49.45
N LEU D 670 -26.50 16.91 50.77
CA LEU D 670 -27.39 15.91 51.31
C LEU D 670 -28.84 16.24 50.97
N ASN D 671 -29.24 17.49 51.17
CA ASN D 671 -30.62 17.88 50.87
C ASN D 671 -30.93 17.68 49.39
N ALA D 672 -30.00 18.06 48.51
CA ALA D 672 -30.25 17.97 47.08
C ALA D 672 -30.36 16.52 46.62
N GLN D 673 -29.50 15.64 47.14
CA GLN D 673 -29.46 14.26 46.67
C GLN D 673 -30.72 13.49 47.07
N LEU D 674 -31.45 13.94 48.09
CA LEU D 674 -32.67 13.30 48.53
C LEU D 674 -33.93 13.96 47.96
N ARG D 675 -33.78 14.82 46.95
CA ARG D 675 -34.92 15.54 46.42
C ARG D 675 -35.98 14.59 45.88
N LYS D 676 -35.56 13.59 45.11
CA LYS D 676 -36.49 12.64 44.50
C LYS D 676 -36.74 11.40 45.35
N THR D 677 -36.17 11.35 46.56
CA THR D 677 -36.34 10.20 47.44
C THR D 677 -37.14 10.58 48.67
N PRO D 678 -38.10 9.75 49.09
CA PRO D 678 -38.85 10.06 50.31
C PRO D 678 -37.96 9.93 51.54
N LEU D 679 -38.47 10.44 52.66
CA LEU D 679 -37.73 10.41 53.91
C LEU D 679 -38.72 10.37 55.07
N GLU D 680 -38.24 9.96 56.22
CA GLU D 680 -39.05 9.97 57.42
C GLU D 680 -39.35 11.42 57.80
N PRO D 681 -40.62 11.80 58.00
CA PRO D 681 -40.93 13.19 58.35
C PRO D 681 -40.18 13.61 59.61
N GLY D 682 -39.58 14.79 59.56
CA GLY D 682 -38.80 15.29 60.66
C GLY D 682 -37.40 14.75 60.76
N LEU D 683 -36.95 13.98 59.76
CA LEU D 683 -35.60 13.44 59.79
C LEU D 683 -34.57 14.57 59.79
N GLU D 684 -33.54 14.41 60.61
CA GLU D 684 -32.49 15.40 60.75
C GLU D 684 -31.26 14.97 59.96
N LEU D 685 -30.63 15.94 59.29
CA LEU D 685 -29.43 15.69 58.51
C LEU D 685 -28.22 16.47 58.98
N THR D 686 -28.40 17.44 59.88
CA THR D 686 -27.26 18.21 60.38
C THR D 686 -26.26 17.29 61.09
N ALA D 687 -26.75 16.27 61.79
CA ALA D 687 -25.85 15.33 62.45
C ALA D 687 -24.95 14.64 61.45
N ILE D 688 -25.53 14.14 60.34
CA ILE D 688 -24.73 13.50 59.32
C ILE D 688 -23.76 14.50 58.69
N ALA D 689 -24.23 15.73 58.45
CA ALA D 689 -23.39 16.73 57.83
C ALA D 689 -22.16 17.02 58.68
N LYS D 690 -22.33 17.18 59.99
CA LYS D 690 -21.21 17.49 60.85
C LYS D 690 -20.34 16.28 61.13
N ALA D 691 -20.93 15.08 61.13
CA ALA D 691 -20.15 13.86 61.40
C ALA D 691 -19.38 13.39 60.18
N THR D 692 -19.71 13.89 58.99
CA THR D 692 -19.06 13.47 57.75
C THR D 692 -18.07 14.52 57.23
N GLN D 693 -17.35 15.18 58.14
CA GLN D 693 -16.36 16.16 57.72
C GLN D 693 -15.24 15.47 56.95
N GLY D 694 -14.81 16.11 55.86
CA GLY D 694 -13.79 15.56 55.00
C GLY D 694 -14.31 14.71 53.86
N PHE D 695 -15.61 14.46 53.80
CA PHE D 695 -16.19 13.67 52.72
C PHE D 695 -16.42 14.54 51.49
N SER D 696 -16.28 13.91 50.33
CA SER D 696 -16.59 14.56 49.06
C SER D 696 -18.02 14.24 48.63
N GLY D 697 -18.47 14.91 47.57
CA GLY D 697 -19.82 14.68 47.10
C GLY D 697 -20.09 13.23 46.76
N ALA D 698 -19.11 12.55 46.16
CA ALA D 698 -19.28 11.15 45.81
C ALA D 698 -19.47 10.30 47.06
N ASP D 699 -18.75 10.60 48.14
CA ASP D 699 -18.90 9.83 49.36
C ASP D 699 -20.29 9.99 49.95
N LEU D 700 -20.81 11.22 49.96
CA LEU D 700 -22.16 11.43 50.46
C LEU D 700 -23.19 10.74 49.58
N LEU D 701 -22.97 10.76 48.27
CA LEU D 701 -23.87 10.02 47.37
C LEU D 701 -23.83 8.53 47.68
N TYR D 702 -22.64 8.00 47.96
CA TYR D 702 -22.53 6.59 48.33
C TYR D 702 -23.27 6.30 49.63
N ILE D 703 -23.17 7.20 50.61
CA ILE D 703 -23.90 7.02 51.86
C ILE D 703 -25.39 6.97 51.61
N VAL D 704 -25.89 7.90 50.79
CA VAL D 704 -27.32 7.92 50.48
C VAL D 704 -27.72 6.63 49.77
N GLN D 705 -26.89 6.17 48.83
CA GLN D 705 -27.19 4.93 48.12
C GLN D 705 -27.27 3.76 49.08
N ARG D 706 -26.33 3.68 50.03
CA ARG D 706 -26.35 2.58 50.99
C ARG D 706 -27.59 2.62 51.86
N ALA D 707 -27.97 3.83 52.32
CA ALA D 707 -29.19 3.94 53.12
C ALA D 707 -30.41 3.50 52.33
N ALA D 708 -30.51 3.94 51.07
CA ALA D 708 -31.64 3.54 50.24
C ALA D 708 -31.63 2.04 50.00
N LYS D 709 -30.44 1.44 49.85
CA LYS D 709 -30.34 0.01 49.66
C LYS D 709 -30.86 -0.75 50.87
N TYR D 710 -30.49 -0.29 52.08
CA TYR D 710 -31.01 -0.92 53.28
C TYR D 710 -32.52 -0.78 53.35
N ALA D 711 -33.05 0.41 53.04
CA ALA D 711 -34.49 0.62 53.10
C ALA D 711 -35.21 -0.31 52.13
N ILE D 712 -34.71 -0.42 50.90
CA ILE D 712 -35.37 -1.27 49.91
C ILE D 712 -35.25 -2.74 50.29
N LYS D 713 -34.12 -3.14 50.87
CA LYS D 713 -33.98 -4.50 51.35
C LYS D 713 -35.05 -4.81 52.40
N ASP D 714 -35.22 -3.91 53.37
CA ASP D 714 -36.23 -4.12 54.39
C ASP D 714 -37.62 -4.16 53.78
N SER D 715 -37.90 -3.28 52.81
CA SER D 715 -39.20 -3.27 52.16
C SER D 715 -39.47 -4.60 51.46
N ILE D 716 -38.49 -5.11 50.72
CA ILE D 716 -38.68 -6.35 49.99
C ILE D 716 -38.89 -7.50 50.94
N GLU D 717 -38.09 -7.56 52.02
CA GLU D 717 -38.27 -8.64 52.99
C GLU D 717 -39.65 -8.59 53.63
N ALA D 718 -40.11 -7.40 54.02
CA ALA D 718 -41.43 -7.29 54.63
C ALA D 718 -42.52 -7.69 53.65
N HIS D 719 -42.41 -7.25 52.39
CA HIS D 719 -43.40 -7.61 51.39
C HIS D 719 -43.45 -9.11 51.18
N ARG D 720 -42.28 -9.75 51.04
CA ARG D 720 -42.25 -11.19 50.83
C ARG D 720 -42.83 -11.93 52.02
N GLN D 721 -42.50 -11.51 53.24
CA GLN D 721 -43.05 -12.16 54.42
C GLN D 721 -44.52 -11.83 54.64
N HIS D 722 -45.08 -10.88 53.90
CA HIS D 722 -46.51 -10.59 53.98
C HIS D 722 -47.31 -11.61 53.17
N PRO D 752 -45.59 -0.94 54.45
CA PRO D 752 -44.73 -1.33 55.57
C PRO D 752 -43.45 -0.51 55.66
N VAL D 753 -42.88 -0.16 54.50
CA VAL D 753 -41.67 0.65 54.45
C VAL D 753 -41.88 1.79 53.46
N PRO D 754 -42.69 2.79 53.81
CA PRO D 754 -42.97 3.89 52.88
C PRO D 754 -41.93 5.01 52.87
N TYR D 755 -40.88 4.93 53.69
CA TYR D 755 -39.87 5.98 53.73
C TYR D 755 -38.61 5.42 54.38
N ILE D 756 -37.64 6.30 54.64
CA ILE D 756 -36.36 5.93 55.23
C ILE D 756 -36.27 6.55 56.61
N THR D 757 -35.96 5.72 57.61
CA THR D 757 -35.74 6.20 58.96
C THR D 757 -34.26 6.47 59.20
N LYS D 758 -33.95 7.12 60.33
CA LYS D 758 -32.57 7.47 60.63
C LYS D 758 -31.70 6.24 60.86
N GLU D 759 -32.30 5.08 61.15
CA GLU D 759 -31.50 3.88 61.37
C GLU D 759 -30.77 3.47 60.10
N HIS D 760 -31.42 3.60 58.95
CA HIS D 760 -30.76 3.27 57.69
C HIS D 760 -29.56 4.16 57.46
N PHE D 761 -29.70 5.48 57.70
CA PHE D 761 -28.59 6.39 57.53
C PHE D 761 -27.48 6.10 58.52
N ALA D 762 -27.83 5.76 59.76
CA ALA D 762 -26.81 5.40 60.73
C ALA D 762 -26.02 4.19 60.28
N GLU D 763 -26.72 3.16 59.78
CA GLU D 763 -26.03 1.97 59.29
C GLU D 763 -25.14 2.30 58.09
N ALA D 764 -25.65 3.11 57.16
CA ALA D 764 -24.85 3.49 56.00
C ALA D 764 -23.59 4.25 56.42
N MET D 765 -23.73 5.16 57.38
CA MET D 765 -22.57 5.88 57.89
C MET D 765 -21.58 4.93 58.54
N LYS D 766 -22.09 3.93 59.27
CA LYS D 766 -21.21 2.91 59.83
C LYS D 766 -20.47 2.16 58.74
N THR D 767 -21.08 2.02 57.56
CA THR D 767 -20.47 1.32 56.44
C THR D 767 -19.93 2.27 55.38
N ALA D 768 -19.39 3.42 55.79
CA ALA D 768 -18.86 4.41 54.86
C ALA D 768 -17.54 4.95 55.39
N LYS D 769 -16.70 5.40 54.45
CA LYS D 769 -15.38 5.91 54.80
C LYS D 769 -14.96 6.96 53.76
N ARG D 770 -14.11 7.89 54.20
CA ARG D 770 -13.61 8.93 53.32
C ARG D 770 -12.76 8.33 52.21
N SER D 771 -12.92 8.86 51.00
CA SER D 771 -12.19 8.40 49.83
C SER D 771 -10.99 9.26 49.49
N VAL D 772 -10.70 10.29 50.30
CA VAL D 772 -9.58 11.19 50.06
C VAL D 772 -8.57 10.94 51.18
N SER D 773 -7.40 10.42 50.81
CA SER D 773 -6.35 10.17 51.79
C SER D 773 -5.83 11.49 52.35
N ASP D 774 -5.44 11.45 53.63
CA ASP D 774 -4.93 12.65 54.28
C ASP D 774 -3.67 13.16 53.59
N ALA D 775 -2.79 12.25 53.16
CA ALA D 775 -1.56 12.67 52.49
C ALA D 775 -1.86 13.43 51.21
N GLU D 776 -2.84 12.95 50.43
CA GLU D 776 -3.19 13.65 49.19
C GLU D 776 -3.83 15.00 49.48
N LEU D 777 -4.64 15.08 50.54
CA LEU D 777 -5.20 16.37 50.93
C LEU D 777 -4.09 17.35 51.31
N ARG D 778 -3.08 16.87 52.04
CA ARG D 778 -1.94 17.72 52.36
C ARG D 778 -1.23 18.16 51.09
N ARG D 779 -1.06 17.24 50.14
CA ARG D 779 -0.44 17.61 48.88
C ARG D 779 -1.22 18.72 48.17
N TYR D 780 -2.53 18.57 48.08
CA TYR D 780 -3.36 19.55 47.38
C TYR D 780 -3.30 20.91 48.06
N GLU D 781 -3.43 20.92 49.40
CA GLU D 781 -3.41 22.20 50.10
C GLU D 781 -2.03 22.85 50.01
N ALA D 782 -0.97 22.05 50.07
CA ALA D 782 0.37 22.61 49.92
C ALA D 782 0.58 23.19 48.52
N TYR D 783 0.09 22.51 47.50
CA TYR D 783 0.20 23.04 46.14
C TYR D 783 -0.58 24.35 46.02
N SER D 784 -1.78 24.41 46.59
CA SER D 784 -2.56 25.64 46.53
C SER D 784 -1.86 26.77 47.27
N GLN D 785 -1.28 26.47 48.44
CA GLN D 785 -0.58 27.50 49.19
C GLN D 785 0.65 27.99 48.43
N GLN D 786 1.38 27.08 47.80
CA GLN D 786 2.52 27.49 46.99
C GLN D 786 2.08 28.36 45.83
N MET D 787 0.98 28.00 45.17
CA MET D 787 0.47 28.81 44.08
C MET D 787 0.10 30.21 44.57
N LYS D 788 -0.54 30.28 45.74
CA LYS D 788 -0.90 31.58 46.31
C LYS D 788 0.35 32.39 46.62
N ALA D 789 1.36 31.76 47.22
CA ALA D 789 2.56 32.48 47.61
C ALA D 789 3.25 33.11 46.41
N SER D 790 3.35 32.36 45.31
CA SER D 790 3.93 32.92 44.09
C SER D 790 3.12 34.11 43.60
N ARG D 791 1.79 33.99 43.62
CA ARG D 791 0.92 35.08 43.20
C ARG D 791 0.99 36.29 44.10
N GLY D 792 1.58 36.16 45.29
CA GLY D 792 1.79 37.28 46.18
C GLY D 792 3.03 38.06 45.80
N GLN D 793 3.36 39.03 46.65
CA GLN D 793 4.52 39.86 46.44
C GLN D 793 5.75 39.26 47.11
N MET E 211 -36.00 -28.76 0.92
CA MET E 211 -35.91 -28.19 2.26
C MET E 211 -37.09 -27.23 2.50
N ASN E 212 -38.27 -27.64 2.06
CA ASN E 212 -39.48 -26.85 2.25
C ASN E 212 -40.44 -27.48 3.24
N GLU E 213 -40.13 -28.64 3.78
CA GLU E 213 -40.99 -29.34 4.73
C GLU E 213 -40.54 -29.16 6.18
N VAL E 214 -39.54 -28.31 6.42
CA VAL E 214 -39.05 -28.09 7.77
C VAL E 214 -40.00 -27.15 8.51
N GLY E 215 -40.44 -27.57 9.69
CA GLY E 215 -41.34 -26.77 10.49
C GLY E 215 -40.79 -26.55 11.89
N TYR E 216 -41.65 -26.12 12.82
CA TYR E 216 -41.22 -25.90 14.19
C TYR E 216 -40.88 -27.20 14.90
N ASP E 217 -41.29 -28.34 14.35
CA ASP E 217 -40.99 -29.63 14.97
C ASP E 217 -39.54 -30.06 14.77
N ASP E 218 -38.83 -29.45 13.82
CA ASP E 218 -37.45 -29.79 13.51
C ASP E 218 -36.46 -28.86 14.18
N ILE E 219 -36.81 -28.31 15.34
CA ILE E 219 -35.94 -27.41 16.09
C ILE E 219 -36.05 -27.76 17.56
N GLY E 220 -34.94 -27.68 18.28
CA GLY E 220 -34.94 -27.91 19.71
C GLY E 220 -33.91 -27.08 20.43
N GLY E 221 -34.29 -26.54 21.59
CA GLY E 221 -33.37 -25.79 22.42
C GLY E 221 -33.23 -24.33 22.07
N CYS E 222 -34.04 -23.80 21.17
CA CYS E 222 -34.04 -22.38 20.81
C CYS E 222 -35.44 -21.80 20.96
N ARG E 223 -36.10 -22.13 22.07
CA ARG E 223 -37.48 -21.71 22.25
C ARG E 223 -37.59 -20.19 22.36
N LYS E 224 -36.68 -19.56 23.09
CA LYS E 224 -36.76 -18.11 23.28
C LYS E 224 -36.49 -17.37 21.97
N GLN E 225 -35.42 -17.76 21.26
CA GLN E 225 -35.12 -17.11 19.99
C GLN E 225 -36.24 -17.35 18.98
N MET E 226 -36.79 -18.57 18.94
CA MET E 226 -37.90 -18.84 18.04
C MET E 226 -39.10 -17.98 18.40
N ALA E 227 -39.38 -17.79 19.69
CA ALA E 227 -40.49 -16.93 20.08
C ALA E 227 -40.27 -15.50 19.60
N GLN E 228 -39.04 -14.99 19.78
CA GLN E 228 -38.75 -13.64 19.33
C GLN E 228 -38.96 -13.51 17.81
N ILE E 229 -38.39 -14.44 17.05
CA ILE E 229 -38.48 -14.35 15.59
C ILE E 229 -39.93 -14.47 15.14
N ARG E 230 -40.69 -15.37 15.76
CA ARG E 230 -42.09 -15.51 15.40
C ARG E 230 -42.85 -14.23 15.68
N GLU E 231 -42.69 -13.66 16.88
CA GLU E 231 -43.40 -12.44 17.20
C GLU E 231 -43.01 -11.30 16.27
N MET E 232 -41.79 -11.34 15.74
CA MET E 232 -41.35 -10.26 14.87
C MET E 232 -41.77 -10.46 13.42
N VAL E 233 -42.00 -11.69 12.99
CA VAL E 233 -42.29 -11.98 11.58
C VAL E 233 -43.78 -12.28 11.35
N GLU E 234 -44.34 -13.22 12.11
CA GLU E 234 -45.71 -13.65 11.85
C GLU E 234 -46.70 -12.50 12.03
N LEU E 235 -46.60 -11.78 13.14
CA LEU E 235 -47.61 -10.77 13.44
C LEU E 235 -47.72 -9.71 12.36
N PRO E 236 -46.63 -9.13 11.85
CA PRO E 236 -46.78 -8.18 10.73
C PRO E 236 -47.44 -8.77 9.51
N LEU E 237 -47.22 -10.05 9.22
CA LEU E 237 -47.75 -10.66 8.01
C LEU E 237 -49.07 -11.37 8.26
N ARG E 238 -49.14 -12.18 9.32
CA ARG E 238 -50.37 -12.95 9.59
C ARG E 238 -51.53 -12.02 9.91
N HIS E 239 -51.34 -11.10 10.84
CA HIS E 239 -52.40 -10.23 11.33
C HIS E 239 -51.93 -8.78 11.31
N PRO E 240 -51.88 -8.17 10.13
CA PRO E 240 -51.58 -6.73 10.07
C PRO E 240 -52.72 -5.85 10.58
N GLN E 241 -53.88 -6.43 10.89
CA GLN E 241 -55.01 -5.63 11.34
C GLN E 241 -54.68 -4.93 12.67
N LEU E 242 -54.05 -5.65 13.60
CA LEU E 242 -53.84 -5.08 14.93
C LEU E 242 -52.81 -3.95 14.92
N PHE E 243 -51.78 -4.05 14.07
CA PHE E 243 -50.81 -2.97 13.98
C PHE E 243 -51.46 -1.69 13.44
N LYS E 244 -52.35 -1.83 12.45
CA LYS E 244 -53.09 -0.67 11.97
C LYS E 244 -54.02 -0.14 13.05
N ALA E 245 -54.66 -1.04 13.81
CA ALA E 245 -55.58 -0.62 14.86
C ALA E 245 -54.86 0.19 15.93
N ILE E 246 -53.68 -0.26 16.35
CA ILE E 246 -52.91 0.44 17.36
C ILE E 246 -52.13 1.62 16.80
N GLY E 247 -52.15 1.81 15.48
CA GLY E 247 -51.51 2.95 14.87
C GLY E 247 -50.01 3.00 15.04
N ILE E 248 -49.33 1.88 14.78
CA ILE E 248 -47.87 1.80 14.91
C ILE E 248 -47.33 1.04 13.71
N LYS E 249 -46.15 1.46 13.23
CA LYS E 249 -45.51 0.84 12.08
C LYS E 249 -44.50 -0.18 12.57
N PRO E 250 -44.67 -1.48 12.28
CA PRO E 250 -43.75 -2.47 12.84
C PRO E 250 -42.37 -2.35 12.26
N PRO E 251 -41.33 -2.73 13.00
CA PRO E 251 -39.97 -2.73 12.43
C PRO E 251 -39.82 -3.77 11.33
N ARG E 252 -38.91 -3.49 10.41
CA ARG E 252 -38.78 -4.27 9.18
C ARG E 252 -37.71 -5.35 9.28
N GLY E 253 -36.46 -4.97 9.53
CA GLY E 253 -35.36 -5.91 9.46
C GLY E 253 -35.15 -6.71 10.73
N VAL E 254 -34.46 -7.83 10.58
CA VAL E 254 -34.08 -8.69 11.69
C VAL E 254 -32.71 -9.26 11.38
N LEU E 255 -31.87 -9.42 12.41
CA LEU E 255 -30.50 -9.84 12.23
C LEU E 255 -30.16 -10.92 13.26
N MET E 256 -30.13 -12.17 12.83
CA MET E 256 -29.72 -13.27 13.68
C MET E 256 -28.20 -13.44 13.60
N TYR E 257 -27.60 -13.83 14.71
CA TYR E 257 -26.20 -14.23 14.66
C TYR E 257 -25.88 -15.19 15.78
N GLY E 258 -24.79 -15.93 15.59
CA GLY E 258 -24.35 -16.96 16.51
C GLY E 258 -23.27 -17.81 15.88
N PRO E 259 -22.76 -18.78 16.62
CA PRO E 259 -21.72 -19.64 16.05
C PRO E 259 -22.26 -20.43 14.89
N PRO E 260 -21.42 -20.78 13.92
CA PRO E 260 -21.90 -21.59 12.79
C PRO E 260 -22.38 -22.95 13.24
N GLY E 261 -23.38 -23.46 12.54
CA GLY E 261 -23.97 -24.74 12.89
C GLY E 261 -25.03 -24.69 13.96
N THR E 262 -25.47 -23.49 14.35
CA THR E 262 -26.43 -23.34 15.44
C THR E 262 -27.88 -23.29 14.96
N GLY E 263 -28.13 -23.48 13.67
CA GLY E 263 -29.49 -23.59 13.19
C GLY E 263 -30.12 -22.29 12.73
N LYS E 264 -29.33 -21.30 12.33
CA LYS E 264 -29.92 -20.04 11.88
C LYS E 264 -30.70 -20.23 10.59
N THR E 265 -30.08 -20.87 9.59
CA THR E 265 -30.77 -21.10 8.33
C THR E 265 -32.01 -21.97 8.53
N LEU E 266 -31.90 -23.01 9.34
CA LEU E 266 -33.04 -23.86 9.60
C LEU E 266 -34.16 -23.08 10.27
N MET E 267 -33.82 -22.22 11.24
CA MET E 267 -34.84 -21.44 11.92
C MET E 267 -35.55 -20.50 10.95
N ALA E 268 -34.79 -19.81 10.11
CA ALA E 268 -35.40 -18.89 9.14
C ALA E 268 -36.31 -19.65 8.18
N ARG E 269 -35.83 -20.78 7.65
CA ARG E 269 -36.63 -21.55 6.72
C ARG E 269 -37.89 -22.09 7.38
N ALA E 270 -37.79 -22.55 8.62
CA ALA E 270 -38.96 -23.06 9.32
C ALA E 270 -39.98 -21.95 9.55
N VAL E 271 -39.53 -20.78 9.95
CA VAL E 271 -40.46 -19.66 10.15
C VAL E 271 -41.14 -19.32 8.83
N ALA E 272 -40.37 -19.26 7.74
CA ALA E 272 -40.96 -18.94 6.45
C ALA E 272 -42.01 -19.97 6.04
N ASN E 273 -41.69 -21.26 6.21
CA ASN E 273 -42.64 -22.30 5.81
C ASN E 273 -43.89 -22.27 6.65
N GLU E 274 -43.75 -22.11 7.98
CA GLU E 274 -44.91 -22.08 8.84
C GLU E 274 -45.79 -20.87 8.55
N THR E 275 -45.19 -19.71 8.30
CA THR E 275 -45.98 -18.52 7.99
C THR E 275 -46.71 -18.65 6.67
N GLY E 276 -46.24 -19.50 5.76
CA GLY E 276 -46.88 -19.61 4.46
C GLY E 276 -46.81 -18.34 3.63
N ALA E 277 -45.63 -17.72 3.58
CA ALA E 277 -45.43 -16.48 2.86
C ALA E 277 -44.41 -16.68 1.74
N PHE E 278 -44.56 -15.92 0.67
CA PHE E 278 -43.62 -15.98 -0.44
C PHE E 278 -42.20 -15.78 0.05
N PHE E 279 -41.33 -16.74 -0.24
CA PHE E 279 -39.98 -16.78 0.29
C PHE E 279 -38.97 -16.57 -0.83
N PHE E 280 -37.91 -15.81 -0.52
CA PHE E 280 -36.83 -15.57 -1.46
C PHE E 280 -35.51 -15.66 -0.72
N LEU E 281 -34.53 -16.32 -1.33
CA LEU E 281 -33.23 -16.54 -0.72
C LEU E 281 -32.16 -15.80 -1.51
N ILE E 282 -31.30 -15.08 -0.80
CA ILE E 282 -30.28 -14.23 -1.41
C ILE E 282 -28.90 -14.66 -0.93
N ASN E 283 -28.70 -15.97 -0.79
CA ASN E 283 -27.45 -16.53 -0.29
C ASN E 283 -26.24 -15.75 -0.77
N GLY E 284 -25.38 -15.35 0.16
CA GLY E 284 -24.32 -14.41 -0.12
C GLY E 284 -23.29 -14.88 -1.11
N PRO E 285 -22.70 -16.06 -0.88
CA PRO E 285 -21.68 -16.56 -1.80
C PRO E 285 -22.19 -16.68 -3.23
N GLU E 286 -23.45 -17.09 -3.42
CA GLU E 286 -23.99 -17.19 -4.76
C GLU E 286 -24.03 -15.84 -5.44
N VAL E 287 -24.41 -14.80 -4.70
CA VAL E 287 -24.43 -13.45 -5.26
C VAL E 287 -23.01 -12.99 -5.60
N MET E 288 -22.05 -13.26 -4.71
CA MET E 288 -20.70 -12.78 -4.91
C MET E 288 -19.95 -13.55 -5.99
N SER E 289 -20.49 -14.65 -6.50
CA SER E 289 -19.84 -15.41 -7.56
C SER E 289 -20.21 -14.90 -8.95
N LYS E 290 -21.08 -13.91 -9.04
CA LYS E 290 -21.53 -13.40 -10.33
C LYS E 290 -20.53 -12.38 -10.88
N MET E 291 -20.53 -12.23 -12.20
CA MET E 291 -19.64 -11.29 -12.84
C MET E 291 -19.94 -9.87 -12.36
N ALA E 292 -19.04 -8.95 -12.67
CA ALA E 292 -19.21 -7.57 -12.25
C ALA E 292 -20.49 -7.00 -12.86
N GLY E 293 -21.30 -6.37 -12.02
CA GLY E 293 -22.58 -5.82 -12.43
C GLY E 293 -23.74 -6.77 -12.35
N GLU E 294 -23.50 -8.06 -12.06
CA GLU E 294 -24.57 -9.03 -11.92
C GLU E 294 -25.03 -9.20 -10.49
N SER E 295 -24.17 -8.96 -9.51
CA SER E 295 -24.58 -9.04 -8.12
C SER E 295 -25.66 -8.01 -7.81
N GLU E 296 -25.45 -6.77 -8.23
CA GLU E 296 -26.44 -5.73 -7.98
C GLU E 296 -27.74 -6.04 -8.70
N SER E 297 -27.65 -6.53 -9.93
CA SER E 297 -28.86 -6.88 -10.67
C SER E 297 -29.63 -7.99 -9.98
N ASN E 298 -28.92 -8.99 -9.46
CA ASN E 298 -29.59 -10.07 -8.73
C ASN E 298 -30.28 -9.53 -7.48
N LEU E 299 -29.61 -8.65 -6.73
CA LEU E 299 -30.22 -8.08 -5.53
C LEU E 299 -31.48 -7.30 -5.88
N ARG E 300 -31.38 -6.47 -6.93
CA ARG E 300 -32.55 -5.67 -7.32
C ARG E 300 -33.70 -6.56 -7.77
N LYS E 301 -33.41 -7.60 -8.56
CA LYS E 301 -34.46 -8.49 -9.01
C LYS E 301 -35.10 -9.22 -7.84
N ALA E 302 -34.31 -9.66 -6.87
CA ALA E 302 -34.86 -10.34 -5.70
C ALA E 302 -35.80 -9.41 -4.94
N PHE E 303 -35.35 -8.19 -4.68
CA PHE E 303 -36.18 -7.27 -3.91
C PHE E 303 -37.46 -6.91 -4.67
N GLU E 304 -37.36 -6.68 -5.98
CA GLU E 304 -38.54 -6.35 -6.76
C GLU E 304 -39.54 -7.50 -6.78
N GLU E 305 -39.04 -8.73 -6.99
CA GLU E 305 -39.93 -9.89 -7.01
C GLU E 305 -40.61 -10.07 -5.66
N ALA E 306 -39.87 -9.88 -4.58
CA ALA E 306 -40.50 -9.96 -3.25
C ALA E 306 -41.55 -8.87 -3.07
N GLU E 307 -41.27 -7.67 -3.56
CA GLU E 307 -42.21 -6.56 -3.42
C GLU E 307 -43.50 -6.84 -4.18
N LYS E 308 -43.41 -7.41 -5.37
CA LYS E 308 -44.60 -7.65 -6.17
C LYS E 308 -45.61 -8.53 -5.42
N ASN E 309 -45.14 -9.49 -4.64
CA ASN E 309 -46.00 -10.33 -3.82
C ASN E 309 -46.06 -9.74 -2.42
N ALA E 310 -47.29 -9.58 -1.91
CA ALA E 310 -47.49 -8.81 -0.69
C ALA E 310 -46.73 -9.44 0.47
N PRO E 311 -47.10 -10.65 0.94
CA PRO E 311 -46.26 -11.29 1.97
C PRO E 311 -44.89 -11.66 1.41
N ALA E 312 -43.82 -11.15 2.01
CA ALA E 312 -42.47 -11.47 1.60
C ALA E 312 -41.60 -11.68 2.83
N ILE E 313 -40.75 -12.69 2.77
CA ILE E 313 -39.93 -13.10 3.90
C ILE E 313 -38.47 -13.18 3.48
N ILE E 314 -38.05 -12.27 2.59
CA ILE E 314 -36.69 -12.29 2.06
C ILE E 314 -35.70 -12.66 3.15
N PHE E 315 -34.82 -13.60 2.85
CA PHE E 315 -33.82 -14.09 3.80
C PHE E 315 -32.44 -14.00 3.15
N ILE E 316 -31.61 -13.10 3.66
CA ILE E 316 -30.27 -12.85 3.11
C ILE E 316 -29.31 -13.71 3.92
N ASP E 317 -29.08 -14.93 3.47
CA ASP E 317 -28.20 -15.84 4.18
C ASP E 317 -26.74 -15.42 3.99
N GLU E 318 -25.99 -15.43 5.09
CA GLU E 318 -24.57 -15.09 5.09
C GLU E 318 -24.35 -13.69 4.51
N ILE E 319 -24.97 -12.70 5.17
CA ILE E 319 -24.87 -11.33 4.70
C ILE E 319 -23.47 -10.77 4.89
N ASP E 320 -22.67 -11.33 5.80
CA ASP E 320 -21.34 -10.80 6.05
C ASP E 320 -20.39 -11.00 4.88
N SER E 321 -20.76 -11.80 3.88
CA SER E 321 -19.91 -11.97 2.70
C SER E 321 -20.19 -10.93 1.64
N ILE E 322 -21.41 -10.38 1.58
CA ILE E 322 -21.77 -9.36 0.60
C ILE E 322 -21.79 -7.98 1.21
N ALA E 323 -21.49 -7.83 2.49
CA ALA E 323 -21.45 -6.52 3.12
C ALA E 323 -20.46 -6.53 4.28
N PRO E 324 -19.20 -6.87 4.06
CA PRO E 324 -18.25 -6.96 5.16
C PRO E 324 -17.87 -5.58 5.68
N LYS E 325 -17.08 -5.58 6.76
CA LYS E 325 -16.65 -4.32 7.36
C LYS E 325 -15.92 -3.48 6.32
N ARG E 326 -16.25 -2.19 6.28
CA ARG E 326 -15.64 -1.30 5.29
C ARG E 326 -14.12 -1.28 5.43
N ASP E 327 -13.62 -1.58 6.63
CA ASP E 327 -12.18 -1.66 6.84
C ASP E 327 -11.58 -2.77 5.98
N LYS E 328 -12.26 -3.91 5.91
CA LYS E 328 -11.82 -5.04 5.11
C LYS E 328 -12.62 -5.20 3.82
N THR E 329 -13.45 -4.22 3.47
CA THR E 329 -14.19 -4.23 2.21
C THR E 329 -13.37 -3.50 1.14
N ASN E 330 -12.24 -4.11 0.80
CA ASN E 330 -11.31 -3.52 -0.15
C ASN E 330 -11.74 -3.89 -1.57
N GLY E 331 -11.89 -2.88 -2.42
CA GLY E 331 -12.27 -3.09 -3.80
C GLY E 331 -13.31 -2.10 -4.27
N GLU E 332 -13.81 -2.29 -5.49
CA GLU E 332 -14.86 -1.45 -6.05
C GLU E 332 -16.19 -2.15 -6.24
N VAL E 333 -16.20 -3.39 -6.71
CA VAL E 333 -17.43 -4.16 -6.78
C VAL E 333 -17.93 -4.53 -5.39
N GLU E 334 -17.02 -4.92 -4.50
CA GLU E 334 -17.37 -5.17 -3.11
C GLU E 334 -17.73 -3.89 -2.36
N ARG E 335 -17.37 -2.73 -2.92
CA ARG E 335 -17.77 -1.46 -2.35
C ARG E 335 -19.07 -0.93 -2.94
N ARG E 336 -19.47 -1.43 -4.11
CA ARG E 336 -20.68 -1.01 -4.78
C ARG E 336 -21.88 -1.92 -4.50
N VAL E 337 -21.63 -3.21 -4.25
CA VAL E 337 -22.73 -4.09 -3.85
C VAL E 337 -23.28 -3.66 -2.49
N VAL E 338 -22.40 -3.19 -1.60
CA VAL E 338 -22.87 -2.69 -0.31
C VAL E 338 -23.77 -1.48 -0.49
N SER E 339 -23.38 -0.56 -1.39
CA SER E 339 -24.21 0.61 -1.64
C SER E 339 -25.55 0.22 -2.25
N GLN E 340 -25.54 -0.74 -3.17
CA GLN E 340 -26.80 -1.22 -3.73
C GLN E 340 -27.69 -1.81 -2.66
N LEU E 341 -27.12 -2.61 -1.75
CA LEU E 341 -27.91 -3.19 -0.67
C LEU E 341 -28.49 -2.11 0.23
N LEU E 342 -27.68 -1.11 0.58
CA LEU E 342 -28.16 -0.03 1.42
C LEU E 342 -29.29 0.73 0.75
N THR E 343 -29.15 1.03 -0.54
CA THR E 343 -30.21 1.72 -1.26
C THR E 343 -31.50 0.90 -1.27
N LEU E 344 -31.39 -0.40 -1.56
CA LEU E 344 -32.57 -1.25 -1.60
C LEU E 344 -33.25 -1.32 -0.24
N MET E 345 -32.46 -1.38 0.83
CA MET E 345 -33.05 -1.51 2.16
C MET E 345 -33.67 -0.21 2.62
N ASP E 346 -33.05 0.93 2.28
CA ASP E 346 -33.60 2.22 2.67
C ASP E 346 -34.87 2.56 1.90
N GLY E 347 -34.89 2.32 0.60
CA GLY E 347 -36.01 2.71 -0.23
C GLY E 347 -37.13 1.69 -0.24
N MET E 348 -37.25 0.92 0.84
CA MET E 348 -38.23 -0.15 0.91
C MET E 348 -39.06 -0.08 2.18
N LYS E 349 -38.58 0.63 3.20
CA LYS E 349 -39.23 0.63 4.51
C LYS E 349 -40.75 0.73 4.39
N ALA E 350 -41.25 1.77 3.72
CA ALA E 350 -42.69 1.95 3.51
C ALA E 350 -43.05 1.50 2.10
N ARG E 351 -43.03 0.19 1.89
CA ARG E 351 -43.40 -0.36 0.58
C ARG E 351 -44.50 -1.41 0.67
N SER E 352 -44.31 -2.47 1.44
CA SER E 352 -45.31 -3.53 1.56
C SER E 352 -44.99 -4.44 2.73
N ASN E 353 -45.74 -5.54 2.87
CA ASN E 353 -45.52 -6.49 3.97
C ASN E 353 -44.30 -7.36 3.63
N VAL E 354 -43.14 -6.72 3.66
CA VAL E 354 -41.88 -7.36 3.31
C VAL E 354 -40.99 -7.34 4.54
N VAL E 355 -40.42 -8.49 4.88
CA VAL E 355 -39.54 -8.64 6.04
C VAL E 355 -38.22 -9.22 5.56
N VAL E 356 -37.12 -8.61 5.98
CA VAL E 356 -35.78 -9.05 5.62
C VAL E 356 -35.12 -9.66 6.85
N ILE E 357 -34.62 -10.89 6.71
CA ILE E 357 -33.92 -11.59 7.78
C ILE E 357 -32.52 -11.88 7.30
N ALA E 358 -31.52 -11.52 8.10
CA ALA E 358 -30.13 -11.73 7.75
C ALA E 358 -29.45 -12.54 8.84
N ALA E 359 -28.51 -13.39 8.43
CA ALA E 359 -27.78 -14.26 9.33
C ALA E 359 -26.29 -14.01 9.16
N THR E 360 -25.58 -13.87 10.28
CA THR E 360 -24.15 -13.63 10.26
C THR E 360 -23.53 -14.22 11.52
N ASN E 361 -22.22 -14.45 11.48
CA ASN E 361 -21.56 -15.09 12.61
C ASN E 361 -21.41 -14.16 13.80
N ARG E 362 -21.03 -12.92 13.56
CA ARG E 362 -20.73 -11.96 14.62
C ARG E 362 -21.46 -10.66 14.36
N PRO E 363 -21.74 -9.88 15.42
CA PRO E 363 -22.30 -8.54 15.20
C PRO E 363 -21.39 -7.64 14.40
N ASN E 364 -20.07 -7.76 14.59
CA ASN E 364 -19.12 -6.83 14.00
C ASN E 364 -18.55 -7.30 12.67
N SER E 365 -19.04 -8.42 12.14
CA SER E 365 -18.58 -8.88 10.83
C SER E 365 -19.17 -8.07 9.69
N ILE E 366 -20.40 -7.57 9.86
CA ILE E 366 -21.08 -6.84 8.80
C ILE E 366 -20.70 -5.36 8.86
N ASP E 367 -21.00 -4.63 7.79
CA ASP E 367 -20.75 -3.20 7.76
C ASP E 367 -21.63 -2.50 8.79
N PRO E 368 -21.08 -1.59 9.61
CA PRO E 368 -21.91 -0.96 10.65
C PRO E 368 -23.06 -0.13 10.10
N ALA E 369 -22.99 0.30 8.84
CA ALA E 369 -24.03 1.15 8.27
C ALA E 369 -25.35 0.42 8.08
N LEU E 370 -25.36 -0.91 8.20
CA LEU E 370 -26.57 -1.70 8.04
C LEU E 370 -27.36 -1.88 9.33
N ARG E 371 -26.85 -1.37 10.45
CA ARG E 371 -27.42 -1.61 11.77
C ARG E 371 -28.07 -0.35 12.35
N ARG E 372 -28.74 0.42 11.51
CA ARG E 372 -29.35 1.68 11.91
C ARG E 372 -30.87 1.54 11.91
N PHE E 373 -31.53 2.66 12.20
CA PHE E 373 -32.99 2.70 12.18
C PHE E 373 -33.50 2.56 10.75
N GLY E 374 -34.57 1.79 10.59
CA GLY E 374 -35.15 1.50 9.28
C GLY E 374 -34.48 0.32 8.61
N ARG E 375 -33.16 0.27 8.65
CA ARG E 375 -32.41 -0.91 8.23
C ARG E 375 -32.47 -1.95 9.34
N PHE E 376 -31.60 -2.94 9.31
CA PHE E 376 -31.59 -3.94 10.38
C PHE E 376 -31.47 -3.24 11.73
N ASP E 377 -32.53 -3.31 12.54
CA ASP E 377 -32.57 -2.63 13.81
C ASP E 377 -32.94 -3.56 14.97
N ARG E 378 -33.28 -4.80 14.69
CA ARG E 378 -33.57 -5.80 15.72
C ARG E 378 -32.57 -6.93 15.58
N GLU E 379 -31.95 -7.32 16.69
CA GLU E 379 -30.89 -8.33 16.69
C GLU E 379 -31.29 -9.50 17.57
N VAL E 380 -30.85 -10.68 17.16
CA VAL E 380 -31.11 -11.92 17.88
C VAL E 380 -29.79 -12.68 18.01
N ASP E 381 -29.52 -13.19 19.20
CA ASP E 381 -28.29 -13.92 19.49
C ASP E 381 -28.65 -15.36 19.82
N ILE E 382 -28.00 -16.29 19.13
CA ILE E 382 -28.22 -17.72 19.31
C ILE E 382 -26.96 -18.31 19.94
N GLY E 383 -27.14 -18.96 21.09
CA GLY E 383 -26.03 -19.55 21.82
C GLY E 383 -26.09 -21.07 21.80
N ILE E 384 -25.03 -21.67 22.33
CA ILE E 384 -24.96 -23.13 22.37
C ILE E 384 -26.06 -23.66 23.30
N PRO E 385 -26.75 -24.75 22.94
CA PRO E 385 -27.84 -25.22 23.78
C PRO E 385 -27.36 -25.85 25.07
N ASP E 386 -28.27 -25.93 26.03
CA ASP E 386 -27.99 -26.56 27.31
C ASP E 386 -28.34 -28.05 27.23
N ALA E 387 -28.34 -28.74 28.37
CA ALA E 387 -28.53 -30.18 28.36
C ALA E 387 -29.88 -30.56 27.76
N THR E 388 -30.94 -29.84 28.14
CA THR E 388 -32.26 -30.13 27.58
C THR E 388 -32.29 -29.88 26.08
N GLY E 389 -31.67 -28.80 25.63
CA GLY E 389 -31.60 -28.54 24.20
C GLY E 389 -30.87 -29.64 23.45
N ARG E 390 -29.75 -30.10 24.00
CA ARG E 390 -29.01 -31.18 23.35
C ARG E 390 -29.82 -32.46 23.32
N LEU E 391 -30.57 -32.74 24.39
CA LEU E 391 -31.44 -33.92 24.39
C LEU E 391 -32.51 -33.80 23.31
N GLU E 392 -33.10 -32.61 23.17
CA GLU E 392 -34.09 -32.42 22.12
C GLU E 392 -33.49 -32.62 20.73
N VAL E 393 -32.30 -32.09 20.51
CA VAL E 393 -31.64 -32.26 19.21
C VAL E 393 -31.37 -33.74 18.96
N LEU E 394 -30.89 -34.45 19.98
CA LEU E 394 -30.63 -35.88 19.81
C LEU E 394 -31.91 -36.63 19.47
N ARG E 395 -33.02 -36.31 20.14
CA ARG E 395 -34.27 -36.98 19.82
C ARG E 395 -34.75 -36.65 18.42
N ILE E 396 -34.47 -35.43 17.95
CA ILE E 396 -34.87 -35.06 16.59
C ILE E 396 -34.06 -35.85 15.57
N HIS E 397 -32.74 -35.92 15.76
CA HIS E 397 -31.89 -36.57 14.76
C HIS E 397 -31.98 -38.08 14.81
N THR E 398 -32.19 -38.66 15.99
CA THR E 398 -32.30 -40.11 16.14
C THR E 398 -33.74 -40.60 16.01
N LYS E 399 -34.58 -39.85 15.28
CA LYS E 399 -35.96 -40.25 15.09
C LYS E 399 -36.11 -41.31 14.02
N ASN E 400 -35.08 -41.57 13.23
CA ASN E 400 -35.13 -42.59 12.18
C ASN E 400 -34.02 -43.63 12.29
N MET E 401 -32.94 -43.35 13.01
CA MET E 401 -31.87 -44.33 13.16
C MET E 401 -32.38 -45.57 13.88
N LYS E 402 -31.85 -46.72 13.48
CA LYS E 402 -32.17 -48.00 14.11
C LYS E 402 -31.34 -48.11 15.39
N LEU E 403 -31.91 -47.63 16.49
CA LEU E 403 -31.22 -47.61 17.78
C LEU E 403 -31.44 -48.92 18.53
N ALA E 404 -30.37 -49.42 19.15
CA ALA E 404 -30.48 -50.60 19.97
C ALA E 404 -31.23 -50.27 21.27
N ASP E 405 -31.59 -51.31 22.00
CA ASP E 405 -32.32 -51.11 23.25
C ASP E 405 -31.48 -50.36 24.27
N ASP E 406 -30.18 -50.67 24.33
CA ASP E 406 -29.29 -50.06 25.33
C ASP E 406 -28.74 -48.73 24.80
N VAL E 407 -29.65 -47.76 24.69
CA VAL E 407 -29.30 -46.41 24.30
C VAL E 407 -29.88 -45.45 25.34
N ASP E 408 -29.05 -44.51 25.78
CA ASP E 408 -29.35 -43.65 26.92
C ASP E 408 -29.22 -42.18 26.54
N LEU E 409 -29.93 -41.79 25.48
CA LEU E 409 -29.85 -40.45 24.92
C LEU E 409 -29.69 -39.38 25.99
N GLU E 410 -30.37 -39.55 27.13
CA GLU E 410 -30.15 -38.62 28.24
C GLU E 410 -28.69 -38.62 28.67
N ALA E 411 -28.07 -39.79 28.74
CA ALA E 411 -26.66 -39.85 29.10
C ALA E 411 -25.79 -39.13 28.07
N LEU E 412 -26.07 -39.33 26.78
CA LEU E 412 -25.30 -38.64 25.76
C LEU E 412 -25.46 -37.13 25.88
N ALA E 413 -26.68 -36.66 26.12
CA ALA E 413 -26.91 -35.24 26.27
C ALA E 413 -26.13 -34.70 27.46
N ALA E 414 -26.12 -35.43 28.57
CA ALA E 414 -25.38 -34.99 29.75
C ALA E 414 -23.88 -34.93 29.47
N GLU E 415 -23.36 -35.92 28.74
CA GLU E 415 -21.91 -36.05 28.56
C GLU E 415 -21.36 -35.18 27.45
N THR E 416 -22.20 -34.55 26.65
CA THR E 416 -21.75 -33.79 25.48
C THR E 416 -22.05 -32.30 25.73
N HIS E 417 -21.01 -31.55 26.07
CA HIS E 417 -21.13 -30.14 26.40
C HIS E 417 -20.42 -29.31 25.35
N GLY E 418 -21.01 -28.17 24.98
CA GLY E 418 -20.45 -27.33 23.95
C GLY E 418 -20.73 -27.79 22.54
N TYR E 419 -21.72 -28.66 22.36
CA TYR E 419 -22.08 -29.18 21.04
C TYR E 419 -23.26 -28.41 20.49
N VAL E 420 -23.09 -27.81 19.32
CA VAL E 420 -24.18 -27.18 18.58
C VAL E 420 -24.90 -28.25 17.79
N GLY E 421 -26.02 -27.89 17.15
CA GLY E 421 -26.82 -28.89 16.46
C GLY E 421 -26.04 -29.65 15.41
N ALA E 422 -25.19 -28.95 14.65
CA ALA E 422 -24.40 -29.62 13.63
C ALA E 422 -23.49 -30.67 14.25
N ASP E 423 -22.92 -30.37 15.42
CA ASP E 423 -22.05 -31.34 16.09
C ASP E 423 -22.83 -32.60 16.46
N ILE E 424 -24.06 -32.45 16.94
CA ILE E 424 -24.84 -33.63 17.31
C ILE E 424 -25.24 -34.43 16.09
N ALA E 425 -25.57 -33.75 14.99
CA ALA E 425 -25.85 -34.46 13.75
C ALA E 425 -24.63 -35.27 13.30
N SER E 426 -23.45 -34.66 13.34
CA SER E 426 -22.24 -35.37 12.96
C SER E 426 -21.96 -36.52 13.92
N LEU E 427 -22.25 -36.33 15.20
CA LEU E 427 -22.08 -37.41 16.18
C LEU E 427 -22.95 -38.60 15.82
N CYS E 428 -24.21 -38.36 15.49
CA CYS E 428 -25.09 -39.45 15.10
C CYS E 428 -24.59 -40.16 13.84
N SER E 429 -24.16 -39.38 12.86
CA SER E 429 -23.64 -39.99 11.63
C SER E 429 -22.42 -40.85 11.91
N GLU E 430 -21.50 -40.36 12.75
CA GLU E 430 -20.30 -41.13 13.07
C GLU E 430 -20.63 -42.38 13.86
N ALA E 431 -21.62 -42.31 14.76
CA ALA E 431 -22.02 -43.51 15.49
C ALA E 431 -22.58 -44.57 14.54
N ALA E 432 -23.43 -44.14 13.60
CA ALA E 432 -23.94 -45.09 12.62
C ALA E 432 -22.81 -45.67 11.77
N MET E 433 -21.83 -44.85 11.41
CA MET E 433 -20.69 -45.35 10.65
C MET E 433 -19.90 -46.37 11.44
N GLN E 434 -19.72 -46.15 12.75
CA GLN E 434 -19.04 -47.12 13.59
C GLN E 434 -19.82 -48.43 13.65
N GLN E 435 -21.14 -48.35 13.73
CA GLN E 435 -21.94 -49.57 13.67
C GLN E 435 -21.72 -50.31 12.36
N ILE E 436 -21.68 -49.57 11.25
CA ILE E 436 -21.43 -50.20 9.96
C ILE E 436 -20.06 -50.88 9.94
N ARG E 437 -19.05 -50.20 10.49
CA ARG E 437 -17.72 -50.80 10.54
C ARG E 437 -17.71 -52.08 11.37
N GLU E 438 -18.40 -52.07 12.51
CA GLU E 438 -18.46 -53.28 13.33
C GLU E 438 -19.14 -54.41 12.57
N LYS E 439 -20.22 -54.12 11.84
CA LYS E 439 -20.91 -55.15 11.09
C LYS E 439 -20.23 -55.50 9.77
N MET E 440 -19.17 -54.78 9.40
CA MET E 440 -18.54 -55.01 8.11
C MET E 440 -17.96 -56.42 8.00
N ASP E 441 -17.64 -57.05 9.12
CA ASP E 441 -17.07 -58.41 9.07
C ASP E 441 -18.06 -59.38 8.43
N LEU E 442 -19.34 -59.26 8.76
CA LEU E 442 -20.37 -60.12 8.20
C LEU E 442 -20.87 -59.63 6.85
N ILE E 443 -20.35 -58.50 6.36
CA ILE E 443 -20.78 -57.92 5.09
C ILE E 443 -19.70 -58.18 4.05
N ASP E 444 -20.10 -58.72 2.91
CA ASP E 444 -19.19 -58.96 1.79
C ASP E 444 -19.35 -57.80 0.81
N LEU E 445 -18.37 -56.90 0.81
CA LEU E 445 -18.48 -55.69 -0.02
C LEU E 445 -18.37 -56.01 -1.50
N ASP E 446 -17.67 -57.09 -1.85
CA ASP E 446 -17.51 -57.44 -3.26
C ASP E 446 -18.86 -57.74 -3.93
N GLU E 447 -19.73 -58.44 -3.22
CA GLU E 447 -21.02 -58.80 -3.79
C GLU E 447 -21.84 -57.56 -4.12
N ASP E 448 -22.63 -57.66 -5.19
CA ASP E 448 -23.41 -56.51 -5.64
C ASP E 448 -24.43 -56.08 -4.59
N GLU E 449 -25.03 -57.02 -3.88
CA GLU E 449 -26.05 -56.74 -2.89
C GLU E 449 -25.69 -57.39 -1.56
N ILE E 450 -26.02 -56.70 -0.48
CA ILE E 450 -25.80 -57.21 0.87
C ILE E 450 -27.05 -57.94 1.32
N ASP E 451 -26.85 -59.06 2.01
CA ASP E 451 -27.98 -59.89 2.43
C ASP E 451 -28.89 -59.10 3.36
N ALA E 452 -30.20 -59.18 3.11
CA ALA E 452 -31.16 -58.45 3.93
C ALA E 452 -31.12 -58.91 5.39
N GLU E 453 -30.70 -60.17 5.62
CA GLU E 453 -30.58 -60.65 6.99
C GLU E 453 -29.56 -59.81 7.76
N VAL E 454 -28.43 -59.49 7.14
CA VAL E 454 -27.46 -58.62 7.79
C VAL E 454 -28.05 -57.24 8.02
N LEU E 455 -28.76 -56.70 7.03
CA LEU E 455 -29.36 -55.38 7.17
C LEU E 455 -30.31 -55.34 8.37
N ASP E 456 -31.04 -56.43 8.61
CA ASP E 456 -31.97 -56.47 9.74
C ASP E 456 -31.25 -56.36 11.07
N SER E 457 -29.97 -56.71 11.13
CA SER E 457 -29.21 -56.73 12.38
C SER E 457 -28.52 -55.40 12.67
N LEU E 458 -28.70 -54.39 11.83
CA LEU E 458 -28.08 -53.09 12.06
C LEU E 458 -28.80 -52.38 13.21
N GLY E 459 -28.09 -52.20 14.32
CA GLY E 459 -28.62 -51.46 15.45
C GLY E 459 -27.51 -50.73 16.17
N VAL E 460 -27.66 -49.41 16.32
CA VAL E 460 -26.63 -48.60 16.96
C VAL E 460 -26.69 -48.82 18.47
N THR E 461 -25.53 -49.06 19.08
CA THR E 461 -25.43 -49.31 20.50
C THR E 461 -24.74 -48.14 21.19
N MET E 462 -24.68 -48.22 22.51
CA MET E 462 -24.08 -47.13 23.29
C MET E 462 -22.59 -47.01 23.01
N ASP E 463 -21.90 -48.13 22.82
CA ASP E 463 -20.47 -48.08 22.54
C ASP E 463 -20.18 -47.30 21.27
N ASN E 464 -21.07 -47.40 20.28
CA ASN E 464 -20.89 -46.63 19.05
C ASN E 464 -20.92 -45.14 19.35
N PHE E 465 -21.85 -44.70 20.21
CA PHE E 465 -21.91 -43.29 20.56
C PHE E 465 -20.71 -42.87 21.39
N ARG E 466 -20.21 -43.75 22.26
CA ARG E 466 -18.98 -43.43 23.00
C ARG E 466 -17.82 -43.21 22.04
N PHE E 467 -17.68 -44.09 21.05
CA PHE E 467 -16.65 -43.92 20.04
C PHE E 467 -16.83 -42.63 19.27
N ALA E 468 -18.07 -42.32 18.88
CA ALA E 468 -18.33 -41.09 18.12
C ALA E 468 -17.96 -39.86 18.94
N LEU E 469 -18.31 -39.86 20.23
CA LEU E 469 -17.87 -38.77 21.10
C LEU E 469 -16.35 -38.69 21.15
N GLY E 470 -15.69 -39.84 21.17
CA GLY E 470 -14.23 -39.84 21.14
C GLY E 470 -13.68 -39.17 19.89
N ASN E 471 -14.34 -39.36 18.75
CA ASN E 471 -13.84 -38.88 17.47
C ASN E 471 -14.46 -37.55 17.04
N SER E 472 -15.12 -36.83 17.94
CA SER E 472 -15.75 -35.57 17.57
C SER E 472 -14.79 -34.40 17.77
N ASN E 473 -15.05 -33.31 17.05
CA ASN E 473 -14.23 -32.11 17.10
C ASN E 473 -15.13 -30.88 17.27
N PRO E 474 -15.76 -30.73 18.43
CA PRO E 474 -16.52 -29.50 18.69
C PRO E 474 -15.62 -28.28 18.69
N SER E 475 -16.14 -27.17 18.16
CA SER E 475 -15.35 -25.95 18.06
C SER E 475 -16.15 -24.70 18.40
N ALA E 476 -17.38 -24.83 18.90
CA ALA E 476 -18.18 -23.65 19.21
C ALA E 476 -17.53 -22.82 20.30
N LEU E 477 -16.97 -23.47 21.32
CA LEU E 477 -16.34 -22.77 22.42
C LEU E 477 -15.01 -22.13 22.05
N ARG E 478 -14.51 -22.34 20.83
CA ARG E 478 -13.23 -21.77 20.44
C ARG E 478 -13.23 -20.25 20.57
N GLU E 479 -14.39 -19.63 20.46
CA GLU E 479 -14.55 -18.19 20.62
C GLU E 479 -15.64 -17.90 21.65
N THR E 480 -15.88 -16.62 21.90
CA THR E 480 -16.87 -16.24 22.90
C THR E 480 -18.27 -16.60 22.41
N VAL E 481 -19.05 -17.26 23.27
CA VAL E 481 -20.42 -17.63 22.98
C VAL E 481 -21.24 -17.45 24.24
N VAL E 482 -22.56 -17.54 24.08
CA VAL E 482 -23.52 -17.37 25.17
C VAL E 482 -24.13 -18.73 25.47
N GLU E 483 -24.14 -19.10 26.75
CA GLU E 483 -24.73 -20.38 27.16
C GLU E 483 -25.46 -20.19 28.48
N SER E 484 -26.35 -21.13 28.77
CA SER E 484 -27.09 -21.15 30.02
C SER E 484 -26.37 -22.02 31.05
N VAL E 485 -26.58 -21.70 32.32
CA VAL E 485 -26.00 -22.44 33.43
C VAL E 485 -27.10 -22.77 34.43
N ASN E 486 -26.88 -23.83 35.20
CA ASN E 486 -27.87 -24.34 36.12
C ASN E 486 -27.22 -24.68 37.46
N VAL E 487 -26.42 -23.76 37.98
CA VAL E 487 -25.79 -23.90 39.29
C VAL E 487 -26.61 -23.14 40.31
N THR E 488 -27.03 -23.83 41.37
CA THR E 488 -27.80 -23.22 42.45
C THR E 488 -26.88 -22.93 43.63
N TRP E 489 -27.47 -22.42 44.72
CA TRP E 489 -26.69 -22.19 45.93
C TRP E 489 -26.55 -23.47 46.73
N ASP E 490 -26.20 -24.56 46.06
CA ASP E 490 -25.87 -25.82 46.72
C ASP E 490 -24.58 -26.42 46.20
N ASP E 491 -24.30 -26.27 44.91
CA ASP E 491 -23.02 -26.72 44.37
C ASP E 491 -21.86 -25.96 44.99
N VAL E 492 -22.09 -24.76 45.50
CA VAL E 492 -21.09 -24.00 46.21
C VAL E 492 -21.36 -24.12 47.70
N GLY E 493 -20.36 -24.56 48.45
CA GLY E 493 -20.47 -24.71 49.89
C GLY E 493 -19.73 -23.59 50.60
N GLY E 494 -20.35 -23.07 51.66
CA GLY E 494 -19.78 -21.95 52.37
C GLY E 494 -20.06 -20.63 51.68
N LEU E 495 -19.30 -19.62 52.09
CA LEU E 495 -19.43 -18.28 51.52
C LEU E 495 -20.84 -17.74 51.71
N ASP E 496 -21.44 -18.05 52.86
CA ASP E 496 -22.83 -17.65 53.10
C ASP E 496 -22.98 -16.13 53.08
N GLU E 497 -22.03 -15.42 53.71
CA GLU E 497 -22.09 -13.96 53.69
C GLU E 497 -22.00 -13.43 52.27
N ILE E 498 -21.08 -13.99 51.47
CA ILE E 498 -20.96 -13.56 50.09
C ILE E 498 -22.21 -13.92 49.30
N LYS E 499 -22.82 -15.07 49.60
CA LYS E 499 -24.06 -15.45 48.93
C LYS E 499 -25.15 -14.42 49.20
N GLU E 500 -25.32 -14.02 50.47
CA GLU E 500 -26.34 -13.04 50.79
C GLU E 500 -26.04 -11.69 50.13
N GLU E 501 -24.77 -11.28 50.15
CA GLU E 501 -24.40 -10.02 49.53
C GLU E 501 -24.72 -10.03 48.04
N LEU E 502 -24.36 -11.12 47.35
CA LEU E 502 -24.65 -11.22 45.92
C LEU E 502 -26.14 -11.25 45.66
N LYS E 503 -26.90 -11.97 46.49
CA LYS E 503 -28.35 -11.96 46.33
C LYS E 503 -28.88 -10.53 46.37
N GLU E 504 -28.52 -9.79 47.42
CA GLU E 504 -29.02 -8.42 47.55
C GLU E 504 -28.56 -7.56 46.38
N THR E 505 -27.33 -7.75 45.91
CA THR E 505 -26.79 -6.88 44.87
C THR E 505 -27.43 -7.14 43.53
N VAL E 506 -27.70 -8.40 43.20
CA VAL E 506 -28.08 -8.79 41.84
C VAL E 506 -29.57 -9.13 41.75
N GLU E 507 -30.05 -10.05 42.58
CA GLU E 507 -31.40 -10.56 42.39
C GLU E 507 -32.45 -9.47 42.55
N TYR E 508 -32.29 -8.61 43.56
CA TYR E 508 -33.29 -7.58 43.81
C TYR E 508 -33.47 -6.63 42.63
N PRO E 509 -32.41 -6.09 42.01
CA PRO E 509 -32.62 -5.27 40.81
C PRO E 509 -33.41 -5.97 39.71
N VAL E 510 -33.16 -7.27 39.49
CA VAL E 510 -33.78 -7.96 38.37
C VAL E 510 -35.22 -8.32 38.69
N LEU E 511 -35.46 -8.92 39.86
CA LEU E 511 -36.80 -9.39 40.19
C LEU E 511 -37.72 -8.25 40.61
N HIS E 512 -37.19 -7.18 41.21
CA HIS E 512 -38.01 -6.10 41.76
C HIS E 512 -37.49 -4.75 41.28
N PRO E 513 -37.54 -4.49 39.97
CA PRO E 513 -37.17 -3.16 39.49
C PRO E 513 -38.08 -2.06 40.01
N ASP E 514 -39.34 -2.40 40.30
CA ASP E 514 -40.31 -1.40 40.74
C ASP E 514 -39.86 -0.75 42.05
N GLN E 515 -39.26 -1.54 42.95
CA GLN E 515 -38.77 -0.96 44.21
C GLN E 515 -37.68 0.07 43.95
N TYR E 516 -36.73 -0.25 43.06
CA TYR E 516 -35.68 0.69 42.74
C TYR E 516 -36.26 1.95 42.09
N THR E 517 -37.25 1.79 41.22
CA THR E 517 -37.91 2.95 40.64
C THR E 517 -38.57 3.80 41.72
N LYS E 518 -39.21 3.14 42.69
CA LYS E 518 -39.83 3.86 43.81
C LYS E 518 -38.79 4.69 44.55
N PHE E 519 -37.65 4.09 44.87
CA PHE E 519 -36.58 4.81 45.55
C PHE E 519 -35.61 5.49 44.58
N GLY E 520 -35.75 5.25 43.28
CA GLY E 520 -34.95 5.95 42.29
C GLY E 520 -33.51 5.49 42.17
N LEU E 521 -33.14 4.40 42.83
CA LEU E 521 -31.76 3.92 42.76
C LEU E 521 -31.50 3.22 41.44
N SER E 522 -30.30 3.41 40.91
CA SER E 522 -29.81 2.64 39.78
C SER E 522 -29.02 1.45 40.28
N PRO E 523 -29.33 0.23 39.86
CA PRO E 523 -28.67 -0.94 40.44
C PRO E 523 -27.19 -0.99 40.11
N SER E 524 -26.45 -1.71 40.94
CA SER E 524 -25.01 -1.84 40.76
C SER E 524 -24.71 -2.47 39.39
N LYS E 525 -23.71 -1.91 38.72
CA LYS E 525 -23.39 -2.30 37.35
C LYS E 525 -22.33 -3.39 37.27
N GLY E 526 -21.72 -3.77 38.39
CA GLY E 526 -20.68 -4.78 38.34
C GLY E 526 -20.20 -5.12 39.73
N VAL E 527 -19.23 -6.03 39.77
CA VAL E 527 -18.63 -6.48 41.03
C VAL E 527 -17.32 -7.17 40.68
N LEU E 528 -16.37 -7.14 41.60
CA LEU E 528 -15.04 -7.69 41.38
C LEU E 528 -14.70 -8.67 42.51
N PHE E 529 -14.57 -9.94 42.17
CA PHE E 529 -14.12 -10.95 43.12
C PHE E 529 -12.60 -10.97 43.17
N TYR E 530 -12.05 -11.11 44.37
CA TYR E 530 -10.62 -11.33 44.52
C TYR E 530 -10.39 -12.30 45.67
N GLY E 531 -9.29 -13.05 45.59
CA GLY E 531 -8.95 -14.02 46.60
C GLY E 531 -7.98 -15.06 46.09
N PRO E 532 -7.65 -16.03 46.92
CA PRO E 532 -6.74 -17.09 46.49
C PRO E 532 -7.34 -17.87 45.34
N PRO E 533 -6.51 -18.34 44.40
CA PRO E 533 -7.05 -19.14 43.29
C PRO E 533 -7.64 -20.44 43.79
N GLY E 534 -8.66 -20.92 43.08
CA GLY E 534 -9.30 -22.17 43.42
C GLY E 534 -10.34 -22.09 44.50
N THR E 535 -10.76 -20.88 44.90
CA THR E 535 -11.76 -20.73 45.94
C THR E 535 -13.19 -20.79 45.42
N GLY E 536 -13.38 -20.88 44.10
CA GLY E 536 -14.71 -21.07 43.55
C GLY E 536 -15.39 -19.79 43.10
N LYS E 537 -14.65 -18.90 42.43
CA LYS E 537 -15.25 -17.68 41.92
C LYS E 537 -16.10 -17.95 40.68
N THR E 538 -15.65 -18.85 39.81
CA THR E 538 -16.44 -19.17 38.62
C THR E 538 -17.78 -19.79 39.00
N LEU E 539 -17.78 -20.69 39.97
CA LEU E 539 -19.04 -21.27 40.43
C LEU E 539 -19.95 -20.19 41.02
N LEU E 540 -19.37 -19.24 41.74
CA LEU E 540 -20.17 -18.17 42.32
C LEU E 540 -20.81 -17.33 41.22
N ALA E 541 -20.04 -16.99 40.19
CA ALA E 541 -20.61 -16.23 39.08
C ALA E 541 -21.71 -17.01 38.37
N LYS E 542 -21.48 -18.31 38.15
CA LYS E 542 -22.50 -19.12 37.50
C LYS E 542 -23.77 -19.20 38.33
N ALA E 543 -23.63 -19.35 39.64
CA ALA E 543 -24.81 -19.36 40.51
C ALA E 543 -25.54 -18.02 40.45
N VAL E 544 -24.80 -16.92 40.49
CA VAL E 544 -25.43 -15.60 40.39
C VAL E 544 -26.22 -15.49 39.09
N ALA E 545 -25.64 -15.95 37.98
CA ALA E 545 -26.36 -15.91 36.71
C ALA E 545 -27.59 -16.80 36.76
N THR E 546 -27.47 -17.98 37.37
CA THR E 546 -28.59 -18.92 37.41
C THR E 546 -29.77 -18.34 38.18
N GLU E 547 -29.51 -17.65 39.29
CA GLU E 547 -30.60 -17.18 40.13
C GLU E 547 -31.52 -16.24 39.36
N VAL E 548 -30.95 -15.29 38.61
CA VAL E 548 -31.76 -14.31 37.90
C VAL E 548 -32.13 -14.82 36.52
N SER E 549 -31.82 -16.09 36.24
CA SER E 549 -32.13 -16.70 34.96
C SER E 549 -31.57 -15.90 33.80
N ALA E 550 -30.30 -15.51 33.93
CA ALA E 550 -29.62 -14.69 32.94
C ALA E 550 -28.59 -15.52 32.19
N ASN E 551 -28.46 -15.24 30.89
CA ASN E 551 -27.46 -15.92 30.09
C ASN E 551 -26.06 -15.58 30.61
N PHE E 552 -25.17 -16.55 30.56
CA PHE E 552 -23.82 -16.42 31.08
C PHE E 552 -22.83 -16.46 29.93
N ILE E 553 -21.95 -15.46 29.85
CA ILE E 553 -20.92 -15.39 28.83
C ILE E 553 -19.58 -15.18 29.52
N SER E 554 -18.66 -16.12 29.33
CA SER E 554 -17.38 -16.15 30.04
C SER E 554 -16.24 -15.78 29.11
N VAL E 555 -15.32 -14.96 29.61
CA VAL E 555 -14.12 -14.57 28.88
C VAL E 555 -12.92 -14.91 29.77
N LYS E 556 -12.05 -15.78 29.27
CA LYS E 556 -10.91 -16.24 30.04
C LYS E 556 -9.69 -15.36 29.79
N GLY E 557 -8.62 -15.63 30.53
CA GLY E 557 -7.40 -14.88 30.41
C GLY E 557 -6.76 -15.00 29.04
N PRO E 558 -6.66 -16.22 28.52
CA PRO E 558 -6.14 -16.37 27.15
C PRO E 558 -6.92 -15.59 26.13
N GLU E 559 -8.25 -15.52 26.23
CA GLU E 559 -9.03 -14.73 25.29
C GLU E 559 -8.70 -13.25 25.41
N LEU E 560 -8.57 -12.76 26.64
CA LEU E 560 -8.21 -11.35 26.83
C LEU E 560 -6.86 -11.05 26.23
N LEU E 561 -5.88 -11.93 26.45
CA LEU E 561 -4.56 -11.72 25.84
C LEU E 561 -4.62 -11.80 24.32
N SER E 562 -5.43 -12.71 23.79
CA SER E 562 -5.57 -12.81 22.34
C SER E 562 -6.13 -11.53 21.76
N MET E 563 -7.13 -10.93 22.43
CA MET E 563 -7.63 -9.64 22.00
C MET E 563 -6.59 -8.55 22.19
N TRP E 564 -5.74 -8.68 23.21
CA TRP E 564 -4.66 -7.72 23.42
C TRP E 564 -3.69 -7.72 22.25
N TYR E 565 -3.33 -8.90 21.75
CA TYR E 565 -2.44 -9.04 20.61
C TYR E 565 -3.17 -8.95 19.28
N GLY E 566 -4.49 -8.80 19.29
CA GLY E 566 -5.23 -8.64 18.05
C GLY E 566 -5.14 -9.85 17.14
N GLU E 567 -5.23 -11.05 17.70
CA GLU E 567 -5.18 -12.29 16.93
C GLU E 567 -6.45 -13.12 17.14
N SER E 568 -7.57 -12.44 17.43
CA SER E 568 -8.84 -13.11 17.67
C SER E 568 -9.91 -12.51 16.77
N GLU E 569 -10.95 -13.29 16.52
CA GLU E 569 -12.05 -12.86 15.67
C GLU E 569 -13.12 -12.06 16.41
N SER E 570 -12.96 -11.86 17.72
CA SER E 570 -13.94 -11.12 18.52
C SER E 570 -13.21 -10.10 19.38
N ASN E 571 -13.88 -8.98 19.62
CA ASN E 571 -13.34 -7.90 20.44
C ASN E 571 -14.32 -7.56 21.56
N ILE E 572 -13.92 -6.61 22.41
CA ILE E 572 -14.74 -6.26 23.56
C ILE E 572 -16.11 -5.75 23.12
N ARG E 573 -16.14 -4.90 22.11
CA ARG E 573 -17.41 -4.37 21.62
C ARG E 573 -18.31 -5.50 21.17
N ASP E 574 -17.75 -6.51 20.51
CA ASP E 574 -18.54 -7.66 20.10
C ASP E 574 -19.11 -8.40 21.32
N ILE E 575 -18.29 -8.58 22.35
CA ILE E 575 -18.76 -9.27 23.55
C ILE E 575 -19.95 -8.53 24.15
N PHE E 576 -19.84 -7.21 24.27
CA PHE E 576 -20.92 -6.47 24.92
C PHE E 576 -22.13 -6.33 24.01
N ASP E 577 -21.95 -6.31 22.69
CA ASP E 577 -23.09 -6.36 21.79
C ASP E 577 -23.86 -7.67 21.94
N LYS E 578 -23.14 -8.78 22.04
CA LYS E 578 -23.79 -10.07 22.30
C LYS E 578 -24.51 -10.05 23.63
N ALA E 579 -23.89 -9.46 24.65
CA ALA E 579 -24.52 -9.38 25.97
C ALA E 579 -25.81 -8.58 25.91
N ARG E 580 -25.81 -7.45 25.20
CA ARG E 580 -27.03 -6.69 25.03
C ARG E 580 -28.09 -7.51 24.32
N ALA E 581 -27.72 -8.14 23.20
CA ALA E 581 -28.69 -8.88 22.41
C ALA E 581 -29.28 -10.06 23.18
N ALA E 582 -28.54 -10.58 24.17
CA ALA E 582 -28.99 -11.74 24.93
C ALA E 582 -29.38 -11.38 26.36
N ALA E 583 -29.68 -10.12 26.63
CA ALA E 583 -29.98 -9.70 27.99
C ALA E 583 -31.26 -10.38 28.49
N PRO E 584 -31.37 -10.66 29.80
CA PRO E 584 -30.37 -10.37 30.85
C PRO E 584 -29.17 -11.29 30.78
N THR E 585 -27.98 -10.75 31.03
CA THR E 585 -26.74 -11.49 30.81
C THR E 585 -25.78 -11.19 31.95
N VAL E 586 -24.91 -12.17 32.22
CA VAL E 586 -23.80 -12.01 33.15
C VAL E 586 -22.51 -12.24 32.38
N VAL E 587 -21.68 -11.21 32.33
CA VAL E 587 -20.41 -11.25 31.61
C VAL E 587 -19.31 -11.46 32.63
N PHE E 588 -18.65 -12.61 32.57
CA PHE E 588 -17.62 -12.99 33.53
C PHE E 588 -16.25 -12.79 32.91
N LEU E 589 -15.43 -11.95 33.52
CA LEU E 589 -14.08 -11.65 33.06
C LEU E 589 -13.10 -12.26 34.05
N ASP E 590 -12.58 -13.44 33.72
CA ASP E 590 -11.67 -14.15 34.59
C ASP E 590 -10.24 -13.73 34.32
N GLU E 591 -9.38 -13.87 35.33
CA GLU E 591 -7.98 -13.50 35.22
C GLU E 591 -7.84 -12.07 34.69
N LEU E 592 -8.58 -11.17 35.30
CA LEU E 592 -8.63 -9.78 34.83
C LEU E 592 -7.28 -9.09 34.93
N ASP E 593 -6.39 -9.56 35.81
CA ASP E 593 -5.10 -8.93 35.99
C ASP E 593 -4.12 -9.22 34.85
N SER E 594 -4.43 -10.17 33.97
CA SER E 594 -3.52 -10.50 32.88
C SER E 594 -3.31 -9.30 31.96
N ILE E 595 -4.38 -8.57 31.65
CA ILE E 595 -4.28 -7.39 30.80
C ILE E 595 -4.29 -6.09 31.59
N ALA E 596 -4.86 -6.09 32.81
CA ALA E 596 -4.99 -4.88 33.62
C ALA E 596 -3.82 -4.68 34.57
N LYS E 597 -2.63 -5.14 34.19
CA LYS E 597 -1.43 -5.00 35.03
C LYS E 597 -1.24 -3.55 35.47
N ASP E 611 -4.21 1.09 29.30
CA ASP E 611 -3.82 0.48 28.04
C ASP E 611 -5.02 0.35 27.11
N ARG E 612 -4.78 -0.14 25.90
CA ARG E 612 -5.81 -0.12 24.87
C ARG E 612 -7.01 -0.99 25.25
N VAL E 613 -6.75 -2.23 25.68
CA VAL E 613 -7.85 -3.14 25.97
C VAL E 613 -8.64 -2.68 27.18
N VAL E 614 -7.95 -2.23 28.23
CA VAL E 614 -8.66 -1.75 29.41
C VAL E 614 -9.45 -0.50 29.06
N ASN E 615 -8.92 0.34 28.17
CA ASN E 615 -9.65 1.52 27.74
C ASN E 615 -10.94 1.12 27.02
N GLN E 616 -10.86 0.13 26.14
CA GLN E 616 -12.05 -0.34 25.45
C GLN E 616 -13.06 -0.91 26.44
N LEU E 617 -12.57 -1.65 27.43
CA LEU E 617 -13.47 -2.21 28.44
C LEU E 617 -14.17 -1.09 29.21
N LEU E 618 -13.43 -0.06 29.60
CA LEU E 618 -14.04 1.06 30.32
C LEU E 618 -15.07 1.77 29.45
N THR E 619 -14.75 1.98 28.17
CA THR E 619 -15.71 2.61 27.27
C THR E 619 -17.00 1.81 27.20
N GLU E 620 -16.88 0.49 26.96
CA GLU E 620 -18.07 -0.34 26.83
C GLU E 620 -18.87 -0.36 28.14
N MET E 621 -18.17 -0.42 29.27
CA MET E 621 -18.87 -0.52 30.55
C MET E 621 -19.53 0.79 30.95
N ASP E 622 -18.98 1.93 30.50
CA ASP E 622 -19.64 3.20 30.73
C ASP E 622 -20.81 3.42 29.78
N GLY E 623 -20.73 2.89 28.56
CA GLY E 623 -21.77 3.11 27.59
C GLY E 623 -22.97 2.19 27.67
N MET E 624 -23.00 1.24 28.60
CA MET E 624 -24.12 0.31 28.67
C MET E 624 -25.32 0.97 29.32
N ASN E 625 -26.51 0.50 28.95
CA ASN E 625 -27.74 1.06 29.46
C ASN E 625 -27.94 0.65 30.91
N ALA E 626 -28.08 1.64 31.79
CA ALA E 626 -28.25 1.35 33.21
C ALA E 626 -29.54 0.57 33.45
N LYS E 627 -30.61 0.93 32.74
CA LYS E 627 -31.90 0.27 32.95
C LYS E 627 -31.82 -1.20 32.59
N LYS E 628 -31.13 -1.53 31.50
CA LYS E 628 -31.03 -2.92 31.05
C LYS E 628 -30.19 -3.74 32.00
N ASN E 629 -30.50 -5.04 32.09
CA ASN E 629 -29.86 -5.95 33.03
C ASN E 629 -28.67 -6.61 32.36
N VAL E 630 -27.47 -6.06 32.56
CA VAL E 630 -26.23 -6.67 32.11
C VAL E 630 -25.20 -6.45 33.21
N PHE E 631 -24.87 -7.51 33.95
CA PHE E 631 -23.95 -7.43 35.07
C PHE E 631 -22.60 -7.96 34.64
N VAL E 632 -21.55 -7.20 34.95
CA VAL E 632 -20.17 -7.57 34.65
C VAL E 632 -19.50 -7.97 35.95
N ILE E 633 -19.02 -9.21 36.02
CA ILE E 633 -18.36 -9.75 37.19
C ILE E 633 -16.93 -10.07 36.82
N GLY E 634 -15.98 -9.46 37.53
CA GLY E 634 -14.57 -9.68 37.27
C GLY E 634 -13.96 -10.56 38.36
N ALA E 635 -12.89 -11.26 38.00
CA ALA E 635 -12.18 -12.11 38.93
C ALA E 635 -10.68 -11.90 38.75
N THR E 636 -9.94 -11.91 39.85
CA THR E 636 -8.50 -11.73 39.79
C THR E 636 -7.87 -12.29 41.06
N ASN E 637 -6.60 -12.66 40.96
CA ASN E 637 -5.83 -13.14 42.09
C ASN E 637 -4.86 -12.09 42.63
N ARG E 638 -4.69 -10.97 41.93
CA ARG E 638 -3.76 -9.91 42.32
C ARG E 638 -4.51 -8.60 42.30
N PRO E 639 -5.33 -8.32 43.32
CA PRO E 639 -6.11 -7.08 43.32
C PRO E 639 -5.26 -5.83 43.27
N ASP E 640 -4.00 -5.90 43.73
CA ASP E 640 -3.14 -4.72 43.70
C ASP E 640 -2.84 -4.29 42.27
N GLN E 641 -2.63 -5.24 41.37
CA GLN E 641 -2.25 -4.93 40.00
C GLN E 641 -3.42 -4.46 39.15
N ILE E 642 -4.66 -4.60 39.62
CA ILE E 642 -5.80 -4.13 38.85
C ILE E 642 -5.72 -2.62 38.68
N ASP E 643 -5.99 -2.16 37.47
CA ASP E 643 -5.91 -0.73 37.19
C ASP E 643 -6.90 0.02 38.06
N PRO E 644 -6.50 1.12 38.72
CA PRO E 644 -7.45 1.84 39.58
C PRO E 644 -8.67 2.36 38.83
N ALA E 645 -8.56 2.62 37.53
CA ALA E 645 -9.69 3.16 36.79
C ALA E 645 -10.88 2.22 36.82
N ILE E 646 -10.63 0.91 36.69
CA ILE E 646 -11.71 -0.05 36.61
C ILE E 646 -12.55 -0.08 37.88
N LEU E 647 -11.98 0.35 39.01
CA LEU E 647 -12.65 0.23 40.29
C LEU E 647 -13.45 1.47 40.68
N ARG E 648 -13.54 2.46 39.80
CA ARG E 648 -14.27 3.68 40.11
C ARG E 648 -15.78 3.42 40.11
N PRO E 649 -16.55 4.31 40.72
CA PRO E 649 -18.01 4.11 40.75
C PRO E 649 -18.60 4.02 39.36
N GLY E 650 -19.66 3.23 39.23
CA GLY E 650 -20.23 2.96 37.93
C GLY E 650 -19.50 1.90 37.14
N ARG E 651 -18.65 1.13 37.81
CA ARG E 651 -17.79 0.13 37.17
C ARG E 651 -17.62 -1.00 38.18
N LEU E 652 -16.59 -1.82 37.99
CA LEU E 652 -16.36 -2.92 38.91
C LEU E 652 -15.88 -2.37 40.24
N ASP E 653 -16.77 -1.66 40.94
CA ASP E 653 -16.40 -0.94 42.15
C ASP E 653 -16.61 -1.73 43.42
N GLN E 654 -17.54 -2.67 43.43
CA GLN E 654 -17.83 -3.45 44.63
C GLN E 654 -16.84 -4.60 44.71
N LEU E 655 -15.85 -4.47 45.59
CA LEU E 655 -14.87 -5.52 45.80
C LEU E 655 -15.40 -6.55 46.79
N ILE E 656 -15.23 -7.82 46.46
CA ILE E 656 -15.65 -8.92 47.33
C ILE E 656 -14.49 -9.89 47.49
N TYR E 657 -14.17 -10.23 48.74
CA TYR E 657 -13.09 -11.16 49.04
C TYR E 657 -13.66 -12.56 49.22
N VAL E 658 -13.08 -13.52 48.51
CA VAL E 658 -13.53 -14.91 48.59
C VAL E 658 -12.51 -15.69 49.40
N PRO E 659 -12.81 -16.04 50.65
CA PRO E 659 -11.82 -16.70 51.51
C PRO E 659 -11.70 -18.18 51.18
N LEU E 660 -10.77 -18.84 51.88
CA LEU E 660 -10.62 -20.28 51.77
C LEU E 660 -11.73 -20.98 52.55
N PRO E 661 -12.10 -22.19 52.13
CA PRO E 661 -13.21 -22.88 52.81
C PRO E 661 -12.87 -23.24 54.25
N ASP E 662 -13.91 -23.28 55.08
CA ASP E 662 -13.80 -23.73 56.45
C ASP E 662 -14.01 -25.23 56.52
N GLU E 663 -13.88 -25.80 57.72
CA GLU E 663 -14.01 -27.25 57.88
C GLU E 663 -15.31 -27.76 57.28
N ASN E 664 -16.43 -27.14 57.64
CA ASN E 664 -17.72 -27.55 57.09
C ASN E 664 -17.76 -27.33 55.59
N ALA E 665 -17.17 -26.23 55.12
CA ALA E 665 -17.10 -25.98 53.69
C ALA E 665 -16.28 -27.06 52.98
N ARG E 666 -15.15 -27.45 53.57
CA ARG E 666 -14.34 -28.49 52.96
C ARG E 666 -15.09 -29.82 52.92
N LEU E 667 -15.82 -30.13 54.00
CA LEU E 667 -16.61 -31.36 54.01
C LEU E 667 -17.68 -31.35 52.93
N SER E 668 -18.36 -30.20 52.78
CA SER E 668 -19.37 -30.08 51.73
C SER E 668 -18.75 -30.23 50.34
N ILE E 669 -17.58 -29.63 50.14
CA ILE E 669 -16.90 -29.76 48.85
C ILE E 669 -16.56 -31.22 48.58
N LEU E 670 -16.03 -31.91 49.59
CA LEU E 670 -15.71 -33.33 49.41
C LEU E 670 -16.95 -34.14 49.06
N ASN E 671 -18.06 -33.90 49.77
CA ASN E 671 -19.28 -34.63 49.49
C ASN E 671 -19.76 -34.36 48.06
N ALA E 672 -19.74 -33.09 47.64
CA ALA E 672 -20.24 -32.75 46.32
C ALA E 672 -19.35 -33.35 45.22
N GLN E 673 -18.04 -33.25 45.38
CA GLN E 673 -17.12 -33.72 44.34
C GLN E 673 -17.15 -35.24 44.22
N LEU E 674 -17.59 -35.95 45.25
CA LEU E 674 -17.63 -37.40 45.25
C LEU E 674 -19.05 -37.93 45.09
N ARG E 675 -20.00 -37.09 44.69
CA ARG E 675 -21.39 -37.51 44.60
C ARG E 675 -21.58 -38.59 43.53
N LYS E 676 -20.94 -38.44 42.38
CA LYS E 676 -21.15 -39.31 41.23
C LYS E 676 -19.98 -40.26 41.03
N THR E 677 -19.40 -40.76 42.12
CA THR E 677 -18.33 -41.73 42.08
C THR E 677 -18.62 -42.84 43.09
N PRO E 678 -18.43 -44.10 42.72
CA PRO E 678 -18.66 -45.17 43.71
C PRO E 678 -17.74 -45.01 44.92
N LEU E 679 -18.28 -45.32 46.09
CA LEU E 679 -17.58 -45.12 47.34
C LEU E 679 -17.81 -46.33 48.25
N GLU E 680 -16.86 -46.57 49.13
CA GLU E 680 -16.98 -47.66 50.09
C GLU E 680 -18.00 -47.29 51.16
N PRO E 681 -19.06 -48.08 51.37
CA PRO E 681 -20.05 -47.71 52.39
C PRO E 681 -19.41 -47.62 53.77
N GLY E 682 -19.93 -46.67 54.56
CA GLY E 682 -19.43 -46.49 55.92
C GLY E 682 -18.13 -45.73 56.01
N LEU E 683 -17.85 -44.85 55.06
CA LEU E 683 -16.63 -44.05 55.06
C LEU E 683 -16.98 -42.63 55.46
N GLU E 684 -16.27 -42.11 56.47
CA GLU E 684 -16.51 -40.78 57.00
C GLU E 684 -15.34 -39.88 56.62
N LEU E 685 -15.66 -38.71 56.05
CA LEU E 685 -14.65 -37.78 55.56
C LEU E 685 -14.38 -36.66 56.57
N THR E 686 -14.90 -36.76 57.78
CA THR E 686 -14.63 -35.75 58.79
C THR E 686 -13.14 -35.66 59.09
N ALA E 687 -12.46 -36.81 59.13
CA ALA E 687 -11.02 -36.80 59.37
C ALA E 687 -10.28 -36.07 58.25
N ILE E 688 -10.67 -36.33 57.00
CA ILE E 688 -10.02 -35.64 55.89
C ILE E 688 -10.28 -34.15 55.96
N ALA E 689 -11.50 -33.76 56.30
CA ALA E 689 -11.80 -32.34 56.45
C ALA E 689 -10.93 -31.71 57.54
N LYS E 690 -10.77 -32.40 58.66
CA LYS E 690 -9.93 -31.88 59.74
C LYS E 690 -8.47 -31.75 59.29
N ALA E 691 -7.96 -32.75 58.59
CA ALA E 691 -6.55 -32.79 58.22
C ALA E 691 -6.21 -31.87 57.05
N THR E 692 -7.22 -31.36 56.32
CA THR E 692 -7.00 -30.56 55.13
C THR E 692 -7.13 -29.06 55.40
N GLN E 693 -6.73 -28.62 56.59
CA GLN E 693 -6.78 -27.19 56.88
C GLN E 693 -5.93 -26.41 55.89
N GLY E 694 -6.50 -25.33 55.37
CA GLY E 694 -5.82 -24.49 54.40
C GLY E 694 -5.94 -24.95 52.96
N PHE E 695 -6.42 -26.17 52.72
CA PHE E 695 -6.59 -26.65 51.36
C PHE E 695 -7.74 -25.91 50.67
N SER E 696 -7.53 -25.56 49.41
CA SER E 696 -8.56 -24.94 48.61
C SER E 696 -9.35 -26.01 47.85
N GLY E 697 -10.40 -25.59 47.15
CA GLY E 697 -11.22 -26.55 46.43
C GLY E 697 -10.42 -27.33 45.40
N ALA E 698 -9.47 -26.68 44.74
CA ALA E 698 -8.63 -27.37 43.77
C ALA E 698 -7.80 -28.46 44.44
N ASP E 699 -7.29 -28.20 45.63
CA ASP E 699 -6.49 -29.20 46.33
C ASP E 699 -7.34 -30.41 46.70
N LEU E 700 -8.56 -30.18 47.18
CA LEU E 700 -9.44 -31.30 47.50
C LEU E 700 -9.80 -32.08 46.24
N LEU E 701 -10.02 -31.38 45.13
CA LEU E 701 -10.25 -32.05 43.86
C LEU E 701 -9.07 -32.93 43.49
N TYR E 702 -7.86 -32.42 43.66
CA TYR E 702 -6.68 -33.21 43.36
C TYR E 702 -6.61 -34.45 44.25
N ILE E 703 -6.91 -34.29 45.54
CA ILE E 703 -6.87 -35.43 46.46
C ILE E 703 -7.84 -36.51 46.01
N VAL E 704 -9.09 -36.12 45.71
CA VAL E 704 -10.09 -37.11 45.33
C VAL E 704 -9.71 -37.75 44.00
N GLN E 705 -9.16 -36.96 43.07
CA GLN E 705 -8.74 -37.53 41.78
C GLN E 705 -7.61 -38.53 41.96
N ARG E 706 -6.66 -38.23 42.85
CA ARG E 706 -5.56 -39.15 43.09
C ARG E 706 -6.08 -40.45 43.72
N ALA E 707 -7.01 -40.34 44.66
CA ALA E 707 -7.60 -41.55 45.24
C ALA E 707 -8.32 -42.37 44.17
N ALA E 708 -9.06 -41.70 43.29
CA ALA E 708 -9.74 -42.42 42.21
C ALA E 708 -8.74 -43.08 41.27
N LYS E 709 -7.61 -42.41 41.00
CA LYS E 709 -6.59 -43.00 40.15
C LYS E 709 -5.97 -44.23 40.79
N TYR E 710 -5.72 -44.19 42.09
CA TYR E 710 -5.23 -45.39 42.78
C TYR E 710 -6.25 -46.51 42.69
N ALA E 711 -7.53 -46.19 42.85
CA ALA E 711 -8.56 -47.21 42.71
C ALA E 711 -8.56 -47.80 41.31
N ILE E 712 -8.41 -46.96 40.29
CA ILE E 712 -8.37 -47.43 38.91
C ILE E 712 -7.17 -48.35 38.71
N LYS E 713 -6.02 -47.97 39.27
CA LYS E 713 -4.82 -48.80 39.15
C LYS E 713 -5.04 -50.17 39.75
N ASP E 714 -5.59 -50.21 40.98
CA ASP E 714 -5.82 -51.49 41.63
C ASP E 714 -6.82 -52.33 40.85
N SER E 715 -7.89 -51.71 40.36
CA SER E 715 -8.90 -52.44 39.61
C SER E 715 -8.32 -53.01 38.33
N ILE E 716 -7.53 -52.22 37.60
CA ILE E 716 -6.95 -52.71 36.35
C ILE E 716 -5.96 -53.83 36.63
N GLU E 717 -5.15 -53.70 37.68
CA GLU E 717 -4.23 -54.78 38.02
C GLU E 717 -4.98 -56.06 38.36
N ALA E 718 -6.06 -55.96 39.14
CA ALA E 718 -6.83 -57.14 39.48
C ALA E 718 -7.45 -57.77 38.23
N HIS E 719 -8.00 -56.95 37.34
CA HIS E 719 -8.61 -57.48 36.13
C HIS E 719 -7.58 -58.18 35.25
N ARG E 720 -6.39 -57.58 35.11
CA ARG E 720 -5.33 -58.22 34.34
C ARG E 720 -4.94 -59.54 34.98
N GLN E 721 -4.74 -59.56 36.30
CA GLN E 721 -4.48 -60.81 36.99
C GLN E 721 -5.66 -61.75 36.90
N HIS E 722 -6.87 -61.23 37.03
CA HIS E 722 -8.07 -62.04 36.95
C HIS E 722 -8.29 -62.55 35.53
N PRO E 752 -14.04 -57.02 42.10
CA PRO E 752 -12.76 -56.85 42.80
C PRO E 752 -12.64 -55.50 43.51
N VAL E 753 -12.70 -54.42 42.75
CA VAL E 753 -12.62 -53.07 43.32
C VAL E 753 -13.76 -52.23 42.75
N PRO E 754 -15.02 -52.55 43.09
CA PRO E 754 -16.14 -51.77 42.54
C PRO E 754 -16.33 -50.41 43.18
N TYR E 755 -15.56 -50.09 44.22
CA TYR E 755 -15.72 -48.80 44.90
C TYR E 755 -14.38 -48.36 45.47
N ILE E 756 -14.26 -47.04 45.70
CA ILE E 756 -13.07 -46.49 46.32
C ILE E 756 -13.08 -46.79 47.81
N THR E 757 -11.94 -47.25 48.32
CA THR E 757 -11.81 -47.65 49.71
C THR E 757 -11.01 -46.62 50.50
N LYS E 758 -11.06 -46.77 51.82
CA LYS E 758 -10.42 -45.80 52.71
C LYS E 758 -8.92 -45.72 52.46
N GLU E 759 -8.26 -46.87 52.30
CA GLU E 759 -6.82 -46.87 52.10
C GLU E 759 -6.42 -46.02 50.89
N HIS E 760 -7.26 -45.98 49.86
CA HIS E 760 -6.97 -45.13 48.72
C HIS E 760 -6.90 -43.66 49.14
N PHE E 761 -7.87 -43.23 49.95
CA PHE E 761 -7.85 -41.85 50.43
C PHE E 761 -6.64 -41.60 51.33
N ALA E 762 -6.27 -42.58 52.15
CA ALA E 762 -5.10 -42.42 53.00
C ALA E 762 -3.85 -42.24 52.16
N GLU E 763 -3.69 -43.06 51.12
CA GLU E 763 -2.54 -42.93 50.24
C GLU E 763 -2.52 -41.57 49.54
N ALA E 764 -3.69 -41.15 49.03
CA ALA E 764 -3.75 -39.86 48.35
C ALA E 764 -3.37 -38.73 49.30
N MET E 765 -3.87 -38.78 50.54
CA MET E 765 -3.50 -37.78 51.54
C MET E 765 -1.99 -37.80 51.79
N LYS E 766 -1.42 -39.00 51.91
CA LYS E 766 0.02 -39.09 52.09
C LYS E 766 0.77 -38.45 50.94
N THR E 767 0.22 -38.52 49.73
CA THR E 767 0.85 -37.96 48.53
C THR E 767 0.15 -36.68 48.09
N ALA E 768 -0.34 -35.88 49.03
CA ALA E 768 -1.03 -34.64 48.72
C ALA E 768 -0.57 -33.55 49.68
N LYS E 769 -0.55 -32.31 49.18
CA LYS E 769 -0.12 -31.16 49.97
C LYS E 769 -0.81 -29.92 49.44
N ARG E 770 -0.72 -28.84 50.22
CA ARG E 770 -1.41 -27.61 49.89
C ARG E 770 -0.85 -27.01 48.60
N SER E 771 -1.45 -25.89 48.18
CA SER E 771 -1.04 -25.20 46.97
C SER E 771 -0.88 -23.69 47.14
N VAL E 772 -1.17 -23.15 48.32
CA VAL E 772 -1.03 -21.71 48.59
C VAL E 772 -0.16 -21.54 49.83
N SER E 773 0.87 -20.71 49.70
CA SER E 773 1.79 -20.49 50.80
C SER E 773 1.14 -19.64 51.89
N ASP E 774 1.73 -19.72 53.09
CA ASP E 774 1.23 -18.90 54.20
C ASP E 774 1.45 -17.42 53.95
N ALA E 775 2.59 -17.07 53.32
CA ALA E 775 2.88 -15.66 53.07
C ALA E 775 1.84 -15.04 52.14
N GLU E 776 1.43 -15.78 51.11
CA GLU E 776 0.38 -15.28 50.21
C GLU E 776 -0.93 -15.08 50.96
N LEU E 777 -1.27 -16.01 51.86
CA LEU E 777 -2.48 -15.85 52.65
C LEU E 777 -2.39 -14.61 53.54
N ARG E 778 -1.22 -14.37 54.13
CA ARG E 778 -1.04 -13.16 54.93
C ARG E 778 -1.20 -11.91 54.08
N ARG E 779 -0.65 -11.93 52.86
CA ARG E 779 -0.80 -10.80 51.96
C ARG E 779 -2.27 -10.55 51.65
N TYR E 780 -3.01 -11.62 51.33
CA TYR E 780 -4.41 -11.46 50.97
C TYR E 780 -5.23 -10.94 52.15
N GLU E 781 -5.01 -11.48 53.35
CA GLU E 781 -5.78 -11.02 54.49
C GLU E 781 -5.40 -9.59 54.88
N ALA E 782 -4.13 -9.21 54.73
CA ALA E 782 -3.75 -7.83 54.97
C ALA E 782 -4.45 -6.89 53.99
N TYR E 783 -4.50 -7.28 52.71
CA TYR E 783 -5.22 -6.46 51.73
C TYR E 783 -6.69 -6.36 52.08
N SER E 784 -7.29 -7.47 52.50
CA SER E 784 -8.70 -7.45 52.89
C SER E 784 -8.94 -6.52 54.07
N GLN E 785 -8.06 -6.57 55.07
CA GLN E 785 -8.19 -5.67 56.22
C GLN E 785 -8.02 -4.22 55.80
N GLN E 786 -7.08 -3.95 54.89
CA GLN E 786 -6.91 -2.59 54.39
C GLN E 786 -8.17 -2.10 53.70
N MET E 787 -8.77 -2.95 52.86
CA MET E 787 -10.02 -2.57 52.20
C MET E 787 -11.12 -2.35 53.22
N LYS E 788 -11.20 -3.20 54.24
CA LYS E 788 -12.21 -3.02 55.28
C LYS E 788 -12.05 -1.68 55.98
N ALA E 789 -10.82 -1.31 56.33
CA ALA E 789 -10.60 -0.03 57.00
C ALA E 789 -11.00 1.13 56.11
N SER E 790 -10.64 1.07 54.84
CA SER E 790 -10.96 2.16 53.91
C SER E 790 -12.46 2.21 53.63
N GLY F 74 -11.39 -60.47 -12.09
CA GLY F 74 -10.00 -60.10 -11.87
C GLY F 74 -9.86 -58.94 -10.89
N LYS F 75 -9.15 -57.90 -11.33
CA LYS F 75 -8.93 -56.71 -10.53
C LYS F 75 -9.35 -55.48 -11.32
N LYS F 76 -10.02 -54.55 -10.64
CA LYS F 76 -10.50 -53.31 -11.27
C LYS F 76 -11.52 -53.63 -12.36
N ARG F 77 -12.60 -54.30 -11.95
CA ARG F 77 -13.71 -54.63 -12.83
C ARG F 77 -13.32 -55.61 -13.94
N LYS F 78 -12.21 -56.31 -13.78
CA LYS F 78 -11.77 -57.28 -14.78
C LYS F 78 -12.44 -58.63 -14.54
N ASN F 103 -3.56 -61.84 -19.15
CA ASN F 103 -3.09 -60.47 -19.23
C ASN F 103 -4.25 -59.50 -19.40
N ASN F 104 -5.30 -59.96 -20.07
CA ASN F 104 -6.47 -59.11 -20.27
C ASN F 104 -7.13 -58.76 -18.95
N LEU F 105 -7.23 -59.73 -18.04
CA LEU F 105 -7.89 -59.53 -16.75
C LEU F 105 -6.95 -58.98 -15.68
N ARG F 106 -5.67 -58.79 -15.99
CA ARG F 106 -4.70 -58.34 -15.00
C ARG F 106 -4.75 -59.21 -13.75
N ASN F 210 -1.25 -42.51 -18.24
CA ASN F 210 -0.88 -43.76 -17.58
C ASN F 210 -1.28 -43.73 -16.11
N MET F 211 -2.21 -42.84 -15.77
CA MET F 211 -2.69 -42.70 -14.40
C MET F 211 -4.01 -43.42 -14.16
N ASN F 212 -4.55 -44.08 -15.17
CA ASN F 212 -5.75 -44.90 -15.02
C ASN F 212 -5.43 -46.36 -14.76
N GLU F 213 -4.16 -46.71 -14.61
CA GLU F 213 -3.73 -48.08 -14.36
C GLU F 213 -3.11 -48.21 -12.97
N VAL F 214 -3.69 -47.52 -11.99
CA VAL F 214 -3.21 -47.52 -10.61
C VAL F 214 -4.29 -48.13 -9.73
N GLY F 215 -3.88 -49.05 -8.86
CA GLY F 215 -4.80 -49.67 -7.92
C GLY F 215 -4.25 -49.67 -6.51
N TYR F 216 -4.80 -50.53 -5.65
CA TYR F 216 -4.30 -50.62 -4.29
C TYR F 216 -2.95 -51.31 -4.20
N ASP F 217 -2.53 -52.00 -5.25
CA ASP F 217 -1.23 -52.67 -5.25
C ASP F 217 -0.08 -51.72 -5.58
N ASP F 218 -0.36 -50.52 -6.07
CA ASP F 218 0.67 -49.54 -6.36
C ASP F 218 0.90 -48.59 -5.19
N ILE F 219 0.32 -48.86 -4.03
CA ILE F 219 0.48 -48.04 -2.85
C ILE F 219 0.94 -48.92 -1.71
N GLY F 220 1.94 -48.46 -0.96
CA GLY F 220 2.46 -49.20 0.16
C GLY F 220 2.84 -48.33 1.34
N GLY F 221 2.49 -48.77 2.55
CA GLY F 221 2.89 -48.09 3.75
C GLY F 221 1.91 -47.09 4.31
N CYS F 222 0.65 -47.10 3.85
CA CYS F 222 -0.37 -46.18 4.34
C CYS F 222 -1.67 -46.93 4.58
N ARG F 223 -1.59 -48.05 5.32
CA ARG F 223 -2.76 -48.88 5.54
C ARG F 223 -3.87 -48.10 6.24
N LYS F 224 -3.53 -47.33 7.28
CA LYS F 224 -4.56 -46.67 8.08
C LYS F 224 -5.33 -45.64 7.26
N GLN F 225 -4.61 -44.72 6.61
CA GLN F 225 -5.29 -43.68 5.85
C GLN F 225 -5.99 -44.25 4.64
N MET F 226 -5.42 -45.28 4.01
CA MET F 226 -6.11 -45.92 2.91
C MET F 226 -7.42 -46.54 3.37
N ALA F 227 -7.42 -47.18 4.54
CA ALA F 227 -8.66 -47.73 5.07
C ALA F 227 -9.67 -46.64 5.35
N GLN F 228 -9.22 -45.52 5.93
CA GLN F 228 -10.14 -44.41 6.19
C GLN F 228 -10.79 -43.93 4.90
N ILE F 229 -9.98 -43.62 3.89
CA ILE F 229 -10.52 -43.06 2.65
C ILE F 229 -11.41 -44.08 1.96
N ARG F 230 -11.03 -45.36 2.01
CA ARG F 230 -11.87 -46.38 1.38
C ARG F 230 -13.23 -46.46 2.07
N GLU F 231 -13.24 -46.60 3.39
CA GLU F 231 -14.52 -46.69 4.08
C GLU F 231 -15.33 -45.42 3.95
N MET F 232 -14.69 -44.30 3.62
CA MET F 232 -15.41 -43.05 3.46
C MET F 232 -15.91 -42.81 2.04
N VAL F 233 -15.32 -43.45 1.03
CA VAL F 233 -15.66 -43.22 -0.37
C VAL F 233 -16.41 -44.40 -0.97
N GLU F 234 -15.86 -45.62 -0.83
CA GLU F 234 -16.45 -46.78 -1.49
C GLU F 234 -17.86 -47.07 -0.96
N LEU F 235 -18.02 -47.12 0.36
CA LEU F 235 -19.31 -47.53 0.91
C LEU F 235 -20.46 -46.64 0.48
N PRO F 236 -20.35 -45.31 0.53
CA PRO F 236 -21.46 -44.49 0.06
C PRO F 236 -21.85 -44.75 -1.39
N LEU F 237 -20.89 -45.13 -2.23
CA LEU F 237 -21.13 -45.33 -3.65
C LEU F 237 -21.40 -46.79 -4.00
N ARG F 238 -20.50 -47.69 -3.60
CA ARG F 238 -20.69 -49.11 -3.91
C ARG F 238 -21.95 -49.66 -3.25
N HIS F 239 -22.17 -49.32 -1.97
CA HIS F 239 -23.26 -49.88 -1.18
C HIS F 239 -24.04 -48.75 -0.54
N PRO F 240 -24.85 -48.03 -1.32
CA PRO F 240 -25.68 -46.97 -0.74
C PRO F 240 -26.85 -47.50 0.08
N GLN F 241 -27.12 -48.81 0.06
CA GLN F 241 -28.28 -49.33 0.76
C GLN F 241 -28.06 -49.39 2.26
N LEU F 242 -26.81 -49.51 2.72
CA LEU F 242 -26.55 -49.54 4.15
C LEU F 242 -27.02 -48.25 4.82
N PHE F 243 -26.67 -47.11 4.24
CA PHE F 243 -27.03 -45.83 4.84
C PHE F 243 -28.53 -45.59 4.75
N LYS F 244 -29.18 -46.05 3.69
CA LYS F 244 -30.63 -45.96 3.61
C LYS F 244 -31.29 -46.80 4.70
N ALA F 245 -30.77 -48.01 4.93
CA ALA F 245 -31.33 -48.88 5.95
C ALA F 245 -31.16 -48.29 7.34
N ILE F 246 -29.95 -47.77 7.64
CA ILE F 246 -29.68 -47.25 8.97
C ILE F 246 -30.09 -45.79 9.13
N GLY F 247 -30.62 -45.18 8.08
CA GLY F 247 -31.19 -43.84 8.19
C GLY F 247 -30.23 -42.74 8.55
N ILE F 248 -29.08 -42.66 7.88
CA ILE F 248 -28.12 -41.58 8.08
C ILE F 248 -27.75 -40.99 6.73
N LYS F 249 -27.15 -39.80 6.80
CA LYS F 249 -26.68 -39.08 5.61
C LYS F 249 -25.16 -39.10 5.61
N PRO F 250 -24.51 -39.92 4.77
CA PRO F 250 -23.06 -40.03 4.81
C PRO F 250 -22.40 -38.70 4.48
N PRO F 251 -21.28 -38.37 5.13
CA PRO F 251 -20.58 -37.13 4.79
C PRO F 251 -20.01 -37.19 3.37
N ARG F 252 -20.00 -36.03 2.72
CA ARG F 252 -19.55 -35.92 1.33
C ARG F 252 -18.08 -35.53 1.23
N GLY F 253 -17.72 -34.38 1.76
CA GLY F 253 -16.36 -33.88 1.57
C GLY F 253 -15.34 -34.70 2.33
N VAL F 254 -14.16 -34.82 1.74
CA VAL F 254 -12.99 -35.43 2.37
C VAL F 254 -11.79 -34.57 2.03
N LEU F 255 -10.99 -34.23 3.05
CA LEU F 255 -9.85 -33.34 2.88
C LEU F 255 -8.59 -34.07 3.33
N MET F 256 -7.79 -34.52 2.38
CA MET F 256 -6.50 -35.13 2.66
C MET F 256 -5.44 -34.05 2.73
N TYR F 257 -4.44 -34.26 3.58
CA TYR F 257 -3.30 -33.37 3.56
C TYR F 257 -2.08 -34.05 4.15
N GLY F 258 -0.91 -33.51 3.80
CA GLY F 258 0.36 -34.03 4.23
C GLY F 258 1.48 -33.43 3.41
N PRO F 259 2.72 -33.78 3.73
CA PRO F 259 3.84 -33.23 2.98
C PRO F 259 3.76 -33.63 1.52
N PRO F 260 4.25 -32.79 0.61
CA PRO F 260 4.23 -33.16 -0.82
C PRO F 260 5.09 -34.39 -1.07
N GLY F 261 4.65 -35.19 -2.03
CA GLY F 261 5.32 -36.44 -2.34
C GLY F 261 4.83 -37.62 -1.53
N THR F 262 3.78 -37.46 -0.73
CA THR F 262 3.26 -38.52 0.12
C THR F 262 2.24 -39.39 -0.57
N GLY F 263 1.95 -39.15 -1.84
CA GLY F 263 1.04 -40.01 -2.57
C GLY F 263 -0.42 -39.67 -2.40
N LYS F 264 -0.74 -38.40 -2.17
CA LYS F 264 -2.15 -38.00 -2.07
C LYS F 264 -2.87 -38.24 -3.38
N THR F 265 -2.31 -37.73 -4.49
CA THR F 265 -2.92 -37.96 -5.79
C THR F 265 -2.96 -39.44 -6.13
N LEU F 266 -1.90 -40.17 -5.79
CA LEU F 266 -1.88 -41.60 -6.05
C LEU F 266 -3.04 -42.29 -5.34
N MET F 267 -3.24 -41.97 -4.06
CA MET F 267 -4.32 -42.60 -3.32
C MET F 267 -5.68 -42.23 -3.91
N ALA F 268 -5.87 -40.95 -4.25
CA ALA F 268 -7.16 -40.54 -4.80
C ALA F 268 -7.45 -41.27 -6.10
N ARG F 269 -6.48 -41.33 -7.01
CA ARG F 269 -6.69 -42.01 -8.28
C ARG F 269 -6.90 -43.50 -8.08
N ALA F 270 -6.15 -44.13 -7.17
CA ALA F 270 -6.33 -45.55 -6.93
C ALA F 270 -7.72 -45.85 -6.40
N VAL F 271 -8.19 -45.05 -5.45
CA VAL F 271 -9.54 -45.26 -4.91
C VAL F 271 -10.57 -45.06 -6.00
N ALA F 272 -10.41 -44.02 -6.82
CA ALA F 272 -11.38 -43.76 -7.88
C ALA F 272 -11.43 -44.92 -8.86
N ASN F 273 -10.27 -45.43 -9.27
CA ASN F 273 -10.24 -46.53 -10.23
C ASN F 273 -10.83 -47.80 -9.62
N GLU F 274 -10.51 -48.09 -8.36
CA GLU F 274 -11.01 -49.31 -7.73
C GLU F 274 -12.52 -49.25 -7.54
N THR F 275 -13.06 -48.08 -7.17
CA THR F 275 -14.50 -47.97 -6.97
C THR F 275 -15.26 -48.17 -8.27
N GLY F 276 -14.63 -47.91 -9.41
CA GLY F 276 -15.30 -48.04 -10.69
C GLY F 276 -16.44 -47.05 -10.87
N ALA F 277 -16.22 -45.79 -10.51
CA ALA F 277 -17.23 -44.75 -10.60
C ALA F 277 -16.71 -43.61 -11.48
N PHE F 278 -17.65 -42.90 -12.10
CA PHE F 278 -17.30 -41.78 -12.96
C PHE F 278 -16.41 -40.79 -12.21
N PHE F 279 -15.17 -40.67 -12.65
CA PHE F 279 -14.17 -39.85 -11.97
C PHE F 279 -13.94 -38.57 -12.77
N PHE F 280 -14.03 -37.43 -12.09
CA PHE F 280 -13.77 -36.13 -12.69
C PHE F 280 -12.67 -35.44 -11.89
N LEU F 281 -11.63 -35.00 -12.60
CA LEU F 281 -10.45 -34.42 -11.98
C LEU F 281 -10.45 -32.91 -12.16
N ILE F 282 -10.13 -32.19 -11.08
CA ILE F 282 -10.00 -30.74 -11.10
C ILE F 282 -8.63 -30.40 -10.51
N ASN F 283 -7.82 -29.69 -11.29
CA ASN F 283 -6.50 -29.25 -10.85
C ASN F 283 -6.56 -27.76 -10.57
N GLY F 284 -6.04 -27.36 -9.41
CA GLY F 284 -6.08 -25.97 -9.00
C GLY F 284 -5.35 -25.06 -9.97
N PRO F 285 -4.12 -25.42 -10.33
CA PRO F 285 -3.38 -24.58 -11.29
C PRO F 285 -4.11 -24.40 -12.62
N GLU F 286 -4.48 -25.49 -13.28
CA GLU F 286 -5.08 -25.36 -14.61
C GLU F 286 -6.42 -24.65 -14.56
N VAL F 287 -7.16 -24.79 -13.45
CA VAL F 287 -8.39 -24.02 -13.29
C VAL F 287 -8.07 -22.54 -13.12
N MET F 288 -6.98 -22.23 -12.42
CA MET F 288 -6.63 -20.86 -12.10
C MET F 288 -5.82 -20.19 -13.20
N SER F 289 -5.45 -20.92 -14.26
CA SER F 289 -4.77 -20.34 -15.40
C SER F 289 -5.72 -19.85 -16.48
N LYS F 290 -7.02 -20.12 -16.35
CA LYS F 290 -7.98 -19.72 -17.37
C LYS F 290 -8.21 -18.21 -17.30
N MET F 291 -8.71 -17.67 -18.41
CA MET F 291 -8.98 -16.24 -18.50
C MET F 291 -10.08 -15.85 -17.52
N ALA F 292 -10.08 -14.58 -17.13
CA ALA F 292 -11.03 -14.10 -16.14
C ALA F 292 -12.46 -14.41 -16.57
N GLY F 293 -13.24 -14.97 -15.66
CA GLY F 293 -14.60 -15.35 -15.94
C GLY F 293 -14.77 -16.74 -16.50
N GLU F 294 -13.66 -17.45 -16.78
CA GLU F 294 -13.73 -18.81 -17.30
C GLU F 294 -13.45 -19.87 -16.25
N SER F 295 -12.74 -19.52 -15.18
CA SER F 295 -12.53 -20.48 -14.10
C SER F 295 -13.84 -20.88 -13.46
N GLU F 296 -14.73 -19.91 -13.23
CA GLU F 296 -16.04 -20.22 -12.66
C GLU F 296 -16.83 -21.12 -13.59
N SER F 297 -16.75 -20.85 -14.90
CA SER F 297 -17.44 -21.71 -15.86
C SER F 297 -16.90 -23.13 -15.81
N ASN F 298 -15.57 -23.27 -15.70
CA ASN F 298 -15.00 -24.60 -15.62
C ASN F 298 -15.47 -25.34 -14.37
N LEU F 299 -15.51 -24.65 -13.23
CA LEU F 299 -16.00 -25.29 -12.01
C LEU F 299 -17.46 -25.70 -12.15
N ARG F 300 -18.29 -24.81 -12.69
CA ARG F 300 -19.70 -25.14 -12.87
C ARG F 300 -19.86 -26.34 -13.79
N LYS F 301 -19.13 -26.37 -14.90
CA LYS F 301 -19.16 -27.54 -15.77
C LYS F 301 -18.79 -28.79 -14.97
N ALA F 302 -17.56 -28.84 -14.47
CA ALA F 302 -17.12 -30.00 -13.70
C ALA F 302 -18.21 -30.53 -12.78
N PHE F 303 -18.82 -29.65 -11.99
CA PHE F 303 -19.82 -30.12 -11.03
C PHE F 303 -21.09 -30.61 -11.71
N GLU F 304 -21.54 -29.92 -12.77
CA GLU F 304 -22.75 -30.36 -13.46
C GLU F 304 -22.54 -31.72 -14.12
N GLU F 305 -21.39 -31.90 -14.77
CA GLU F 305 -21.07 -33.19 -15.38
C GLU F 305 -21.00 -34.28 -14.32
N ALA F 306 -20.37 -33.99 -13.17
CA ALA F 306 -20.31 -34.99 -12.12
C ALA F 306 -21.70 -35.36 -11.61
N GLU F 307 -22.56 -34.36 -11.43
CA GLU F 307 -23.92 -34.63 -10.95
C GLU F 307 -24.70 -35.45 -11.97
N LYS F 308 -24.58 -35.13 -13.25
CA LYS F 308 -25.37 -35.79 -14.27
C LYS F 308 -24.97 -37.25 -14.49
N ASN F 309 -23.81 -37.67 -13.99
CA ASN F 309 -23.31 -39.03 -14.17
C ASN F 309 -23.12 -39.73 -12.84
N ALA F 310 -24.04 -39.51 -11.90
CA ALA F 310 -23.93 -40.16 -10.60
C ALA F 310 -24.06 -41.67 -10.76
N PRO F 311 -23.32 -42.47 -9.97
CA PRO F 311 -22.34 -42.06 -8.95
C PRO F 311 -21.07 -41.48 -9.55
N ALA F 312 -20.43 -40.57 -8.83
CA ALA F 312 -19.26 -39.88 -9.36
C ALA F 312 -18.35 -39.46 -8.22
N ILE F 313 -17.08 -39.20 -8.56
CA ILE F 313 -16.08 -38.71 -7.62
C ILE F 313 -15.45 -37.48 -8.23
N ILE F 314 -15.36 -36.40 -7.46
CA ILE F 314 -14.72 -35.16 -7.88
C ILE F 314 -13.48 -34.99 -7.02
N PHE F 315 -12.31 -34.92 -7.65
CA PHE F 315 -11.04 -34.77 -6.96
C PHE F 315 -10.47 -33.41 -7.29
N ILE F 316 -10.41 -32.53 -6.29
CA ILE F 316 -9.90 -31.17 -6.45
C ILE F 316 -8.47 -31.20 -5.93
N ASP F 317 -7.52 -31.47 -6.84
CA ASP F 317 -6.12 -31.55 -6.46
C ASP F 317 -5.54 -30.15 -6.27
N GLU F 318 -4.85 -29.96 -5.16
CA GLU F 318 -4.26 -28.67 -4.82
C GLU F 318 -5.33 -27.59 -4.72
N ILE F 319 -6.28 -27.84 -3.81
CA ILE F 319 -7.40 -26.92 -3.63
C ILE F 319 -6.95 -25.59 -3.04
N ASP F 320 -5.79 -25.56 -2.39
CA ASP F 320 -5.30 -24.33 -1.79
C ASP F 320 -4.89 -23.29 -2.82
N SER F 321 -4.79 -23.66 -4.09
CA SER F 321 -4.43 -22.72 -5.13
C SER F 321 -5.63 -22.04 -5.78
N ILE F 322 -6.85 -22.48 -5.48
CA ILE F 322 -8.05 -21.81 -5.96
C ILE F 322 -8.93 -21.30 -4.83
N ALA F 323 -8.77 -21.81 -3.61
CA ALA F 323 -9.47 -21.27 -2.44
C ALA F 323 -8.47 -21.10 -1.31
N PRO F 324 -7.47 -20.24 -1.49
CA PRO F 324 -6.45 -20.06 -0.46
C PRO F 324 -6.98 -19.34 0.76
N LYS F 325 -6.13 -19.15 1.76
CA LYS F 325 -6.55 -18.50 2.99
C LYS F 325 -7.12 -17.12 2.67
N ARG F 326 -8.18 -16.74 3.40
CA ARG F 326 -8.89 -15.51 3.07
C ARG F 326 -7.96 -14.31 3.04
N ASP F 327 -6.90 -14.33 3.85
CA ASP F 327 -5.91 -13.25 3.79
C ASP F 327 -5.19 -13.24 2.45
N LYS F 328 -4.95 -14.42 1.86
CA LYS F 328 -4.24 -14.51 0.59
C LYS F 328 -5.15 -14.30 -0.61
N THR F 329 -6.47 -14.30 -0.42
CA THR F 329 -7.41 -14.04 -1.51
C THR F 329 -7.57 -12.54 -1.72
N ASN F 330 -6.49 -11.93 -2.21
CA ASN F 330 -6.45 -10.50 -2.52
C ASN F 330 -6.65 -10.36 -4.02
N GLY F 331 -7.85 -9.96 -4.42
CA GLY F 331 -8.17 -9.82 -5.82
C GLY F 331 -9.61 -10.20 -6.11
N GLU F 332 -10.21 -9.53 -7.09
CA GLU F 332 -11.60 -9.82 -7.45
C GLU F 332 -11.77 -11.23 -7.97
N VAL F 333 -10.85 -11.71 -8.80
CA VAL F 333 -10.95 -13.05 -9.37
C VAL F 333 -10.86 -14.12 -8.30
N GLU F 334 -9.95 -13.96 -7.33
CA GLU F 334 -9.84 -14.94 -6.26
C GLU F 334 -11.14 -15.04 -5.48
N ARG F 335 -11.72 -13.89 -5.12
CA ARG F 335 -12.97 -13.90 -4.38
C ARG F 335 -14.08 -14.54 -5.19
N ARG F 336 -14.17 -14.20 -6.48
CA ARG F 336 -15.22 -14.77 -7.30
C ARG F 336 -15.10 -16.28 -7.41
N VAL F 337 -13.89 -16.79 -7.59
CA VAL F 337 -13.71 -18.23 -7.73
C VAL F 337 -14.00 -18.94 -6.42
N VAL F 338 -13.55 -18.37 -5.30
CA VAL F 338 -13.83 -18.97 -4.00
C VAL F 338 -15.34 -19.02 -3.77
N SER F 339 -16.04 -17.92 -4.08
CA SER F 339 -17.48 -17.89 -3.89
C SER F 339 -18.17 -18.91 -4.78
N GLN F 340 -17.71 -19.07 -6.02
CA GLN F 340 -18.31 -20.06 -6.90
C GLN F 340 -18.12 -21.47 -6.34
N LEU F 341 -16.93 -21.77 -5.83
CA LEU F 341 -16.69 -23.09 -5.26
C LEU F 341 -17.59 -23.33 -4.05
N LEU F 342 -17.71 -22.32 -3.18
CA LEU F 342 -18.56 -22.47 -2.00
C LEU F 342 -20.01 -22.71 -2.40
N THR F 343 -20.51 -21.95 -3.39
CA THR F 343 -21.87 -22.14 -3.86
C THR F 343 -22.07 -23.54 -4.42
N LEU F 344 -21.13 -24.01 -5.22
CA LEU F 344 -21.25 -25.34 -5.82
C LEU F 344 -21.31 -26.41 -4.74
N MET F 345 -20.45 -26.31 -3.73
CA MET F 345 -20.46 -27.32 -2.67
C MET F 345 -21.71 -27.24 -1.82
N ASP F 346 -22.19 -26.03 -1.53
CA ASP F 346 -23.42 -25.89 -0.75
C ASP F 346 -24.61 -26.48 -1.50
N GLY F 347 -24.71 -26.23 -2.80
CA GLY F 347 -25.83 -26.74 -3.57
C GLY F 347 -25.76 -28.21 -3.89
N MET F 348 -24.71 -28.90 -3.45
CA MET F 348 -24.55 -30.32 -3.72
C MET F 348 -25.32 -31.19 -2.75
N LYS F 349 -25.81 -30.64 -1.64
CA LYS F 349 -26.50 -31.46 -0.66
C LYS F 349 -27.65 -32.24 -1.27
N ALA F 350 -28.39 -31.62 -2.19
CA ALA F 350 -29.43 -32.33 -2.91
C ALA F 350 -28.84 -33.45 -3.75
N ARG F 351 -27.70 -33.20 -4.39
CA ARG F 351 -27.05 -34.23 -5.19
C ARG F 351 -26.67 -35.41 -4.32
N SER F 352 -26.84 -36.61 -4.85
CA SER F 352 -26.60 -37.84 -4.11
C SER F 352 -25.64 -38.73 -4.89
N ASN F 353 -24.90 -39.56 -4.14
CA ASN F 353 -23.92 -40.46 -4.72
C ASN F 353 -22.84 -39.69 -5.48
N VAL F 354 -22.47 -38.53 -4.95
CA VAL F 354 -21.35 -37.75 -5.46
C VAL F 354 -20.46 -37.38 -4.28
N VAL F 355 -19.18 -37.69 -4.39
CA VAL F 355 -18.21 -37.46 -3.32
C VAL F 355 -17.13 -36.53 -3.85
N VAL F 356 -16.74 -35.56 -3.02
CA VAL F 356 -15.72 -34.58 -3.37
C VAL F 356 -14.52 -34.82 -2.46
N ILE F 357 -13.34 -34.97 -3.08
CA ILE F 357 -12.09 -35.17 -2.36
C ILE F 357 -11.16 -34.03 -2.72
N ALA F 358 -10.54 -33.44 -1.71
CA ALA F 358 -9.62 -32.32 -1.91
C ALA F 358 -8.30 -32.64 -1.22
N ALA F 359 -7.20 -32.29 -1.89
CA ALA F 359 -5.86 -32.52 -1.37
C ALA F 359 -5.16 -31.19 -1.21
N THR F 360 -4.54 -30.98 -0.05
CA THR F 360 -3.83 -29.73 0.23
C THR F 360 -2.59 -30.05 1.06
N ASN F 361 -1.65 -29.11 1.07
CA ASN F 361 -0.39 -29.36 1.74
C ASN F 361 -0.53 -29.29 3.26
N ARG F 362 -1.30 -28.33 3.76
CA ARG F 362 -1.50 -28.16 5.18
C ARG F 362 -2.96 -27.79 5.44
N PRO F 363 -3.48 -28.08 6.63
CA PRO F 363 -4.87 -27.70 6.94
C PRO F 363 -5.08 -26.20 6.98
N ASN F 364 -4.04 -25.41 7.22
CA ASN F 364 -4.16 -23.97 7.42
C ASN F 364 -3.89 -23.17 6.15
N SER F 365 -3.90 -23.83 4.99
CA SER F 365 -3.65 -23.15 3.73
C SER F 365 -4.92 -22.85 2.95
N ILE F 366 -6.01 -23.56 3.22
CA ILE F 366 -7.27 -23.36 2.51
C ILE F 366 -8.12 -22.35 3.27
N ASP F 367 -9.14 -21.83 2.58
CA ASP F 367 -10.06 -20.91 3.20
C ASP F 367 -10.77 -21.59 4.36
N PRO F 368 -10.88 -20.96 5.53
CA PRO F 368 -11.53 -21.63 6.66
C PRO F 368 -12.98 -21.99 6.41
N ALA F 369 -13.66 -21.31 5.49
CA ALA F 369 -15.07 -21.59 5.23
C ALA F 369 -15.30 -22.94 4.57
N LEU F 370 -14.25 -23.61 4.10
CA LEU F 370 -14.38 -24.90 3.45
C LEU F 370 -14.36 -26.06 4.42
N ARG F 371 -14.24 -25.80 5.72
CA ARG F 371 -14.09 -26.85 6.71
C ARG F 371 -15.25 -26.84 7.69
N ARG F 372 -16.47 -26.75 7.18
CA ARG F 372 -17.68 -26.68 8.00
C ARG F 372 -18.61 -27.83 7.63
N PHE F 373 -19.73 -27.89 8.33
CA PHE F 373 -20.75 -28.90 8.05
C PHE F 373 -21.30 -28.70 6.65
N GLY F 374 -21.46 -29.80 5.92
CA GLY F 374 -21.88 -29.72 4.53
C GLY F 374 -20.76 -29.40 3.57
N ARG F 375 -19.51 -29.44 4.02
CA ARG F 375 -18.35 -29.13 3.22
C ARG F 375 -17.27 -30.12 3.64
N PHE F 376 -16.01 -29.81 3.37
CA PHE F 376 -14.92 -30.74 3.67
C PHE F 376 -14.81 -30.87 5.18
N ASP F 377 -15.68 -31.70 5.74
CA ASP F 377 -15.76 -31.92 7.18
C ASP F 377 -14.87 -33.05 7.65
N ARG F 378 -14.78 -34.13 6.90
CA ARG F 378 -13.86 -35.22 7.23
C ARG F 378 -12.46 -34.88 6.75
N GLU F 379 -11.47 -35.19 7.58
CA GLU F 379 -10.08 -34.86 7.29
C GLU F 379 -9.20 -36.08 7.50
N VAL F 380 -8.14 -36.16 6.70
CA VAL F 380 -7.18 -37.25 6.74
C VAL F 380 -5.78 -36.68 6.65
N ASP F 381 -4.87 -37.22 7.45
CA ASP F 381 -3.50 -36.75 7.52
C ASP F 381 -2.55 -37.86 7.10
N ILE F 382 -1.66 -37.54 6.16
CA ILE F 382 -0.66 -38.48 5.65
C ILE F 382 0.69 -38.09 6.25
N GLY F 383 1.38 -39.07 6.83
CA GLY F 383 2.68 -38.85 7.42
C GLY F 383 3.75 -39.66 6.72
N ILE F 384 5.00 -39.39 7.09
CA ILE F 384 6.11 -40.15 6.50
C ILE F 384 6.04 -41.60 6.98
N PRO F 385 6.41 -42.57 6.16
CA PRO F 385 6.25 -43.97 6.56
C PRO F 385 7.39 -44.44 7.45
N ASP F 386 7.19 -45.63 8.02
CA ASP F 386 8.18 -46.25 8.89
C ASP F 386 9.04 -47.21 8.07
N ALA F 387 9.86 -48.01 8.74
CA ALA F 387 10.76 -48.91 8.02
C ALA F 387 9.99 -49.89 7.13
N THR F 388 8.90 -50.46 7.65
CA THR F 388 8.12 -51.39 6.86
C THR F 388 7.50 -50.68 5.65
N GLY F 389 6.96 -49.48 5.86
CA GLY F 389 6.38 -48.75 4.75
C GLY F 389 7.41 -48.41 3.69
N ARG F 390 8.61 -47.99 4.11
CA ARG F 390 9.65 -47.66 3.15
C ARG F 390 10.10 -48.91 2.40
N LEU F 391 10.17 -50.05 3.08
CA LEU F 391 10.51 -51.28 2.37
C LEU F 391 9.44 -51.63 1.34
N GLU F 392 8.17 -51.45 1.69
CA GLU F 392 7.09 -51.70 0.73
C GLU F 392 7.20 -50.77 -0.47
N VAL F 393 7.49 -49.49 -0.23
CA VAL F 393 7.63 -48.54 -1.33
C VAL F 393 8.80 -48.96 -2.23
N LEU F 394 9.92 -49.35 -1.63
CA LEU F 394 11.07 -49.77 -2.41
C LEU F 394 10.74 -50.99 -3.27
N ARG F 395 10.02 -51.95 -2.70
CA ARG F 395 9.65 -53.13 -3.48
C ARG F 395 8.69 -52.74 -4.60
N ILE F 396 7.79 -51.79 -4.35
CA ILE F 396 6.86 -51.36 -5.39
C ILE F 396 7.63 -50.73 -6.55
N HIS F 397 8.57 -49.83 -6.23
CA HIS F 397 9.26 -49.10 -7.29
C HIS F 397 10.28 -49.97 -8.01
N THR F 398 11.05 -50.77 -7.27
CA THR F 398 12.07 -51.61 -7.87
C THR F 398 11.53 -53.00 -8.18
N LYS F 399 10.39 -53.06 -8.87
CA LYS F 399 9.84 -54.31 -9.36
C LYS F 399 10.07 -54.50 -10.85
N ASN F 400 10.74 -53.54 -11.50
CA ASN F 400 11.12 -53.67 -12.91
C ASN F 400 12.60 -53.42 -13.15
N MET F 401 13.31 -52.77 -12.24
CA MET F 401 14.73 -52.54 -12.42
C MET F 401 15.49 -53.86 -12.43
N LYS F 402 16.61 -53.87 -13.15
CA LYS F 402 17.48 -55.04 -13.21
C LYS F 402 18.44 -55.02 -12.02
N LEU F 403 17.88 -55.25 -10.85
CA LEU F 403 18.67 -55.23 -9.62
C LEU F 403 19.72 -56.33 -9.65
N ALA F 404 20.88 -56.03 -9.06
CA ALA F 404 21.92 -57.02 -8.93
C ALA F 404 21.56 -58.04 -7.85
N ASP F 405 22.36 -59.09 -7.76
CA ASP F 405 22.11 -60.13 -6.77
C ASP F 405 22.26 -59.60 -5.35
N ASP F 406 23.26 -58.74 -5.12
CA ASP F 406 23.58 -58.26 -3.77
C ASP F 406 22.83 -56.96 -3.51
N VAL F 407 21.52 -57.08 -3.33
CA VAL F 407 20.66 -55.98 -2.93
C VAL F 407 20.04 -56.32 -1.59
N ASP F 408 20.01 -55.34 -0.69
CA ASP F 408 19.61 -55.53 0.70
C ASP F 408 18.52 -54.53 1.06
N LEU F 409 17.45 -54.51 0.27
CA LEU F 409 16.37 -53.55 0.41
C LEU F 409 16.04 -53.28 1.87
N GLU F 410 16.16 -54.30 2.72
CA GLU F 410 15.99 -54.06 4.16
C GLU F 410 17.02 -53.06 4.68
N ALA F 411 18.27 -53.18 4.25
CA ALA F 411 19.30 -52.24 4.67
C ALA F 411 18.97 -50.83 4.19
N LEU F 412 18.52 -50.69 2.95
CA LEU F 412 18.14 -49.38 2.45
C LEU F 412 17.00 -48.80 3.28
N ALA F 413 15.98 -49.61 3.55
CA ALA F 413 14.85 -49.13 4.34
C ALA F 413 15.31 -48.68 5.72
N ALA F 414 16.24 -49.42 6.33
CA ALA F 414 16.78 -49.01 7.63
C ALA F 414 17.51 -47.69 7.52
N GLU F 415 18.32 -47.51 6.47
CA GLU F 415 19.14 -46.31 6.34
C GLU F 415 18.32 -45.09 5.91
N THR F 416 17.26 -45.30 5.13
CA THR F 416 16.48 -44.19 4.58
C THR F 416 15.39 -43.82 5.59
N HIS F 417 15.63 -42.74 6.32
CA HIS F 417 14.68 -42.20 7.28
C HIS F 417 14.32 -40.77 6.90
N GLY F 418 13.04 -40.44 7.03
CA GLY F 418 12.57 -39.14 6.58
C GLY F 418 12.29 -39.05 5.10
N TYR F 419 12.35 -40.17 4.39
CA TYR F 419 12.10 -40.20 2.96
C TYR F 419 10.62 -40.46 2.68
N VAL F 420 10.04 -39.65 1.80
CA VAL F 420 8.69 -39.85 1.34
C VAL F 420 8.75 -40.72 0.09
N GLY F 421 7.62 -41.28 -0.33
CA GLY F 421 7.63 -42.15 -1.49
C GLY F 421 8.26 -41.50 -2.70
N ALA F 422 8.03 -40.21 -2.88
CA ALA F 422 8.66 -39.49 -4.00
C ALA F 422 10.17 -39.51 -3.86
N ASP F 423 10.69 -39.34 -2.64
CA ASP F 423 12.13 -39.39 -2.43
C ASP F 423 12.68 -40.77 -2.77
N ILE F 424 11.94 -41.83 -2.45
CA ILE F 424 12.42 -43.17 -2.76
C ILE F 424 12.41 -43.41 -4.26
N ALA F 425 11.39 -42.92 -4.96
CA ALA F 425 11.38 -43.03 -6.41
C ALA F 425 12.57 -42.30 -7.02
N SER F 426 12.85 -41.09 -6.53
CA SER F 426 14.00 -40.34 -7.02
C SER F 426 15.30 -41.08 -6.70
N LEU F 427 15.36 -41.73 -5.54
CA LEU F 427 16.56 -42.50 -5.17
C LEU F 427 16.78 -43.63 -6.16
N CYS F 428 15.72 -44.36 -6.50
CA CYS F 428 15.87 -45.44 -7.47
C CYS F 428 16.30 -44.91 -8.83
N SER F 429 15.71 -43.81 -9.27
CA SER F 429 16.12 -43.21 -10.54
C SER F 429 17.60 -42.81 -10.52
N GLU F 430 18.04 -42.21 -9.41
CA GLU F 430 19.44 -41.78 -9.31
C GLU F 430 20.37 -42.98 -9.30
N ALA F 431 19.99 -44.07 -8.63
CA ALA F 431 20.81 -45.27 -8.65
C ALA F 431 20.94 -45.84 -10.06
N ALA F 432 19.83 -45.87 -10.80
CA ALA F 432 19.89 -46.35 -12.17
C ALA F 432 20.79 -45.45 -13.02
N MET F 433 20.68 -44.13 -12.83
CA MET F 433 21.53 -43.21 -13.57
C MET F 433 23.01 -43.43 -13.23
N GLN F 434 23.30 -43.69 -11.96
CA GLN F 434 24.69 -43.96 -11.57
C GLN F 434 25.20 -45.23 -12.23
N GLN F 435 24.35 -46.27 -12.31
CA GLN F 435 24.78 -47.48 -13.00
C GLN F 435 25.06 -47.21 -14.47
N ILE F 436 24.18 -46.45 -15.13
CA ILE F 436 24.40 -46.10 -16.52
C ILE F 436 25.71 -45.34 -16.67
N ARG F 437 25.98 -44.42 -15.73
CA ARG F 437 27.22 -43.65 -15.78
C ARG F 437 28.43 -44.54 -15.64
N GLU F 438 28.38 -45.50 -14.71
CA GLU F 438 29.50 -46.43 -14.55
C GLU F 438 29.74 -47.24 -15.82
N LYS F 439 28.66 -47.69 -16.46
CA LYS F 439 28.80 -48.47 -17.69
C LYS F 439 29.05 -47.59 -18.91
N MET F 440 29.02 -46.26 -18.77
CA MET F 440 29.15 -45.38 -19.92
C MET F 440 30.52 -45.45 -20.57
N ASP F 441 31.54 -45.93 -19.86
CA ASP F 441 32.86 -46.03 -20.46
C ASP F 441 32.88 -47.01 -21.62
N LEU F 442 31.99 -47.99 -21.62
CA LEU F 442 31.92 -49.01 -22.66
C LEU F 442 30.90 -48.70 -23.74
N ILE F 443 30.27 -47.53 -23.70
CA ILE F 443 29.21 -47.16 -24.63
C ILE F 443 29.73 -46.05 -25.54
N ASP F 444 29.55 -46.23 -26.84
CA ASP F 444 29.94 -45.23 -27.83
C ASP F 444 28.77 -44.30 -28.10
N LEU F 445 28.97 -43.01 -27.86
CA LEU F 445 27.88 -42.04 -27.99
C LEU F 445 27.56 -41.71 -29.45
N ASP F 446 28.56 -41.72 -30.32
CA ASP F 446 28.32 -41.32 -31.71
C ASP F 446 27.32 -42.24 -32.38
N GLU F 447 27.49 -43.55 -32.21
CA GLU F 447 26.60 -44.51 -32.86
C GLU F 447 25.20 -44.40 -32.29
N ASP F 448 24.20 -44.32 -33.16
CA ASP F 448 22.81 -44.29 -32.70
C ASP F 448 22.45 -45.58 -31.98
N GLU F 449 22.85 -46.73 -32.52
CA GLU F 449 22.56 -48.00 -31.91
C GLU F 449 23.40 -48.20 -30.65
N ILE F 450 22.90 -49.03 -29.74
CA ILE F 450 23.56 -49.34 -28.49
C ILE F 450 23.89 -50.83 -28.49
N ASP F 451 25.12 -51.16 -28.08
CA ASP F 451 25.56 -52.54 -28.11
C ASP F 451 24.61 -53.43 -27.30
N ALA F 452 24.20 -54.55 -27.90
CA ALA F 452 23.28 -55.45 -27.21
C ALA F 452 23.89 -56.02 -25.95
N GLU F 453 25.16 -56.44 -26.01
CA GLU F 453 25.81 -57.04 -24.86
C GLU F 453 25.95 -56.05 -23.72
N VAL F 454 26.40 -54.83 -24.02
CA VAL F 454 26.58 -53.82 -22.98
C VAL F 454 25.26 -53.53 -22.30
N LEU F 455 24.20 -53.35 -23.09
CA LEU F 455 22.88 -53.08 -22.53
C LEU F 455 22.37 -54.27 -21.73
N ASP F 456 22.75 -55.49 -22.11
CA ASP F 456 22.31 -56.67 -21.40
C ASP F 456 23.05 -56.85 -20.07
N SER F 457 24.20 -56.21 -19.90
CA SER F 457 25.00 -56.35 -18.70
C SER F 457 24.65 -55.33 -17.62
N LEU F 458 23.71 -54.43 -17.89
CA LEU F 458 23.34 -53.43 -16.89
C LEU F 458 22.74 -54.10 -15.66
N GLY F 459 23.09 -53.58 -14.50
CA GLY F 459 22.56 -54.09 -13.24
C GLY F 459 22.92 -53.20 -12.08
N VAL F 460 21.93 -52.86 -11.26
CA VAL F 460 22.14 -51.92 -10.17
C VAL F 460 22.67 -52.68 -8.95
N THR F 461 23.74 -52.17 -8.37
CA THR F 461 24.40 -52.77 -7.22
C THR F 461 24.17 -51.92 -5.97
N MET F 462 24.53 -52.49 -4.82
CA MET F 462 24.29 -51.80 -3.56
C MET F 462 25.06 -50.49 -3.47
N ASP F 463 26.30 -50.49 -3.97
CA ASP F 463 27.09 -49.27 -3.95
C ASP F 463 26.43 -48.16 -4.75
N ASN F 464 25.72 -48.51 -5.83
CA ASN F 464 24.96 -47.50 -6.56
C ASN F 464 23.88 -46.88 -5.69
N PHE F 465 23.17 -47.69 -4.91
CA PHE F 465 22.14 -47.16 -4.03
C PHE F 465 22.77 -46.32 -2.92
N ARG F 466 23.95 -46.70 -2.43
CA ARG F 466 24.61 -45.88 -1.42
C ARG F 466 25.02 -44.53 -1.99
N PHE F 467 25.52 -44.51 -3.24
CA PHE F 467 25.82 -43.23 -3.87
C PHE F 467 24.56 -42.39 -4.04
N ALA F 468 23.46 -43.02 -4.46
CA ALA F 468 22.20 -42.29 -4.62
C ALA F 468 21.75 -41.71 -3.29
N LEU F 469 21.88 -42.48 -2.20
CA LEU F 469 21.57 -41.95 -0.88
C LEU F 469 22.45 -40.75 -0.57
N GLY F 470 23.73 -40.84 -0.90
CA GLY F 470 24.62 -39.70 -0.68
C GLY F 470 24.14 -38.45 -1.39
N ASN F 471 23.76 -38.58 -2.66
CA ASN F 471 23.31 -37.44 -3.45
C ASN F 471 21.78 -37.34 -3.45
N SER F 472 21.21 -37.23 -2.25
CA SER F 472 19.77 -37.15 -2.05
C SER F 472 19.43 -35.97 -1.15
N ASN F 473 18.29 -35.35 -1.39
CA ASN F 473 17.86 -34.15 -0.67
C ASN F 473 16.42 -34.32 -0.18
N PRO F 474 16.21 -35.20 0.79
CA PRO F 474 14.89 -35.26 1.43
C PRO F 474 14.58 -33.96 2.15
N SER F 475 13.30 -33.58 2.13
CA SER F 475 12.89 -32.32 2.72
C SER F 475 11.57 -32.40 3.49
N ALA F 476 11.04 -33.61 3.72
CA ALA F 476 9.79 -33.73 4.46
C ALA F 476 9.97 -33.26 5.90
N LEU F 477 11.09 -33.61 6.53
CA LEU F 477 11.30 -33.29 7.93
C LEU F 477 11.55 -31.81 8.16
N ARG F 478 11.71 -31.01 7.11
CA ARG F 478 11.96 -29.58 7.29
C ARG F 478 10.83 -28.88 8.01
N GLU F 479 9.61 -29.43 7.96
CA GLU F 479 8.46 -28.88 8.66
C GLU F 479 7.85 -29.96 9.54
N THR F 480 6.84 -29.58 10.33
CA THR F 480 6.21 -30.53 11.23
C THR F 480 5.51 -31.62 10.43
N VAL F 481 5.70 -32.87 10.85
CA VAL F 481 5.15 -34.02 10.16
C VAL F 481 4.81 -35.09 11.19
N VAL F 482 3.76 -35.85 10.90
CA VAL F 482 3.34 -36.95 11.76
C VAL F 482 4.14 -38.19 11.39
N GLU F 483 4.73 -38.84 12.38
CA GLU F 483 5.62 -39.96 12.16
C GLU F 483 5.33 -41.05 13.18
N SER F 484 5.74 -42.27 12.84
CA SER F 484 5.59 -43.42 13.73
C SER F 484 6.93 -43.77 14.36
N VAL F 485 6.87 -44.32 15.57
CA VAL F 485 8.06 -44.67 16.33
C VAL F 485 7.87 -46.07 16.91
N ASN F 486 8.99 -46.76 17.12
CA ASN F 486 8.98 -48.14 17.60
C ASN F 486 10.02 -48.34 18.70
N VAL F 487 10.03 -47.46 19.68
CA VAL F 487 10.92 -47.57 20.83
C VAL F 487 10.17 -48.28 21.96
N THR F 488 10.78 -49.32 22.51
CA THR F 488 10.20 -50.09 23.60
C THR F 488 10.93 -49.76 24.90
N TRP F 489 10.50 -50.40 25.99
CA TRP F 489 11.15 -50.18 27.28
C TRP F 489 12.40 -51.04 27.40
N ASP F 490 13.24 -51.03 26.39
CA ASP F 490 14.55 -51.68 26.42
C ASP F 490 15.65 -50.74 25.96
N ASP F 491 15.37 -49.89 24.97
CA ASP F 491 16.35 -48.90 24.53
C ASP F 491 16.59 -47.85 25.59
N VAL F 492 15.72 -47.76 26.60
CA VAL F 492 15.88 -46.84 27.72
C VAL F 492 16.25 -47.66 28.94
N GLY F 493 17.43 -47.39 29.49
CA GLY F 493 17.91 -48.09 30.67
C GLY F 493 17.68 -47.26 31.93
N GLY F 494 17.38 -47.97 33.02
CA GLY F 494 17.08 -47.27 34.25
C GLY F 494 15.72 -46.59 34.18
N LEU F 495 15.52 -45.66 35.09
CA LEU F 495 14.28 -44.88 35.16
C LEU F 495 13.07 -45.80 35.31
N ASP F 496 13.24 -46.93 36.00
CA ASP F 496 12.15 -47.89 36.10
C ASP F 496 10.94 -47.30 36.79
N GLU F 497 11.15 -46.54 37.86
CA GLU F 497 10.03 -45.88 38.54
C GLU F 497 9.34 -44.90 37.59
N ILE F 498 10.12 -44.15 36.80
CA ILE F 498 9.52 -43.22 35.85
C ILE F 498 8.78 -43.98 34.76
N LYS F 499 9.32 -45.12 34.33
CA LYS F 499 8.62 -45.94 33.34
C LYS F 499 7.26 -46.38 33.88
N GLU F 500 7.23 -46.85 35.13
CA GLU F 500 5.96 -47.29 35.71
C GLU F 500 5.00 -46.12 35.86
N GLU F 501 5.51 -44.95 36.26
CA GLU F 501 4.65 -43.79 36.39
C GLU F 501 4.03 -43.40 35.05
N LEU F 502 4.85 -43.39 33.99
CA LEU F 502 4.33 -43.06 32.67
C LEU F 502 3.34 -44.10 32.18
N LYS F 503 3.61 -45.38 32.46
CA LYS F 503 2.64 -46.42 32.11
C LYS F 503 1.29 -46.11 32.76
N GLU F 504 1.30 -45.91 34.08
CA GLU F 504 0.06 -45.58 34.78
C GLU F 504 -0.60 -44.35 34.16
N THR F 505 0.19 -43.37 33.77
CA THR F 505 -0.37 -42.10 33.30
C THR F 505 -1.05 -42.25 31.94
N VAL F 506 -0.40 -42.92 31.00
CA VAL F 506 -0.83 -42.92 29.60
C VAL F 506 -1.50 -44.22 29.19
N GLU F 507 -0.90 -45.36 29.52
CA GLU F 507 -1.41 -46.62 28.99
C GLU F 507 -2.81 -46.92 29.49
N TYR F 508 -3.05 -46.70 30.79
CA TYR F 508 -4.37 -47.03 31.35
C TYR F 508 -5.49 -46.21 30.73
N PRO F 509 -5.38 -44.89 30.59
CA PRO F 509 -6.47 -44.15 29.92
C PRO F 509 -6.79 -44.67 28.54
N VAL F 510 -5.78 -45.06 27.76
CA VAL F 510 -6.02 -45.44 26.38
C VAL F 510 -6.52 -46.88 26.29
N LEU F 511 -5.82 -47.80 26.95
CA LEU F 511 -6.19 -49.21 26.86
C LEU F 511 -7.42 -49.55 27.69
N HIS F 512 -7.65 -48.82 28.79
CA HIS F 512 -8.72 -49.13 29.73
C HIS F 512 -9.54 -47.87 30.00
N PRO F 513 -10.26 -47.36 28.99
CA PRO F 513 -11.11 -46.19 29.22
C PRO F 513 -12.39 -46.51 29.97
N ASP F 514 -12.85 -47.76 29.95
CA ASP F 514 -14.07 -48.11 30.65
C ASP F 514 -13.92 -47.90 32.15
N GLN F 515 -12.77 -48.22 32.71
CA GLN F 515 -12.54 -47.98 34.13
C GLN F 515 -12.60 -46.50 34.46
N TYR F 516 -11.96 -45.66 33.62
CA TYR F 516 -12.00 -44.22 33.84
C TYR F 516 -13.41 -43.69 33.79
N THR F 517 -14.22 -44.18 32.83
CA THR F 517 -15.62 -43.80 32.80
C THR F 517 -16.34 -44.26 34.06
N LYS F 518 -16.03 -45.47 34.52
CA LYS F 518 -16.70 -46.03 35.70
C LYS F 518 -16.45 -45.17 36.93
N PHE F 519 -15.22 -44.74 37.14
CA PHE F 519 -14.88 -43.93 38.31
C PHE F 519 -15.00 -42.43 38.03
N GLY F 520 -15.40 -42.05 36.82
CA GLY F 520 -15.65 -40.65 36.52
C GLY F 520 -14.41 -39.81 36.33
N LEU F 521 -13.23 -40.41 36.31
CA LEU F 521 -12.00 -39.65 36.14
C LEU F 521 -11.80 -39.25 34.69
N SER F 522 -11.29 -38.04 34.49
CA SER F 522 -10.84 -37.60 33.18
C SER F 522 -9.33 -37.73 33.12
N PRO F 523 -8.77 -38.50 32.18
CA PRO F 523 -7.32 -38.72 32.19
C PRO F 523 -6.55 -37.42 31.97
N SER F 524 -5.35 -37.39 32.54
CA SER F 524 -4.49 -36.22 32.41
C SER F 524 -4.10 -36.01 30.96
N LYS F 525 -3.99 -34.74 30.56
CA LYS F 525 -3.68 -34.43 29.16
C LYS F 525 -2.18 -34.52 28.90
N GLY F 526 -1.39 -33.71 29.60
CA GLY F 526 0.02 -33.57 29.29
C GLY F 526 0.91 -33.82 30.48
N VAL F 527 2.21 -33.93 30.19
CA VAL F 527 3.25 -34.15 31.18
C VAL F 527 4.39 -33.21 30.85
N LEU F 528 5.25 -32.96 31.83
CA LEU F 528 6.43 -32.13 31.64
C LEU F 528 7.64 -32.86 32.18
N PHE F 529 8.71 -32.89 31.41
CA PHE F 529 9.97 -33.52 31.78
C PHE F 529 11.01 -32.44 32.02
N TYR F 530 11.75 -32.54 33.13
CA TYR F 530 12.85 -31.62 33.37
C TYR F 530 14.03 -32.39 33.95
N GLY F 531 15.22 -31.87 33.69
CA GLY F 531 16.44 -32.49 34.16
C GLY F 531 17.64 -32.06 33.34
N PRO F 532 18.81 -32.62 33.65
CA PRO F 532 20.00 -32.28 32.88
C PRO F 532 19.85 -32.70 31.44
N PRO F 533 20.47 -31.97 30.51
CA PRO F 533 20.36 -32.35 29.09
C PRO F 533 21.03 -33.69 28.82
N GLY F 534 20.49 -34.40 27.82
CA GLY F 534 21.02 -35.68 27.44
C GLY F 534 20.58 -36.84 28.30
N THR F 535 19.57 -36.66 29.14
CA THR F 535 19.13 -37.71 30.04
C THR F 535 18.12 -38.67 29.40
N GLY F 536 17.73 -38.43 28.15
CA GLY F 536 16.86 -39.36 27.45
C GLY F 536 15.39 -39.03 27.56
N LYS F 537 15.05 -37.74 27.47
CA LYS F 537 13.65 -37.35 27.51
C LYS F 537 12.94 -37.68 26.21
N THR F 538 13.58 -37.42 25.07
CA THR F 538 12.95 -37.72 23.80
C THR F 538 12.75 -39.22 23.62
N LEU F 539 13.71 -40.03 24.07
CA LEU F 539 13.54 -41.48 24.02
C LEU F 539 12.36 -41.90 24.89
N LEU F 540 12.22 -41.30 26.06
CA LEU F 540 11.09 -41.64 26.93
C LEU F 540 9.77 -41.28 26.27
N ALA F 541 9.70 -40.12 25.63
CA ALA F 541 8.46 -39.73 24.94
C ALA F 541 8.16 -40.69 23.80
N LYS F 542 9.17 -41.08 23.03
CA LYS F 542 8.94 -42.02 21.93
C LYS F 542 8.50 -43.37 22.45
N ALA F 543 9.08 -43.82 23.56
CA ALA F 543 8.64 -45.08 24.17
C ALA F 543 7.18 -45.00 24.60
N VAL F 544 6.80 -43.88 25.23
CA VAL F 544 5.41 -43.69 25.61
C VAL F 544 4.51 -43.76 24.39
N ALA F 545 4.90 -43.09 23.31
CA ALA F 545 4.09 -43.12 22.09
C ALA F 545 3.97 -44.53 21.55
N THR F 546 5.06 -45.29 21.55
CA THR F 546 5.03 -46.65 21.04
C THR F 546 4.11 -47.53 21.87
N GLU F 547 4.15 -47.39 23.19
CA GLU F 547 3.39 -48.28 24.06
C GLU F 547 1.89 -48.19 23.77
N VAL F 548 1.36 -46.97 23.69
CA VAL F 548 -0.06 -46.79 23.37
C VAL F 548 -0.35 -46.95 21.88
N SER F 549 0.68 -47.22 21.08
CA SER F 549 0.50 -47.40 19.63
C SER F 549 -0.11 -46.17 18.99
N ALA F 550 0.59 -45.05 19.13
CA ALA F 550 0.13 -43.76 18.67
C ALA F 550 1.20 -43.08 17.84
N ASN F 551 0.76 -42.17 16.98
CA ASN F 551 1.69 -41.38 16.18
C ASN F 551 2.49 -40.46 17.07
N PHE F 552 3.40 -39.69 16.47
CA PHE F 552 4.32 -38.87 17.23
C PHE F 552 4.65 -37.63 16.44
N ILE F 553 4.39 -36.45 17.02
CA ILE F 553 4.74 -35.17 16.42
C ILE F 553 5.80 -34.53 17.31
N SER F 554 6.90 -34.09 16.70
CA SER F 554 7.99 -33.46 17.43
C SER F 554 8.18 -32.04 16.91
N VAL F 555 8.32 -31.10 17.84
CA VAL F 555 8.50 -29.69 17.51
C VAL F 555 9.72 -29.23 18.31
N LYS F 556 10.87 -29.13 17.65
CA LYS F 556 12.09 -28.76 18.34
C LYS F 556 12.11 -27.26 18.61
N GLY F 557 13.16 -26.81 19.30
CA GLY F 557 13.29 -25.42 19.67
C GLY F 557 13.38 -24.47 18.51
N PRO F 558 14.22 -24.80 17.51
CA PRO F 558 14.32 -23.92 16.34
C PRO F 558 12.99 -23.69 15.65
N GLU F 559 12.15 -24.71 15.53
CA GLU F 559 10.86 -24.53 14.88
C GLU F 559 9.95 -23.63 15.70
N LEU F 560 9.93 -23.80 17.02
CA LEU F 560 9.12 -22.93 17.86
C LEU F 560 9.59 -21.49 17.78
N LEU F 561 10.91 -21.27 17.77
CA LEU F 561 11.43 -19.91 17.61
C LEU F 561 11.05 -19.35 16.25
N SER F 562 11.10 -20.18 15.20
CA SER F 562 10.71 -19.71 13.87
C SER F 562 9.25 -19.28 13.87
N MET F 563 8.39 -20.04 14.56
CA MET F 563 7.00 -19.63 14.70
C MET F 563 6.90 -18.33 15.49
N TRP F 564 7.74 -18.18 16.52
CA TRP F 564 7.73 -16.95 17.32
C TRP F 564 8.07 -15.73 16.46
N TYR F 565 9.06 -15.87 15.58
CA TYR F 565 9.44 -14.80 14.67
C TYR F 565 8.50 -14.69 13.47
N GLY F 566 7.54 -15.59 13.34
CA GLY F 566 6.59 -15.50 12.24
C GLY F 566 7.23 -15.65 10.89
N GLU F 567 8.16 -16.60 10.74
CA GLU F 567 8.83 -16.86 9.47
C GLU F 567 8.73 -18.33 9.09
N SER F 568 7.63 -18.99 9.46
CA SER F 568 7.41 -20.39 9.18
C SER F 568 6.04 -20.61 8.57
N GLU F 569 5.94 -21.60 7.69
CA GLU F 569 4.65 -21.92 7.08
C GLU F 569 3.67 -22.48 8.11
N SER F 570 4.14 -23.35 9.00
CA SER F 570 3.27 -24.02 9.94
C SER F 570 2.88 -23.07 11.08
N ASN F 571 2.04 -23.57 11.98
CA ASN F 571 1.55 -22.78 13.10
C ASN F 571 1.10 -23.74 14.20
N ILE F 572 0.94 -23.19 15.40
CA ILE F 572 0.53 -24.03 16.54
C ILE F 572 -0.84 -24.66 16.25
N ARG F 573 -1.77 -23.85 15.76
CA ARG F 573 -3.09 -24.38 15.41
C ARG F 573 -2.96 -25.48 14.35
N ASP F 574 -2.04 -25.29 13.40
CA ASP F 574 -1.81 -26.33 12.39
C ASP F 574 -1.27 -27.60 13.05
N ILE F 575 -0.36 -27.46 14.01
CA ILE F 575 0.20 -28.62 14.69
C ILE F 575 -0.91 -29.41 15.36
N PHE F 576 -1.79 -28.71 16.08
CA PHE F 576 -2.84 -29.43 16.80
C PHE F 576 -3.93 -29.95 15.87
N ASP F 577 -4.16 -29.29 14.73
CA ASP F 577 -5.05 -29.86 13.73
C ASP F 577 -4.50 -31.18 13.19
N LYS F 578 -3.20 -31.21 12.90
CA LYS F 578 -2.57 -32.45 12.47
C LYS F 578 -2.68 -33.51 13.55
N ALA F 579 -2.49 -33.11 14.81
CA ALA F 579 -2.59 -34.06 15.92
C ALA F 579 -3.98 -34.64 16.03
N ARG F 580 -5.01 -33.80 15.90
CA ARG F 580 -6.38 -34.30 15.94
C ARG F 580 -6.65 -35.25 14.79
N ALA F 581 -6.28 -34.85 13.57
CA ALA F 581 -6.53 -35.71 12.42
C ALA F 581 -5.79 -37.03 12.52
N ALA F 582 -4.64 -37.06 13.20
CA ALA F 582 -3.84 -38.26 13.34
C ALA F 582 -4.02 -38.94 14.68
N ALA F 583 -4.98 -38.51 15.50
CA ALA F 583 -5.12 -39.03 16.85
C ALA F 583 -5.43 -40.53 16.80
N PRO F 584 -4.96 -41.31 17.79
CA PRO F 584 -4.18 -40.88 18.95
C PRO F 584 -2.75 -40.52 18.61
N THR F 585 -2.24 -39.45 19.21
CA THR F 585 -0.90 -38.95 18.91
C THR F 585 -0.20 -38.58 20.21
N VAL F 586 1.04 -38.14 20.07
CA VAL F 586 1.84 -37.62 21.18
C VAL F 586 2.58 -36.41 20.62
N VAL F 587 2.17 -35.23 21.03
CA VAL F 587 2.90 -34.01 20.68
C VAL F 587 4.03 -33.83 21.68
N PHE F 588 5.22 -33.49 21.19
CA PHE F 588 6.41 -33.37 22.02
C PHE F 588 7.05 -32.02 21.75
N LEU F 589 6.96 -31.12 22.73
CA LEU F 589 7.53 -29.79 22.63
C LEU F 589 8.87 -29.79 23.36
N ASP F 590 9.96 -29.75 22.60
CA ASP F 590 11.29 -29.85 23.17
C ASP F 590 11.84 -28.47 23.49
N GLU F 591 12.61 -28.40 24.58
CA GLU F 591 13.22 -27.16 25.06
C GLU F 591 12.24 -25.99 24.96
N LEU F 592 11.15 -26.13 25.73
CA LEU F 592 10.15 -25.07 25.79
C LEU F 592 10.73 -23.78 26.33
N ASP F 593 11.74 -23.86 27.18
CA ASP F 593 12.22 -22.66 27.88
C ASP F 593 12.70 -21.60 26.91
N SER F 594 13.04 -21.95 25.68
CA SER F 594 13.47 -20.96 24.70
C SER F 594 12.32 -20.12 24.18
N ILE F 595 11.07 -20.51 24.42
CA ILE F 595 9.91 -19.75 23.99
C ILE F 595 9.08 -19.37 25.21
N ALA F 596 9.17 -20.18 26.26
CA ALA F 596 8.39 -19.97 27.49
C ALA F 596 9.20 -19.28 28.58
N LYS F 597 10.13 -18.43 28.21
CA LYS F 597 10.96 -17.72 29.18
C LYS F 597 10.09 -17.07 30.26
N ASP F 611 3.70 -14.03 26.56
CA ASP F 611 4.24 -14.44 25.26
C ASP F 611 3.11 -14.81 24.31
N ARG F 612 3.18 -14.32 23.08
CA ARG F 612 2.13 -14.58 22.10
C ARG F 612 2.05 -16.07 21.78
N VAL F 613 3.19 -16.71 21.56
CA VAL F 613 3.20 -18.12 21.19
C VAL F 613 2.75 -18.98 22.38
N VAL F 614 3.18 -18.63 23.58
CA VAL F 614 2.73 -19.38 24.76
C VAL F 614 1.22 -19.22 24.94
N ASN F 615 0.71 -18.03 24.65
CA ASN F 615 -0.74 -17.82 24.72
C ASN F 615 -1.46 -18.69 23.71
N GLN F 616 -0.93 -18.78 22.49
CA GLN F 616 -1.54 -19.64 21.48
C GLN F 616 -1.51 -21.10 21.94
N LEU F 617 -0.40 -21.54 22.51
CA LEU F 617 -0.31 -22.91 23.00
C LEU F 617 -1.32 -23.17 24.10
N LEU F 618 -1.48 -22.21 25.03
CA LEU F 618 -2.46 -22.37 26.09
C LEU F 618 -3.87 -22.45 25.53
N THR F 619 -4.19 -21.60 24.56
CA THR F 619 -5.51 -21.65 23.93
C THR F 619 -5.76 -23.02 23.31
N GLU F 620 -4.80 -23.52 22.54
CA GLU F 620 -4.98 -24.81 21.89
C GLU F 620 -5.13 -25.92 22.92
N MET F 621 -4.33 -25.90 23.98
CA MET F 621 -4.40 -26.95 24.99
C MET F 621 -5.74 -26.91 25.71
N ASP F 622 -6.23 -25.72 26.03
CA ASP F 622 -7.54 -25.62 26.67
C ASP F 622 -8.64 -26.13 25.76
N GLY F 623 -8.59 -25.78 24.48
CA GLY F 623 -9.60 -26.22 23.54
C GLY F 623 -9.33 -27.58 22.95
N MET F 624 -9.24 -28.60 23.79
CA MET F 624 -9.02 -29.97 23.35
C MET F 624 -10.12 -30.87 23.91
N ASN F 625 -10.59 -31.79 23.06
CA ASN F 625 -11.59 -32.75 23.50
C ASN F 625 -10.97 -33.71 24.51
N ALA F 626 -11.65 -33.89 25.64
CA ALA F 626 -11.10 -34.74 26.69
C ALA F 626 -10.99 -36.19 26.22
N LYS F 627 -12.02 -36.68 25.52
CA LYS F 627 -12.02 -38.08 25.11
C LYS F 627 -10.87 -38.36 24.14
N LYS F 628 -10.61 -37.44 23.21
CA LYS F 628 -9.54 -37.66 22.23
C LYS F 628 -8.22 -37.92 22.94
N ASN F 629 -7.46 -38.88 22.41
CA ASN F 629 -6.21 -39.30 23.03
C ASN F 629 -5.04 -38.56 22.38
N VAL F 630 -4.94 -37.28 22.72
CA VAL F 630 -3.83 -36.43 22.29
C VAL F 630 -3.11 -35.96 23.56
N PHE F 631 -1.86 -36.38 23.72
CA PHE F 631 -1.07 -36.07 24.91
C PHE F 631 0.07 -35.15 24.52
N VAL F 632 0.24 -34.07 25.28
CA VAL F 632 1.29 -33.09 25.06
C VAL F 632 2.36 -33.31 26.12
N ILE F 633 3.60 -33.51 25.70
CA ILE F 633 4.73 -33.73 26.59
C ILE F 633 5.76 -32.66 26.31
N GLY F 634 6.15 -31.93 27.36
CA GLY F 634 7.12 -30.86 27.25
C GLY F 634 8.45 -31.28 27.83
N ALA F 635 9.53 -30.69 27.30
CA ALA F 635 10.87 -30.93 27.80
C ALA F 635 11.57 -29.59 27.99
N THR F 636 12.41 -29.52 29.01
CA THR F 636 13.13 -28.28 29.29
C THR F 636 14.18 -28.55 30.37
N ASN F 637 15.33 -27.90 30.22
CA ASN F 637 16.39 -27.96 31.22
C ASN F 637 16.26 -26.90 32.31
N ARG F 638 15.32 -25.97 32.16
CA ARG F 638 15.17 -24.84 33.07
C ARG F 638 13.72 -24.77 33.52
N PRO F 639 13.30 -25.64 34.44
CA PRO F 639 11.90 -25.61 34.87
C PRO F 639 11.48 -24.27 35.46
N ASP F 640 12.42 -23.55 36.08
CA ASP F 640 12.09 -22.26 36.68
C ASP F 640 11.66 -21.25 35.63
N GLN F 641 12.34 -21.23 34.48
CA GLN F 641 12.06 -20.23 33.46
C GLN F 641 10.72 -20.47 32.77
N ILE F 642 10.13 -21.65 32.92
CA ILE F 642 8.86 -21.94 32.24
C ILE F 642 7.77 -21.06 32.81
N ASP F 643 6.92 -20.56 31.93
CA ASP F 643 5.80 -19.72 32.37
C ASP F 643 4.89 -20.53 33.28
N PRO F 644 4.54 -20.03 34.47
CA PRO F 644 3.65 -20.79 35.36
C PRO F 644 2.30 -21.08 34.76
N ALA F 645 1.83 -20.26 33.81
CA ALA F 645 0.51 -20.48 33.22
C ALA F 645 0.41 -21.85 32.55
N ILE F 646 1.53 -22.45 32.18
CA ILE F 646 1.50 -23.74 31.52
C ILE F 646 1.39 -24.90 32.50
N LEU F 647 1.70 -24.68 33.77
CA LEU F 647 1.74 -25.74 34.77
C LEU F 647 0.44 -25.88 35.55
N ARG F 648 -0.59 -25.13 35.18
CA ARG F 648 -1.85 -25.21 35.90
C ARG F 648 -2.59 -26.50 35.56
N PRO F 649 -3.53 -26.92 36.40
CA PRO F 649 -4.31 -28.12 36.09
C PRO F 649 -5.06 -27.98 34.77
N GLY F 650 -5.21 -29.10 34.07
CA GLY F 650 -5.71 -29.07 32.72
C GLY F 650 -4.67 -28.73 31.68
N ARG F 651 -3.39 -28.75 32.06
CA ARG F 651 -2.27 -28.39 31.20
C ARG F 651 -1.09 -29.23 31.63
N LEU F 652 0.11 -28.82 31.25
CA LEU F 652 1.30 -29.61 31.59
C LEU F 652 1.54 -29.51 33.09
N ASP F 653 0.68 -30.15 33.87
CA ASP F 653 0.70 -30.02 35.32
C ASP F 653 1.51 -31.09 36.02
N GLN F 654 1.73 -32.23 35.38
CA GLN F 654 2.45 -33.34 35.99
C GLN F 654 3.94 -33.20 35.69
N LEU F 655 4.71 -32.78 36.67
CA LEU F 655 6.15 -32.61 36.53
C LEU F 655 6.88 -33.91 36.83
N ILE F 656 7.91 -34.20 36.04
CA ILE F 656 8.71 -35.40 36.24
C ILE F 656 10.18 -35.03 36.05
N TYR F 657 11.01 -35.50 36.97
CA TYR F 657 12.44 -35.25 36.96
C TYR F 657 13.16 -36.46 36.36
N VAL F 658 14.04 -36.21 35.40
CA VAL F 658 14.78 -37.29 34.74
C VAL F 658 16.23 -37.23 35.21
N PRO F 659 16.65 -38.09 36.14
CA PRO F 659 17.99 -38.00 36.70
C PRO F 659 19.04 -38.62 35.78
N LEU F 660 20.30 -38.40 36.15
CA LEU F 660 21.40 -38.98 35.39
C LEU F 660 21.46 -40.49 35.60
N PRO F 661 21.88 -41.24 34.59
CA PRO F 661 21.92 -42.70 34.72
C PRO F 661 22.94 -43.16 35.75
N ASP F 662 22.66 -44.31 36.35
CA ASP F 662 23.53 -44.91 37.35
C ASP F 662 24.38 -46.00 36.68
N GLU F 663 25.13 -46.74 37.50
CA GLU F 663 26.05 -47.75 36.98
C GLU F 663 25.34 -48.72 36.04
N ASN F 664 24.24 -49.31 36.51
CA ASN F 664 23.51 -50.26 35.66
C ASN F 664 22.98 -49.57 34.41
N ALA F 665 22.44 -48.36 34.56
CA ALA F 665 21.95 -47.62 33.40
C ALA F 665 23.08 -47.30 32.45
N ARG F 666 24.25 -46.91 32.98
CA ARG F 666 25.38 -46.60 32.11
C ARG F 666 25.83 -47.82 31.33
N LEU F 667 25.91 -48.98 32.00
CA LEU F 667 26.30 -50.20 31.31
C LEU F 667 25.28 -50.55 30.23
N SER F 668 23.99 -50.41 30.55
CA SER F 668 22.96 -50.70 29.56
C SER F 668 23.09 -49.78 28.35
N ILE F 669 23.34 -48.49 28.58
CA ILE F 669 23.49 -47.55 27.48
C ILE F 669 24.70 -47.92 26.63
N LEU F 670 25.82 -48.23 27.28
CA LEU F 670 27.02 -48.60 26.54
C LEU F 670 26.77 -49.82 25.68
N ASN F 671 26.12 -50.85 26.24
CA ASN F 671 25.83 -52.05 25.46
C ASN F 671 24.89 -51.74 24.30
N ALA F 672 23.87 -50.90 24.54
CA ALA F 672 22.92 -50.58 23.49
C ALA F 672 23.59 -49.84 22.34
N GLN F 673 24.46 -48.88 22.65
CA GLN F 673 25.09 -48.09 21.61
C GLN F 673 26.13 -48.86 20.81
N LEU F 674 26.52 -50.05 21.26
CA LEU F 674 27.53 -50.85 20.58
C LEU F 674 26.94 -52.06 19.85
N ARG F 675 25.61 -52.13 19.74
CA ARG F 675 24.98 -53.26 19.06
C ARG F 675 25.34 -53.31 17.58
N LYS F 676 25.70 -52.19 16.98
CA LYS F 676 26.01 -52.11 15.55
C LYS F 676 27.45 -51.66 15.34
N THR F 677 28.38 -52.24 16.11
CA THR F 677 29.78 -51.92 16.01
C THR F 677 30.58 -53.14 16.45
N PRO F 678 31.51 -53.62 15.65
CA PRO F 678 32.30 -54.78 16.08
C PRO F 678 33.12 -54.47 17.32
N LEU F 679 33.30 -55.48 18.16
CA LEU F 679 34.03 -55.33 19.41
C LEU F 679 34.98 -56.51 19.60
N GLU F 680 36.05 -56.27 20.33
CA GLU F 680 37.03 -57.30 20.60
C GLU F 680 36.40 -58.39 21.47
N PRO F 681 36.56 -59.67 21.14
CA PRO F 681 36.01 -60.72 21.99
C PRO F 681 36.57 -60.63 23.41
N GLY F 682 35.73 -60.92 24.39
CA GLY F 682 36.14 -60.82 25.77
C GLY F 682 36.25 -59.40 26.29
N LEU F 683 35.59 -58.45 25.65
CA LEU F 683 35.64 -57.05 26.05
C LEU F 683 34.58 -56.79 27.10
N GLU F 684 34.99 -56.18 28.21
CA GLU F 684 34.09 -55.84 29.31
C GLU F 684 34.02 -54.34 29.45
N LEU F 685 32.80 -53.80 29.58
CA LEU F 685 32.57 -52.37 29.77
C LEU F 685 32.24 -52.03 31.21
N THR F 686 32.36 -52.98 32.13
CA THR F 686 32.02 -52.71 33.53
C THR F 686 32.92 -51.63 34.11
N ALA F 687 34.21 -51.65 33.76
CA ALA F 687 35.12 -50.62 34.23
C ALA F 687 34.69 -49.24 33.75
N ILE F 688 34.31 -49.14 32.48
CA ILE F 688 33.84 -47.86 31.95
C ILE F 688 32.58 -47.42 32.66
N ALA F 689 31.65 -48.35 32.88
CA ALA F 689 30.41 -48.00 33.56
C ALA F 689 30.67 -47.49 34.97
N LYS F 690 31.59 -48.14 35.70
CA LYS F 690 31.87 -47.75 37.07
C LYS F 690 32.69 -46.46 37.13
N ALA F 691 33.47 -46.17 36.11
CA ALA F 691 34.40 -45.04 36.13
C ALA F 691 33.81 -43.76 35.58
N THR F 692 32.52 -43.76 35.21
CA THR F 692 31.93 -42.61 34.55
C THR F 692 30.71 -42.09 35.30
N GLN F 693 30.85 -41.93 36.61
CA GLN F 693 29.75 -41.38 37.40
C GLN F 693 29.50 -39.92 37.03
N GLY F 694 28.23 -39.55 36.99
CA GLY F 694 27.86 -38.20 36.62
C GLY F 694 27.84 -37.92 35.14
N PHE F 695 27.94 -38.95 34.30
CA PHE F 695 27.96 -38.80 32.85
C PHE F 695 26.57 -39.11 32.30
N SER F 696 26.01 -38.15 31.55
CA SER F 696 24.74 -38.37 30.87
C SER F 696 24.96 -39.23 29.63
N GLY F 697 23.85 -39.71 29.05
CA GLY F 697 23.94 -40.57 27.89
C GLY F 697 24.72 -39.95 26.75
N ALA F 698 24.67 -38.63 26.61
CA ALA F 698 25.44 -37.97 25.58
C ALA F 698 26.94 -38.17 25.77
N ASP F 699 27.39 -38.13 27.03
CA ASP F 699 28.81 -38.34 27.29
C ASP F 699 29.26 -39.74 26.87
N LEU F 700 28.46 -40.75 27.21
CA LEU F 700 28.83 -42.11 26.81
C LEU F 700 28.78 -42.26 25.30
N LEU F 701 27.81 -41.63 24.65
CA LEU F 701 27.76 -41.63 23.19
C LEU F 701 29.02 -41.03 22.61
N TYR F 702 29.47 -39.91 23.17
CA TYR F 702 30.71 -39.29 22.69
C TYR F 702 31.91 -40.21 22.91
N ILE F 703 31.96 -40.89 24.06
CA ILE F 703 33.08 -41.78 24.34
C ILE F 703 33.14 -42.89 23.30
N VAL F 704 31.99 -43.51 23.02
CA VAL F 704 31.99 -44.61 22.06
C VAL F 704 32.32 -44.10 20.65
N GLN F 705 31.81 -42.93 20.29
CA GLN F 705 32.13 -42.37 18.98
C GLN F 705 33.62 -42.08 18.86
N ARG F 706 34.24 -41.55 19.91
CA ARG F 706 35.67 -41.29 19.88
C ARG F 706 36.48 -42.58 19.77
N ALA F 707 36.06 -43.62 20.49
CA ALA F 707 36.74 -44.91 20.37
C ALA F 707 36.65 -45.43 18.94
N ALA F 708 35.46 -45.33 18.32
CA ALA F 708 35.32 -45.75 16.94
C ALA F 708 36.19 -44.91 16.02
N LYS F 709 36.32 -43.61 16.31
CA LYS F 709 37.15 -42.74 15.49
C LYS F 709 38.61 -43.16 15.57
N TYR F 710 39.10 -43.48 16.76
CA TYR F 710 40.47 -43.98 16.88
C TYR F 710 40.64 -45.28 16.11
N ALA F 711 39.66 -46.18 16.22
CA ALA F 711 39.77 -47.46 15.53
C ALA F 711 39.84 -47.26 14.02
N ILE F 712 38.99 -46.39 13.47
CA ILE F 712 38.99 -46.15 12.03
C ILE F 712 40.29 -45.46 11.61
N LYS F 713 40.81 -44.56 12.44
CA LYS F 713 42.10 -43.94 12.14
C LYS F 713 43.19 -45.00 12.00
N ASP F 714 43.27 -45.91 12.97
CA ASP F 714 44.28 -46.97 12.89
C ASP F 714 44.04 -47.86 11.68
N SER F 715 42.78 -48.16 11.38
CA SER F 715 42.48 -49.01 10.23
C SER F 715 42.94 -48.38 8.93
N ILE F 716 42.66 -47.08 8.76
CA ILE F 716 43.08 -46.41 7.53
C ILE F 716 44.60 -46.30 7.47
N GLU F 717 45.24 -46.04 8.60
CA GLU F 717 46.70 -46.02 8.63
C GLU F 717 47.25 -47.35 8.15
N ALA F 718 46.75 -48.45 8.70
CA ALA F 718 47.24 -49.77 8.30
C ALA F 718 46.98 -50.04 6.83
N HIS F 719 45.78 -49.70 6.35
CA HIS F 719 45.46 -49.96 4.95
C HIS F 719 46.37 -49.17 4.03
N ARG F 720 46.60 -47.89 4.34
CA ARG F 720 47.52 -47.09 3.53
C ARG F 720 48.92 -47.68 3.54
N GLN F 721 49.40 -48.07 4.72
CA GLN F 721 50.69 -48.75 4.83
C GLN F 721 50.66 -50.16 4.23
N HIS F 722 49.48 -50.69 3.96
CA HIS F 722 49.35 -52.03 3.38
C HIS F 722 49.22 -51.95 1.87
N PRO F 752 43.26 -56.36 9.75
CA PRO F 752 44.17 -55.60 10.61
C PRO F 752 43.45 -54.94 11.78
N VAL F 753 42.35 -54.25 11.51
CA VAL F 753 41.55 -53.61 12.54
C VAL F 753 40.08 -53.98 12.29
N PRO F 754 39.66 -55.21 12.61
CA PRO F 754 38.28 -55.63 12.35
C PRO F 754 37.30 -55.31 13.45
N TYR F 755 37.77 -54.86 14.61
CA TYR F 755 36.87 -54.56 15.72
C TYR F 755 37.55 -53.58 16.67
N ILE F 756 36.73 -52.93 17.50
CA ILE F 756 37.27 -52.07 18.54
C ILE F 756 37.95 -52.92 19.60
N THR F 757 38.89 -52.31 20.31
CA THR F 757 39.66 -53.01 21.33
C THR F 757 39.58 -52.24 22.64
N LYS F 758 39.94 -52.93 23.73
CA LYS F 758 39.89 -52.30 25.06
C LYS F 758 40.84 -51.12 25.15
N GLU F 759 42.02 -51.25 24.56
CA GLU F 759 42.98 -50.13 24.57
C GLU F 759 42.39 -48.92 23.85
N HIS F 760 41.65 -49.15 22.77
CA HIS F 760 40.99 -48.04 22.08
C HIS F 760 40.02 -47.33 23.01
N PHE F 761 39.23 -48.09 23.77
CA PHE F 761 38.29 -47.46 24.70
C PHE F 761 39.01 -46.69 25.79
N ALA F 762 40.10 -47.25 26.31
CA ALA F 762 40.87 -46.55 27.32
C ALA F 762 41.41 -45.23 26.77
N GLU F 763 41.97 -45.26 25.56
CA GLU F 763 42.48 -44.04 24.95
C GLU F 763 41.36 -43.03 24.74
N ALA F 764 40.21 -43.49 24.26
CA ALA F 764 39.09 -42.57 24.02
C ALA F 764 38.62 -41.93 25.31
N MET F 765 38.51 -42.71 26.39
CA MET F 765 38.03 -42.16 27.65
C MET F 765 39.08 -41.37 28.40
N LYS F 766 40.36 -41.47 27.98
CA LYS F 766 41.38 -40.63 28.59
C LYS F 766 41.08 -39.14 28.44
N THR F 767 40.27 -38.77 27.45
CA THR F 767 39.95 -37.38 27.18
C THR F 767 38.44 -37.14 27.21
N ALA F 768 37.74 -37.85 28.10
CA ALA F 768 36.31 -37.66 28.27
C ALA F 768 36.04 -36.62 29.35
N LYS F 769 34.85 -36.02 29.29
CA LYS F 769 34.47 -34.95 30.19
C LYS F 769 33.05 -35.16 30.68
N ARG F 770 32.77 -34.58 31.84
CA ARG F 770 31.42 -34.57 32.40
C ARG F 770 30.70 -33.33 31.89
N SER F 771 29.62 -33.54 31.13
CA SER F 771 28.92 -32.41 30.51
C SER F 771 28.23 -31.53 31.54
N VAL F 772 27.70 -32.12 32.61
CA VAL F 772 26.93 -31.39 33.61
C VAL F 772 27.87 -31.02 34.74
N SER F 773 28.11 -29.72 34.91
CA SER F 773 28.93 -29.26 36.03
C SER F 773 28.20 -29.50 37.35
N ASP F 774 28.98 -29.68 38.42
CA ASP F 774 28.40 -30.03 39.70
C ASP F 774 27.39 -28.98 40.16
N ALA F 775 27.59 -27.71 39.79
CA ALA F 775 26.66 -26.67 40.17
C ALA F 775 25.27 -26.95 39.59
N GLU F 776 25.22 -27.34 38.31
CA GLU F 776 23.93 -27.64 37.69
C GLU F 776 23.26 -28.82 38.37
N LEU F 777 24.03 -29.85 38.70
CA LEU F 777 23.46 -31.02 39.38
C LEU F 777 22.90 -30.63 40.74
N ARG F 778 23.63 -29.79 41.48
CA ARG F 778 23.13 -29.31 42.76
C ARG F 778 21.84 -28.53 42.57
N ARG F 779 21.79 -27.68 41.54
CA ARG F 779 20.59 -26.89 41.27
C ARG F 779 19.40 -27.80 40.99
N TYR F 780 19.59 -28.80 40.14
CA TYR F 780 18.48 -29.71 39.81
C TYR F 780 18.05 -30.50 41.04
N GLU F 781 19.00 -30.99 41.84
CA GLU F 781 18.64 -31.70 43.05
C GLU F 781 17.85 -30.82 44.00
N ALA F 782 18.28 -29.57 44.16
CA ALA F 782 17.58 -28.64 45.05
C ALA F 782 16.16 -28.39 44.55
N TYR F 783 16.00 -28.19 43.23
CA TYR F 783 14.66 -27.95 42.71
C TYR F 783 13.78 -29.17 42.89
N SER F 784 14.31 -30.38 42.66
CA SER F 784 13.52 -31.58 42.84
C SER F 784 13.10 -31.75 44.29
N GLN F 785 14.02 -31.51 45.23
CA GLN F 785 13.68 -31.63 46.64
C GLN F 785 12.65 -30.57 47.04
N GLN F 786 12.77 -29.36 46.52
CA GLN F 786 11.79 -28.32 46.80
C GLN F 786 10.41 -28.73 46.28
N MET F 787 10.35 -29.25 45.06
CA MET F 787 9.08 -29.65 44.48
C MET F 787 8.46 -30.79 45.28
N LYS F 788 9.28 -31.74 45.72
CA LYS F 788 8.78 -32.82 46.57
C LYS F 788 8.23 -32.26 47.87
N ALA F 789 8.95 -31.34 48.50
CA ALA F 789 8.50 -30.77 49.76
C ALA F 789 7.18 -30.01 49.59
N SER F 790 7.06 -29.24 48.52
CA SER F 790 5.87 -28.45 48.28
C SER F 790 4.62 -29.33 48.27
N ARG G 110 -15.98 35.20 -24.97
CA ARG G 110 -15.71 33.78 -25.03
C ARG G 110 -16.03 33.20 -26.41
N TYR G 111 -15.02 32.63 -27.06
CA TYR G 111 -15.22 32.05 -28.38
C TYR G 111 -16.17 30.87 -28.29
N GLY G 112 -16.95 30.69 -29.36
CA GLY G 112 -17.90 29.62 -29.44
C GLY G 112 -17.88 28.96 -30.81
N PRO G 113 -18.98 28.34 -31.21
CA PRO G 113 -19.03 27.73 -32.55
C PRO G 113 -18.78 28.78 -33.63
N LEU G 114 -18.07 28.37 -34.67
CA LEU G 114 -17.71 29.29 -35.74
C LEU G 114 -18.95 29.63 -36.58
N ARG G 115 -18.82 30.71 -37.35
CA ARG G 115 -19.90 31.18 -38.20
C ARG G 115 -19.78 30.47 -39.55
N ILE G 116 -20.58 29.42 -39.74
CA ILE G 116 -20.56 28.65 -40.98
C ILE G 116 -21.97 28.14 -41.24
N LYS G 117 -22.41 28.26 -42.49
CA LYS G 117 -23.75 27.87 -42.87
C LYS G 117 -23.84 26.36 -42.99
N GLU G 118 -24.85 25.77 -42.35
CA GLU G 118 -25.11 24.35 -42.42
C GLU G 118 -26.56 24.13 -42.82
N LEU G 119 -26.88 22.90 -43.22
CA LEU G 119 -28.20 22.56 -43.75
C LEU G 119 -29.30 23.01 -42.82
N ALA G 120 -30.50 23.24 -43.38
CA ALA G 120 -31.63 23.64 -42.55
C ALA G 120 -32.00 22.53 -41.56
N VAL G 121 -31.88 21.28 -41.99
CA VAL G 121 -32.20 20.16 -41.11
C VAL G 121 -31.31 20.17 -39.89
N ASP G 122 -30.01 20.41 -40.08
CA ASP G 122 -29.10 20.46 -38.94
C ASP G 122 -29.48 21.57 -37.98
N GLU G 123 -29.83 22.74 -38.50
CA GLU G 123 -30.21 23.85 -37.63
C GLU G 123 -31.45 23.51 -36.82
N GLU G 124 -32.50 23.03 -37.50
CA GLU G 124 -33.75 22.76 -36.79
C GLU G 124 -33.59 21.61 -35.79
N LEU G 125 -32.73 20.64 -36.08
CA LEU G 125 -32.41 19.63 -35.09
C LEU G 125 -31.67 20.23 -33.90
N GLU G 126 -30.74 21.15 -34.16
CA GLU G 126 -29.99 21.77 -33.08
C GLU G 126 -30.89 22.60 -32.18
N LYS G 127 -31.94 23.20 -32.74
CA LYS G 127 -32.85 23.99 -31.92
C LYS G 127 -33.53 23.14 -30.85
N GLU G 128 -33.96 21.94 -31.22
CA GLU G 128 -34.70 21.10 -30.29
C GLU G 128 -33.81 20.59 -29.17
N ASP G 129 -34.45 20.10 -28.11
CA ASP G 129 -33.76 19.52 -26.96
C ASP G 129 -33.83 18.00 -26.93
N GLY G 130 -34.96 17.42 -27.33
CA GLY G 130 -35.07 15.98 -27.46
C GLY G 130 -35.27 15.21 -26.19
N LEU G 131 -35.48 15.89 -25.06
CA LEU G 131 -35.64 15.19 -23.79
C LEU G 131 -36.88 14.32 -23.82
N ILE G 132 -36.80 13.17 -23.16
CA ILE G 132 -37.91 12.21 -23.10
C ILE G 132 -38.49 12.26 -21.69
N PRO G 133 -39.65 12.86 -21.47
CA PRO G 133 -40.18 12.94 -20.11
C PRO G 133 -40.60 11.57 -19.59
N ARG G 134 -40.55 11.42 -18.27
CA ARG G 134 -40.98 10.22 -17.59
C ARG G 134 -41.97 10.58 -16.50
N GLN G 135 -42.96 9.72 -16.29
CA GLN G 135 -43.97 9.94 -15.28
C GLN G 135 -43.50 9.42 -13.92
N LYS G 136 -44.24 9.77 -12.88
CA LYS G 136 -43.89 9.37 -11.52
C LYS G 136 -43.73 7.86 -11.43
N SER G 137 -42.52 7.41 -11.18
CA SER G 137 -42.27 6.00 -10.94
C SER G 137 -42.85 5.59 -9.58
N LYS G 138 -43.20 4.30 -9.47
CA LYS G 138 -43.67 3.79 -8.18
C LYS G 138 -42.56 3.69 -7.16
N LEU G 139 -41.30 3.88 -7.57
CA LEU G 139 -40.18 3.88 -6.65
C LEU G 139 -39.79 5.28 -6.18
N CYS G 140 -40.56 6.30 -6.55
CA CYS G 140 -40.26 7.67 -6.11
C CYS G 140 -40.68 7.87 -4.66
N LYS G 141 -39.85 8.58 -3.91
CA LYS G 141 -40.16 8.98 -2.54
C LYS G 141 -40.04 10.50 -2.46
N HIS G 142 -41.11 11.19 -2.84
CA HIS G 142 -41.15 12.64 -2.80
C HIS G 142 -42.52 13.11 -3.25
N GLY G 143 -42.87 14.33 -2.86
CA GLY G 143 -44.17 14.87 -3.16
C GLY G 143 -44.40 15.09 -4.65
N ASP G 144 -45.37 15.94 -4.97
CA ASP G 144 -45.67 16.21 -6.38
C ASP G 144 -44.56 17.03 -7.03
N ARG G 145 -44.10 18.09 -6.36
CA ARG G 145 -43.03 18.92 -6.89
C ARG G 145 -41.69 18.35 -6.45
N GLY G 146 -40.80 18.15 -7.41
CA GLY G 146 -39.53 17.50 -7.18
C GLY G 146 -39.40 16.21 -7.97
N MET G 147 -38.17 15.72 -8.03
CA MET G 147 -37.88 14.54 -8.83
C MET G 147 -36.52 14.00 -8.44
N CYS G 148 -36.42 12.69 -8.21
CA CYS G 148 -35.21 12.16 -7.60
C CYS G 148 -34.17 11.59 -8.57
N GLU G 149 -34.43 10.41 -9.13
CA GLU G 149 -33.53 9.85 -10.13
C GLU G 149 -34.29 9.05 -11.18
N TYR G 150 -35.47 8.55 -10.81
CA TYR G 150 -36.27 7.70 -11.68
C TYR G 150 -37.34 8.46 -12.42
N CYS G 151 -37.52 9.75 -12.13
CA CYS G 151 -38.53 10.58 -12.78
C CYS G 151 -37.93 11.69 -13.61
N SER G 152 -36.62 11.88 -13.56
CA SER G 152 -36.00 12.96 -14.31
C SER G 152 -36.11 12.68 -15.81
N PRO G 153 -36.20 13.72 -16.63
CA PRO G 153 -36.31 13.49 -18.07
C PRO G 153 -35.14 12.68 -18.59
N LEU G 154 -35.44 11.80 -19.52
CA LEU G 154 -34.43 10.90 -20.07
C LEU G 154 -33.68 11.60 -21.20
N PRO G 155 -32.35 11.69 -21.16
CA PRO G 155 -31.64 12.35 -22.23
C PRO G 155 -31.87 11.65 -23.55
N PRO G 156 -31.81 12.39 -24.66
CA PRO G 156 -32.10 11.76 -25.96
C PRO G 156 -31.12 10.66 -26.33
N TRP G 157 -29.95 10.62 -25.70
CA TRP G 157 -28.93 9.62 -26.00
C TRP G 157 -28.94 8.45 -25.01
N ASP G 158 -29.97 8.33 -24.19
CA ASP G 158 -30.00 7.28 -23.17
C ASP G 158 -29.90 5.91 -23.82
N LYS G 159 -28.85 5.18 -23.49
CA LYS G 159 -28.63 3.87 -24.13
C LYS G 159 -29.73 2.89 -23.77
N GLU G 160 -30.21 2.92 -22.52
CA GLU G 160 -31.24 1.98 -22.11
C GLU G 160 -32.51 2.16 -22.94
N TYR G 161 -32.89 3.41 -23.23
CA TYR G 161 -34.06 3.64 -24.06
C TYR G 161 -33.88 3.04 -25.45
N HIS G 162 -32.72 3.24 -26.05
CA HIS G 162 -32.49 2.71 -27.40
C HIS G 162 -32.52 1.18 -27.39
N GLU G 163 -31.75 0.55 -26.51
CA GLU G 163 -31.71 -0.91 -26.50
C GLU G 163 -33.07 -1.50 -26.13
N LYS G 164 -33.87 -0.76 -25.38
CA LYS G 164 -35.22 -1.22 -25.06
C LYS G 164 -36.14 -1.08 -26.28
N ASN G 165 -35.94 -0.07 -27.10
CA ASN G 165 -36.74 0.14 -28.30
C ASN G 165 -36.13 -0.49 -29.54
N LYS G 166 -35.03 -1.22 -29.41
CA LYS G 166 -34.39 -1.89 -30.54
C LYS G 166 -33.87 -0.89 -31.56
N ILE G 167 -33.04 0.04 -31.08
CA ILE G 167 -32.34 1.00 -31.93
C ILE G 167 -30.85 0.78 -31.72
N LYS G 168 -30.12 0.60 -32.82
CA LYS G 168 -28.73 0.17 -32.74
C LYS G 168 -27.73 1.33 -32.73
N HIS G 169 -28.19 2.56 -32.93
CA HIS G 169 -27.29 3.71 -32.92
C HIS G 169 -28.07 4.93 -32.45
N ILE G 170 -27.34 6.00 -32.16
CA ILE G 170 -27.90 7.08 -31.34
C ILE G 170 -28.06 8.39 -32.08
N SER G 171 -28.36 8.36 -33.38
CA SER G 171 -28.92 9.56 -34.00
C SER G 171 -28.00 10.76 -33.86
N PHE G 172 -26.94 10.81 -34.67
CA PHE G 172 -25.77 11.64 -34.43
C PHE G 172 -26.02 12.93 -33.68
N HIS G 173 -27.07 13.67 -34.02
CA HIS G 173 -27.32 14.93 -33.30
C HIS G 173 -27.41 14.70 -31.80
N SER G 174 -27.99 13.58 -31.37
CA SER G 174 -28.02 13.27 -29.95
C SER G 174 -26.62 13.00 -29.41
N TYR G 175 -25.75 12.42 -30.22
CA TYR G 175 -24.35 12.25 -29.82
C TYR G 175 -23.69 13.60 -29.59
N LEU G 176 -23.95 14.56 -30.47
CA LEU G 176 -23.44 15.91 -30.28
C LEU G 176 -24.00 16.53 -29.01
N LYS G 177 -25.29 16.31 -28.74
CA LYS G 177 -25.89 16.81 -27.50
C LYS G 177 -25.19 16.22 -26.29
N LYS G 178 -24.91 14.92 -26.32
CA LYS G 178 -24.23 14.28 -25.19
C LYS G 178 -22.84 14.86 -24.99
N LEU G 179 -22.10 15.07 -26.08
CA LEU G 179 -20.77 15.65 -25.94
C LEU G 179 -20.85 17.05 -25.36
N ASN G 180 -21.77 17.88 -25.85
CA ASN G 180 -21.91 19.23 -25.33
C ASN G 180 -22.27 19.21 -23.85
N GLU G 181 -23.18 18.33 -23.45
CA GLU G 181 -23.54 18.24 -22.04
C GLU G 181 -22.34 17.82 -21.20
N ASN G 182 -21.58 16.84 -21.66
CA ASN G 182 -20.45 16.34 -20.87
C ASN G 182 -19.37 17.40 -20.72
N ALA G 183 -19.08 18.15 -21.77
CA ALA G 183 -17.94 19.07 -21.77
C ALA G 183 -18.45 20.50 -21.91
N ASN G 184 -17.52 21.45 -22.01
CA ASN G 184 -17.82 22.84 -22.29
C ASN G 184 -18.76 23.44 -21.23
N LYS G 185 -18.24 23.58 -20.02
CA LYS G 185 -18.96 24.31 -18.99
C LYS G 185 -19.17 25.76 -19.43
N LYS G 186 -20.30 26.33 -19.04
CA LYS G 186 -20.62 27.71 -19.37
C LYS G 186 -20.07 28.66 -18.32
N GLU G 187 -19.69 29.85 -18.77
CA GLU G 187 -19.28 31.00 -17.98
C GLU G 187 -17.87 30.86 -17.41
N ASN G 188 -17.23 29.68 -17.53
CA ASN G 188 -15.86 29.52 -17.08
C ASN G 188 -15.40 28.09 -17.35
N GLY G 189 -14.14 27.79 -16.99
CA GLY G 189 -13.61 26.45 -17.11
C GLY G 189 -13.01 26.12 -18.46
N SER G 190 -13.07 27.03 -19.43
CA SER G 190 -12.55 26.75 -20.76
C SER G 190 -12.66 27.96 -21.67
N SER G 191 -12.21 27.81 -22.92
CA SER G 191 -12.52 28.74 -23.98
C SER G 191 -13.09 27.99 -25.18
N TYR G 192 -14.01 27.07 -24.89
CA TYR G 192 -14.76 26.33 -25.91
C TYR G 192 -13.83 25.50 -26.81
N ILE G 193 -13.25 24.48 -26.18
CA ILE G 193 -12.62 23.40 -26.95
C ILE G 193 -13.67 22.82 -27.89
N SER G 194 -13.35 22.76 -29.18
CA SER G 194 -14.30 22.21 -30.13
C SER G 194 -14.52 20.72 -29.83
N PRO G 195 -15.77 20.28 -29.73
CA PRO G 195 -16.02 18.91 -29.27
C PRO G 195 -15.78 17.85 -30.33
N LEU G 196 -16.06 18.17 -31.59
CA LEU G 196 -15.96 17.21 -32.69
C LEU G 196 -14.65 17.44 -33.44
N SER G 197 -13.95 16.36 -33.73
CA SER G 197 -12.71 16.42 -34.51
C SER G 197 -12.53 15.09 -35.21
N GLU G 198 -12.55 15.11 -36.54
CA GLU G 198 -12.48 13.87 -37.30
C GLU G 198 -11.09 13.25 -37.16
N PRO G 199 -10.99 11.92 -37.11
CA PRO G 199 -9.67 11.30 -36.97
C PRO G 199 -8.77 11.60 -38.16
N ASP G 200 -7.47 11.63 -37.90
CA ASP G 200 -6.47 11.83 -38.95
C ASP G 200 -5.24 11.02 -38.59
N PHE G 201 -4.89 10.07 -39.46
CA PHE G 201 -3.79 9.15 -39.19
C PHE G 201 -2.52 9.46 -39.97
N ARG G 202 -2.55 10.41 -40.90
CA ARG G 202 -1.36 10.73 -41.67
C ARG G 202 -0.27 11.27 -40.76
N ILE G 203 0.99 10.94 -41.09
CA ILE G 203 2.11 11.36 -40.27
C ILE G 203 2.36 12.86 -40.45
N ASN G 204 2.90 13.48 -39.41
CA ASN G 204 3.18 14.92 -39.42
C ASN G 204 4.46 15.17 -40.19
N LYS G 205 4.34 15.49 -41.47
CA LYS G 205 5.50 15.61 -42.33
C LYS G 205 6.43 16.73 -41.90
N ARG G 206 5.97 17.66 -41.07
CA ARG G 206 6.77 18.80 -40.62
C ARG G 206 6.70 18.85 -39.09
N CYS G 207 7.57 18.10 -38.44
CA CYS G 207 7.71 18.15 -36.99
C CYS G 207 8.89 19.01 -36.57
N HIS G 208 10.05 18.79 -37.18
CA HIS G 208 11.25 19.58 -36.93
C HIS G 208 11.40 19.91 -35.44
N ASN G 209 11.22 18.87 -34.63
CA ASN G 209 11.49 18.96 -33.19
C ASN G 209 12.95 18.73 -32.88
N GLY G 210 13.83 19.02 -33.84
CA GLY G 210 15.23 18.67 -33.77
C GLY G 210 15.64 17.57 -34.72
N HIS G 211 14.81 17.24 -35.71
CA HIS G 211 15.08 16.17 -36.64
C HIS G 211 14.47 16.53 -37.99
N GLU G 212 15.01 15.92 -39.05
CA GLU G 212 14.53 16.15 -40.39
C GLU G 212 13.17 15.49 -40.56
N PRO G 213 12.54 15.59 -41.73
CA PRO G 213 11.20 15.00 -41.88
C PRO G 213 11.21 13.49 -41.70
N TRP G 214 10.03 12.88 -41.79
CA TRP G 214 9.87 11.46 -41.45
C TRP G 214 10.84 10.54 -42.19
N PRO G 215 11.07 10.69 -43.50
CA PRO G 215 11.89 9.68 -44.19
C PRO G 215 13.26 9.45 -43.59
N ARG G 216 13.87 10.46 -42.99
CA ARG G 216 15.21 10.33 -42.42
C ARG G 216 15.26 10.87 -41.00
N GLY G 217 14.28 10.50 -40.20
CA GLY G 217 14.25 10.85 -38.79
C GLY G 217 12.82 10.98 -38.32
N ILE G 218 12.61 10.62 -37.07
CA ILE G 218 11.27 10.66 -36.49
C ILE G 218 11.39 10.59 -34.98
N CYS G 219 10.49 11.28 -34.27
CA CYS G 219 10.49 11.31 -32.81
C CYS G 219 9.20 10.71 -32.29
N SER G 220 9.08 10.62 -30.97
CA SER G 220 7.87 10.06 -30.37
C SER G 220 6.69 11.01 -30.47
N LYS G 221 6.91 12.26 -30.89
CA LYS G 221 5.83 13.24 -31.00
C LYS G 221 5.12 13.20 -32.33
N CYS G 222 5.84 12.90 -33.41
CA CYS G 222 5.26 12.84 -34.75
C CYS G 222 5.16 11.41 -35.27
N GLN G 223 4.96 10.46 -34.36
CA GLN G 223 4.80 9.06 -34.73
C GLN G 223 3.35 8.65 -34.55
N PRO G 224 2.63 8.28 -35.60
CA PRO G 224 1.23 7.87 -35.42
C PRO G 224 1.10 6.78 -34.36
N SER G 225 0.19 6.99 -33.43
CA SER G 225 -0.02 6.02 -32.37
C SER G 225 -0.83 4.84 -32.86
N ALA G 226 -0.80 3.75 -32.09
CA ALA G 226 -1.52 2.55 -32.47
C ALA G 226 -3.00 2.85 -32.63
N ILE G 227 -3.60 2.29 -33.68
CA ILE G 227 -5.00 2.53 -34.01
C ILE G 227 -5.84 1.41 -33.44
N THR G 228 -6.93 1.76 -32.77
CA THR G 228 -7.82 0.78 -32.14
C THR G 228 -9.18 0.87 -32.82
N LEU G 229 -9.45 -0.06 -33.73
CA LEU G 229 -10.76 -0.12 -34.36
C LEU G 229 -11.83 -0.54 -33.36
N GLN G 230 -13.03 -0.02 -33.55
CA GLN G 230 -14.12 -0.26 -32.62
C GLN G 230 -15.41 0.21 -33.28
N GLN G 231 -16.47 -0.59 -33.14
CA GLN G 231 -17.71 -0.29 -33.83
C GLN G 231 -18.24 1.08 -33.41
N GLN G 232 -18.62 1.88 -34.41
CA GLN G 232 -19.12 3.22 -34.13
C GLN G 232 -20.46 3.15 -33.43
N GLU G 233 -20.70 4.09 -32.51
CA GLU G 233 -21.88 4.07 -31.66
C GLU G 233 -22.96 5.04 -32.10
N PHE G 234 -22.74 5.79 -33.19
CA PHE G 234 -23.73 6.72 -33.69
C PHE G 234 -23.72 6.65 -35.23
N ARG G 235 -24.84 7.05 -35.82
CA ARG G 235 -24.96 7.09 -37.27
C ARG G 235 -25.49 8.46 -37.70
N MET G 236 -24.90 9.01 -38.75
CA MET G 236 -25.29 10.33 -39.22
C MET G 236 -26.75 10.34 -39.69
N VAL G 237 -27.04 9.58 -40.74
CA VAL G 237 -28.39 9.45 -41.29
C VAL G 237 -29.03 8.21 -40.71
N ASP G 238 -30.23 8.35 -40.16
CA ASP G 238 -30.90 7.26 -39.47
C ASP G 238 -31.86 6.48 -40.35
N HIS G 239 -32.41 7.09 -41.38
CA HIS G 239 -33.39 6.42 -42.22
C HIS G 239 -33.17 6.81 -43.68
N VAL G 240 -33.56 5.93 -44.59
CA VAL G 240 -33.54 6.22 -46.02
C VAL G 240 -34.89 5.83 -46.59
N GLU G 241 -35.57 6.78 -47.22
CA GLU G 241 -36.95 6.60 -47.66
C GLU G 241 -37.07 6.86 -49.14
N PHE G 242 -37.65 5.89 -49.86
CA PHE G 242 -37.89 5.99 -51.30
C PHE G 242 -39.32 6.47 -51.53
N GLN G 243 -39.47 7.58 -52.25
CA GLN G 243 -40.79 8.16 -52.40
C GLN G 243 -41.77 7.20 -53.04
N LYS G 244 -41.33 6.47 -54.06
CA LYS G 244 -42.19 5.54 -54.78
C LYS G 244 -41.45 4.23 -55.01
N SER G 245 -42.23 3.17 -55.22
CA SER G 245 -41.65 1.87 -55.53
C SER G 245 -41.04 1.84 -56.93
N GLU G 246 -41.53 2.70 -57.84
CA GLU G 246 -41.04 2.66 -59.21
C GLU G 246 -39.56 3.00 -59.29
N ILE G 247 -39.07 3.83 -58.38
CA ILE G 247 -37.67 4.27 -58.45
C ILE G 247 -36.74 3.07 -58.42
N ILE G 248 -36.97 2.13 -57.52
CA ILE G 248 -36.15 0.93 -57.46
C ILE G 248 -36.69 -0.17 -58.37
N ASN G 249 -37.98 -0.16 -58.70
CA ASN G 249 -38.49 -1.16 -59.62
C ASN G 249 -37.83 -1.03 -60.99
N GLU G 250 -37.63 0.19 -61.47
CA GLU G 250 -36.94 0.39 -62.74
C GLU G 250 -35.47 -0.01 -62.63
N PHE G 251 -34.84 0.35 -61.51
CA PHE G 251 -33.45 -0.01 -61.30
C PHE G 251 -33.26 -1.52 -61.36
N ILE G 252 -34.19 -2.29 -60.78
CA ILE G 252 -34.09 -3.73 -60.81
C ILE G 252 -34.55 -4.28 -62.16
N GLN G 253 -35.46 -3.58 -62.85
CA GLN G 253 -35.84 -3.99 -64.19
C GLN G 253 -34.64 -3.97 -65.12
N ALA G 254 -33.71 -3.05 -64.88
CA ALA G 254 -32.46 -3.06 -65.64
C ALA G 254 -31.79 -4.44 -65.58
N TRP G 255 -31.58 -4.95 -64.37
CA TRP G 255 -30.97 -6.26 -64.20
C TRP G 255 -31.86 -7.36 -64.77
N ARG G 256 -33.18 -7.28 -64.53
CA ARG G 256 -34.07 -8.29 -65.04
C ARG G 256 -33.92 -8.46 -66.55
N TYR G 257 -33.88 -7.34 -67.27
CA TYR G 257 -33.78 -7.42 -68.72
C TYR G 257 -32.39 -7.81 -69.18
N THR G 258 -31.34 -7.22 -68.59
CA THR G 258 -30.00 -7.40 -69.13
C THR G 258 -29.27 -8.60 -68.53
N GLY G 259 -29.45 -8.86 -67.23
CA GLY G 259 -28.75 -9.92 -66.55
C GLY G 259 -27.47 -9.50 -65.86
N MET G 260 -26.90 -8.36 -66.25
CA MET G 260 -25.72 -7.83 -65.58
C MET G 260 -26.15 -7.03 -64.34
N GLN G 261 -25.17 -6.65 -63.54
CA GLN G 261 -25.42 -5.82 -62.36
C GLN G 261 -25.62 -4.37 -62.80
N ARG G 262 -25.88 -3.50 -61.82
CA ARG G 262 -26.10 -2.08 -62.10
C ARG G 262 -25.49 -1.24 -60.99
N PHE G 263 -25.49 0.07 -61.19
CA PHE G 263 -24.92 1.02 -60.25
C PHE G 263 -25.41 2.43 -60.58
N GLY G 264 -25.90 3.16 -59.61
CA GLY G 264 -26.42 4.49 -59.88
C GLY G 264 -26.45 5.34 -58.63
N TYR G 265 -26.30 6.65 -58.83
CA TYR G 265 -26.42 7.61 -57.74
C TYR G 265 -27.89 7.98 -57.53
N MET G 266 -28.23 8.23 -56.28
CA MET G 266 -29.61 8.54 -55.89
C MET G 266 -29.67 9.96 -55.39
N TYR G 267 -30.55 10.76 -55.99
CA TYR G 267 -30.69 12.17 -55.65
C TYR G 267 -31.89 12.38 -54.73
N GLY G 268 -31.82 13.43 -53.92
CA GLY G 268 -32.88 13.67 -52.95
C GLY G 268 -32.49 14.76 -51.98
N SER G 269 -33.06 14.67 -50.78
CA SER G 269 -32.81 15.67 -49.74
C SER G 269 -33.07 15.07 -48.38
N TYR G 270 -32.52 15.71 -47.35
CA TYR G 270 -32.65 15.24 -45.98
C TYR G 270 -33.78 15.95 -45.26
N SER G 271 -34.29 15.31 -44.21
CA SER G 271 -35.35 15.90 -43.41
C SER G 271 -35.40 15.18 -42.07
N LYS G 272 -36.31 15.63 -41.20
CA LYS G 272 -36.41 15.10 -39.86
C LYS G 272 -37.06 13.72 -39.85
N TYR G 273 -36.88 13.01 -38.74
CA TYR G 273 -37.38 11.64 -38.60
C TYR G 273 -37.77 11.45 -37.14
N ASP G 274 -39.08 11.50 -36.86
CA ASP G 274 -39.56 11.49 -35.49
C ASP G 274 -39.49 10.12 -34.84
N ASN G 275 -39.42 9.04 -35.62
CA ASN G 275 -39.43 7.70 -35.05
C ASN G 275 -38.17 7.39 -34.23
N THR G 276 -37.15 8.23 -34.31
CA THR G 276 -35.94 8.09 -33.52
C THR G 276 -35.61 9.42 -32.88
N PRO G 277 -35.03 9.42 -31.67
CA PRO G 277 -34.68 10.70 -31.05
C PRO G 277 -33.73 11.53 -31.88
N LEU G 278 -34.20 12.67 -32.37
CA LEU G 278 -33.37 13.57 -33.16
C LEU G 278 -32.75 12.85 -34.35
N GLY G 279 -33.59 12.12 -35.09
CA GLY G 279 -33.15 11.34 -36.22
C GLY G 279 -33.35 12.05 -37.55
N ILE G 280 -32.57 11.63 -38.54
CA ILE G 280 -32.60 12.20 -39.87
C ILE G 280 -32.94 11.12 -40.87
N LYS G 281 -33.76 11.47 -41.86
CA LYS G 281 -34.10 10.57 -42.96
C LYS G 281 -33.73 11.24 -44.27
N ALA G 282 -33.06 10.48 -45.14
CA ALA G 282 -32.76 10.92 -46.50
C ALA G 282 -33.86 10.42 -47.41
N VAL G 283 -34.62 11.35 -47.98
CA VAL G 283 -35.68 11.02 -48.93
C VAL G 283 -35.11 11.10 -50.33
N VAL G 284 -35.24 10.02 -51.09
CA VAL G 284 -34.67 9.93 -52.43
C VAL G 284 -35.79 10.06 -53.45
N GLU G 285 -35.61 10.97 -54.41
CA GLU G 285 -36.61 11.30 -55.41
C GLU G 285 -36.35 10.63 -56.75
N ALA G 286 -35.08 10.54 -57.17
CA ALA G 286 -34.74 9.95 -58.46
C ALA G 286 -33.34 9.37 -58.39
N ILE G 287 -33.04 8.50 -59.36
CA ILE G 287 -31.76 7.81 -59.43
C ILE G 287 -31.15 8.08 -60.81
N TYR G 288 -29.86 8.39 -60.83
CA TYR G 288 -29.11 8.64 -62.05
C TYR G 288 -28.03 7.58 -62.19
N GLU G 289 -27.95 6.98 -63.36
CA GLU G 289 -27.01 5.89 -63.63
C GLU G 289 -25.88 6.38 -64.52
N PRO G 290 -24.64 6.44 -64.06
CA PRO G 290 -23.56 6.93 -64.92
C PRO G 290 -23.19 5.90 -65.97
N PRO G 291 -22.35 6.27 -66.94
CA PRO G 291 -21.91 5.28 -67.93
C PRO G 291 -20.97 4.26 -67.31
N GLN G 292 -21.42 3.02 -67.17
CA GLN G 292 -20.62 1.97 -66.55
C GLN G 292 -20.77 0.69 -67.36
N HIS G 293 -19.74 -0.15 -67.29
CA HIS G 293 -19.70 -1.42 -68.03
C HIS G 293 -19.97 -2.54 -67.03
N ASP G 294 -21.25 -2.84 -66.82
CA ASP G 294 -21.63 -3.91 -65.91
C ASP G 294 -21.28 -5.27 -66.51
N GLU G 295 -21.02 -6.24 -65.64
CA GLU G 295 -20.57 -7.55 -66.05
C GLU G 295 -21.24 -8.60 -65.18
N GLN G 296 -21.08 -9.86 -65.58
CA GLN G 296 -21.81 -10.95 -64.92
C GLN G 296 -21.52 -11.00 -63.43
N ASP G 297 -20.24 -10.93 -63.05
CA ASP G 297 -19.83 -11.02 -61.66
C ASP G 297 -19.47 -9.68 -61.04
N GLY G 298 -19.63 -8.59 -61.78
CA GLY G 298 -19.24 -7.30 -61.26
C GLY G 298 -19.48 -6.22 -62.29
N LEU G 299 -19.02 -5.01 -61.97
CA LEU G 299 -19.18 -3.87 -62.84
C LEU G 299 -17.94 -3.00 -62.77
N THR G 300 -17.72 -2.23 -63.83
CA THR G 300 -16.58 -1.34 -63.92
C THR G 300 -17.05 -0.01 -64.50
N MET G 301 -16.34 1.07 -64.15
CA MET G 301 -16.73 2.39 -64.62
C MET G 301 -15.52 3.31 -64.55
N ASP G 302 -15.26 4.02 -65.64
CA ASP G 302 -14.18 4.99 -65.66
C ASP G 302 -14.48 6.10 -64.65
N VAL G 303 -13.51 6.39 -63.79
CA VAL G 303 -13.72 7.39 -62.75
C VAL G 303 -13.79 8.79 -63.36
N GLU G 304 -12.92 9.07 -64.32
CA GLU G 304 -12.84 10.43 -64.87
C GLU G 304 -14.12 10.80 -65.61
N GLN G 305 -14.61 9.92 -66.47
CA GLN G 305 -15.89 10.18 -67.13
C GLN G 305 -16.99 10.36 -66.12
N VAL G 306 -17.03 9.50 -65.11
CA VAL G 306 -18.09 9.56 -64.11
C VAL G 306 -18.12 10.93 -63.45
N LYS G 307 -16.96 11.40 -62.96
CA LYS G 307 -16.97 12.67 -62.25
C LYS G 307 -17.22 13.84 -63.20
N ASN G 308 -16.67 13.79 -64.41
CA ASN G 308 -16.89 14.88 -65.35
C ASN G 308 -18.37 15.04 -65.68
N GLU G 309 -19.07 13.92 -65.90
CA GLU G 309 -20.50 13.99 -66.16
C GLU G 309 -21.26 14.43 -64.92
N MET G 310 -20.90 13.87 -63.76
CA MET G 310 -21.64 14.15 -62.54
C MET G 310 -21.51 15.60 -62.11
N LEU G 311 -20.44 16.29 -62.50
CA LEU G 311 -20.36 17.71 -62.16
C LEU G 311 -21.53 18.49 -62.73
N GLN G 312 -21.76 18.35 -64.05
CA GLN G 312 -22.88 19.06 -64.66
C GLN G 312 -24.22 18.49 -64.24
N ILE G 313 -24.29 17.17 -64.03
CA ILE G 313 -25.55 16.60 -63.56
C ILE G 313 -25.91 17.19 -62.19
N ASP G 314 -24.92 17.35 -61.32
CA ASP G 314 -25.16 17.94 -60.01
C ASP G 314 -25.56 19.41 -60.14
N ARG G 315 -24.93 20.14 -61.05
CA ARG G 315 -25.35 21.53 -61.27
C ARG G 315 -26.83 21.59 -61.62
N GLN G 316 -27.24 20.77 -62.59
CA GLN G 316 -28.65 20.77 -63.00
C GLN G 316 -29.56 20.34 -61.86
N ALA G 317 -29.17 19.31 -61.11
CA ALA G 317 -30.00 18.85 -60.00
C ALA G 317 -30.16 19.93 -58.94
N GLN G 318 -29.08 20.65 -58.62
CA GLN G 318 -29.19 21.76 -57.68
C GLN G 318 -30.13 22.81 -58.21
N GLU G 319 -30.03 23.14 -59.50
CA GLU G 319 -31.00 24.06 -60.08
C GLU G 319 -32.43 23.54 -59.90
N MET G 320 -32.60 22.22 -59.91
CA MET G 320 -33.90 21.62 -59.66
C MET G 320 -34.22 21.45 -58.18
N GLY G 321 -33.23 21.61 -57.30
CA GLY G 321 -33.43 21.49 -55.88
C GLY G 321 -33.01 20.18 -55.26
N LEU G 322 -32.51 19.24 -56.06
CA LEU G 322 -32.09 17.94 -55.56
C LEU G 322 -30.63 17.99 -55.11
N SER G 323 -30.14 16.88 -54.58
CA SER G 323 -28.75 16.75 -54.17
C SER G 323 -28.37 15.27 -54.22
N ARG G 324 -27.08 15.01 -54.35
CA ARG G 324 -26.57 13.64 -54.42
C ARG G 324 -26.33 13.14 -53.00
N ILE G 325 -26.99 12.04 -52.62
CA ILE G 325 -26.99 11.61 -51.23
C ILE G 325 -26.70 10.12 -51.08
N GLY G 326 -26.24 9.47 -52.13
CA GLY G 326 -25.86 8.07 -51.98
C GLY G 326 -25.74 7.37 -53.30
N LEU G 327 -25.27 6.12 -53.22
CA LEU G 327 -25.10 5.25 -54.37
C LEU G 327 -25.74 3.90 -54.07
N ILE G 328 -26.26 3.27 -55.12
CA ILE G 328 -26.98 2.01 -54.98
C ILE G 328 -26.56 1.08 -56.12
N PHE G 329 -26.29 -0.18 -55.77
CA PHE G 329 -25.89 -1.19 -56.73
C PHE G 329 -26.60 -2.49 -56.41
N THR G 330 -26.72 -3.34 -57.43
CA THR G 330 -27.42 -4.61 -57.31
C THR G 330 -26.43 -5.76 -57.30
N ASP G 331 -26.65 -6.72 -56.40
CA ASP G 331 -25.85 -7.94 -56.31
C ASP G 331 -26.83 -9.11 -56.29
N LEU G 332 -27.26 -9.54 -57.47
CA LEU G 332 -28.31 -10.54 -57.61
C LEU G 332 -27.81 -11.69 -58.48
N SER G 333 -28.13 -12.91 -58.07
CA SER G 333 -27.82 -14.11 -58.83
C SER G 333 -29.00 -15.06 -58.67
N ASP G 334 -29.86 -15.10 -59.69
CA ASP G 334 -31.10 -15.85 -59.57
C ASP G 334 -30.82 -17.35 -59.43
N ALA G 335 -31.59 -18.00 -58.57
CA ALA G 335 -31.47 -19.43 -58.37
C ALA G 335 -32.12 -20.17 -59.53
N GLY G 336 -31.90 -21.48 -59.57
CA GLY G 336 -32.45 -22.31 -60.62
C GLY G 336 -33.90 -22.67 -60.47
N ALA G 337 -34.54 -22.25 -59.38
CA ALA G 337 -35.95 -22.59 -59.17
C ALA G 337 -36.81 -21.98 -60.26
N GLY G 338 -37.94 -22.63 -60.54
CA GLY G 338 -38.80 -22.17 -61.62
C GLY G 338 -39.26 -20.74 -61.43
N ASP G 339 -39.61 -20.36 -60.20
CA ASP G 339 -40.06 -19.02 -59.91
C ASP G 339 -38.89 -18.05 -59.97
N GLY G 340 -39.18 -16.77 -59.70
CA GLY G 340 -38.15 -15.75 -59.66
C GLY G 340 -37.61 -15.55 -58.26
N SER G 341 -36.47 -16.18 -57.97
CA SER G 341 -35.88 -16.12 -56.64
C SER G 341 -34.39 -15.93 -56.78
N VAL G 342 -33.77 -15.41 -55.72
CA VAL G 342 -32.35 -15.11 -55.72
C VAL G 342 -31.69 -15.77 -54.52
N PHE G 343 -30.42 -16.11 -54.67
CA PHE G 343 -29.65 -16.68 -53.58
C PHE G 343 -29.41 -15.64 -52.49
N CYS G 344 -29.36 -16.11 -51.25
CA CYS G 344 -29.06 -15.25 -50.10
C CYS G 344 -27.56 -15.29 -49.86
N LYS G 345 -26.82 -14.58 -50.70
CA LYS G 345 -25.37 -14.61 -50.61
C LYS G 345 -24.87 -13.87 -49.36
N ARG G 346 -25.50 -12.75 -49.02
CA ARG G 346 -25.08 -11.93 -47.89
C ARG G 346 -26.02 -12.17 -46.72
N HIS G 347 -25.45 -12.55 -45.57
CA HIS G 347 -26.26 -12.85 -44.41
C HIS G 347 -25.38 -12.71 -43.16
N LYS G 348 -25.85 -13.24 -42.03
CA LYS G 348 -25.22 -12.97 -40.75
C LYS G 348 -23.79 -13.52 -40.71
N ASP G 349 -23.60 -14.79 -41.03
CA ASP G 349 -22.30 -15.41 -40.81
C ASP G 349 -21.29 -15.00 -41.87
N SER G 350 -21.72 -14.78 -43.10
CA SER G 350 -20.84 -14.30 -44.15
C SER G 350 -20.87 -12.77 -44.20
N PHE G 351 -20.28 -12.20 -45.23
CA PHE G 351 -20.12 -10.75 -45.31
C PHE G 351 -21.43 -10.05 -45.64
N PHE G 352 -21.56 -8.81 -45.16
CA PHE G 352 -22.65 -7.92 -45.55
C PHE G 352 -22.23 -7.03 -46.71
N LEU G 353 -21.15 -6.26 -46.53
CA LEU G 353 -20.50 -5.54 -47.60
C LEU G 353 -19.05 -6.02 -47.70
N SER G 354 -18.65 -6.42 -48.91
CA SER G 354 -17.27 -6.85 -49.09
C SER G 354 -16.32 -5.68 -48.86
N SER G 355 -15.03 -5.99 -48.83
CA SER G 355 -14.04 -4.95 -48.53
C SER G 355 -14.00 -3.88 -49.63
N LEU G 356 -14.10 -4.29 -50.89
CA LEU G 356 -13.98 -3.33 -51.99
C LEU G 356 -15.08 -2.28 -51.93
N GLU G 357 -16.32 -2.71 -51.72
CA GLU G 357 -17.41 -1.75 -51.66
C GLU G 357 -17.34 -0.90 -50.40
N VAL G 358 -16.81 -1.43 -49.30
CA VAL G 358 -16.57 -0.60 -48.13
C VAL G 358 -15.57 0.50 -48.45
N ILE G 359 -14.50 0.16 -49.17
CA ILE G 359 -13.50 1.16 -49.54
C ILE G 359 -14.12 2.22 -50.44
N MET G 360 -14.92 1.80 -51.42
CA MET G 360 -15.53 2.77 -52.32
C MET G 360 -16.48 3.68 -51.57
N ALA G 361 -17.26 3.12 -50.64
CA ALA G 361 -18.16 3.94 -49.84
C ALA G 361 -17.39 4.95 -49.00
N ALA G 362 -16.26 4.53 -48.43
CA ALA G 362 -15.46 5.46 -47.65
C ALA G 362 -14.94 6.60 -48.51
N ARG G 363 -14.48 6.29 -49.73
CA ARG G 363 -14.04 7.35 -50.63
C ARG G 363 -15.18 8.32 -50.93
N HIS G 364 -16.35 7.77 -51.26
CA HIS G 364 -17.48 8.63 -51.57
C HIS G 364 -17.83 9.53 -50.39
N GLN G 365 -17.82 8.98 -49.17
CA GLN G 365 -18.11 9.79 -47.99
C GLN G 365 -17.07 10.89 -47.83
N THR G 366 -15.79 10.56 -48.02
CA THR G 366 -14.77 11.60 -47.90
C THR G 366 -14.97 12.70 -48.92
N ARG G 367 -15.52 12.38 -50.08
CA ARG G 367 -15.71 13.39 -51.12
C ARG G 367 -16.98 14.21 -50.97
N HIS G 368 -17.81 13.95 -49.96
CA HIS G 368 -19.06 14.68 -49.74
C HIS G 368 -19.16 15.12 -48.28
N PRO G 369 -18.24 15.97 -47.83
CA PRO G 369 -18.17 16.27 -46.40
C PRO G 369 -19.44 16.91 -45.87
N ASN G 370 -19.73 16.62 -44.61
CA ASN G 370 -20.91 17.16 -43.92
C ASN G 370 -20.49 18.42 -43.19
N VAL G 371 -20.82 19.58 -43.75
CA VAL G 371 -20.46 20.85 -43.13
C VAL G 371 -21.08 20.91 -41.74
N SER G 372 -20.25 21.07 -40.72
CA SER G 372 -20.69 21.14 -39.34
C SER G 372 -20.03 22.32 -38.66
N LYS G 373 -20.68 22.81 -37.62
CA LYS G 373 -20.27 24.02 -36.93
C LYS G 373 -19.50 23.74 -35.64
N TYR G 374 -19.28 22.47 -35.30
CA TYR G 374 -18.65 22.09 -34.05
C TYR G 374 -17.32 21.37 -34.25
N SER G 375 -16.68 21.55 -35.40
CA SER G 375 -15.39 20.93 -35.67
C SER G 375 -14.42 21.97 -36.20
N GLU G 376 -13.14 21.78 -35.91
CA GLU G 376 -12.13 22.75 -36.33
C GLU G 376 -12.10 22.89 -37.84
N GLN G 377 -12.13 21.77 -38.56
CA GLN G 377 -12.12 21.83 -40.01
C GLN G 377 -13.43 22.42 -40.55
N GLY G 378 -14.53 22.23 -39.82
CA GLY G 378 -15.83 22.68 -40.27
C GLY G 378 -16.68 21.59 -40.90
N PHE G 379 -16.18 20.36 -40.99
CA PHE G 379 -16.94 19.25 -41.54
C PHE G 379 -16.67 18.01 -40.72
N PHE G 380 -17.62 17.08 -40.74
CA PHE G 380 -17.53 15.86 -39.96
C PHE G 380 -18.48 14.78 -40.45
N SER G 381 -17.94 13.66 -40.95
CA SER G 381 -18.71 12.44 -41.17
C SER G 381 -19.89 12.68 -42.13
N SER G 382 -19.52 12.87 -43.39
CA SER G 382 -20.49 13.07 -44.47
C SER G 382 -21.77 12.25 -44.28
N LYS G 383 -22.90 12.87 -44.61
CA LYS G 383 -24.20 12.19 -44.65
C LYS G 383 -24.42 11.57 -46.03
N PHE G 384 -23.70 10.48 -46.28
CA PHE G 384 -23.75 9.78 -47.56
C PHE G 384 -24.05 8.31 -47.28
N VAL G 385 -25.11 7.78 -47.88
CA VAL G 385 -25.57 6.43 -47.60
C VAL G 385 -25.33 5.56 -48.82
N THR G 386 -25.20 4.26 -48.58
CA THR G 386 -25.01 3.27 -49.63
C THR G 386 -25.99 2.14 -49.44
N CYS G 387 -26.71 1.80 -50.50
CA CYS G 387 -27.73 0.76 -50.47
C CYS G 387 -27.33 -0.36 -51.41
N VAL G 388 -27.69 -1.60 -51.05
CA VAL G 388 -27.38 -2.77 -51.85
C VAL G 388 -28.63 -3.64 -51.94
N ILE G 389 -28.85 -4.21 -53.10
CA ILE G 389 -29.99 -5.09 -53.36
C ILE G 389 -29.44 -6.49 -53.57
N SER G 390 -29.63 -7.37 -52.59
CA SER G 390 -29.04 -8.70 -52.65
C SER G 390 -30.03 -9.82 -52.43
N GLY G 391 -31.00 -9.63 -51.55
CA GLY G 391 -31.99 -10.66 -51.28
C GLY G 391 -31.96 -11.16 -49.86
N ASN G 392 -33.14 -11.36 -49.27
CA ASN G 392 -33.25 -11.71 -47.86
C ASN G 392 -33.14 -13.22 -47.68
N LEU G 393 -33.28 -13.65 -46.43
CA LEU G 393 -33.07 -15.04 -46.08
C LEU G 393 -34.06 -15.98 -46.75
N GLU G 394 -35.21 -15.48 -47.17
CA GLU G 394 -36.27 -16.30 -47.75
C GLU G 394 -36.20 -16.40 -49.26
N GLY G 395 -35.34 -15.62 -49.91
CA GLY G 395 -35.28 -15.61 -51.36
C GLY G 395 -36.13 -14.52 -51.97
N GLU G 396 -35.89 -13.27 -51.56
CA GLU G 396 -36.60 -12.13 -52.11
C GLU G 396 -35.61 -11.10 -52.60
N ILE G 397 -36.06 -9.90 -52.97
CA ILE G 397 -35.19 -8.88 -53.50
C ILE G 397 -35.13 -7.70 -52.54
N ASP G 398 -35.16 -7.99 -51.25
CA ASP G 398 -35.04 -6.95 -50.24
C ASP G 398 -33.82 -6.08 -50.49
N ILE G 399 -33.83 -4.88 -49.90
CA ILE G 399 -32.76 -3.91 -50.05
C ILE G 399 -32.27 -3.51 -48.67
N SER G 400 -30.97 -3.29 -48.56
CA SER G 400 -30.33 -2.93 -47.30
C SER G 400 -29.45 -1.71 -47.50
N SER G 401 -29.36 -0.88 -46.45
CA SER G 401 -28.60 0.36 -46.48
C SER G 401 -27.57 0.35 -45.36
N TYR G 402 -26.38 0.86 -45.67
CA TYR G 402 -25.26 0.85 -44.75
C TYR G 402 -24.56 2.21 -44.78
N GLN G 403 -23.54 2.36 -43.93
CA GLN G 403 -22.73 3.56 -43.92
C GLN G 403 -21.44 3.30 -43.15
N VAL G 404 -20.29 3.58 -43.74
CA VAL G 404 -19.03 3.25 -43.09
C VAL G 404 -18.72 4.27 -42.00
N SER G 405 -18.02 3.81 -40.96
CA SER G 405 -17.77 4.64 -39.79
C SER G 405 -16.84 5.79 -40.15
N THR G 406 -16.58 6.64 -39.15
CA THR G 406 -15.72 7.80 -39.33
C THR G 406 -14.24 7.47 -39.27
N GLU G 407 -13.88 6.29 -38.78
CA GLU G 407 -12.48 5.88 -38.75
C GLU G 407 -12.09 5.13 -40.02
N ALA G 408 -12.99 4.31 -40.56
CA ALA G 408 -12.75 3.76 -41.89
C ALA G 408 -12.64 4.87 -42.93
N GLU G 409 -13.47 5.91 -42.77
CA GLU G 409 -13.36 7.07 -43.64
C GLU G 409 -11.99 7.73 -43.52
N ALA G 410 -11.44 7.76 -42.32
CA ALA G 410 -10.12 8.34 -42.09
C ALA G 410 -8.98 7.34 -42.27
N LEU G 411 -9.30 6.07 -42.47
CA LEU G 411 -8.28 5.05 -42.72
C LEU G 411 -7.96 4.93 -44.21
N VAL G 412 -8.98 4.99 -45.06
CA VAL G 412 -8.77 4.86 -46.49
C VAL G 412 -8.02 6.06 -47.06
N THR G 413 -8.20 7.24 -46.48
CA THR G 413 -7.54 8.43 -47.01
C THR G 413 -6.03 8.24 -47.01
N ALA G 414 -5.48 7.69 -45.93
CA ALA G 414 -4.06 7.37 -45.88
C ALA G 414 -3.80 5.94 -46.37
N ASP G 415 -4.35 5.61 -47.52
CA ASP G 415 -4.33 4.25 -48.03
C ASP G 415 -4.61 3.28 -46.89
N MET G 416 -3.62 2.45 -46.53
CA MET G 416 -3.63 1.66 -45.29
C MET G 416 -4.64 0.53 -45.29
N ILE G 417 -5.43 0.35 -46.36
CA ILE G 417 -6.40 -0.73 -46.41
C ILE G 417 -6.52 -1.18 -47.87
N SER G 418 -6.86 -2.45 -48.06
CA SER G 418 -7.09 -2.98 -49.39
C SER G 418 -7.98 -4.20 -49.29
N GLY G 419 -8.64 -4.53 -50.40
CA GLY G 419 -9.49 -5.71 -50.42
C GLY G 419 -8.67 -6.98 -50.35
N SER G 420 -9.29 -8.01 -49.78
CA SER G 420 -8.65 -9.30 -49.58
C SER G 420 -9.45 -10.39 -50.25
N THR G 421 -8.77 -11.49 -50.59
CA THR G 421 -9.44 -12.58 -51.29
C THR G 421 -10.58 -13.15 -50.46
N PHE G 422 -10.50 -13.03 -49.13
CA PHE G 422 -11.62 -13.37 -48.28
C PHE G 422 -12.63 -12.22 -48.29
N PRO G 423 -13.89 -12.46 -48.66
CA PRO G 423 -14.81 -11.32 -48.82
C PRO G 423 -14.99 -10.50 -47.57
N SER G 424 -14.96 -11.12 -46.39
CA SER G 424 -15.32 -10.45 -45.16
C SER G 424 -14.18 -9.70 -44.49
N MET G 425 -12.96 -9.83 -44.98
CA MET G 425 -11.78 -9.31 -44.30
C MET G 425 -11.00 -8.39 -45.22
N ALA G 426 -10.44 -7.32 -44.64
CA ALA G 426 -9.71 -6.31 -45.37
C ALA G 426 -8.24 -6.35 -45.00
N TYR G 427 -7.38 -6.28 -46.01
CA TYR G 427 -5.94 -6.41 -45.80
C TYR G 427 -5.37 -5.11 -45.21
N ILE G 428 -4.06 -5.12 -44.96
CA ILE G 428 -3.35 -3.95 -44.44
C ILE G 428 -2.03 -3.82 -45.19
N ASN G 429 -1.66 -2.58 -45.52
CA ASN G 429 -0.48 -2.31 -46.30
C ASN G 429 0.75 -2.17 -45.39
N ASP G 430 1.89 -1.88 -46.00
CA ASP G 430 3.18 -1.86 -45.33
C ASP G 430 3.64 -0.42 -45.08
N THR G 431 4.72 -0.31 -44.30
CA THR G 431 5.30 0.99 -43.94
C THR G 431 6.32 1.39 -45.01
N THR G 432 5.81 1.94 -46.11
CA THR G 432 6.68 2.40 -47.18
C THR G 432 7.31 3.73 -46.78
N ASP G 433 8.00 4.38 -47.70
CA ASP G 433 8.71 5.62 -47.41
C ASP G 433 7.82 6.85 -47.49
N GLU G 434 6.55 6.69 -47.82
CA GLU G 434 5.59 7.79 -47.83
C GLU G 434 4.49 7.59 -46.80
N ARG G 435 3.90 6.40 -46.76
CA ARG G 435 2.80 6.10 -45.85
C ARG G 435 3.33 5.25 -44.70
N TYR G 436 3.06 5.69 -43.47
CA TYR G 436 3.54 5.05 -42.26
C TYR G 436 2.33 4.48 -41.53
N VAL G 437 2.25 3.16 -41.42
CA VAL G 437 1.11 2.47 -40.84
C VAL G 437 1.51 1.95 -39.47
N PRO G 438 0.88 2.38 -38.39
CA PRO G 438 1.19 1.82 -37.07
C PRO G 438 0.53 0.47 -36.87
N GLU G 439 0.65 -0.10 -35.67
CA GLU G 439 -0.01 -1.37 -35.36
C GLU G 439 -1.50 -1.13 -35.15
N ILE G 440 -2.32 -1.95 -35.80
CA ILE G 440 -3.78 -1.79 -35.78
C ILE G 440 -4.35 -2.90 -34.90
N PHE G 441 -5.10 -2.50 -33.87
CA PHE G 441 -5.84 -3.43 -33.03
C PHE G 441 -7.34 -3.21 -33.24
N TYR G 442 -8.09 -4.30 -33.28
CA TYR G 442 -9.55 -4.22 -33.32
C TYR G 442 -10.10 -4.80 -32.03
N MET G 443 -10.95 -4.03 -31.37
CA MET G 443 -11.42 -4.36 -30.03
C MET G 443 -12.77 -5.05 -30.09
N LYS G 444 -12.90 -6.17 -29.40
CA LYS G 444 -14.13 -6.93 -29.35
C LYS G 444 -14.38 -7.38 -27.92
N SER G 445 -15.64 -7.65 -27.61
CA SER G 445 -16.06 -8.12 -26.29
C SER G 445 -16.41 -9.60 -26.38
N ASN G 446 -15.84 -10.39 -25.48
CA ASN G 446 -16.08 -11.82 -25.49
C ASN G 446 -17.38 -12.15 -24.76
N GLU G 447 -17.76 -13.43 -24.78
CA GLU G 447 -19.01 -13.85 -24.18
C GLU G 447 -19.06 -13.59 -22.68
N TYR G 448 -17.90 -13.43 -22.03
CA TYR G 448 -17.85 -13.15 -20.60
C TYR G 448 -17.86 -11.65 -20.29
N GLY G 449 -18.26 -10.82 -21.25
CA GLY G 449 -18.35 -9.39 -21.01
C GLY G 449 -17.02 -8.74 -20.71
N ILE G 450 -15.97 -9.12 -21.43
CA ILE G 450 -14.65 -8.53 -21.29
C ILE G 450 -14.15 -8.12 -22.66
N THR G 451 -13.67 -6.89 -22.78
CA THR G 451 -13.12 -6.39 -24.03
C THR G 451 -11.75 -7.01 -24.27
N VAL G 452 -11.53 -7.49 -25.49
CA VAL G 452 -10.29 -8.17 -25.86
C VAL G 452 -9.73 -7.49 -27.10
N LYS G 453 -8.45 -7.12 -27.04
CA LYS G 453 -7.76 -6.50 -28.16
C LYS G 453 -6.90 -7.54 -28.85
N GLU G 454 -7.10 -7.72 -30.15
CA GLU G 454 -6.34 -8.68 -30.95
C GLU G 454 -5.63 -7.94 -32.07
N ASN G 455 -4.32 -8.13 -32.17
CA ASN G 455 -3.58 -7.56 -33.29
C ASN G 455 -4.04 -8.20 -34.58
N ALA G 456 -4.36 -7.37 -35.57
CA ALA G 456 -4.74 -7.84 -36.90
C ALA G 456 -3.93 -7.08 -37.93
N LYS G 457 -2.70 -7.54 -38.15
CA LYS G 457 -1.89 -7.03 -39.25
C LYS G 457 -2.27 -7.72 -40.56
N PRO G 458 -2.37 -9.06 -40.58
CA PRO G 458 -2.70 -9.73 -41.85
C PRO G 458 -4.03 -9.30 -42.41
N ALA G 459 -5.10 -9.40 -41.63
CA ALA G 459 -6.43 -9.06 -42.09
C ALA G 459 -7.39 -9.08 -40.92
N PHE G 460 -8.39 -8.20 -40.97
CA PHE G 460 -9.40 -8.10 -39.93
C PHE G 460 -10.78 -8.01 -40.56
N PRO G 461 -11.82 -8.46 -39.87
CA PRO G 461 -13.17 -8.34 -40.41
C PRO G 461 -13.58 -6.87 -40.53
N VAL G 462 -14.41 -6.60 -41.54
CA VAL G 462 -14.86 -5.24 -41.80
C VAL G 462 -16.10 -4.87 -41.01
N ASP G 463 -16.65 -5.81 -40.22
CA ASP G 463 -17.86 -5.51 -39.45
C ASP G 463 -17.62 -4.40 -38.43
N TYR G 464 -16.37 -4.08 -38.12
CA TYR G 464 -16.05 -2.98 -37.23
C TYR G 464 -16.04 -1.64 -37.94
N LEU G 465 -16.24 -1.61 -39.25
CA LEU G 465 -16.19 -0.39 -40.04
C LEU G 465 -17.54 -0.08 -40.68
N LEU G 466 -18.63 -0.56 -40.08
CA LEU G 466 -19.96 -0.40 -40.65
C LEU G 466 -20.94 0.08 -39.58
N VAL G 467 -21.96 0.80 -40.04
CA VAL G 467 -23.14 1.10 -39.24
C VAL G 467 -24.35 0.91 -40.15
N THR G 468 -25.39 0.30 -39.61
CA THR G 468 -26.53 -0.14 -40.42
C THR G 468 -27.70 0.82 -40.23
N LEU G 469 -28.28 1.24 -41.34
CA LEU G 469 -29.47 2.07 -41.36
C LEU G 469 -30.69 1.21 -41.60
N THR G 470 -31.87 1.83 -41.60
CA THR G 470 -33.12 1.15 -41.88
C THR G 470 -33.83 1.87 -43.01
N HIS G 471 -34.27 1.13 -44.02
CA HIS G 471 -34.94 1.72 -45.17
C HIS G 471 -36.45 1.68 -44.95
N GLY G 472 -37.21 2.07 -45.96
CA GLY G 472 -38.65 2.07 -45.86
C GLY G 472 -39.26 2.85 -47.00
N PHE G 473 -40.59 2.81 -47.03
CA PHE G 473 -41.36 3.51 -48.04
C PHE G 473 -42.44 4.35 -47.36
N PRO G 474 -42.86 5.46 -47.97
CA PRO G 474 -43.89 6.28 -47.34
C PRO G 474 -45.19 5.51 -47.20
N ASN G 475 -45.92 5.79 -46.13
CA ASN G 475 -47.16 5.08 -45.86
C ASN G 475 -48.12 5.24 -47.03
N THR G 476 -49.04 4.28 -47.15
CA THR G 476 -49.97 4.28 -48.28
C THR G 476 -50.82 5.54 -48.32
N ASP G 477 -50.97 6.23 -47.19
CA ASP G 477 -51.71 7.48 -47.17
C ASP G 477 -51.10 8.45 -48.17
N THR G 478 -51.93 9.01 -49.05
CA THR G 478 -51.46 9.84 -50.15
C THR G 478 -51.03 11.22 -49.65
N GLU G 479 -49.74 11.40 -49.37
CA GLU G 479 -49.20 12.70 -49.00
C GLU G 479 -48.74 13.49 -50.22
N THR G 480 -48.30 12.79 -51.27
CA THR G 480 -47.92 13.42 -52.54
C THR G 480 -46.94 14.57 -52.32
N ASN G 481 -45.95 14.33 -51.48
CA ASN G 481 -44.85 15.26 -51.30
C ASN G 481 -43.70 14.97 -52.25
N SER G 482 -43.86 14.00 -53.15
CA SER G 482 -42.84 13.70 -54.14
C SER G 482 -42.70 14.85 -55.13
N LYS G 483 -41.51 14.98 -55.70
CA LYS G 483 -41.23 16.01 -56.68
C LYS G 483 -41.53 15.59 -58.11
N PHE G 484 -41.85 14.32 -58.34
CA PHE G 484 -42.08 13.83 -59.70
C PHE G 484 -43.10 12.71 -59.66
N VAL G 485 -44.15 12.83 -60.48
CA VAL G 485 -45.02 11.69 -60.80
C VAL G 485 -44.44 11.08 -62.08
N SER G 486 -43.42 10.26 -61.90
CA SER G 486 -42.61 9.78 -63.01
C SER G 486 -41.88 8.51 -62.58
N SER G 487 -40.86 8.13 -63.32
CA SER G 487 -40.08 6.90 -63.19
C SER G 487 -40.72 5.74 -63.96
N THR G 488 -41.75 6.00 -64.77
CA THR G 488 -42.34 4.98 -65.64
C THR G 488 -42.72 5.67 -66.94
N GLY G 489 -41.84 5.57 -67.94
CA GLY G 489 -42.07 6.26 -69.19
C GLY G 489 -40.79 6.50 -69.95
N PHE G 490 -40.54 7.77 -70.28
CA PHE G 490 -39.34 8.19 -71.00
C PHE G 490 -38.13 7.42 -70.49
N PRO G 491 -37.31 6.84 -71.37
CA PRO G 491 -36.19 6.04 -70.89
C PRO G 491 -35.22 6.83 -70.03
N TRP G 492 -34.52 6.11 -69.16
CA TRP G 492 -33.63 6.68 -68.17
C TRP G 492 -32.30 7.09 -68.80
N SER G 493 -31.27 7.27 -67.98
CA SER G 493 -29.97 7.74 -68.39
C SER G 493 -29.25 6.63 -69.15
N ASN G 494 -27.92 6.69 -69.23
CA ASN G 494 -27.18 6.06 -70.32
C ASN G 494 -27.34 4.55 -70.22
N ARG G 495 -28.50 4.09 -70.70
CA ARG G 495 -28.81 2.66 -70.84
C ARG G 495 -28.72 2.22 -72.29
N GLN G 496 -27.73 2.73 -73.02
CA GLN G 496 -27.64 2.41 -74.44
C GLN G 496 -27.45 0.92 -74.69
N ALA G 497 -27.02 0.17 -73.68
CA ALA G 497 -26.86 -1.27 -73.87
C ALA G 497 -28.19 -1.92 -74.24
N MET G 498 -29.26 -1.55 -73.56
CA MET G 498 -30.60 -2.04 -73.90
C MET G 498 -31.16 -1.18 -75.04
N GLY G 499 -32.45 -1.32 -75.29
CA GLY G 499 -33.12 -0.49 -76.28
C GLY G 499 -33.48 0.90 -75.81
N GLN G 500 -33.19 1.22 -74.55
CA GLN G 500 -33.48 2.54 -74.00
C GLN G 500 -32.44 3.53 -74.51
N SER G 501 -32.78 4.21 -75.61
CA SER G 501 -31.90 5.21 -76.21
C SER G 501 -32.70 6.49 -76.40
N GLN G 502 -32.47 7.47 -75.54
CA GLN G 502 -33.15 8.76 -75.66
C GLN G 502 -32.86 9.39 -77.01
N ASP G 503 -33.91 9.86 -77.67
CA ASP G 503 -33.78 10.47 -78.98
C ASP G 503 -35.07 11.17 -79.33
N TYR G 504 -35.04 11.94 -80.42
CA TYR G 504 -36.19 12.77 -80.78
C TYR G 504 -37.42 11.94 -81.09
N GLN G 505 -37.24 10.71 -81.60
CA GLN G 505 -38.40 9.87 -81.88
C GLN G 505 -39.15 9.53 -80.59
N GLU G 506 -38.41 9.25 -79.52
CA GLU G 506 -39.06 8.93 -78.25
C GLU G 506 -39.83 10.12 -77.71
N LEU G 507 -39.27 11.32 -77.83
CA LEU G 507 -40.04 12.51 -77.46
C LEU G 507 -41.28 12.63 -78.32
N LYS G 508 -41.14 12.46 -79.64
CA LYS G 508 -42.28 12.59 -80.53
C LYS G 508 -43.38 11.60 -80.17
N LYS G 509 -43.00 10.45 -79.60
CA LYS G 509 -43.99 9.44 -79.23
C LYS G 509 -44.49 9.57 -77.80
N TYR G 510 -43.78 10.30 -76.94
CA TYR G 510 -44.11 10.40 -75.53
C TYR G 510 -44.71 11.74 -75.14
N LEU G 511 -44.06 12.84 -75.51
CA LEU G 511 -44.43 14.19 -75.09
C LEU G 511 -44.90 15.04 -76.26
N PHE G 512 -45.68 14.45 -77.17
CA PHE G 512 -46.22 15.20 -78.30
C PHE G 512 -47.74 15.14 -78.37
N ASN G 513 -48.34 13.98 -78.09
CA ASN G 513 -49.80 13.91 -78.10
C ASN G 513 -50.43 14.80 -77.03
N VAL G 514 -49.81 14.89 -75.85
CA VAL G 514 -50.33 15.77 -74.81
C VAL G 514 -50.15 17.23 -75.21
N ALA G 515 -49.04 17.56 -75.86
CA ALA G 515 -48.78 18.92 -76.32
C ALA G 515 -49.56 19.27 -77.59
N SER G 516 -50.20 18.30 -78.23
CA SER G 516 -51.02 18.53 -79.40
C SER G 516 -52.51 18.59 -79.08
N SER G 517 -52.89 18.36 -77.82
CA SER G 517 -54.29 18.34 -77.41
C SER G 517 -54.60 19.39 -76.37
N GLY G 518 -53.85 19.44 -75.27
CA GLY G 518 -54.14 20.34 -74.18
C GLY G 518 -54.08 19.64 -72.84
N ASP G 519 -55.19 19.64 -72.10
CA ASP G 519 -55.28 18.94 -70.82
C ASP G 519 -54.06 19.23 -69.95
N PHE G 520 -53.94 20.51 -69.58
CA PHE G 520 -52.74 20.98 -68.89
C PHE G 520 -52.34 20.06 -67.74
N ASN G 521 -53.30 19.38 -67.12
CA ASN G 521 -52.94 18.41 -66.08
C ASN G 521 -52.18 17.25 -66.69
N LEU G 522 -52.64 16.73 -67.83
CA LEU G 522 -51.94 15.65 -68.50
C LEU G 522 -50.54 16.09 -68.92
N LEU G 523 -50.43 17.30 -69.47
CA LEU G 523 -49.13 17.82 -69.86
C LEU G 523 -48.21 17.94 -68.65
N HIS G 524 -48.75 18.41 -67.52
CA HIS G 524 -47.92 18.55 -66.33
C HIS G 524 -47.43 17.21 -65.84
N GLU G 525 -48.30 16.20 -65.84
CA GLU G 525 -47.87 14.89 -65.35
C GLU G 525 -46.96 14.17 -66.34
N LYS G 526 -46.95 14.60 -67.61
CA LYS G 526 -45.95 14.08 -68.55
C LYS G 526 -44.64 14.88 -68.52
N ILE G 527 -44.67 16.12 -68.03
CA ILE G 527 -43.49 16.98 -68.04
C ILE G 527 -42.67 16.86 -66.77
N SER G 528 -43.16 16.15 -65.76
CA SER G 528 -42.51 16.10 -64.45
C SER G 528 -41.58 14.91 -64.30
N ASN G 529 -40.91 14.50 -65.37
CA ASN G 529 -40.00 13.37 -65.35
C ASN G 529 -38.58 13.89 -65.22
N PHE G 530 -37.86 13.43 -64.20
CA PHE G 530 -36.50 13.90 -63.95
C PHE G 530 -35.63 13.74 -65.19
N HIS G 531 -35.62 12.53 -65.76
CA HIS G 531 -34.75 12.28 -66.90
C HIS G 531 -35.22 13.02 -68.14
N LEU G 532 -36.53 13.22 -68.30
CA LEU G 532 -37.00 14.04 -69.41
C LEU G 532 -36.49 15.46 -69.28
N LEU G 533 -36.52 16.02 -68.07
CA LEU G 533 -36.01 17.37 -67.87
C LEU G 533 -34.53 17.44 -68.20
N LEU G 534 -33.75 16.46 -67.73
CA LEU G 534 -32.32 16.46 -68.04
C LEU G 534 -32.09 16.36 -69.54
N TYR G 535 -32.86 15.52 -70.22
CA TYR G 535 -32.68 15.35 -71.67
C TYR G 535 -32.99 16.64 -72.41
N ILE G 536 -34.13 17.26 -72.12
CA ILE G 536 -34.47 18.49 -72.83
C ILE G 536 -33.46 19.58 -72.53
N ASN G 537 -32.92 19.60 -71.30
CA ASN G 537 -31.84 20.54 -71.01
C ASN G 537 -30.65 20.28 -71.90
N SER G 538 -30.25 19.01 -72.05
CA SER G 538 -29.12 18.68 -72.90
C SER G 538 -29.39 19.05 -74.35
N LEU G 539 -30.65 19.06 -74.77
CA LEU G 539 -30.98 19.47 -76.12
C LEU G 539 -30.62 20.94 -76.36
N GLN G 540 -30.67 21.77 -75.32
CA GLN G 540 -30.22 23.16 -75.36
C GLN G 540 -31.06 24.01 -76.31
N ILE G 541 -32.25 23.54 -76.71
CA ILE G 541 -33.11 24.35 -77.54
C ILE G 541 -33.68 25.52 -76.74
N LEU G 542 -34.11 25.26 -75.51
CA LEU G 542 -34.68 26.30 -74.66
C LEU G 542 -33.57 27.10 -73.99
N SER G 543 -33.77 28.42 -73.92
CA SER G 543 -32.79 29.29 -73.27
C SER G 543 -32.87 29.12 -71.76
N PRO G 544 -31.84 29.57 -71.03
CA PRO G 544 -31.78 29.28 -69.59
C PRO G 544 -33.01 29.71 -68.81
N ASP G 545 -33.57 30.89 -69.12
CA ASP G 545 -34.78 31.33 -68.42
C ASP G 545 -35.96 30.42 -68.76
N GLU G 546 -36.07 29.99 -70.02
CA GLU G 546 -37.14 29.08 -70.39
C GLU G 546 -37.02 27.78 -69.61
N TRP G 547 -35.81 27.25 -69.48
CA TRP G 547 -35.64 26.01 -68.72
C TRP G 547 -35.89 26.21 -67.23
N LYS G 548 -35.54 27.38 -66.69
CA LYS G 548 -35.84 27.63 -65.29
C LYS G 548 -37.33 27.64 -65.04
N LEU G 549 -38.09 28.31 -65.92
CA LEU G 549 -39.54 28.30 -65.75
C LEU G 549 -40.11 26.91 -66.01
N LEU G 550 -39.47 26.13 -66.89
CA LEU G 550 -39.92 24.77 -67.11
C LEU G 550 -39.75 23.91 -65.86
N ILE G 551 -38.58 23.98 -65.22
CA ILE G 551 -38.36 23.17 -64.03
C ILE G 551 -39.29 23.62 -62.91
N GLU G 552 -39.49 24.93 -62.74
CA GLU G 552 -40.39 25.37 -61.69
C GLU G 552 -41.84 25.06 -62.02
N SER G 553 -42.17 24.87 -63.30
CA SER G 553 -43.50 24.38 -63.65
C SER G 553 -43.65 22.90 -63.38
N ALA G 554 -42.57 22.14 -63.52
CA ALA G 554 -42.63 20.69 -63.38
C ALA G 554 -42.44 20.21 -61.94
N VAL G 555 -41.91 21.05 -61.06
CA VAL G 555 -41.59 20.60 -59.70
C VAL G 555 -42.35 21.38 -58.63
N LYS G 556 -42.98 22.50 -58.96
CA LYS G 556 -43.65 23.34 -57.97
C LYS G 556 -45.15 23.05 -57.95
N ASN G 557 -45.72 23.04 -56.74
CA ASN G 557 -47.13 22.69 -56.58
C ASN G 557 -48.07 23.68 -57.26
N GLU G 558 -47.60 24.89 -57.56
CA GLU G 558 -48.36 25.89 -58.30
C GLU G 558 -47.72 26.04 -59.66
N TRP G 559 -48.34 25.43 -60.67
CA TRP G 559 -47.75 25.35 -62.00
C TRP G 559 -48.68 25.84 -63.11
N GLU G 560 -49.95 26.12 -62.82
CA GLU G 560 -50.88 26.54 -63.87
C GLU G 560 -50.32 27.72 -64.65
N GLU G 561 -50.06 28.83 -63.96
CA GLU G 561 -49.60 30.03 -64.64
C GLU G 561 -48.26 29.80 -65.32
N SER G 562 -47.34 29.12 -64.63
CA SER G 562 -46.02 28.87 -65.22
C SER G 562 -46.12 27.94 -66.42
N LEU G 563 -46.97 26.92 -66.32
CA LEU G 563 -47.16 26.01 -67.45
C LEU G 563 -47.74 26.76 -68.65
N LEU G 564 -48.71 27.64 -68.43
CA LEU G 564 -49.27 28.42 -69.52
C LEU G 564 -48.22 29.33 -70.14
N LYS G 565 -47.41 29.98 -69.30
CA LYS G 565 -46.35 30.84 -69.83
C LYS G 565 -45.36 30.04 -70.67
N LEU G 566 -44.98 28.85 -70.18
CA LEU G 566 -44.04 28.02 -70.93
C LEU G 566 -44.63 27.62 -72.27
N VAL G 567 -45.83 27.05 -72.27
CA VAL G 567 -46.43 26.57 -73.51
C VAL G 567 -46.63 27.74 -74.47
N SER G 568 -46.83 28.95 -73.95
CA SER G 568 -46.93 30.12 -74.80
C SER G 568 -45.57 30.70 -75.18
N SER G 569 -44.49 30.27 -74.54
CA SER G 569 -43.17 30.84 -74.81
C SER G 569 -42.71 30.48 -76.21
N ALA G 570 -41.92 31.40 -76.81
CA ALA G 570 -41.43 31.17 -78.16
C ALA G 570 -40.52 29.96 -78.22
N GLY G 571 -39.66 29.78 -77.22
CA GLY G 571 -38.76 28.64 -77.23
C GLY G 571 -39.50 27.31 -77.23
N TRP G 572 -40.52 27.20 -76.37
CA TRP G 572 -41.32 25.99 -76.36
C TRP G 572 -42.05 25.80 -77.68
N GLN G 573 -42.51 26.89 -78.28
CA GLN G 573 -43.21 26.77 -79.56
C GLN G 573 -42.28 26.22 -80.63
N THR G 574 -41.05 26.74 -80.70
CA THR G 574 -40.08 26.20 -81.65
C THR G 574 -39.77 24.74 -81.36
N LEU G 575 -39.62 24.40 -80.07
CA LEU G 575 -39.33 23.02 -79.71
C LEU G 575 -40.43 22.08 -80.19
N VAL G 576 -41.68 22.42 -79.91
CA VAL G 576 -42.79 21.55 -80.30
C VAL G 576 -42.93 21.52 -81.81
N MET G 577 -42.70 22.64 -82.49
CA MET G 577 -42.82 22.65 -83.94
C MET G 577 -41.78 21.72 -84.58
N ILE G 578 -40.52 21.83 -84.16
CA ILE G 578 -39.50 20.96 -84.71
C ILE G 578 -39.76 19.51 -84.34
N LEU G 579 -40.24 19.28 -83.12
CA LEU G 579 -40.56 17.91 -82.71
C LEU G 579 -41.63 17.31 -83.61
N GLN G 580 -42.69 18.08 -83.90
CA GLN G 580 -43.71 17.60 -84.81
C GLN G 580 -43.13 17.35 -86.20
N GLU G 581 -42.32 18.27 -86.70
CA GLU G 581 -41.76 18.11 -88.03
C GLU G 581 -40.83 16.89 -88.08
N SER G 582 -40.04 16.69 -87.03
CA SER G 582 -39.14 15.54 -86.99
C SER G 582 -39.95 14.24 -86.98
N GLY G 583 -39.40 13.23 -87.66
CA GLY G 583 -40.05 11.93 -87.73
C GLY G 583 -39.17 10.81 -87.20
N LEU H 230 -25.26 -28.40 -61.69
CA LEU H 230 -26.62 -28.00 -61.36
C LEU H 230 -26.69 -26.52 -61.05
N ASP H 231 -25.66 -26.01 -60.37
CA ASP H 231 -25.59 -24.60 -60.07
C ASP H 231 -25.00 -23.83 -61.25
N PRO H 232 -25.33 -22.54 -61.40
CA PRO H 232 -24.72 -21.76 -62.46
C PRO H 232 -23.21 -21.68 -62.27
N SER H 233 -22.48 -21.67 -63.39
CA SER H 233 -21.02 -21.64 -63.32
C SER H 233 -20.50 -20.34 -62.71
N VAL H 234 -21.30 -19.28 -62.71
CA VAL H 234 -20.86 -17.97 -62.25
C VAL H 234 -20.66 -17.98 -60.74
N LEU H 235 -21.07 -19.06 -60.08
CA LEU H 235 -20.90 -19.20 -58.64
C LEU H 235 -19.49 -19.71 -58.34
N GLY H 236 -18.52 -18.84 -58.59
CA GLY H 236 -17.13 -19.15 -58.33
C GLY H 236 -16.23 -18.89 -59.52
N GLN H 237 -16.74 -19.12 -60.74
CA GLN H 237 -15.95 -18.95 -61.96
C GLN H 237 -16.87 -18.45 -63.07
N GLY H 238 -16.76 -17.16 -63.37
CA GLY H 238 -17.48 -16.55 -64.48
C GLY H 238 -16.64 -15.45 -65.06
N SER H 239 -17.29 -14.42 -65.57
CA SER H 239 -16.58 -13.26 -66.04
C SER H 239 -15.99 -12.49 -64.86
N MET H 240 -14.84 -11.86 -65.10
CA MET H 240 -14.12 -11.09 -64.09
C MET H 240 -13.46 -12.00 -63.06
N SER H 241 -13.74 -13.30 -63.10
CA SER H 241 -12.95 -14.28 -62.37
C SER H 241 -11.93 -14.96 -63.25
N THR H 242 -12.22 -15.08 -64.54
CA THR H 242 -11.21 -15.51 -65.50
C THR H 242 -10.36 -14.35 -65.99
N ARG H 243 -10.79 -13.11 -65.75
CA ARG H 243 -9.93 -11.96 -66.01
C ARG H 243 -9.00 -11.71 -64.83
N ILE H 244 -9.59 -11.48 -63.66
CA ILE H 244 -8.83 -11.42 -62.41
C ILE H 244 -8.72 -12.85 -61.90
N ASP H 245 -7.51 -13.39 -61.89
CA ASP H 245 -7.33 -14.80 -61.55
C ASP H 245 -7.57 -15.00 -60.06
N TYR H 246 -8.83 -14.94 -59.64
CA TYR H 246 -9.15 -15.19 -58.25
C TYR H 246 -8.69 -16.57 -57.82
N ALA H 247 -8.92 -17.59 -58.66
CA ALA H 247 -8.42 -18.92 -58.34
C ALA H 247 -6.91 -18.91 -58.23
N GLY H 248 -6.23 -18.21 -59.14
CA GLY H 248 -4.78 -18.14 -59.08
C GLY H 248 -4.29 -17.47 -57.82
N ILE H 249 -4.91 -16.35 -57.43
CA ILE H 249 -4.51 -15.66 -56.21
C ILE H 249 -4.70 -16.57 -55.01
N ALA H 250 -5.87 -17.22 -54.92
CA ALA H 250 -6.15 -18.08 -53.78
C ALA H 250 -5.15 -19.21 -53.68
N ASN H 251 -4.90 -19.90 -54.79
CA ASN H 251 -4.00 -21.05 -54.75
C ASN H 251 -2.54 -20.64 -54.54
N SER H 252 -2.12 -19.50 -55.09
CA SER H 252 -0.77 -19.03 -54.85
C SER H 252 -0.59 -18.59 -53.41
N SER H 253 -1.62 -18.04 -52.79
CA SER H 253 -1.56 -17.80 -51.35
C SER H 253 -1.45 -19.11 -50.59
N ARG H 254 -2.20 -20.13 -51.02
CA ARG H 254 -2.08 -21.45 -50.41
C ARG H 254 -0.63 -21.93 -50.45
N ASN H 255 -0.09 -22.09 -51.65
CA ASN H 255 1.31 -22.52 -51.82
C ASN H 255 2.23 -21.30 -51.73
N LYS H 256 2.34 -20.79 -50.50
CA LYS H 256 3.15 -19.62 -50.24
C LYS H 256 4.33 -19.98 -49.34
N MET H 283 -9.56 -27.42 -59.35
CA MET H 283 -9.07 -26.62 -58.24
C MET H 283 -10.23 -26.11 -57.39
N LYS H 284 -10.21 -26.45 -56.11
CA LYS H 284 -11.27 -26.07 -55.18
C LYS H 284 -10.85 -24.83 -54.40
N ILE H 285 -11.76 -23.88 -54.29
CA ILE H 285 -11.56 -22.67 -53.50
C ILE H 285 -12.40 -22.78 -52.25
N THR H 286 -11.77 -22.60 -51.09
CA THR H 286 -12.47 -22.61 -49.81
C THR H 286 -11.88 -21.53 -48.93
N PHE H 287 -12.68 -21.10 -47.95
CA PHE H 287 -12.28 -20.05 -47.03
C PHE H 287 -11.52 -20.60 -45.83
N ASP H 288 -10.97 -21.80 -45.94
CA ASP H 288 -10.07 -22.35 -44.93
C ASP H 288 -8.64 -21.99 -45.31
N GLY H 289 -7.96 -21.27 -44.43
CA GLY H 289 -6.61 -20.80 -44.71
C GLY H 289 -6.42 -19.38 -44.24
N GLU H 290 -5.78 -18.56 -45.07
CA GLU H 290 -5.54 -17.17 -44.76
C GLU H 290 -5.84 -16.31 -45.98
N PRO H 291 -6.25 -15.07 -45.77
CA PRO H 291 -6.48 -14.19 -46.92
C PRO H 291 -5.18 -13.72 -47.56
N ALA H 292 -5.29 -13.32 -48.82
CA ALA H 292 -4.19 -12.74 -49.55
C ALA H 292 -4.66 -11.45 -50.20
N LYS H 293 -3.79 -10.45 -50.24
CA LYS H 293 -4.18 -9.14 -50.73
C LYS H 293 -4.72 -9.25 -52.15
N LEU H 294 -5.89 -8.65 -52.37
CA LEU H 294 -6.51 -8.58 -53.69
C LEU H 294 -6.82 -7.11 -53.94
N ASP H 295 -5.95 -6.44 -54.68
CA ASP H 295 -6.05 -5.00 -54.91
C ASP H 295 -6.61 -4.77 -56.30
N LEU H 296 -7.81 -4.20 -56.37
CA LEU H 296 -8.46 -3.88 -57.63
C LEU H 296 -8.50 -2.37 -57.83
N PRO H 297 -8.51 -1.90 -59.07
CA PRO H 297 -8.49 -0.46 -59.32
C PRO H 297 -9.75 0.21 -58.83
N GLU H 298 -9.62 1.49 -58.48
CA GLU H 298 -10.78 2.27 -58.06
C GLU H 298 -11.85 2.23 -59.13
N GLY H 299 -13.08 1.97 -58.72
CA GLY H 299 -14.20 1.89 -59.64
C GLY H 299 -14.61 0.50 -60.05
N GLN H 300 -14.03 -0.54 -59.44
CA GLN H 300 -14.40 -1.91 -59.72
C GLN H 300 -15.05 -2.54 -58.48
N LEU H 301 -16.14 -3.26 -58.70
CA LEU H 301 -16.78 -4.06 -57.68
C LEU H 301 -16.75 -5.51 -58.14
N PHE H 302 -16.33 -6.41 -57.25
CA PHE H 302 -16.22 -7.82 -57.55
C PHE H 302 -17.24 -8.59 -56.71
N PHE H 303 -18.04 -9.42 -57.37
CA PHE H 303 -19.05 -10.23 -56.70
C PHE H 303 -18.82 -11.72 -56.94
N GLY H 304 -17.62 -12.12 -57.31
CA GLY H 304 -17.30 -13.49 -57.68
C GLY H 304 -16.85 -14.39 -56.57
N PHE H 305 -16.91 -13.94 -55.31
CA PHE H 305 -16.50 -14.80 -54.22
C PHE H 305 -17.40 -16.04 -54.17
N PRO H 306 -16.87 -17.19 -53.79
CA PRO H 306 -17.71 -18.39 -53.73
C PRO H 306 -18.86 -18.20 -52.76
N MET H 307 -20.02 -18.74 -53.12
CA MET H 307 -21.20 -18.62 -52.29
C MET H 307 -21.09 -19.52 -51.06
N VAL H 308 -21.65 -19.05 -49.95
CA VAL H 308 -21.67 -19.81 -48.70
C VAL H 308 -23.08 -20.16 -48.25
N LEU H 309 -24.11 -19.49 -48.73
CA LEU H 309 -25.49 -19.82 -48.38
C LEU H 309 -25.74 -19.61 -46.89
N PRO H 310 -27.00 -19.60 -46.46
CA PRO H 310 -27.28 -19.41 -45.03
C PRO H 310 -26.95 -20.66 -44.23
N LYS H 311 -26.80 -20.45 -42.91
CA LYS H 311 -26.53 -21.57 -42.02
C LYS H 311 -27.61 -22.63 -42.13
N GLU H 312 -28.87 -22.23 -41.98
CA GLU H 312 -30.00 -23.14 -42.12
C GLU H 312 -29.88 -24.30 -41.14
#